data_7ALN
#
_entry.id   7ALN
#
_cell.length_a   1.00
_cell.length_b   1.00
_cell.length_c   1.00
_cell.angle_alpha   90.00
_cell.angle_beta   90.00
_cell.angle_gamma   90.00
#
_symmetry.space_group_name_H-M   'P 1'
#
loop_
_entity.id
_entity.type
_entity.pdbx_description
1 polymer Actin-1
2 polymer Myosin-A
3 non-polymer "ADENOSINE-5'-DIPHOSPHATE"
4 non-polymer 'MAGNESIUM ION'
5 non-polymer Jasplakinolide
#
loop_
_entity_poly.entity_id
_entity_poly.type
_entity_poly.pdbx_seq_one_letter_code
_entity_poly.pdbx_strand_id
1 'polypeptide(L)'
;MGEEDVQALVVDNGSGNVKAGVAGDDAPRSVFPSIVGRPKNPGIMVGMEEKDAFVGDEAQTKRGILTLKYPIEHGIVTNW
DDMEKIWHHTFYNELRAAPEEHPVLLTEAPLNPKGNRERMTQIMFESFNVPAMYVAIQAVLSLYSSGRTTGIVLDSGDGV
SHTVPIYEGYALPHAIMRLDLAGRDLTEYLMKILHERGYGFSTSAEKEIVRDIKEKLCYIALNFDEEMKTSEQSSDIEKS
YELPDGNIITVGNERFRCPEALFQPSFLGKEAAGIHTTTFNSIKKCDVDIRKDLYGNIVLSGGTTMYEGIGERLTRDITT
LAPSTMKIKVVAPPERKYSVWIGGSILSSLSTFQQMWITKEEYDESGPSIVHRKCF
;
A,B,C,D,E
2 'polypeptide(L)'
;MAVTNEEIKTASKIVRRV(SEP)NVEAFDKSGSVFKGYQIWTDISPTIENDPNIMFVKCVVQQGSKKEKLTVVQIDPPGT
GTPYDIDPTHAWNCNSQVDPMSFGDIGLLNHTNIPCVLDFLKHRYLKNQIYTTAVPLIVAINPYKDLGNTTNEWIRRYRD
TADHTKLPPHVFTCAREALSNLHGVNKSQTIIVSGESGAGKTEATKQIMRYFASSKSGNMDLRIQTAIMAANPVLEAFGN
AKTIRNNNSSRFGRFMQLVISHEGGIRYGSVVAFLLEKSRIITQDDNERSYHIFYQFLKGANSTMKSKFGLKGVTEYKLL
NPNSTEVSGVDDVKDFEEVIESLKNMELSESDIEVIFSIVAGILTLGNVRLIEKQEAGLSDAAAIMDEDMGVFNKACELM
YLDPELIKREILIKVTVAGGDKIEGRWNKNDAEVLKSSLCKAMYEKLFLWIIRHLNSRIEPEGGFKTFMGMLDIFGFEVF
KNNSLEQLFINITNEMLQKNFVDIVFERESKLYKDEGISTAELKYTSNKEVINVLCEKGKSVLSYLEDQCLAPGGTDEKF
VSSCATNLKENNKFTPAKVASNKNFIIQHTIGPIQYCAESFLLKNKDVLRGDLVEVIKDSPNPIVQQLFEGQVIEKGKIA
KGSLIGSQFLNQLTSLMNLINSTEPHFIRCIKPNENKKPLEWCEPKILIQLHALSILEALVLRQLGYSYRRTFEEFLYQY
KFVDIAAAEDSSVENQNKCVNILKLSGLSESMYKIGKSMVFLKQEGAKILTKIQREKLVEWENCVSVIEAAILKHKYKQK
VNKNIPSLLRVQAHIRKKMVAQ
;
F
#
loop_
_chem_comp.id
_chem_comp.type
_chem_comp.name
_chem_comp.formula
9UE non-polymer Jasplakinolide 'C36 H45 Br N4 O6'
ADP non-polymer ADENOSINE-5'-DIPHOSPHATE 'C10 H15 N5 O10 P2'
MG non-polymer 'MAGNESIUM ION' 'Mg 2'
#
# COMPACT_ATOMS: atom_id res chain seq x y z
N VAL A 6 7.33 -6.60 21.32
CA VAL A 6 6.95 -7.80 20.59
C VAL A 6 6.26 -7.42 19.30
N GLN A 7 5.12 -6.74 19.42
CA GLN A 7 4.32 -6.35 18.27
C GLN A 7 4.98 -5.19 17.53
N ALA A 8 4.90 -5.24 16.20
CA ALA A 8 5.48 -4.20 15.37
C ALA A 8 4.64 -2.93 15.46
N LEU A 9 5.17 -1.86 14.86
CA LEU A 9 4.56 -0.54 14.96
C LEU A 9 4.40 0.02 13.55
N VAL A 10 3.19 0.02 13.05
CA VAL A 10 2.93 0.30 11.64
C VAL A 10 2.65 1.78 11.47
N VAL A 11 3.52 2.47 10.76
CA VAL A 11 3.41 3.92 10.56
C VAL A 11 3.27 4.20 9.07
N ASP A 12 2.15 4.77 8.69
CA ASP A 12 1.94 5.27 7.33
C ASP A 12 2.32 6.73 7.30
N ASN A 13 3.43 7.04 6.63
CA ASN A 13 3.84 8.41 6.37
C ASN A 13 3.11 8.89 5.13
N GLY A 14 1.84 9.19 5.30
CA GLY A 14 1.06 9.73 4.21
C GLY A 14 1.48 11.15 3.87
N SER A 15 1.08 11.59 2.68
CA SER A 15 1.42 12.93 2.27
C SER A 15 0.56 13.97 2.96
N GLY A 16 -0.62 13.59 3.43
CA GLY A 16 -1.50 14.53 4.09
C GLY A 16 -2.09 14.01 5.38
N ASN A 17 -1.85 12.74 5.69
CA ASN A 17 -2.30 12.14 6.93
C ASN A 17 -1.31 11.06 7.34
N VAL A 18 -0.57 11.30 8.42
CA VAL A 18 0.12 10.21 9.10
C VAL A 18 -0.92 9.33 9.75
N LYS A 19 -0.90 8.04 9.40
CA LYS A 19 -1.83 7.06 9.95
C LYS A 19 -0.98 5.97 10.58
N ALA A 20 -0.81 6.02 11.89
CA ALA A 20 0.05 5.09 12.58
C ALA A 20 -0.70 4.39 13.70
N GLY A 21 -0.27 3.18 14.00
CA GLY A 21 -0.85 2.41 15.08
C GLY A 21 -0.08 1.12 15.26
N VAL A 22 -0.34 0.49 16.37
CA VAL A 22 0.32 -0.76 16.73
C VAL A 22 -0.26 -1.85 15.85
N ALA A 23 0.59 -2.81 15.47
CA ALA A 23 0.19 -3.90 14.59
C ALA A 23 -0.86 -4.78 15.23
N GLY A 24 -1.51 -5.59 14.38
CA GLY A 24 -2.55 -6.47 14.87
C GLY A 24 -3.85 -5.76 15.19
N ASP A 25 -4.13 -4.67 14.52
CA ASP A 25 -5.39 -3.95 14.70
C ASP A 25 -6.10 -3.85 13.35
N ASP A 26 -7.35 -3.37 13.40
CA ASP A 26 -8.16 -3.22 12.19
C ASP A 26 -8.28 -1.76 11.74
N ALA A 27 -7.79 -0.83 12.54
CA ALA A 27 -7.91 0.60 12.27
C ALA A 27 -6.78 1.29 13.01
N PRO A 28 -6.21 2.36 12.47
CA PRO A 28 -5.12 3.04 13.15
C PRO A 28 -5.61 3.75 14.41
N ARG A 29 -4.76 3.73 15.44
CA ARG A 29 -5.03 4.53 16.62
C ARG A 29 -4.86 6.01 16.33
N SER A 30 -3.90 6.37 15.48
CA SER A 30 -3.55 7.76 15.22
C SER A 30 -3.79 8.07 13.76
N VAL A 31 -4.79 8.90 13.49
CA VAL A 31 -5.04 9.42 12.16
C VAL A 31 -4.94 10.93 12.27
N PHE A 32 -3.76 11.48 11.95
CA PHE A 32 -3.57 12.91 12.18
C PHE A 32 -2.70 13.45 11.06
N PRO A 33 -2.94 14.69 10.62
CA PRO A 33 -2.30 15.16 9.37
C PRO A 33 -0.83 15.48 9.54
N SER A 34 -0.12 15.43 8.41
CA SER A 34 1.32 15.65 8.36
C SER A 34 1.62 17.14 8.27
N ILE A 35 1.36 17.84 9.37
CA ILE A 35 1.41 19.29 9.39
C ILE A 35 2.38 19.73 10.47
N VAL A 36 3.35 20.56 10.10
CA VAL A 36 4.14 21.32 11.05
C VAL A 36 3.80 22.77 10.86
N GLY A 37 3.26 23.39 11.91
CA GLY A 37 2.87 24.78 11.88
C GLY A 37 3.73 25.58 12.83
N ARG A 38 4.12 26.77 12.39
CA ARG A 38 4.88 27.65 13.25
C ARG A 38 4.17 28.99 13.38
N PRO A 39 4.15 29.59 14.56
CA PRO A 39 3.37 30.81 14.75
C PRO A 39 3.97 32.01 14.05
N LYS A 40 3.17 32.63 13.21
CA LYS A 40 3.55 33.83 12.49
C LYS A 40 3.51 35.07 13.37
N ASN A 41 2.93 34.96 14.56
CA ASN A 41 2.73 36.08 15.45
C ASN A 41 3.41 35.80 16.79
N PRO A 42 4.01 36.81 17.40
CA PRO A 42 4.63 36.59 18.71
C PRO A 42 3.57 36.54 19.82
N GLY A 43 3.81 35.67 20.79
CA GLY A 43 2.89 35.55 21.91
C GLY A 43 3.00 36.76 22.83
N ILE A 44 1.88 37.09 23.46
CA ILE A 44 1.82 38.29 24.29
C ILE A 44 1.25 38.00 25.68
N MET A 45 0.59 36.87 25.87
CA MET A 45 0.04 36.51 27.16
C MET A 45 1.09 35.72 27.94
N VAL A 46 1.58 36.29 29.03
CA VAL A 46 2.57 35.65 29.87
C VAL A 46 1.88 34.60 30.72
N GLY A 47 2.39 33.38 30.70
CA GLY A 47 1.73 32.28 31.37
C GLY A 47 1.14 31.30 30.39
N MET A 48 1.84 31.09 29.28
CA MET A 48 1.40 30.19 28.23
C MET A 48 2.55 29.31 27.80
N GLU A 49 2.25 28.37 26.91
CA GLU A 49 3.27 27.53 26.29
C GLU A 49 3.79 28.22 25.03
N GLU A 50 5.11 28.25 24.89
CA GLU A 50 5.67 28.82 23.66
C GLU A 50 5.48 27.87 22.48
N LYS A 51 6.17 26.72 22.52
CA LYS A 51 6.02 25.60 21.59
C LYS A 51 6.18 26.04 20.14
N ASP A 52 7.43 26.35 19.75
CA ASP A 52 7.71 26.98 18.46
C ASP A 52 7.25 26.14 17.26
N ALA A 53 7.13 24.82 17.44
CA ALA A 53 6.61 23.97 16.38
C ALA A 53 5.39 23.21 16.89
N PHE A 54 4.22 23.56 16.38
CA PHE A 54 3.01 22.81 16.65
C PHE A 54 2.88 21.71 15.60
N VAL A 55 2.79 20.47 16.05
CA VAL A 55 2.87 19.32 15.17
C VAL A 55 1.56 18.55 15.27
N GLY A 56 1.00 18.18 14.14
CA GLY A 56 -0.12 17.26 14.14
C GLY A 56 -1.48 17.92 14.24
N ASP A 57 -2.36 17.32 15.03
CA ASP A 57 -3.75 17.78 15.06
C ASP A 57 -3.89 19.08 15.84
N GLU A 58 -2.99 19.32 16.80
CA GLU A 58 -2.99 20.60 17.52
C GLU A 58 -2.67 21.75 16.59
N ALA A 59 -1.82 21.50 15.59
CA ALA A 59 -1.53 22.51 14.59
C ALA A 59 -2.72 22.80 13.70
N GLN A 60 -3.64 21.85 13.56
CA GLN A 60 -4.83 22.11 12.77
C GLN A 60 -5.95 22.73 13.60
N THR A 61 -6.01 22.45 14.90
CA THR A 61 -6.99 23.14 15.74
C THR A 61 -6.60 24.58 16.03
N LYS A 62 -5.35 24.96 15.81
CA LYS A 62 -4.94 26.35 15.99
C LYS A 62 -4.55 26.95 14.64
N ARG A 63 -5.29 26.62 13.59
CA ARG A 63 -4.86 26.91 12.24
C ARG A 63 -4.91 28.40 11.89
N GLY A 64 -5.62 29.22 12.67
CA GLY A 64 -5.76 30.61 12.29
C GLY A 64 -4.55 31.46 12.62
N ILE A 65 -3.66 30.96 13.46
CA ILE A 65 -2.52 31.73 13.94
C ILE A 65 -1.20 31.04 13.58
N LEU A 66 -1.22 30.16 12.58
CA LEU A 66 -0.06 29.35 12.25
C LEU A 66 0.22 29.36 10.76
N THR A 67 1.50 29.38 10.43
CA THR A 67 1.96 29.01 9.10
C THR A 67 2.05 27.49 9.07
N LEU A 68 1.13 26.86 8.34
CA LEU A 68 1.00 25.38 8.32
C LEU A 68 1.73 24.83 7.09
N LYS A 69 2.75 23.98 7.31
CA LYS A 69 3.57 23.45 6.18
C LYS A 69 3.58 21.91 6.23
N TYR A 70 3.39 21.26 5.09
CA TYR A 70 3.48 19.77 5.03
C TYR A 70 4.86 19.39 4.50
N PRO A 71 5.65 18.57 5.24
CA PRO A 71 7.01 18.24 4.81
C PRO A 71 7.03 17.29 3.60
N ILE A 72 5.85 16.89 3.13
CA ILE A 72 5.78 15.87 2.08
C ILE A 72 5.23 16.50 0.83
N GLU A 73 6.10 16.80 -0.13
CA GLU A 73 5.71 17.25 -1.46
C GLU A 73 5.88 16.07 -2.40
N HIS A 74 4.76 15.49 -2.81
CA HIS A 74 4.70 14.38 -3.76
C HIS A 74 5.48 13.16 -3.27
N GLY A 75 5.13 12.71 -2.07
CA GLY A 75 5.73 11.51 -1.50
C GLY A 75 7.19 11.64 -1.13
N ILE A 76 7.73 12.85 -1.11
CA ILE A 76 9.15 13.09 -0.92
C ILE A 76 9.32 14.11 0.19
N VAL A 77 10.15 13.78 1.17
CA VAL A 77 10.39 14.68 2.28
C VAL A 77 11.23 15.85 1.79
N THR A 78 10.67 17.05 1.88
CA THR A 78 11.43 18.24 1.51
C THR A 78 12.07 18.93 2.71
N ASN A 79 11.71 18.54 3.93
CA ASN A 79 12.28 19.15 5.13
C ASN A 79 12.36 18.09 6.20
N TRP A 80 13.58 17.63 6.51
CA TRP A 80 13.75 16.50 7.39
C TRP A 80 13.57 16.85 8.85
N ASP A 81 13.72 18.12 9.22
CA ASP A 81 13.47 18.51 10.60
C ASP A 81 11.98 18.44 10.90
N ASP A 82 11.14 18.85 9.95
CA ASP A 82 9.70 18.76 10.13
C ASP A 82 9.25 17.31 10.18
N MET A 83 9.84 16.46 9.35
CA MET A 83 9.44 15.05 9.35
C MET A 83 9.93 14.36 10.61
N GLU A 84 11.07 14.79 11.14
CA GLU A 84 11.54 14.25 12.40
C GLU A 84 10.66 14.71 13.56
N LYS A 85 10.12 15.93 13.48
CA LYS A 85 9.16 16.36 14.49
C LYS A 85 7.86 15.59 14.40
N ILE A 86 7.43 15.23 13.19
CA ILE A 86 6.19 14.48 13.06
C ILE A 86 6.38 13.05 13.54
N TRP A 87 7.53 12.44 13.26
CA TRP A 87 7.81 11.12 13.81
C TRP A 87 7.98 11.14 15.32
N HIS A 88 8.55 12.22 15.86
CA HIS A 88 8.72 12.32 17.30
C HIS A 88 7.38 12.47 18.00
N HIS A 89 6.50 13.31 17.45
CA HIS A 89 5.15 13.43 17.95
C HIS A 89 4.36 12.14 17.82
N THR A 90 4.57 11.42 16.71
CA THR A 90 3.84 10.19 16.45
C THR A 90 4.21 9.11 17.45
N PHE A 91 5.51 8.90 17.64
CA PHE A 91 5.97 7.87 18.55
C PHE A 91 5.71 8.25 20.01
N TYR A 92 6.23 9.39 20.44
CA TYR A 92 6.19 9.68 21.85
C TYR A 92 4.87 10.32 22.29
N ASN A 93 4.33 11.25 21.52
CA ASN A 93 3.22 12.05 22.03
C ASN A 93 1.85 11.53 21.62
N GLU A 94 1.76 10.68 20.61
CA GLU A 94 0.45 10.23 20.14
C GLU A 94 0.24 8.74 20.31
N LEU A 95 1.14 7.90 19.81
CA LEU A 95 1.05 6.47 20.08
C LEU A 95 1.45 6.12 21.49
N ARG A 96 2.27 6.95 22.13
CA ARG A 96 2.74 6.78 23.51
C ARG A 96 3.50 5.46 23.69
N ALA A 97 4.20 5.03 22.65
CA ALA A 97 5.02 3.82 22.71
C ALA A 97 6.43 4.17 22.26
N ALA A 98 7.41 3.69 22.99
CA ALA A 98 8.79 4.01 22.69
C ALA A 98 9.25 3.27 21.44
N PRO A 99 10.13 3.88 20.63
CA PRO A 99 10.66 3.18 19.46
C PRO A 99 11.58 2.03 19.80
N GLU A 100 12.21 2.05 20.98
CA GLU A 100 13.07 0.95 21.38
C GLU A 100 12.28 -0.31 21.72
N GLU A 101 11.00 -0.17 22.03
CA GLU A 101 10.20 -1.31 22.45
C GLU A 101 9.70 -2.14 21.28
N HIS A 102 9.61 -1.57 20.09
CA HIS A 102 8.92 -2.21 18.99
C HIS A 102 9.70 -2.03 17.70
N PRO A 103 9.51 -2.92 16.74
CA PRO A 103 9.95 -2.63 15.38
C PRO A 103 8.95 -1.73 14.67
N VAL A 104 9.47 -0.86 13.82
CA VAL A 104 8.62 0.07 13.09
C VAL A 104 8.55 -0.38 11.64
N LEU A 105 7.38 -0.16 11.02
CA LEU A 105 7.15 -0.53 9.63
C LEU A 105 6.73 0.72 8.88
N LEU A 106 7.70 1.43 8.30
CA LEU A 106 7.39 2.61 7.53
C LEU A 106 6.91 2.20 6.15
N THR A 107 6.37 3.15 5.41
CA THR A 107 5.91 2.84 4.07
C THR A 107 6.31 3.97 3.13
N GLU A 108 6.18 3.71 1.84
CA GLU A 108 6.90 4.49 0.85
C GLU A 108 6.17 4.40 -0.48
N ALA A 109 6.16 5.47 -1.17
CA ALA A 109 5.69 5.54 -2.54
C ALA A 109 6.62 4.77 -3.46
N PRO A 110 6.09 4.06 -4.46
CA PRO A 110 6.96 3.57 -5.54
C PRO A 110 7.59 4.72 -6.32
N LEU A 111 8.79 4.43 -6.82
CA LEU A 111 9.64 5.38 -7.54
C LEU A 111 9.95 6.61 -6.70
N ASN A 112 10.03 6.44 -5.41
CA ASN A 112 10.55 7.43 -4.50
C ASN A 112 12.06 7.46 -4.66
N PRO A 113 12.69 8.64 -4.67
CA PRO A 113 14.15 8.69 -4.74
C PRO A 113 14.84 8.01 -3.56
N LYS A 114 16.07 7.58 -3.79
CA LYS A 114 16.84 6.80 -2.83
C LYS A 114 17.17 7.58 -1.57
N GLY A 115 17.23 8.91 -1.66
CA GLY A 115 17.57 9.71 -0.50
C GLY A 115 16.51 9.67 0.58
N ASN A 116 15.27 9.39 0.21
CA ASN A 116 14.22 9.21 1.22
C ASN A 116 14.40 7.92 1.99
N ARG A 117 14.79 6.84 1.32
CA ARG A 117 15.06 5.60 2.04
C ARG A 117 16.31 5.72 2.91
N GLU A 118 17.41 6.22 2.34
CA GLU A 118 18.67 6.25 3.08
C GLU A 118 18.61 7.24 4.23
N ARG A 119 18.08 8.44 3.98
CA ARG A 119 17.93 9.41 5.05
C ARG A 119 16.86 8.98 6.04
N MET A 120 15.84 8.25 5.58
CA MET A 120 14.77 7.80 6.46
C MET A 120 15.25 6.74 7.44
N THR A 121 15.95 5.72 6.95
CA THR A 121 16.46 4.70 7.86
C THR A 121 17.64 5.21 8.67
N GLN A 122 18.36 6.20 8.15
CA GLN A 122 19.40 6.85 8.94
C GLN A 122 18.79 7.59 10.13
N ILE A 123 17.64 8.21 9.92
CA ILE A 123 16.91 8.83 11.04
C ILE A 123 16.43 7.76 12.00
N MET A 124 15.80 6.70 11.48
CA MET A 124 15.19 5.73 12.37
C MET A 124 16.19 4.81 13.06
N PHE A 125 17.46 4.83 12.69
CA PHE A 125 18.44 4.12 13.52
C PHE A 125 19.35 5.04 14.30
N GLU A 126 19.59 6.27 13.83
CA GLU A 126 20.44 7.19 14.57
C GLU A 126 19.65 8.04 15.55
N SER A 127 18.61 8.73 15.09
CA SER A 127 17.84 9.59 15.97
C SER A 127 16.96 8.77 16.90
N PHE A 128 16.03 8.01 16.34
CA PHE A 128 15.30 7.02 17.11
C PHE A 128 16.12 5.75 17.16
N ASN A 129 16.04 5.03 18.28
CA ASN A 129 16.80 3.81 18.44
C ASN A 129 15.87 2.63 18.20
N VAL A 130 15.54 2.41 16.94
CA VAL A 130 14.63 1.34 16.57
C VAL A 130 15.43 0.06 16.41
N PRO A 131 14.99 -1.07 16.96
CA PRO A 131 15.75 -2.32 16.77
C PRO A 131 15.72 -2.84 15.35
N ALA A 132 14.57 -2.81 14.69
CA ALA A 132 14.46 -3.36 13.35
C ALA A 132 13.36 -2.65 12.59
N MET A 133 13.54 -2.54 11.28
CA MET A 133 12.61 -1.75 10.48
C MET A 133 12.64 -2.16 9.02
N TYR A 134 11.47 -2.45 8.48
CA TYR A 134 11.27 -2.64 7.06
C TYR A 134 10.48 -1.46 6.53
N VAL A 135 10.87 -0.93 5.38
CA VAL A 135 10.06 0.04 4.66
C VAL A 135 9.43 -0.67 3.48
N ALA A 136 8.27 -0.19 3.06
CA ALA A 136 7.47 -0.97 2.13
C ALA A 136 6.74 -0.05 1.17
N ILE A 137 6.13 -0.65 0.17
CA ILE A 137 5.35 0.05 -0.85
C ILE A 137 3.90 0.12 -0.39
N GLN A 138 3.30 1.31 -0.55
CA GLN A 138 1.93 1.51 -0.11
C GLN A 138 0.94 0.67 -0.91
N ALA A 139 1.22 0.45 -2.19
CA ALA A 139 0.28 -0.24 -3.06
C ALA A 139 0.23 -1.73 -2.75
N VAL A 140 1.38 -2.36 -2.51
CA VAL A 140 1.39 -3.79 -2.25
C VAL A 140 0.75 -4.07 -0.89
N LEU A 141 0.84 -3.11 0.05
CA LEU A 141 0.17 -3.25 1.33
C LEU A 141 -1.33 -3.11 1.18
N SER A 142 -1.78 -2.21 0.32
CA SER A 142 -3.20 -2.14 0.03
C SER A 142 -3.71 -3.39 -0.65
N LEU A 143 -2.84 -4.09 -1.38
CA LEU A 143 -3.29 -5.34 -1.96
C LEU A 143 -3.22 -6.48 -0.95
N TYR A 144 -2.41 -6.37 0.10
CA TYR A 144 -2.57 -7.29 1.23
C TYR A 144 -3.91 -7.11 1.89
N SER A 145 -4.27 -5.86 2.20
CA SER A 145 -5.54 -5.62 2.88
C SER A 145 -6.73 -5.83 1.98
N SER A 146 -6.52 -5.89 0.67
CA SER A 146 -7.62 -6.12 -0.25
C SER A 146 -8.16 -7.54 -0.18
N GLY A 147 -7.38 -8.47 0.37
CA GLY A 147 -7.80 -9.85 0.41
C GLY A 147 -7.47 -10.64 -0.84
N ARG A 148 -6.60 -10.13 -1.70
CA ARG A 148 -6.25 -10.77 -2.95
C ARG A 148 -4.74 -10.85 -3.08
N THR A 149 -4.30 -11.55 -4.14
CA THR A 149 -2.90 -11.53 -4.53
C THR A 149 -2.75 -11.25 -6.02
N THR A 150 -3.80 -10.77 -6.67
CA THR A 150 -3.75 -10.49 -8.10
C THR A 150 -4.65 -9.31 -8.38
N GLY A 151 -4.06 -8.20 -8.78
CA GLY A 151 -4.86 -7.04 -9.11
C GLY A 151 -3.99 -5.84 -9.35
N ILE A 152 -4.64 -4.76 -9.73
CA ILE A 152 -4.00 -3.48 -9.95
C ILE A 152 -4.41 -2.54 -8.84
N VAL A 153 -3.44 -1.98 -8.15
CA VAL A 153 -3.72 -0.95 -7.17
C VAL A 153 -3.46 0.39 -7.81
N LEU A 154 -4.48 1.24 -7.85
CA LEU A 154 -4.24 2.65 -8.11
C LEU A 154 -4.37 3.38 -6.78
N ASP A 155 -3.25 3.89 -6.29
CA ASP A 155 -3.22 4.68 -5.08
C ASP A 155 -3.38 6.13 -5.46
N SER A 156 -3.98 6.90 -4.57
CA SER A 156 -4.10 8.34 -4.78
C SER A 156 -4.21 9.00 -3.42
N GLY A 157 -3.11 9.52 -2.92
CA GLY A 157 -3.12 10.19 -1.64
C GLY A 157 -3.15 11.69 -1.79
N ASP A 158 -2.19 12.37 -1.17
CA ASP A 158 -1.99 13.78 -1.39
C ASP A 158 -0.69 14.10 -2.08
N GLY A 159 0.11 13.10 -2.39
CA GLY A 159 1.30 13.39 -3.13
C GLY A 159 1.44 12.59 -4.41
N VAL A 160 0.82 11.42 -4.43
CA VAL A 160 1.10 10.42 -5.43
C VAL A 160 -0.18 9.90 -6.05
N SER A 161 -0.05 9.13 -7.12
CA SER A 161 -1.15 8.31 -7.60
C SER A 161 -0.52 7.11 -8.31
N HIS A 162 -0.37 6.01 -7.59
CA HIS A 162 0.34 4.86 -8.12
C HIS A 162 -0.59 4.00 -8.95
N THR A 163 0.02 3.18 -9.78
CA THR A 163 -0.70 2.10 -10.44
C THR A 163 0.26 0.92 -10.48
N VAL A 164 0.21 0.09 -9.45
CA VAL A 164 1.09 -1.06 -9.32
C VAL A 164 0.30 -2.32 -9.64
N PRO A 165 0.61 -3.03 -10.72
CA PRO A 165 -0.03 -4.31 -10.97
C PRO A 165 0.76 -5.45 -10.35
N ILE A 166 0.04 -6.42 -9.81
CA ILE A 166 0.62 -7.63 -9.24
C ILE A 166 -0.15 -8.81 -9.76
N TYR A 167 0.54 -9.76 -10.38
CA TYR A 167 -0.09 -11.00 -10.82
C TYR A 167 0.46 -12.15 -10.00
N GLU A 168 -0.35 -12.63 -9.05
CA GLU A 168 -0.08 -13.83 -8.26
C GLU A 168 1.23 -13.73 -7.48
N GLY A 169 1.39 -12.62 -6.76
CA GLY A 169 2.50 -12.49 -5.86
C GLY A 169 3.77 -11.97 -6.48
N TYR A 170 3.76 -11.66 -7.76
CA TYR A 170 4.95 -11.17 -8.45
C TYR A 170 4.71 -9.73 -8.89
N ALA A 171 5.57 -8.83 -8.44
CA ALA A 171 5.49 -7.45 -8.86
C ALA A 171 5.89 -7.33 -10.32
N LEU A 172 5.46 -6.23 -10.93
CA LEU A 172 5.80 -5.93 -12.32
C LEU A 172 6.47 -4.58 -12.35
N PRO A 173 7.78 -4.52 -12.06
CA PRO A 173 8.44 -3.21 -11.91
C PRO A 173 8.64 -2.46 -13.20
N HIS A 174 8.39 -3.07 -14.35
CA HIS A 174 8.38 -2.33 -15.61
C HIS A 174 7.00 -1.78 -15.93
N ALA A 175 6.03 -1.96 -15.04
CA ALA A 175 4.68 -1.46 -15.26
C ALA A 175 4.17 -0.58 -14.12
N ILE A 176 5.01 -0.24 -13.15
CA ILE A 176 4.61 0.69 -12.11
C ILE A 176 4.61 2.10 -12.70
N MET A 177 3.45 2.69 -12.83
CA MET A 177 3.33 4.04 -13.33
C MET A 177 2.76 4.95 -12.26
N ARG A 178 3.57 5.91 -11.81
CA ARG A 178 3.11 6.86 -10.82
C ARG A 178 2.65 8.12 -11.53
N LEU A 179 1.94 8.95 -10.79
CA LEU A 179 1.30 10.14 -11.33
C LEU A 179 1.21 11.17 -10.22
N ASP A 180 1.59 12.40 -10.53
CA ASP A 180 1.57 13.48 -9.54
C ASP A 180 0.26 14.26 -9.59
N LEU A 181 -0.83 13.52 -9.50
CA LEU A 181 -2.16 14.08 -9.34
C LEU A 181 -2.77 13.51 -8.09
N ALA A 182 -3.16 14.38 -7.18
CA ALA A 182 -3.59 13.90 -5.88
C ALA A 182 -4.49 14.93 -5.23
N GLY A 183 -4.73 14.77 -3.92
CA GLY A 183 -5.65 15.65 -3.24
C GLY A 183 -5.17 17.09 -3.15
N ARG A 184 -3.86 17.30 -3.13
CA ARG A 184 -3.35 18.65 -2.96
C ARG A 184 -3.50 19.46 -4.24
N ASP A 185 -3.29 18.83 -5.40
CA ASP A 185 -3.54 19.53 -6.66
C ASP A 185 -5.03 19.76 -6.87
N LEU A 186 -5.88 18.92 -6.30
CA LEU A 186 -7.31 19.16 -6.41
C LEU A 186 -7.77 20.25 -5.45
N THR A 187 -7.10 20.41 -4.31
CA THR A 187 -7.40 21.56 -3.46
C THR A 187 -6.93 22.86 -4.11
N GLU A 188 -5.77 22.83 -4.77
CA GLU A 188 -5.29 24.04 -5.42
C GLU A 188 -6.18 24.41 -6.61
N TYR A 189 -6.57 23.42 -7.40
CA TYR A 189 -7.47 23.66 -8.52
C TYR A 189 -8.84 24.09 -8.03
N LEU A 190 -9.28 23.55 -6.90
CA LEU A 190 -10.54 24.00 -6.31
C LEU A 190 -10.44 25.44 -5.84
N MET A 191 -9.27 25.86 -5.37
CA MET A 191 -9.09 27.27 -5.05
C MET A 191 -9.18 28.13 -6.28
N LYS A 192 -8.66 27.67 -7.42
CA LYS A 192 -8.73 28.50 -8.62
C LYS A 192 -10.16 28.62 -9.13
N ILE A 193 -10.94 27.55 -9.09
CA ILE A 193 -12.30 27.71 -9.59
C ILE A 193 -13.16 28.44 -8.56
N LEU A 194 -12.79 28.41 -7.29
CA LEU A 194 -13.49 29.27 -6.36
C LEU A 194 -13.06 30.72 -6.49
N HIS A 195 -11.86 31.00 -6.99
CA HIS A 195 -11.58 32.36 -7.44
C HIS A 195 -12.49 32.73 -8.60
N GLU A 196 -12.88 31.75 -9.42
CA GLU A 196 -13.81 32.05 -10.51
C GLU A 196 -15.22 32.32 -9.98
N ARG A 197 -15.65 31.63 -8.91
CA ARG A 197 -16.98 31.90 -8.38
C ARG A 197 -17.08 33.17 -7.57
N GLY A 198 -16.00 33.59 -6.92
CA GLY A 198 -16.07 34.76 -6.08
C GLY A 198 -15.62 34.54 -4.65
N TYR A 199 -14.76 33.57 -4.42
CA TYR A 199 -14.22 33.35 -3.08
C TYR A 199 -12.71 33.31 -3.19
N GLY A 200 -12.04 33.95 -2.25
CA GLY A 200 -10.60 33.99 -2.34
C GLY A 200 -9.92 33.32 -1.18
N PHE A 201 -9.33 32.16 -1.43
CA PHE A 201 -8.63 31.39 -0.42
C PHE A 201 -7.16 31.38 -0.78
N SER A 202 -6.33 31.96 0.06
CA SER A 202 -4.92 32.14 -0.30
C SER A 202 -3.96 31.54 0.72
N THR A 203 -4.30 31.58 2.00
CA THR A 203 -3.37 31.17 3.03
C THR A 203 -3.45 29.65 3.21
N SER A 204 -2.81 29.12 4.26
CA SER A 204 -2.78 27.68 4.44
C SER A 204 -4.04 27.16 5.13
N ALA A 205 -4.51 27.88 6.15
CA ALA A 205 -5.76 27.53 6.79
C ALA A 205 -6.93 27.62 5.82
N GLU A 206 -6.87 28.58 4.90
CA GLU A 206 -7.85 28.65 3.84
C GLU A 206 -7.75 27.46 2.90
N LYS A 207 -6.54 26.92 2.68
CA LYS A 207 -6.43 25.68 1.91
C LYS A 207 -7.04 24.51 2.64
N GLU A 208 -7.00 24.51 3.98
CA GLU A 208 -7.64 23.43 4.70
C GLU A 208 -9.16 23.54 4.67
N ILE A 209 -9.67 24.77 4.69
CA ILE A 209 -11.11 24.95 4.51
C ILE A 209 -11.54 24.50 3.12
N VAL A 210 -10.71 24.77 2.11
CA VAL A 210 -10.94 24.26 0.76
C VAL A 210 -10.87 22.73 0.75
N ARG A 211 -10.06 22.14 1.62
CA ARG A 211 -10.05 20.68 1.69
C ARG A 211 -11.34 20.15 2.29
N ASP A 212 -11.91 20.84 3.28
CA ASP A 212 -13.18 20.38 3.83
C ASP A 212 -14.32 20.53 2.82
N ILE A 213 -14.27 21.60 2.01
CA ILE A 213 -15.25 21.74 0.93
C ILE A 213 -15.07 20.63 -0.10
N LYS A 214 -13.81 20.26 -0.37
CA LYS A 214 -13.54 19.22 -1.36
C LYS A 214 -13.99 17.87 -0.86
N GLU A 215 -13.91 17.64 0.45
CA GLU A 215 -14.43 16.40 0.99
C GLU A 215 -15.95 16.35 1.01
N LYS A 216 -16.61 17.43 1.42
CA LYS A 216 -18.04 17.35 1.63
C LYS A 216 -18.87 17.60 0.38
N LEU A 217 -18.30 18.19 -0.67
CA LEU A 217 -19.11 18.64 -1.80
C LEU A 217 -18.69 18.09 -3.16
N CYS A 218 -17.44 17.71 -3.36
CA CYS A 218 -17.01 17.28 -4.68
C CYS A 218 -17.43 15.83 -4.94
N TYR A 219 -17.84 15.56 -6.17
CA TYR A 219 -18.17 14.20 -6.57
C TYR A 219 -17.91 14.06 -8.06
N ILE A 220 -17.54 12.85 -8.47
CA ILE A 220 -17.18 12.61 -9.86
C ILE A 220 -18.43 12.36 -10.68
N ALA A 221 -18.57 13.12 -11.75
CA ALA A 221 -19.70 12.96 -12.65
C ALA A 221 -19.55 11.69 -13.48
N LEU A 222 -20.67 11.21 -14.01
CA LEU A 222 -20.65 10.05 -14.89
C LEU A 222 -20.19 10.44 -16.29
N ASN A 223 -20.83 11.43 -16.88
CA ASN A 223 -20.36 12.03 -18.11
C ASN A 223 -20.25 13.52 -17.89
N PHE A 224 -19.05 14.06 -18.11
CA PHE A 224 -18.77 15.42 -17.68
C PHE A 224 -19.44 16.46 -18.56
N ASP A 225 -19.49 16.22 -19.88
CA ASP A 225 -20.13 17.17 -20.78
C ASP A 225 -21.63 17.23 -20.56
N GLU A 226 -22.25 16.08 -20.26
CA GLU A 226 -23.67 16.06 -19.97
C GLU A 226 -23.98 16.79 -18.68
N GLU A 227 -23.10 16.68 -17.69
CA GLU A 227 -23.31 17.41 -16.45
C GLU A 227 -23.02 18.89 -16.58
N MET A 228 -22.13 19.28 -17.49
CA MET A 228 -21.98 20.69 -17.79
C MET A 228 -23.22 21.25 -18.47
N LYS A 229 -23.76 20.52 -19.45
CA LYS A 229 -24.91 21.04 -20.19
C LYS A 229 -26.18 21.03 -19.34
N THR A 230 -26.35 20.02 -18.49
CA THR A 230 -27.48 20.06 -17.56
C THR A 230 -27.25 21.03 -16.41
N SER A 231 -25.99 21.34 -16.09
CA SER A 231 -25.70 22.31 -15.06
C SER A 231 -25.59 23.72 -15.60
N GLU A 232 -25.82 23.93 -16.90
CA GLU A 232 -26.05 25.27 -17.42
C GLU A 232 -27.34 25.84 -16.85
N GLN A 233 -28.34 25.00 -16.64
CA GLN A 233 -29.59 25.37 -16.01
C GLN A 233 -29.48 24.96 -14.55
N SER A 234 -29.11 25.91 -13.69
CA SER A 234 -28.77 25.63 -12.30
C SER A 234 -30.04 25.27 -11.54
N SER A 235 -30.25 23.97 -11.31
CA SER A 235 -31.43 23.49 -10.63
C SER A 235 -31.11 22.89 -9.27
N ASP A 236 -30.25 21.87 -9.22
CA ASP A 236 -29.91 21.21 -7.96
C ASP A 236 -28.42 21.08 -7.78
N ILE A 237 -27.63 21.52 -8.77
CA ILE A 237 -26.18 21.37 -8.71
C ILE A 237 -25.54 22.36 -7.76
N GLU A 238 -26.25 23.42 -7.38
CA GLU A 238 -25.73 24.40 -6.45
C GLU A 238 -26.01 23.94 -5.03
N LYS A 239 -24.98 23.98 -4.19
CA LYS A 239 -25.12 23.61 -2.79
C LYS A 239 -24.56 24.71 -1.90
N SER A 240 -24.75 24.53 -0.61
CA SER A 240 -24.33 25.49 0.39
C SER A 240 -23.35 24.84 1.35
N TYR A 241 -22.58 25.68 2.03
CA TYR A 241 -21.61 25.20 3.01
C TYR A 241 -21.38 26.31 4.02
N GLU A 242 -21.16 25.93 5.26
CA GLU A 242 -20.94 26.89 6.33
C GLU A 242 -19.50 26.81 6.80
N LEU A 243 -18.89 27.98 6.93
CA LEU A 243 -17.48 28.09 7.23
C LEU A 243 -17.27 28.14 8.75
N PRO A 244 -16.03 28.17 9.23
CA PRO A 244 -15.78 28.65 10.61
C PRO A 244 -15.88 30.15 10.79
N ASP A 245 -16.38 30.89 9.79
CA ASP A 245 -16.76 32.29 9.94
C ASP A 245 -18.28 32.45 10.03
N GLY A 246 -19.04 31.49 9.54
CA GLY A 246 -20.49 31.57 9.58
C GLY A 246 -21.14 32.00 8.31
N ASN A 247 -20.37 32.17 7.24
CA ASN A 247 -20.91 32.61 5.96
C ASN A 247 -21.51 31.42 5.22
N ILE A 248 -21.82 31.61 3.94
CA ILE A 248 -22.42 30.58 3.10
C ILE A 248 -21.65 30.50 1.80
N ILE A 249 -21.19 29.30 1.46
CA ILE A 249 -20.57 29.01 0.17
C ILE A 249 -21.63 28.37 -0.70
N THR A 250 -21.80 28.89 -1.91
CA THR A 250 -22.72 28.32 -2.88
C THR A 250 -21.94 27.82 -4.08
N VAL A 251 -21.83 26.50 -4.20
CA VAL A 251 -21.05 25.89 -5.26
C VAL A 251 -21.97 25.47 -6.40
N GLY A 252 -21.48 25.64 -7.61
CA GLY A 252 -22.23 25.32 -8.82
C GLY A 252 -21.62 24.16 -9.57
N ASN A 253 -20.83 24.47 -10.60
CA ASN A 253 -20.10 23.45 -11.34
C ASN A 253 -19.02 22.79 -10.51
N GLU A 254 -18.61 23.43 -9.41
CA GLU A 254 -17.40 23.04 -8.69
C GLU A 254 -17.63 21.83 -7.80
N ARG A 255 -18.73 21.14 -7.96
CA ARG A 255 -18.86 19.84 -7.35
C ARG A 255 -18.36 18.75 -8.28
N PHE A 256 -18.39 18.97 -9.59
CA PHE A 256 -18.05 17.88 -10.51
C PHE A 256 -16.92 18.25 -11.45
N ARG A 257 -16.42 19.48 -11.39
CA ARG A 257 -15.19 19.82 -12.08
C ARG A 257 -14.01 19.91 -11.12
N CYS A 258 -14.26 19.93 -9.83
CA CYS A 258 -13.30 19.73 -8.76
C CYS A 258 -12.61 18.37 -8.77
N PRO A 259 -13.27 17.22 -8.94
CA PRO A 259 -12.50 15.98 -9.09
C PRO A 259 -12.28 15.54 -10.52
N GLU A 260 -12.77 16.29 -11.50
CA GLU A 260 -12.61 15.92 -12.90
C GLU A 260 -11.18 16.08 -13.37
N ALA A 261 -10.37 16.86 -12.65
CA ALA A 261 -8.96 17.00 -12.98
C ALA A 261 -8.17 15.71 -12.78
N LEU A 262 -8.70 14.74 -12.02
CA LEU A 262 -8.08 13.42 -11.96
C LEU A 262 -8.18 12.70 -13.29
N PHE A 263 -9.23 12.93 -14.06
CA PHE A 263 -9.47 12.21 -15.30
C PHE A 263 -9.10 13.01 -16.52
N GLN A 264 -9.07 14.34 -16.41
CA GLN A 264 -8.63 15.20 -17.51
C GLN A 264 -7.61 16.15 -16.92
N PRO A 265 -6.34 15.76 -16.87
CA PRO A 265 -5.32 16.57 -16.19
C PRO A 265 -4.95 17.84 -16.92
N SER A 266 -5.44 18.05 -18.14
CA SER A 266 -5.15 19.28 -18.85
C SER A 266 -5.90 20.47 -18.30
N PHE A 267 -6.86 20.26 -17.39
CA PHE A 267 -7.40 21.37 -16.61
C PHE A 267 -6.33 21.96 -15.72
N LEU A 268 -5.49 21.11 -15.14
CA LEU A 268 -4.36 21.55 -14.34
C LEU A 268 -3.15 21.95 -15.16
N GLY A 269 -3.25 21.90 -16.48
CA GLY A 269 -2.12 22.28 -17.32
C GLY A 269 -0.97 21.31 -17.30
N LYS A 270 -1.21 20.08 -16.88
CA LYS A 270 -0.18 19.06 -16.87
C LYS A 270 -0.26 18.22 -18.13
N GLU A 271 0.90 17.87 -18.67
CA GLU A 271 0.99 17.00 -19.85
C GLU A 271 1.08 15.54 -19.41
N ALA A 272 0.16 15.13 -18.55
CA ALA A 272 0.10 13.78 -18.07
C ALA A 272 -1.19 13.15 -18.58
N ALA A 273 -1.47 11.94 -18.12
CA ALA A 273 -2.68 11.23 -18.50
C ALA A 273 -3.56 11.05 -17.28
N GLY A 274 -4.85 10.81 -17.52
CA GLY A 274 -5.78 10.65 -16.42
C GLY A 274 -5.60 9.37 -15.65
N ILE A 275 -6.37 9.17 -14.59
CA ILE A 275 -6.28 7.95 -13.80
C ILE A 275 -6.72 6.74 -14.63
N HIS A 276 -7.72 6.92 -15.48
CA HIS A 276 -8.14 5.82 -16.33
C HIS A 276 -7.13 5.50 -17.42
N THR A 277 -6.43 6.50 -17.95
CA THR A 277 -5.45 6.22 -18.99
C THR A 277 -4.08 5.85 -18.44
N THR A 278 -3.75 6.23 -17.20
CA THR A 278 -2.53 5.66 -16.62
C THR A 278 -2.77 4.28 -16.07
N THR A 279 -4.00 3.99 -15.63
CA THR A 279 -4.33 2.64 -15.21
C THR A 279 -4.35 1.70 -16.40
N PHE A 280 -5.14 2.03 -17.42
CA PHE A 280 -5.20 1.23 -18.63
C PHE A 280 -3.87 1.20 -19.37
N ASN A 281 -3.13 2.31 -19.31
CA ASN A 281 -1.79 2.34 -19.87
C ASN A 281 -0.85 1.44 -19.08
N SER A 282 -1.10 1.26 -17.79
CA SER A 282 -0.33 0.28 -17.04
C SER A 282 -0.80 -1.14 -17.29
N ILE A 283 -2.03 -1.32 -17.76
CA ILE A 283 -2.44 -2.66 -18.18
C ILE A 283 -1.74 -3.04 -19.46
N LYS A 284 -1.64 -2.11 -20.41
CA LYS A 284 -1.00 -2.41 -21.67
C LYS A 284 0.51 -2.58 -21.58
N LYS A 285 1.13 -2.16 -20.49
CA LYS A 285 2.56 -2.41 -20.31
C LYS A 285 2.84 -3.76 -19.66
N CYS A 286 1.81 -4.49 -19.28
CA CYS A 286 1.96 -5.84 -18.76
C CYS A 286 1.95 -6.81 -19.94
N ASP A 287 2.20 -8.08 -19.64
CA ASP A 287 2.15 -9.08 -20.69
C ASP A 287 0.69 -9.47 -20.96
N VAL A 288 0.46 -10.13 -22.09
CA VAL A 288 -0.88 -10.21 -22.66
C VAL A 288 -1.67 -11.38 -22.16
N ASP A 289 -1.13 -12.17 -21.24
CA ASP A 289 -1.93 -13.24 -20.67
C ASP A 289 -2.59 -12.84 -19.38
N ILE A 290 -1.90 -12.04 -18.56
CA ILE A 290 -2.38 -11.72 -17.22
C ILE A 290 -3.41 -10.62 -17.19
N ARG A 291 -3.70 -9.99 -18.34
CA ARG A 291 -4.55 -8.82 -18.36
C ARG A 291 -5.98 -9.14 -18.00
N LYS A 292 -6.45 -10.34 -18.34
CA LYS A 292 -7.78 -10.79 -17.90
C LYS A 292 -7.87 -10.82 -16.38
N ASP A 293 -6.77 -11.19 -15.73
CA ASP A 293 -6.76 -11.17 -14.28
C ASP A 293 -6.41 -9.80 -13.73
N LEU A 294 -6.08 -8.84 -14.59
CA LEU A 294 -5.84 -7.48 -14.14
C LEU A 294 -6.95 -6.52 -14.53
N TYR A 295 -7.67 -6.76 -15.62
CA TYR A 295 -8.90 -6.03 -15.84
C TYR A 295 -9.97 -6.39 -14.82
N GLY A 296 -9.86 -7.54 -14.18
CA GLY A 296 -10.85 -8.01 -13.24
C GLY A 296 -10.72 -7.45 -11.84
N ASN A 297 -9.53 -6.96 -11.47
CA ASN A 297 -9.32 -6.43 -10.12
C ASN A 297 -8.63 -5.08 -10.20
N ILE A 298 -9.40 -4.03 -10.36
CA ILE A 298 -8.89 -2.67 -10.24
C ILE A 298 -9.17 -2.22 -8.82
N VAL A 299 -8.19 -2.39 -7.95
CA VAL A 299 -8.34 -2.10 -6.53
C VAL A 299 -8.09 -0.63 -6.31
N LEU A 300 -9.09 0.08 -5.81
CA LEU A 300 -8.90 1.47 -5.44
C LEU A 300 -8.27 1.55 -4.06
N SER A 301 -7.69 2.70 -3.76
CA SER A 301 -7.08 2.95 -2.46
C SER A 301 -7.00 4.45 -2.26
N GLY A 302 -6.52 4.85 -1.09
CA GLY A 302 -6.24 6.25 -0.83
C GLY A 302 -7.46 7.13 -0.66
N GLY A 303 -7.26 8.30 -0.06
CA GLY A 303 -8.38 9.15 0.24
C GLY A 303 -8.91 9.94 -0.93
N THR A 304 -8.21 9.96 -2.06
CA THR A 304 -8.68 10.66 -3.24
C THR A 304 -9.53 9.76 -4.13
N THR A 305 -9.90 8.58 -3.65
CA THR A 305 -10.85 7.72 -4.32
C THR A 305 -12.11 7.54 -3.47
N MET A 306 -12.40 8.53 -2.63
CA MET A 306 -13.55 8.52 -1.75
C MET A 306 -14.70 9.34 -2.32
N TYR A 307 -14.65 9.64 -3.61
CA TYR A 307 -15.68 10.46 -4.23
C TYR A 307 -16.90 9.59 -4.53
N GLU A 308 -17.93 10.19 -5.13
CA GLU A 308 -19.11 9.46 -5.52
C GLU A 308 -18.97 9.02 -6.98
N GLY A 309 -19.22 7.74 -7.21
CA GLY A 309 -19.24 7.24 -8.58
C GLY A 309 -17.88 7.15 -9.23
N ILE A 310 -16.81 7.07 -8.43
CA ILE A 310 -15.50 6.84 -9.03
C ILE A 310 -15.40 5.41 -9.55
N GLY A 311 -16.13 4.47 -8.95
CA GLY A 311 -16.21 3.15 -9.52
C GLY A 311 -16.98 3.13 -10.82
N GLU A 312 -18.06 3.92 -10.88
CA GLU A 312 -18.89 3.94 -12.07
C GLU A 312 -18.19 4.65 -13.23
N ARG A 313 -17.60 5.83 -12.96
CA ARG A 313 -16.87 6.54 -13.98
C ARG A 313 -15.61 5.82 -14.40
N LEU A 314 -14.93 5.17 -13.45
CA LEU A 314 -13.72 4.44 -13.78
C LEU A 314 -14.03 3.20 -14.60
N THR A 315 -15.12 2.50 -14.29
CA THR A 315 -15.53 1.37 -15.09
C THR A 315 -16.00 1.77 -16.48
N ARG A 316 -16.68 2.91 -16.62
CA ARG A 316 -17.10 3.26 -17.97
C ARG A 316 -15.94 3.81 -18.79
N ASP A 317 -14.93 4.42 -18.16
CA ASP A 317 -13.78 4.91 -18.91
C ASP A 317 -12.88 3.76 -19.33
N ILE A 318 -12.57 2.86 -18.41
CA ILE A 318 -11.74 1.70 -18.77
C ILE A 318 -12.50 0.79 -19.72
N THR A 319 -13.80 0.59 -19.49
CA THR A 319 -14.63 -0.22 -20.39
C THR A 319 -14.71 0.40 -21.78
N THR A 320 -14.64 1.73 -21.86
CA THR A 320 -14.46 2.37 -23.16
C THR A 320 -13.08 2.05 -23.74
N LEU A 321 -12.03 2.07 -22.90
CA LEU A 321 -10.69 1.85 -23.43
C LEU A 321 -10.37 0.37 -23.65
N ALA A 322 -10.84 -0.50 -22.76
CA ALA A 322 -10.50 -1.92 -22.85
C ALA A 322 -11.23 -2.58 -24.02
N PRO A 323 -10.78 -3.76 -24.43
CA PRO A 323 -11.62 -4.59 -25.32
C PRO A 323 -12.92 -4.97 -24.63
N SER A 324 -14.00 -4.94 -25.41
CA SER A 324 -15.34 -5.02 -24.86
C SER A 324 -15.74 -6.43 -24.41
N THR A 325 -14.93 -7.44 -24.71
CA THR A 325 -15.28 -8.79 -24.30
C THR A 325 -14.94 -9.09 -22.85
N MET A 326 -14.16 -8.23 -22.21
CA MET A 326 -13.79 -8.42 -20.81
C MET A 326 -14.55 -7.48 -19.90
N LYS A 327 -15.00 -8.03 -18.78
CA LYS A 327 -15.65 -7.24 -17.76
C LYS A 327 -14.62 -6.54 -16.91
N ILE A 328 -14.90 -5.27 -16.61
CA ILE A 328 -14.05 -4.46 -15.75
C ILE A 328 -14.71 -4.41 -14.39
N LYS A 329 -14.04 -4.94 -13.37
CA LYS A 329 -14.62 -5.02 -12.04
C LYS A 329 -13.72 -4.26 -11.08
N VAL A 330 -14.06 -3.00 -10.81
CA VAL A 330 -13.31 -2.26 -9.80
C VAL A 330 -13.70 -2.77 -8.43
N VAL A 331 -12.74 -2.75 -7.51
CA VAL A 331 -12.99 -3.09 -6.13
C VAL A 331 -12.81 -1.81 -5.33
N ALA A 332 -13.92 -1.25 -4.86
CA ALA A 332 -13.93 -0.03 -4.06
C ALA A 332 -14.44 -0.40 -2.68
N PRO A 333 -13.58 -0.88 -1.78
CA PRO A 333 -14.03 -1.25 -0.47
C PRO A 333 -14.27 -0.03 0.39
N PRO A 334 -15.14 -0.11 1.38
CA PRO A 334 -15.13 0.89 2.45
C PRO A 334 -13.86 0.74 3.26
N GLU A 335 -13.53 1.81 3.99
CA GLU A 335 -12.23 2.01 4.64
C GLU A 335 -11.08 1.88 3.65
N ARG A 336 -11.24 2.41 2.45
CA ARG A 336 -10.15 2.39 1.49
C ARG A 336 -9.14 3.48 1.76
N LYS A 337 -9.46 4.42 2.65
CA LYS A 337 -8.47 5.36 3.16
C LYS A 337 -7.38 4.66 3.96
N TYR A 338 -7.71 3.55 4.62
CA TYR A 338 -6.81 2.90 5.55
C TYR A 338 -6.26 1.61 5.00
N SER A 339 -6.52 1.32 3.72
CA SER A 339 -6.15 0.03 3.14
C SER A 339 -4.65 -0.14 3.06
N VAL A 340 -3.90 0.96 3.04
CA VAL A 340 -2.46 0.86 3.26
C VAL A 340 -2.19 0.32 4.66
N TRP A 341 -2.66 1.04 5.67
CA TRP A 341 -2.27 0.76 7.06
C TRP A 341 -2.74 -0.62 7.50
N ILE A 342 -3.98 -0.99 7.12
CA ILE A 342 -4.51 -2.29 7.48
C ILE A 342 -3.64 -3.39 6.89
N GLY A 343 -3.18 -3.19 5.66
CA GLY A 343 -2.25 -4.14 5.08
C GLY A 343 -0.94 -4.14 5.81
N GLY A 344 -0.52 -2.97 6.30
CA GLY A 344 0.67 -2.88 7.12
C GLY A 344 0.53 -3.64 8.41
N SER A 345 -0.70 -3.79 8.91
CA SER A 345 -0.90 -4.69 10.03
C SER A 345 -0.73 -6.14 9.58
N ILE A 346 -1.41 -6.52 8.49
CA ILE A 346 -1.47 -7.92 8.07
C ILE A 346 -0.10 -8.39 7.61
N LEU A 347 0.67 -7.51 6.98
CA LEU A 347 2.04 -7.85 6.64
C LEU A 347 2.91 -8.00 7.87
N SER A 348 2.74 -7.14 8.87
CA SER A 348 3.65 -7.21 10.01
C SER A 348 3.22 -8.26 11.01
N SER A 349 2.01 -8.80 10.87
CA SER A 349 1.53 -9.86 11.73
C SER A 349 1.72 -11.24 11.12
N LEU A 350 2.75 -11.42 10.31
CA LEU A 350 3.07 -12.72 9.74
C LEU A 350 4.33 -13.29 10.39
N SER A 351 4.56 -14.57 10.15
CA SER A 351 5.73 -15.26 10.67
C SER A 351 6.85 -15.34 9.67
N THR A 352 6.53 -15.40 8.37
CA THR A 352 7.59 -15.36 7.36
C THR A 352 8.18 -13.97 7.24
N PHE A 353 7.34 -12.93 7.35
CA PHE A 353 7.78 -11.54 7.22
C PHE A 353 8.78 -11.14 8.30
N GLN A 354 8.75 -11.79 9.45
CA GLN A 354 9.73 -11.52 10.48
C GLN A 354 11.11 -12.02 10.14
N GLN A 355 11.31 -12.72 9.03
CA GLN A 355 12.63 -13.00 8.50
C GLN A 355 13.15 -11.89 7.61
N MET A 356 12.43 -10.77 7.49
CA MET A 356 12.73 -9.76 6.49
C MET A 356 12.96 -8.36 7.07
N TRP A 357 13.10 -8.24 8.38
CA TRP A 357 13.40 -6.94 8.96
C TRP A 357 14.85 -6.55 8.66
N ILE A 358 15.15 -5.28 8.91
CA ILE A 358 16.52 -4.79 8.83
C ILE A 358 16.96 -4.46 10.24
N THR A 359 17.77 -5.34 10.83
CA THR A 359 18.12 -5.23 12.23
C THR A 359 19.08 -4.07 12.48
N LYS A 360 19.30 -3.76 13.76
CA LYS A 360 20.15 -2.64 14.15
C LYS A 360 21.60 -2.90 13.78
N GLU A 361 22.08 -4.12 14.06
CA GLU A 361 23.47 -4.47 13.76
C GLU A 361 23.73 -4.56 12.26
N GLU A 362 22.69 -4.82 11.46
CA GLU A 362 22.91 -4.90 10.02
C GLU A 362 23.02 -3.51 9.41
N TYR A 363 22.27 -2.54 9.95
CA TYR A 363 22.52 -1.15 9.61
C TYR A 363 23.88 -0.70 10.13
N ASP A 364 24.30 -1.20 11.29
CA ASP A 364 25.62 -0.86 11.81
C ASP A 364 26.74 -1.46 10.98
N GLU A 365 26.47 -2.52 10.21
CA GLU A 365 27.43 -3.05 9.26
C GLU A 365 27.41 -2.30 7.93
N SER A 366 26.28 -2.33 7.23
CA SER A 366 26.25 -1.89 5.85
C SER A 366 25.92 -0.42 5.68
N GLY A 367 25.38 0.24 6.70
CA GLY A 367 24.89 1.57 6.54
C GLY A 367 23.51 1.54 5.89
N PRO A 368 23.08 2.65 5.31
CA PRO A 368 21.73 2.70 4.73
C PRO A 368 21.56 1.90 3.45
N SER A 369 22.66 1.53 2.79
CA SER A 369 22.59 0.85 1.49
C SER A 369 21.94 -0.52 1.58
N ILE A 370 21.91 -1.12 2.77
CA ILE A 370 21.24 -2.40 2.97
C ILE A 370 19.74 -2.29 2.73
N VAL A 371 19.17 -1.09 2.82
CA VAL A 371 17.76 -0.91 2.55
C VAL A 371 17.49 -1.06 1.05
N HIS A 372 18.51 -0.80 0.23
CA HIS A 372 18.37 -1.08 -1.19
C HIS A 372 18.66 -2.53 -1.54
N ARG A 373 18.88 -3.38 -0.55
CA ARG A 373 19.02 -4.81 -0.77
C ARG A 373 17.86 -5.61 -0.21
N LYS A 374 16.99 -4.97 0.55
CA LYS A 374 15.83 -5.62 1.14
C LYS A 374 14.57 -4.81 0.85
N CYS A 375 14.36 -4.48 -0.42
CA CYS A 375 13.16 -3.77 -0.82
C CYS A 375 12.68 -4.25 -2.19
N VAL B 6 9.57 44.20 47.41
CA VAL B 6 9.25 42.86 46.94
C VAL B 6 8.12 42.92 45.93
N GLN B 7 6.96 43.38 46.38
CA GLN B 7 5.77 43.46 45.56
C GLN B 7 5.89 44.60 44.57
N ALA B 8 5.41 44.37 43.35
CA ALA B 8 5.45 45.37 42.30
C ALA B 8 4.41 46.47 42.58
N LEU B 9 4.47 47.52 41.77
CA LEU B 9 3.65 48.70 41.98
C LEU B 9 2.94 49.03 40.68
N VAL B 10 1.65 48.73 40.62
CA VAL B 10 0.90 48.76 39.37
C VAL B 10 0.26 50.13 39.21
N VAL B 11 0.68 50.87 38.20
CA VAL B 11 0.20 52.22 37.95
C VAL B 11 -0.46 52.27 36.59
N ASP B 12 -1.75 52.56 36.57
CA ASP B 12 -2.48 52.82 35.34
C ASP B 12 -2.47 54.31 35.08
N ASN B 13 -1.72 54.73 34.05
CA ASN B 13 -1.73 56.11 33.58
C ASN B 13 -2.90 56.27 32.63
N GLY B 14 -4.09 56.35 33.21
CA GLY B 14 -5.28 56.57 32.41
C GLY B 14 -5.31 57.98 31.86
N SER B 15 -6.16 58.18 30.85
CA SER B 15 -6.27 59.49 30.25
C SER B 15 -7.08 60.44 31.13
N GLY B 16 -7.93 59.91 31.99
CA GLY B 16 -8.74 60.75 32.85
C GLY B 16 -8.75 60.31 34.29
N ASN B 17 -8.15 59.16 34.58
CA ASN B 17 -8.04 58.65 35.95
C ASN B 17 -6.75 57.85 36.07
N VAL B 18 -5.79 58.37 36.80
CA VAL B 18 -4.69 57.54 37.28
C VAL B 18 -5.25 56.56 38.31
N LYS B 19 -5.06 55.27 38.05
CA LYS B 19 -5.52 54.22 38.96
C LYS B 19 -4.30 53.40 39.33
N ALA B 20 -3.74 53.66 40.50
CA ALA B 20 -2.52 53.01 40.91
C ALA B 20 -2.69 52.34 42.27
N GLY B 21 -1.93 51.28 42.48
CA GLY B 21 -1.96 50.57 43.74
C GLY B 21 -0.90 49.49 43.73
N VAL B 22 -0.64 48.99 44.91
CA VAL B 22 0.35 47.94 45.10
C VAL B 22 -0.22 46.64 44.55
N ALA B 23 0.65 45.82 43.96
CA ALA B 23 0.25 44.57 43.34
C ALA B 23 -0.32 43.59 44.35
N GLY B 24 -1.01 42.57 43.85
CA GLY B 24 -1.62 41.60 44.71
C GLY B 24 -2.86 42.08 45.41
N ASP B 25 -3.59 43.00 44.80
CA ASP B 25 -4.85 43.49 45.34
C ASP B 25 -5.96 43.27 44.32
N ASP B 26 -7.20 43.51 44.75
CA ASP B 26 -8.36 43.35 43.89
C ASP B 26 -8.94 44.67 43.41
N ALA B 27 -8.45 45.78 43.93
CA ALA B 27 -8.94 47.11 43.62
C ALA B 27 -7.82 48.09 43.89
N PRO B 28 -7.72 49.16 43.12
CA PRO B 28 -6.64 50.13 43.35
C PRO B 28 -6.85 50.90 44.64
N ARG B 29 -5.74 51.16 45.32
CA ARG B 29 -5.80 52.06 46.46
C ARG B 29 -6.05 53.50 46.04
N SER B 30 -5.52 53.91 44.89
CA SER B 30 -5.59 55.29 44.44
C SER B 30 -6.34 55.36 43.13
N VAL B 31 -7.53 55.93 43.16
CA VAL B 31 -8.30 56.21 41.96
C VAL B 31 -8.50 57.72 41.94
N PHE B 32 -7.65 58.43 41.20
CA PHE B 32 -7.72 59.88 41.24
C PHE B 32 -7.39 60.42 39.87
N PRO B 33 -8.02 61.52 39.45
CA PRO B 33 -7.93 61.92 38.05
C PRO B 33 -6.60 62.54 37.67
N SER B 34 -6.28 62.47 36.38
CA SER B 34 -5.03 62.95 35.82
C SER B 34 -5.12 64.44 35.55
N ILE B 35 -5.16 65.22 36.62
CA ILE B 35 -5.42 66.64 36.52
C ILE B 35 -4.29 67.41 37.18
N VAL B 36 -3.69 68.33 36.44
CA VAL B 36 -2.83 69.35 37.02
C VAL B 36 -3.53 70.69 36.87
N GLY B 37 -3.83 71.32 37.99
CA GLY B 37 -4.51 72.60 38.00
C GLY B 37 -3.59 73.67 38.54
N ARG B 38 -3.64 74.84 37.93
CA ARG B 38 -2.86 75.96 38.42
C ARG B 38 -3.78 77.14 38.69
N PRO B 39 -3.54 77.88 39.77
CA PRO B 39 -4.47 78.95 40.14
C PRO B 39 -4.40 80.14 39.19
N LYS B 40 -5.56 80.47 38.63
CA LYS B 40 -5.69 81.61 37.75
C LYS B 40 -5.73 82.92 38.51
N ASN B 41 -5.86 82.88 39.83
CA ASN B 41 -6.01 84.05 40.66
C ASN B 41 -4.90 84.09 41.70
N PRO B 42 -4.37 85.26 42.00
CA PRO B 42 -3.35 85.34 43.05
C PRO B 42 -3.95 85.25 44.43
N GLY B 43 -3.23 84.59 45.33
CA GLY B 43 -3.69 84.45 46.70
C GLY B 43 -3.57 85.76 47.44
N ILE B 44 -4.48 85.96 48.39
CA ILE B 44 -4.53 87.23 49.12
C ILE B 44 -4.55 87.03 50.63
N MET B 45 -4.86 85.83 51.10
CA MET B 45 -4.86 85.55 52.53
C MET B 45 -3.48 85.09 52.96
N VAL B 46 -2.81 85.89 53.77
CA VAL B 46 -1.48 85.56 54.27
C VAL B 46 -1.61 84.53 55.37
N GLY B 47 -0.88 83.43 55.26
CA GLY B 47 -1.04 82.34 56.19
C GLY B 47 -1.66 81.13 55.53
N MET B 48 -1.32 80.91 54.26
CA MET B 48 -1.87 79.82 53.48
C MET B 48 -0.75 79.11 52.74
N GLU B 49 -1.10 78.02 52.07
CA GLU B 49 -0.18 77.31 51.21
C GLU B 49 -0.24 77.90 49.80
N GLU B 50 0.92 78.17 49.21
CA GLU B 50 0.91 78.65 47.84
C GLU B 50 0.58 77.53 46.86
N LYS B 51 1.48 76.55 46.74
CA LYS B 51 1.29 75.30 46.00
C LYS B 51 0.89 75.56 44.55
N ASP B 52 1.84 76.05 43.74
CA ASP B 52 1.55 76.54 42.39
C ASP B 52 0.95 75.48 41.48
N ALA B 53 1.17 74.20 41.77
CA ALA B 53 0.54 73.12 41.01
C ALA B 53 -0.24 72.23 41.95
N PHE B 54 -1.56 72.28 41.85
CA PHE B 54 -2.43 71.35 42.56
C PHE B 54 -2.63 70.12 41.68
N VAL B 55 -2.30 68.96 42.23
CA VAL B 55 -2.26 67.73 41.45
C VAL B 55 -3.26 66.76 42.04
N GLY B 56 -4.06 66.13 41.19
CA GLY B 56 -4.88 65.03 41.64
C GLY B 56 -6.23 65.43 42.14
N ASP B 57 -6.68 64.80 43.22
CA ASP B 57 -8.04 64.98 43.70
C ASP B 57 -8.22 66.33 44.39
N GLU B 58 -7.14 66.86 44.97
CA GLU B 58 -7.19 68.19 45.57
C GLU B 58 -7.44 69.25 44.50
N ALA B 59 -6.93 69.03 43.29
CA ALA B 59 -7.20 69.93 42.20
C ALA B 59 -8.65 69.87 41.74
N GLN B 60 -9.32 68.75 41.98
CA GLN B 60 -10.73 68.67 41.64
C GLN B 60 -11.64 69.19 42.75
N THR B 61 -11.21 69.08 44.01
CA THR B 61 -12.00 69.68 45.08
C THR B 61 -11.88 71.20 45.14
N LYS B 62 -10.88 71.78 44.47
CA LYS B 62 -10.75 73.22 44.40
C LYS B 62 -10.96 73.70 42.98
N ARG B 63 -11.91 73.09 42.26
CA ARG B 63 -11.99 73.28 40.82
C ARG B 63 -12.48 74.66 40.41
N GLY B 64 -13.07 75.43 41.33
CA GLY B 64 -13.63 76.71 40.94
C GLY B 64 -12.60 77.80 40.78
N ILE B 65 -11.40 77.60 41.30
CA ILE B 65 -10.36 78.62 41.30
C ILE B 65 -9.11 78.15 40.57
N LEU B 66 -9.25 77.16 39.70
CA LEU B 66 -8.10 76.56 39.05
C LEU B 66 -8.33 76.40 37.56
N THR B 67 -7.25 76.62 36.80
CA THR B 67 -7.17 76.17 35.43
C THR B 67 -6.76 74.70 35.46
N LEU B 68 -7.72 73.81 35.17
CA LEU B 68 -7.49 72.35 35.30
C LEU B 68 -7.13 71.77 33.93
N LYS B 69 -5.89 71.31 33.75
CA LYS B 69 -5.45 70.80 32.44
C LYS B 69 -5.02 69.33 32.57
N TYR B 70 -5.54 68.45 31.71
CA TYR B 70 -5.12 67.03 31.70
C TYR B 70 -3.92 66.90 30.76
N PRO B 71 -2.75 66.31 31.19
CA PRO B 71 -1.55 66.10 30.38
C PRO B 71 -1.66 64.98 29.37
N ILE B 72 -2.80 64.28 29.30
CA ILE B 72 -2.96 63.15 28.41
C ILE B 72 -4.02 63.48 27.37
N GLU B 73 -3.57 63.81 26.17
CA GLU B 73 -4.46 63.99 25.03
C GLU B 73 -4.33 62.75 24.15
N HIS B 74 -5.37 61.91 24.20
CA HIS B 74 -5.49 60.69 23.39
C HIS B 74 -4.34 59.73 23.67
N GLY B 75 -4.18 59.38 24.95
CA GLY B 75 -3.18 58.40 25.35
C GLY B 75 -1.76 58.85 25.19
N ILE B 76 -1.52 60.14 24.95
CA ILE B 76 -0.20 60.66 24.63
C ILE B 76 0.08 61.83 25.55
N VAL B 77 1.24 61.80 26.20
CA VAL B 77 1.61 62.88 27.11
C VAL B 77 1.97 64.10 26.29
N THR B 78 1.22 65.18 26.49
CA THR B 78 1.54 66.42 25.81
C THR B 78 2.35 67.37 26.66
N ASN B 79 2.50 67.11 27.96
CA ASN B 79 3.27 67.97 28.84
C ASN B 79 3.92 67.08 29.89
N TRP B 80 5.24 66.93 29.80
CA TRP B 80 5.92 65.96 30.64
C TRP B 80 6.14 66.48 32.06
N ASP B 81 6.12 67.78 32.26
CA ASP B 81 6.25 68.31 33.61
C ASP B 81 4.99 68.01 34.42
N ASP B 82 3.82 68.12 33.77
CA ASP B 82 2.57 67.79 34.43
C ASP B 82 2.48 66.30 34.74
N MET B 83 2.95 65.46 33.82
CA MET B 83 2.90 64.02 34.04
C MET B 83 3.91 63.61 35.09
N GLU B 84 5.03 64.32 35.18
CA GLU B 84 5.99 64.05 36.25
C GLU B 84 5.44 64.49 37.60
N LYS B 85 4.65 65.56 37.63
CA LYS B 85 3.99 65.95 38.87
C LYS B 85 2.94 64.93 39.28
N ILE B 86 2.23 64.34 38.31
CA ILE B 86 1.22 63.35 38.65
C ILE B 86 1.87 62.07 39.15
N TRP B 87 2.97 61.65 38.53
CA TRP B 87 3.69 60.50 39.04
C TRP B 87 4.31 60.76 40.40
N HIS B 88 4.78 61.98 40.63
CA HIS B 88 5.37 62.30 41.92
C HIS B 88 4.32 62.30 43.02
N HIS B 89 3.16 62.88 42.75
CA HIS B 89 2.04 62.81 43.68
C HIS B 89 1.56 61.40 43.89
N THR B 90 1.56 60.58 42.83
CA THR B 90 1.07 59.20 42.92
C THR B 90 1.97 58.36 43.81
N PHE B 91 3.28 58.43 43.57
CA PHE B 91 4.23 57.63 44.33
C PHE B 91 4.36 58.15 45.75
N TYR B 92 4.73 59.42 45.90
CA TYR B 92 5.07 59.89 47.24
C TYR B 92 3.87 60.32 48.04
N ASN B 93 2.90 61.02 47.45
CA ASN B 93 1.87 61.65 48.24
C ASN B 93 0.59 60.84 48.36
N GLU B 94 0.37 59.86 47.50
CA GLU B 94 -0.88 59.12 47.53
C GLU B 94 -0.69 57.64 47.87
N LEU B 95 0.17 56.93 47.14
CA LEU B 95 0.49 55.56 47.52
C LEU B 95 1.38 55.48 48.73
N ARG B 96 2.15 56.54 49.01
CA ARG B 96 3.07 56.64 50.15
C ARG B 96 4.11 55.53 50.14
N ALA B 97 4.53 55.10 48.97
CA ALA B 97 5.57 54.09 48.82
C ALA B 97 6.65 54.63 47.89
N ALA B 98 7.90 54.44 48.28
CA ALA B 98 9.00 54.97 47.50
C ALA B 98 9.18 54.16 46.22
N PRO B 99 9.60 54.82 45.13
CA PRO B 99 9.87 54.08 43.90
C PRO B 99 11.09 53.19 43.98
N GLU B 100 12.04 53.48 44.86
CA GLU B 100 13.21 52.61 45.01
C GLU B 100 12.87 51.30 45.68
N GLU B 101 11.75 51.24 46.41
CA GLU B 101 11.39 50.04 47.16
C GLU B 101 10.75 48.97 46.28
N HIS B 102 10.16 49.35 45.16
CA HIS B 102 9.32 48.44 44.40
C HIS B 102 9.59 48.59 42.91
N PRO B 103 9.32 47.55 42.13
CA PRO B 103 9.22 47.73 40.68
C PRO B 103 7.87 48.32 40.30
N VAL B 104 7.88 49.16 39.27
CA VAL B 104 6.66 49.81 38.81
C VAL B 104 6.23 49.15 37.50
N LEU B 105 4.92 49.07 37.30
CA LEU B 105 4.34 48.47 36.10
C LEU B 105 3.44 49.52 35.46
N LEU B 106 3.99 50.30 34.55
CA LEU B 106 3.20 51.29 33.85
C LEU B 106 2.41 50.61 32.75
N THR B 107 1.45 51.35 32.18
CA THR B 107 0.63 50.80 31.06
C THR B 107 0.63 51.76 29.87
N GLU B 108 0.54 51.21 28.65
CA GLU B 108 0.56 52.05 27.41
C GLU B 108 -0.59 51.64 26.50
N ALA B 109 -1.31 52.62 25.94
CA ALA B 109 -2.39 52.32 24.98
C ALA B 109 -1.77 51.97 23.63
N PRO B 110 -2.13 50.83 22.95
CA PRO B 110 -1.58 50.37 21.67
C PRO B 110 -1.49 51.48 20.65
N LEU B 111 -0.48 51.37 19.78
CA LEU B 111 -0.13 52.35 18.76
C LEU B 111 0.15 53.73 19.37
N ASN B 112 0.66 53.74 20.56
CA ASN B 112 1.21 54.93 21.18
C ASN B 112 2.55 55.22 20.51
N PRO B 113 2.87 56.48 20.20
CA PRO B 113 4.18 56.80 19.64
C PRO B 113 5.33 56.42 20.55
N LYS B 114 6.50 56.21 19.94
CA LYS B 114 7.67 55.72 20.64
C LYS B 114 8.22 56.72 21.66
N GLY B 115 7.94 58.01 21.47
CA GLY B 115 8.45 59.01 22.39
C GLY B 115 7.83 58.92 23.77
N ASN B 116 6.62 58.36 23.87
CA ASN B 116 6.02 58.13 25.17
C ASN B 116 6.73 57.01 25.92
N ARG B 117 7.11 55.94 25.23
CA ARG B 117 7.86 54.89 25.89
C ARG B 117 9.26 55.36 26.28
N GLU B 118 9.97 55.97 25.34
CA GLU B 118 11.36 56.34 25.60
C GLU B 118 11.45 57.45 26.64
N ARG B 119 10.62 58.47 26.50
CA ARG B 119 10.60 59.53 27.49
C ARG B 119 10.04 59.05 28.82
N MET B 120 9.11 58.09 28.77
CA MET B 120 8.51 57.57 30.00
C MET B 120 9.50 56.77 30.82
N THR B 121 10.22 55.84 30.20
CA THR B 121 11.20 55.06 30.94
C THR B 121 12.43 55.89 31.27
N GLN B 122 12.72 56.91 30.46
CA GLN B 122 13.78 57.86 30.81
C GLN B 122 13.43 58.62 32.08
N ILE B 123 12.15 58.98 32.24
CA ILE B 123 11.71 59.60 33.49
C ILE B 123 11.81 58.60 34.64
N MET B 124 11.31 57.38 34.43
CA MET B 124 11.23 56.44 35.53
C MET B 124 12.58 55.82 35.91
N PHE B 125 13.63 56.03 35.12
CA PHE B 125 14.95 55.65 35.62
C PHE B 125 15.83 56.82 35.98
N GLU B 126 15.63 57.98 35.37
CA GLU B 126 16.45 59.14 35.73
C GLU B 126 15.85 59.96 36.85
N SER B 127 14.58 60.37 36.72
CA SER B 127 13.96 61.18 37.76
C SER B 127 13.62 60.34 38.98
N PHE B 128 12.76 59.35 38.83
CA PHE B 128 12.55 58.37 39.86
C PHE B 128 13.61 57.29 39.72
N ASN B 129 14.04 56.73 40.84
CA ASN B 129 15.08 55.70 40.81
C ASN B 129 14.40 54.35 40.98
N VAL B 130 13.74 53.89 39.92
CA VAL B 130 13.02 52.63 39.95
C VAL B 130 14.00 51.52 39.61
N PRO B 131 14.02 50.41 40.37
CA PRO B 131 14.94 49.32 40.01
C PRO B 131 14.58 48.61 38.71
N ALA B 132 13.29 48.34 38.48
CA ALA B 132 12.89 47.59 37.30
C ALA B 132 11.48 47.97 36.90
N MET B 133 11.20 47.94 35.61
CA MET B 133 9.92 48.42 35.13
C MET B 133 9.57 47.83 33.77
N TYR B 134 8.38 47.26 33.69
CA TYR B 134 7.79 46.85 32.43
C TYR B 134 6.63 47.77 32.13
N VAL B 135 6.50 48.20 30.87
CA VAL B 135 5.31 48.90 30.42
C VAL B 135 4.51 47.92 29.57
N ALA B 136 3.20 48.11 29.54
CA ALA B 136 2.35 47.08 28.99
C ALA B 136 1.17 47.71 28.27
N ILE B 137 0.41 46.87 27.58
CA ILE B 137 -0.78 47.27 26.85
C ILE B 137 -1.98 47.13 27.76
N GLN B 138 -2.85 48.16 27.75
CA GLN B 138 -4.02 48.15 28.61
C GLN B 138 -5.00 47.04 28.25
N ALA B 139 -5.10 46.71 26.97
CA ALA B 139 -6.09 45.74 26.51
C ALA B 139 -5.71 44.32 26.92
N VAL B 140 -4.42 43.96 26.79
CA VAL B 140 -4.02 42.60 27.14
C VAL B 140 -4.11 42.40 28.65
N LEU B 141 -3.96 43.47 29.42
CA LEU B 141 -4.13 43.39 30.87
C LEU B 141 -5.59 43.22 31.23
N SER B 142 -6.48 43.90 30.51
CA SER B 142 -7.91 43.67 30.73
C SER B 142 -8.30 42.25 30.33
N LEU B 143 -7.58 41.64 29.41
CA LEU B 143 -7.90 40.26 29.10
C LEU B 143 -7.26 39.30 30.09
N TYR B 144 -6.20 39.70 30.80
CA TYR B 144 -5.79 38.93 31.97
C TYR B 144 -6.86 38.95 33.04
N SER B 145 -7.36 40.14 33.37
CA SER B 145 -8.37 40.23 34.41
C SER B 145 -9.71 39.67 33.99
N SER B 146 -9.93 39.47 32.69
CA SER B 146 -11.18 38.92 32.22
C SER B 146 -11.33 37.44 32.55
N GLY B 147 -10.24 36.76 32.88
CA GLY B 147 -10.29 35.34 33.14
C GLY B 147 -10.22 34.47 31.92
N ARG B 148 -9.81 35.02 30.78
CA ARG B 148 -9.74 34.28 29.52
C ARG B 148 -8.37 34.47 28.89
N THR B 149 -8.15 33.73 27.80
CA THR B 149 -6.98 33.96 26.95
C THR B 149 -7.38 34.06 25.49
N THR B 150 -8.66 34.23 25.20
CA THR B 150 -9.13 34.33 23.83
C THR B 150 -10.31 35.27 23.78
N GLY B 151 -10.15 36.41 23.14
CA GLY B 151 -11.24 37.33 23.03
C GLY B 151 -10.77 38.63 22.43
N ILE B 152 -11.75 39.52 22.23
CA ILE B 152 -11.50 40.85 21.71
C ILE B 152 -11.74 41.83 22.83
N VAL B 153 -10.74 42.65 23.12
CA VAL B 153 -10.92 43.73 24.06
C VAL B 153 -11.20 45.00 23.29
N LEU B 154 -12.33 45.64 23.55
CA LEU B 154 -12.50 47.01 23.12
C LEU B 154 -12.36 47.88 24.35
N ASP B 155 -11.29 48.65 24.40
CA ASP B 155 -11.05 49.59 25.48
C ASP B 155 -11.65 50.93 25.08
N SER B 156 -12.08 51.69 26.08
CA SER B 156 -12.58 53.03 25.82
C SER B 156 -12.40 53.84 27.10
N GLY B 157 -11.34 54.62 27.15
CA GLY B 157 -11.09 55.44 28.31
C GLY B 157 -11.50 56.88 28.08
N ASP B 158 -10.56 57.79 28.29
CA ASP B 158 -10.77 59.19 27.93
C ASP B 158 -9.85 59.64 26.82
N GLY B 159 -9.00 58.77 26.32
CA GLY B 159 -8.20 59.19 25.19
C GLY B 159 -8.30 58.26 24.00
N VAL B 160 -8.62 57.00 24.28
CA VAL B 160 -8.45 55.93 23.31
C VAL B 160 -9.72 55.10 23.19
N SER B 161 -9.77 54.24 22.20
CA SER B 161 -10.75 53.17 22.17
C SER B 161 -10.13 52.03 21.38
N HIS B 162 -9.51 51.08 22.06
CA HIS B 162 -8.77 50.03 21.40
C HIS B 162 -9.70 48.90 21.01
N THR B 163 -9.21 48.10 20.07
CA THR B 163 -9.86 46.83 19.77
C THR B 163 -8.73 45.86 19.49
N VAL B 164 -8.26 45.17 20.53
CA VAL B 164 -7.16 44.25 20.41
C VAL B 164 -7.71 42.82 20.47
N PRO B 165 -7.60 42.05 19.40
CA PRO B 165 -7.99 40.64 19.46
C PRO B 165 -6.81 39.77 19.86
N ILE B 166 -7.10 38.76 20.68
CA ILE B 166 -6.10 37.78 21.07
C ILE B 166 -6.72 36.40 20.93
N TYR B 167 -6.07 35.53 20.18
CA TYR B 167 -6.51 34.14 20.06
C TYR B 167 -5.48 33.24 20.72
N GLU B 168 -5.82 32.76 21.93
CA GLU B 168 -5.06 31.74 22.66
C GLU B 168 -3.62 32.19 22.93
N GLY B 169 -3.51 33.40 23.47
CA GLY B 169 -2.21 33.85 23.93
C GLY B 169 -1.35 34.52 22.90
N TYR B 170 -1.84 34.64 21.67
CA TYR B 170 -1.07 35.25 20.59
C TYR B 170 -1.75 36.54 20.17
N ALA B 171 -1.03 37.64 20.23
CA ALA B 171 -1.53 38.92 19.78
C ALA B 171 -1.66 38.91 18.26
N LEU B 172 -2.49 39.82 17.76
CA LEU B 172 -2.68 39.98 16.32
C LEU B 172 -2.36 41.42 15.99
N PRO B 173 -1.09 41.76 15.80
CA PRO B 173 -0.72 43.17 15.63
C PRO B 173 -1.12 43.77 14.30
N HIS B 174 -1.58 42.98 13.35
CA HIS B 174 -2.15 43.52 12.13
C HIS B 174 -3.64 43.74 12.26
N ALA B 175 -4.22 43.51 13.44
CA ALA B 175 -5.64 43.72 13.65
C ALA B 175 -5.95 44.63 14.83
N ILE B 176 -4.94 45.25 15.44
CA ILE B 176 -5.19 46.23 16.48
C ILE B 176 -5.67 47.51 15.85
N MET B 177 -6.94 47.85 16.08
CA MET B 177 -7.50 49.09 15.55
C MET B 177 -7.88 50.00 16.71
N ARG B 178 -7.22 51.14 16.78
CA ARG B 178 -7.53 52.12 17.80
C ARG B 178 -8.46 53.16 17.21
N LEU B 179 -9.06 53.95 18.09
CA LEU B 179 -10.09 54.90 17.74
C LEU B 179 -10.05 56.04 18.73
N ASP B 180 -10.07 57.27 18.23
CA ASP B 180 -10.00 58.44 19.09
C ASP B 180 -11.40 58.95 19.44
N LEU B 181 -12.22 58.04 19.95
CA LEU B 181 -13.52 58.36 20.51
C LEU B 181 -13.56 57.86 21.93
N ALA B 182 -13.82 58.76 22.86
CA ALA B 182 -13.70 58.39 24.24
C ALA B 182 -14.55 59.30 25.11
N GLY B 183 -14.32 59.28 26.41
CA GLY B 183 -15.15 60.06 27.31
C GLY B 183 -14.99 61.56 27.14
N ARG B 184 -13.82 62.02 26.70
CA ARG B 184 -13.61 63.46 26.59
C ARG B 184 -14.33 64.04 25.39
N ASP B 185 -14.36 63.30 24.28
CA ASP B 185 -15.15 63.76 23.14
C ASP B 185 -16.64 63.68 23.43
N LEU B 186 -17.05 62.78 24.30
CA LEU B 186 -18.46 62.73 24.68
C LEU B 186 -18.82 63.83 25.66
N THR B 187 -17.88 64.27 26.48
CA THR B 187 -18.14 65.46 27.31
C THR B 187 -18.20 66.71 26.45
N GLU B 188 -17.34 66.81 25.44
CA GLU B 188 -17.37 68.00 24.59
C GLU B 188 -18.65 68.03 23.75
N TYR B 189 -19.03 66.88 23.21
CA TYR B 189 -20.28 66.80 22.45
C TYR B 189 -21.48 67.02 23.34
N LEU B 190 -21.41 66.57 24.59
CA LEU B 190 -22.49 66.85 25.54
C LEU B 190 -22.57 68.33 25.86
N MET B 191 -21.43 69.03 25.87
CA MET B 191 -21.48 70.47 26.02
C MET B 191 -22.13 71.13 24.83
N LYS B 192 -21.91 70.63 23.62
CA LYS B 192 -22.54 71.25 22.46
C LYS B 192 -24.05 71.03 22.46
N ILE B 193 -24.52 69.85 22.84
CA ILE B 193 -25.96 69.69 22.82
C ILE B 193 -26.59 70.37 24.02
N LEU B 194 -25.85 70.58 25.09
CA LEU B 194 -26.39 71.41 26.14
C LEU B 194 -26.36 72.89 25.79
N HIS B 195 -25.46 73.32 24.89
CA HIS B 195 -25.66 74.63 24.27
C HIS B 195 -26.94 74.66 23.47
N GLU B 196 -27.35 73.52 22.90
CA GLU B 196 -28.62 73.49 22.19
C GLU B 196 -29.81 73.56 23.14
N ARG B 197 -29.71 72.96 24.33
CA ARG B 197 -30.84 73.04 25.26
C ARG B 197 -30.95 74.37 25.98
N GLY B 198 -29.84 75.07 26.19
CA GLY B 198 -29.89 76.31 26.93
C GLY B 198 -28.97 76.39 28.13
N TYR B 199 -27.89 75.63 28.12
CA TYR B 199 -26.92 75.70 29.21
C TYR B 199 -25.55 75.92 28.60
N GLY B 200 -24.78 76.80 29.21
CA GLY B 200 -23.49 77.09 28.63
C GLY B 200 -22.34 76.73 29.54
N PHE B 201 -21.62 75.68 29.17
CA PHE B 201 -20.48 75.20 29.93
C PHE B 201 -19.24 75.41 29.09
N SER B 202 -18.34 76.24 29.56
CA SER B 202 -17.20 76.64 28.74
C SER B 202 -15.86 76.38 29.40
N THR B 203 -15.77 76.52 30.72
CA THR B 203 -14.49 76.44 31.40
C THR B 203 -14.16 74.97 31.69
N SER B 204 -13.14 74.71 32.50
CA SER B 204 -12.72 73.34 32.74
C SER B 204 -13.55 72.70 33.85
N ALA B 205 -13.82 73.45 34.92
CA ALA B 205 -14.70 72.96 35.98
C ALA B 205 -16.11 72.70 35.46
N GLU B 206 -16.55 73.52 34.52
CA GLU B 206 -17.81 73.26 33.84
C GLU B 206 -17.75 71.99 33.01
N LYS B 207 -16.59 71.66 32.43
CA LYS B 207 -16.45 70.38 31.75
C LYS B 207 -16.53 69.22 32.72
N GLU B 208 -16.06 69.41 33.95
CA GLU B 208 -16.18 68.33 34.92
C GLU B 208 -17.61 68.15 35.40
N ILE B 209 -18.36 69.25 35.51
CA ILE B 209 -19.78 69.14 35.83
C ILE B 209 -20.51 68.43 34.69
N VAL B 210 -20.13 68.71 33.44
CA VAL B 210 -20.66 67.98 32.30
C VAL B 210 -20.27 66.51 32.35
N ARG B 211 -19.10 66.20 32.94
CA ARG B 211 -18.74 64.80 33.10
C ARG B 211 -19.62 64.12 34.14
N ASP B 212 -20.00 64.82 35.21
CA ASP B 212 -20.90 64.21 36.19
C ASP B 212 -22.30 64.02 35.62
N ILE B 213 -22.74 64.94 34.77
CA ILE B 213 -24.02 64.76 34.08
C ILE B 213 -23.93 63.57 33.13
N LYS B 214 -22.78 63.41 32.48
CA LYS B 214 -22.61 62.32 31.52
C LYS B 214 -22.56 60.98 32.24
N GLU B 215 -22.03 60.95 33.45
CA GLU B 215 -22.05 59.71 34.21
C GLU B 215 -23.44 59.38 34.75
N LYS B 216 -24.16 60.37 35.29
CA LYS B 216 -25.40 60.06 35.98
C LYS B 216 -26.62 59.98 35.07
N LEU B 217 -26.55 60.51 33.85
CA LEU B 217 -27.75 60.64 33.03
C LEU B 217 -27.68 59.99 31.66
N CYS B 218 -26.50 59.84 31.06
CA CYS B 218 -26.43 59.32 29.71
C CYS B 218 -26.58 57.80 29.70
N TYR B 219 -27.29 57.29 28.71
CA TYR B 219 -27.42 55.85 28.53
C TYR B 219 -27.62 55.56 27.05
N ILE B 220 -27.14 54.40 26.62
CA ILE B 220 -27.19 54.04 25.21
C ILE B 220 -28.56 53.46 24.89
N ALA B 221 -29.20 54.02 23.87
CA ALA B 221 -30.48 53.52 23.43
C ALA B 221 -30.33 52.20 22.68
N LEU B 222 -31.43 51.46 22.60
CA LEU B 222 -31.43 50.22 21.84
C LEU B 222 -31.53 50.48 20.35
N ASN B 223 -32.53 51.26 19.95
CA ASN B 223 -32.62 51.76 18.59
C ASN B 223 -32.78 53.26 18.66
N PHE B 224 -31.87 53.98 18.01
CA PHE B 224 -31.77 55.41 18.24
C PHE B 224 -32.90 56.18 17.56
N ASP B 225 -33.31 55.75 16.37
CA ASP B 225 -34.39 56.43 15.67
C ASP B 225 -35.73 56.24 16.39
N GLU B 226 -35.95 55.05 16.95
CA GLU B 226 -37.18 54.81 17.70
C GLU B 226 -37.20 55.63 18.98
N GLU B 227 -36.05 55.83 19.61
CA GLU B 227 -36.02 56.66 20.80
C GLU B 227 -36.12 58.14 20.48
N MET B 228 -35.67 58.56 19.29
CA MET B 228 -35.94 59.93 18.87
C MET B 228 -37.42 60.14 18.62
N LYS B 229 -38.07 59.20 17.93
CA LYS B 229 -39.48 59.39 17.59
C LYS B 229 -40.38 59.26 18.82
N THR B 230 -40.05 58.37 19.75
CA THR B 230 -40.80 58.32 21.00
C THR B 230 -40.44 59.46 21.93
N SER B 231 -39.24 60.03 21.79
CA SER B 231 -38.86 61.18 22.59
C SER B 231 -39.24 62.50 21.95
N GLU B 232 -39.92 62.47 20.79
CA GLU B 232 -40.59 63.66 20.31
C GLU B 232 -41.73 64.06 21.23
N GLN B 233 -42.39 63.08 21.83
CA GLN B 233 -43.44 63.29 22.83
C GLN B 233 -42.77 63.11 24.18
N SER B 234 -42.36 64.23 24.79
CA SER B 234 -41.55 64.20 26.00
C SER B 234 -42.40 63.71 27.17
N SER B 235 -42.22 62.46 27.55
CA SER B 235 -43.00 61.85 28.63
C SER B 235 -42.13 61.52 29.83
N ASP B 236 -41.11 60.69 29.65
CA ASP B 236 -40.25 60.27 30.75
C ASP B 236 -38.78 60.45 30.42
N ILE B 237 -38.46 60.90 29.20
CA ILE B 237 -37.07 61.03 28.78
C ILE B 237 -36.40 62.24 29.38
N GLU B 238 -37.18 63.19 29.90
CA GLU B 238 -36.62 64.38 30.55
C GLU B 238 -36.32 64.07 32.00
N LYS B 239 -35.11 64.42 32.44
CA LYS B 239 -34.70 64.22 33.82
C LYS B 239 -34.17 65.51 34.38
N SER B 240 -33.88 65.48 35.68
CA SER B 240 -33.39 66.63 36.41
C SER B 240 -32.04 66.31 37.02
N TYR B 241 -31.30 67.36 37.35
CA TYR B 241 -29.99 67.22 37.96
C TYR B 241 -29.71 68.47 38.77
N GLU B 242 -29.02 68.31 39.88
CA GLU B 242 -28.68 69.43 40.74
C GLU B 242 -27.19 69.70 40.69
N LEU B 243 -26.85 70.96 40.54
CA LEU B 243 -25.47 71.36 40.33
C LEU B 243 -24.82 71.66 41.67
N PRO B 244 -23.53 72.00 41.72
CA PRO B 244 -22.97 72.69 42.88
C PRO B 244 -23.34 74.16 42.98
N ASP B 245 -24.28 74.65 42.18
CA ASP B 245 -24.89 75.95 42.36
C ASP B 245 -26.29 75.85 42.94
N GLY B 246 -26.95 74.71 42.80
CA GLY B 246 -28.27 74.52 43.33
C GLY B 246 -29.38 74.63 42.33
N ASN B 247 -29.05 74.80 41.05
CA ASN B 247 -30.04 74.95 40.00
C ASN B 247 -30.58 73.58 39.58
N ILE B 248 -31.30 73.54 38.48
CA ILE B 248 -31.89 72.31 37.98
C ILE B 248 -31.59 72.19 36.49
N ILE B 249 -31.00 71.07 36.10
CA ILE B 249 -30.78 70.72 34.70
C ILE B 249 -31.89 69.78 34.28
N THR B 250 -32.55 70.09 33.17
CA THR B 250 -33.58 69.23 32.61
C THR B 250 -33.12 68.72 31.26
N VAL B 251 -32.78 67.45 31.20
CA VAL B 251 -32.26 66.86 29.97
C VAL B 251 -33.37 66.12 29.25
N GLY B 252 -33.35 66.22 27.93
CA GLY B 252 -34.35 65.61 27.07
C GLY B 252 -33.77 64.48 26.23
N ASN B 253 -33.44 64.80 24.98
CA ASN B 253 -32.77 63.84 24.11
C ASN B 253 -31.36 63.51 24.57
N GLU B 254 -30.78 64.36 25.41
CA GLU B 254 -29.35 64.30 25.70
C GLU B 254 -29.00 63.21 26.69
N ARG B 255 -29.92 62.31 26.97
CA ARG B 255 -29.56 61.10 27.66
C ARG B 255 -29.15 60.01 26.69
N PHE B 256 -29.65 60.03 25.46
CA PHE B 256 -29.38 58.92 24.55
C PHE B 256 -28.71 59.37 23.26
N ARG B 257 -28.51 60.66 23.08
CA ARG B 257 -27.67 61.12 21.99
C ARG B 257 -26.30 61.57 22.48
N CYS B 258 -26.14 61.72 23.78
CA CYS B 258 -24.85 61.85 24.46
C CYS B 258 -23.92 60.65 24.31
N PRO B 259 -24.33 59.39 24.45
CA PRO B 259 -23.39 58.30 24.14
C PRO B 259 -23.55 57.71 22.74
N GLU B 260 -24.47 58.23 21.93
CA GLU B 260 -24.69 57.70 20.59
C GLU B 260 -23.55 58.07 19.64
N ALA B 261 -22.75 59.07 20.00
CA ALA B 261 -21.58 59.43 19.21
C ALA B 261 -20.51 58.35 19.21
N LEU B 262 -20.54 57.41 20.16
CA LEU B 262 -19.67 56.25 20.09
C LEU B 262 -20.01 55.34 18.93
N PHE B 263 -21.28 55.28 18.55
CA PHE B 263 -21.73 54.35 17.52
C PHE B 263 -21.96 55.04 16.19
N GLN B 264 -22.19 56.35 16.19
CA GLN B 264 -22.32 57.12 14.96
C GLN B 264 -21.41 58.33 15.10
N PRO B 265 -20.13 58.18 14.75
CA PRO B 265 -19.16 59.25 14.99
C PRO B 265 -19.33 60.46 14.10
N SER B 266 -20.22 60.41 13.10
CA SER B 266 -20.46 61.56 12.25
C SER B 266 -21.24 62.66 12.96
N PHE B 267 -21.78 62.40 14.14
CA PHE B 267 -22.28 63.48 14.98
C PHE B 267 -21.13 64.38 15.43
N LEU B 268 -19.99 63.79 15.74
CA LEU B 268 -18.79 64.54 16.08
C LEU B 268 -18.03 65.03 14.86
N GLY B 269 -18.52 64.79 13.65
CA GLY B 269 -17.85 65.25 12.47
C GLY B 269 -16.56 64.52 12.16
N LYS B 270 -16.37 63.34 12.72
CA LYS B 270 -15.19 62.55 12.44
C LYS B 270 -15.48 61.55 11.34
N GLU B 271 -14.50 61.35 10.45
CA GLU B 271 -14.60 60.35 9.40
C GLU B 271 -14.06 59.02 9.86
N ALA B 272 -14.54 58.56 11.01
CA ALA B 272 -14.15 57.30 11.57
C ALA B 272 -15.35 56.38 11.57
N ALA B 273 -15.21 55.21 12.17
CA ALA B 273 -16.28 54.25 12.26
C ALA B 273 -16.66 54.08 13.73
N GLY B 274 -17.87 53.56 13.96
CA GLY B 274 -18.35 53.38 15.31
C GLY B 274 -17.64 52.27 16.07
N ILE B 275 -17.98 52.09 17.34
CA ILE B 275 -17.37 51.01 18.11
C ILE B 275 -17.77 49.65 17.57
N HIS B 276 -19.00 49.52 17.10
CA HIS B 276 -19.42 48.24 16.52
C HIS B 276 -18.76 47.97 15.18
N THR B 277 -18.51 49.02 14.38
CA THR B 277 -17.87 48.79 13.09
C THR B 277 -16.35 48.76 13.16
N THR B 278 -15.74 49.34 14.19
CA THR B 278 -14.31 49.11 14.35
C THR B 278 -14.05 47.79 15.05
N THR B 279 -14.97 47.34 15.90
CA THR B 279 -14.84 46.02 16.49
C THR B 279 -15.03 44.93 15.44
N PHE B 280 -16.16 44.97 14.73
CA PHE B 280 -16.42 44.01 13.67
C PHE B 280 -15.42 44.14 12.52
N ASN B 281 -14.97 45.36 12.25
CA ASN B 281 -13.92 45.58 11.27
C ASN B 281 -12.60 44.98 11.75
N SER B 282 -12.37 44.94 13.06
CA SER B 282 -11.21 44.23 13.57
C SER B 282 -11.41 42.72 13.58
N ILE B 283 -12.65 42.25 13.57
CA ILE B 283 -12.87 40.82 13.41
C ILE B 283 -12.54 40.40 11.99
N LYS B 284 -12.96 41.20 11.01
CA LYS B 284 -12.71 40.85 9.62
C LYS B 284 -11.25 40.99 9.22
N LYS B 285 -10.42 41.66 9.99
CA LYS B 285 -9.00 41.71 9.70
C LYS B 285 -8.23 40.54 10.30
N CYS B 286 -8.89 39.68 11.06
CA CYS B 286 -8.28 38.48 11.57
C CYS B 286 -8.46 37.36 10.55
N ASP B 287 -7.85 36.21 10.82
CA ASP B 287 -8.01 35.08 9.92
C ASP B 287 -9.35 34.40 10.19
N VAL B 288 -9.78 33.57 9.25
CA VAL B 288 -11.18 33.16 9.17
C VAL B 288 -11.49 31.93 10.00
N ASP B 289 -10.52 31.40 10.72
CA ASP B 289 -10.84 30.28 11.59
C ASP B 289 -11.12 30.73 13.01
N ILE B 290 -10.41 31.75 13.49
CA ILE B 290 -10.49 32.15 14.88
C ILE B 290 -11.69 33.03 15.18
N ARG B 291 -12.45 33.42 14.16
CA ARG B 291 -13.50 34.41 14.36
C ARG B 291 -14.64 33.88 15.21
N LYS B 292 -14.91 32.58 15.13
CA LYS B 292 -15.89 31.94 16.02
C LYS B 292 -15.49 32.11 17.47
N ASP B 293 -14.19 32.03 17.74
CA ASP B 293 -13.72 32.26 19.09
C ASP B 293 -13.53 33.73 19.40
N LEU B 294 -13.70 34.61 18.42
CA LEU B 294 -13.64 36.04 18.67
C LEU B 294 -15.01 36.71 18.62
N TYR B 295 -15.96 36.19 17.86
CA TYR B 295 -17.34 36.65 18.02
C TYR B 295 -17.92 36.23 19.36
N GLY B 296 -17.35 35.22 20.00
CA GLY B 296 -17.87 34.71 21.25
C GLY B 296 -17.42 35.48 22.49
N ASN B 297 -16.32 36.22 22.40
CA ASN B 297 -15.81 36.96 23.55
C ASN B 297 -15.49 38.39 23.16
N ILE B 298 -16.50 39.25 23.20
CA ILE B 298 -16.29 40.68 23.05
C ILE B 298 -16.19 41.27 24.44
N VAL B 299 -14.98 41.40 24.95
CA VAL B 299 -14.74 41.85 26.30
C VAL B 299 -14.75 43.36 26.34
N LEU B 300 -15.68 43.93 27.08
CA LEU B 300 -15.69 45.36 27.29
C LEU B 300 -14.68 45.74 28.36
N SER B 301 -14.31 47.01 28.37
CA SER B 301 -13.40 47.54 29.37
C SER B 301 -13.59 49.04 29.42
N GLY B 302 -12.87 49.69 30.34
CA GLY B 302 -12.83 51.13 30.39
C GLY B 302 -14.09 51.79 30.91
N GLY B 303 -13.98 53.04 31.32
CA GLY B 303 -15.11 53.70 31.93
C GLY B 303 -16.15 54.21 30.96
N THR B 304 -15.86 54.21 29.67
CA THR B 304 -16.82 54.65 28.67
C THR B 304 -17.69 53.49 28.18
N THR B 305 -17.62 52.34 28.84
CA THR B 305 -18.52 51.23 28.59
C THR B 305 -19.36 50.93 29.83
N MET B 306 -19.58 51.96 30.64
CA MET B 306 -20.37 51.85 31.86
C MET B 306 -21.79 52.35 31.66
N TYR B 307 -22.22 52.47 30.42
CA TYR B 307 -23.56 52.99 30.12
C TYR B 307 -24.58 51.88 30.33
N GLU B 308 -25.84 52.19 30.07
CA GLU B 308 -26.91 51.20 30.15
C GLU B 308 -27.14 50.60 28.76
N GLY B 309 -27.16 49.28 28.71
CA GLY B 309 -27.50 48.61 27.47
C GLY B 309 -26.42 48.69 26.40
N ILE B 310 -25.17 48.92 26.79
CA ILE B 310 -24.10 48.86 25.81
C ILE B 310 -23.87 47.42 25.37
N GLY B 311 -24.13 46.44 26.25
CA GLY B 311 -24.09 45.07 25.82
C GLY B 311 -25.21 44.72 24.87
N GLU B 312 -26.39 45.28 25.13
CA GLU B 312 -27.55 44.99 24.28
C GLU B 312 -27.43 45.65 22.92
N ARG B 313 -27.07 46.94 22.90
CA ARG B 313 -26.88 47.64 21.64
C ARG B 313 -25.68 47.11 20.87
N LEU B 314 -24.63 46.73 21.57
CA LEU B 314 -23.45 46.21 20.89
C LEU B 314 -23.72 44.83 20.31
N THR B 315 -24.48 44.00 21.03
CA THR B 315 -24.85 42.70 20.48
C THR B 315 -25.82 42.83 19.32
N ARG B 316 -26.74 43.78 19.34
CA ARG B 316 -27.63 43.86 18.19
C ARG B 316 -26.93 44.50 16.99
N ASP B 317 -25.95 45.36 17.21
CA ASP B 317 -25.24 45.95 16.08
C ASP B 317 -24.29 44.95 15.44
N ILE B 318 -23.50 44.25 16.27
CA ILE B 318 -22.60 43.24 15.72
C ILE B 318 -23.39 42.07 15.15
N THR B 319 -24.48 41.67 15.82
CA THR B 319 -25.34 40.60 15.31
C THR B 319 -26.00 41.01 13.99
N THR B 320 -26.26 42.31 13.80
CA THR B 320 -26.65 42.77 12.48
C THR B 320 -25.48 42.64 11.49
N LEU B 321 -24.26 42.97 11.92
CA LEU B 321 -23.14 42.94 10.99
C LEU B 321 -22.59 41.54 10.77
N ALA B 322 -22.54 40.72 11.81
CA ALA B 322 -21.95 39.40 11.71
C ALA B 322 -22.84 38.45 10.91
N PRO B 323 -22.29 37.33 10.45
CA PRO B 323 -23.17 36.25 9.96
C PRO B 323 -24.07 35.73 11.06
N SER B 324 -25.32 35.45 10.70
CA SER B 324 -26.36 35.19 11.68
C SER B 324 -26.27 33.81 12.32
N THR B 325 -25.39 32.94 11.84
CA THR B 325 -25.30 31.61 12.43
C THR B 325 -24.44 31.59 13.69
N MET B 326 -23.72 32.66 13.98
CA MET B 326 -22.88 32.72 15.17
C MET B 326 -23.51 33.63 16.22
N LYS B 327 -23.44 33.16 17.46
CA LYS B 327 -23.90 33.94 18.59
C LYS B 327 -22.83 34.94 19.00
N ILE B 328 -23.26 36.16 19.28
CA ILE B 328 -22.39 37.21 19.75
C ILE B 328 -22.58 37.33 21.25
N LYS B 329 -21.53 37.08 22.00
CA LYS B 329 -21.62 37.07 23.46
C LYS B 329 -20.65 38.12 24.00
N VAL B 330 -21.15 39.31 24.30
CA VAL B 330 -20.32 40.31 24.93
C VAL B 330 -20.12 39.93 26.39
N VAL B 331 -18.95 40.25 26.92
CA VAL B 331 -18.67 40.07 28.33
C VAL B 331 -18.53 41.45 28.93
N ALA B 332 -19.53 41.85 29.72
CA ALA B 332 -19.54 43.14 30.38
C ALA B 332 -19.50 42.87 31.88
N PRO B 333 -18.32 42.70 32.45
CA PRO B 333 -18.23 42.43 33.88
C PRO B 333 -18.45 43.69 34.67
N PRO B 334 -18.92 43.58 35.90
CA PRO B 334 -18.79 44.70 36.84
C PRO B 334 -17.33 44.90 37.18
N GLU B 335 -17.04 46.10 37.68
CA GLU B 335 -15.68 46.63 37.83
C GLU B 335 -14.90 46.59 36.53
N ARG B 336 -15.55 46.90 35.42
CA ARG B 336 -14.84 46.96 34.15
C ARG B 336 -14.06 48.24 33.99
N LYS B 337 -14.29 49.23 34.86
CA LYS B 337 -13.41 50.38 34.95
C LYS B 337 -12.01 50.02 35.38
N TYR B 338 -11.85 48.97 36.18
CA TYR B 338 -10.59 48.65 36.79
C TYR B 338 -9.97 47.41 36.17
N SER B 339 -10.56 46.91 35.09
CA SER B 339 -10.11 45.64 34.49
C SER B 339 -8.71 45.74 33.92
N VAL B 340 -8.27 46.96 33.58
CA VAL B 340 -6.86 47.15 33.30
C VAL B 340 -6.04 46.87 34.55
N TRP B 341 -6.30 47.62 35.63
CA TRP B 341 -5.45 47.60 36.81
C TRP B 341 -5.43 46.24 37.48
N ILE B 342 -6.61 45.60 37.57
CA ILE B 342 -6.70 44.28 38.15
C ILE B 342 -5.84 43.30 37.39
N GLY B 343 -5.86 43.40 36.06
CA GLY B 343 -4.97 42.57 35.26
C GLY B 343 -3.52 42.92 35.51
N GLY B 344 -3.25 44.21 35.74
CA GLY B 344 -1.91 44.63 36.10
C GLY B 344 -1.46 44.05 37.42
N SER B 345 -2.41 43.73 38.31
CA SER B 345 -2.03 42.96 39.49
C SER B 345 -1.69 41.53 39.11
N ILE B 346 -2.58 40.88 38.34
CA ILE B 346 -2.46 39.46 38.06
C ILE B 346 -1.24 39.18 37.19
N LEU B 347 -0.92 40.10 36.28
CA LEU B 347 0.31 39.99 35.51
C LEU B 347 1.54 40.17 36.39
N SER B 348 1.51 41.12 37.33
CA SER B 348 2.71 41.37 38.09
C SER B 348 2.88 40.41 39.25
N SER B 349 1.84 39.63 39.57
CA SER B 349 1.90 38.63 40.60
C SER B 349 2.18 37.24 40.04
N LEU B 350 2.92 37.15 38.95
CA LEU B 350 3.33 35.86 38.40
C LEU B 350 4.81 35.64 38.62
N SER B 351 5.23 34.39 38.40
CA SER B 351 6.64 34.02 38.54
C SER B 351 7.37 34.01 37.21
N THR B 352 6.68 33.72 36.12
CA THR B 352 7.31 33.82 34.81
C THR B 352 7.51 35.27 34.40
N PHE B 353 6.55 36.13 34.72
CA PHE B 353 6.61 37.55 34.36
C PHE B 353 7.78 38.27 35.00
N GLN B 354 8.26 37.79 36.13
CA GLN B 354 9.43 38.38 36.75
C GLN B 354 10.72 38.11 36.00
N GLN B 355 10.69 37.31 34.93
CA GLN B 355 11.81 37.22 34.02
C GLN B 355 11.76 38.28 32.92
N MET B 356 10.80 39.20 32.97
CA MET B 356 10.54 40.12 31.87
C MET B 356 10.62 41.59 32.25
N TRP B 357 11.14 41.92 33.43
CA TRP B 357 11.31 43.31 33.77
C TRP B 357 12.47 43.93 33.00
N ILE B 358 12.55 45.25 33.03
CA ILE B 358 13.66 45.98 32.45
C ILE B 358 14.45 46.57 33.62
N THR B 359 15.58 45.95 33.94
CA THR B 359 16.32 46.31 35.14
C THR B 359 17.02 47.66 34.96
N LYS B 360 17.57 48.16 36.07
CA LYS B 360 18.23 49.46 36.07
C LYS B 360 19.51 49.43 35.25
N GLU B 361 20.31 48.38 35.43
CA GLU B 361 21.57 48.27 34.70
C GLU B 361 21.35 48.02 33.20
N GLU B 362 20.21 47.46 32.82
CA GLU B 362 19.95 47.22 31.41
C GLU B 362 19.56 48.52 30.72
N TYR B 363 18.83 49.39 31.41
CA TYR B 363 18.64 50.75 30.92
C TYR B 363 19.95 51.51 30.90
N ASP B 364 20.82 51.26 31.89
CA ASP B 364 22.13 51.91 31.90
C ASP B 364 23.03 51.42 30.78
N GLU B 365 22.77 50.24 30.23
CA GLU B 365 23.49 49.78 29.04
C GLU B 365 22.87 50.31 27.75
N SER B 366 21.61 49.98 27.49
CA SER B 366 21.04 50.21 26.17
C SER B 366 20.36 51.56 26.02
N GLY B 367 20.05 52.23 27.11
CA GLY B 367 19.24 53.42 27.03
C GLY B 367 17.78 53.03 26.90
N PRO B 368 16.94 53.97 26.44
CA PRO B 368 15.50 53.68 26.34
C PRO B 368 15.13 52.69 25.26
N SER B 369 16.01 52.45 24.27
CA SER B 369 15.67 51.61 23.14
C SER B 369 15.41 50.16 23.53
N ILE B 370 15.89 49.74 24.70
CA ILE B 370 15.63 48.39 25.20
C ILE B 370 14.14 48.18 25.47
N VAL B 371 13.38 49.25 25.67
CA VAL B 371 11.95 49.12 25.88
C VAL B 371 11.27 48.73 24.57
N HIS B 372 11.89 49.05 23.44
CA HIS B 372 11.37 48.57 22.19
C HIS B 372 11.84 47.16 21.86
N ARG B 373 12.55 46.51 22.77
CA ARG B 373 12.94 45.13 22.60
C ARG B 373 12.22 44.21 23.57
N LYS B 374 11.51 44.76 24.54
CA LYS B 374 10.77 43.98 25.53
C LYS B 374 9.34 44.50 25.63
N CYS B 375 8.67 44.62 24.49
CA CYS B 375 7.27 45.02 24.46
C CYS B 375 6.50 44.27 23.38
N VAL C 6 4.28 -53.81 -10.64
CA VAL C 6 3.95 -54.84 -11.61
C VAL C 6 3.82 -54.25 -13.00
N GLN C 7 2.87 -53.34 -13.15
CA GLN C 7 2.60 -52.70 -14.44
C GLN C 7 3.69 -51.69 -14.76
N ALA C 8 4.05 -51.63 -16.04
CA ALA C 8 5.08 -50.70 -16.50
C ALA C 8 4.52 -49.28 -16.52
N LEU C 9 5.41 -48.33 -16.77
CA LEU C 9 5.08 -46.92 -16.69
C LEU C 9 5.52 -46.25 -17.99
N VAL C 10 4.57 -45.93 -18.86
CA VAL C 10 4.87 -45.53 -20.22
C VAL C 10 4.95 -44.02 -20.27
N VAL C 11 6.14 -43.49 -20.56
CA VAL C 11 6.37 -42.05 -20.60
C VAL C 11 6.80 -41.66 -22.00
N ASP C 12 6.02 -40.82 -22.65
CA ASP C 12 6.39 -40.21 -23.91
C ASP C 12 7.02 -38.87 -23.63
N ASN C 13 8.34 -38.79 -23.86
CA ASN C 13 9.07 -37.52 -23.79
C ASN C 13 8.91 -36.82 -25.13
N GLY C 14 7.73 -36.26 -25.33
CA GLY C 14 7.50 -35.48 -26.53
C GLY C 14 8.28 -34.19 -26.53
N SER C 15 8.40 -33.60 -27.72
CA SER C 15 9.11 -32.33 -27.83
C SER C 15 8.29 -31.17 -27.30
N GLY C 16 6.97 -31.30 -27.29
CA GLY C 16 6.11 -30.23 -26.83
C GLY C 16 5.04 -30.68 -25.87
N ASN C 17 4.90 -32.00 -25.69
CA ASN C 17 3.94 -32.57 -24.74
C ASN C 17 4.52 -33.85 -24.18
N VAL C 18 4.86 -33.84 -22.90
CA VAL C 18 5.06 -35.10 -22.19
C VAL C 18 3.71 -35.77 -22.03
N LYS C 19 3.60 -37.00 -22.52
CA LYS C 19 2.37 -37.77 -22.43
C LYS C 19 2.72 -39.06 -21.71
N ALA C 20 2.44 -39.13 -20.42
CA ALA C 20 2.82 -40.29 -19.63
C ALA C 20 1.61 -40.86 -18.91
N GLY C 21 1.68 -42.15 -18.64
CA GLY C 21 0.62 -42.83 -17.93
C GLY C 21 1.02 -44.26 -17.68
N VAL C 22 0.28 -44.89 -16.80
CA VAL C 22 0.53 -46.28 -16.42
C VAL C 22 0.09 -47.16 -17.57
N ALA C 23 0.80 -48.25 -17.80
CA ALA C 23 0.54 -49.17 -18.90
C ALA C 23 -0.82 -49.83 -18.75
N GLY C 24 -1.28 -50.42 -19.85
CA GLY C 24 -2.58 -51.07 -19.84
C GLY C 24 -3.74 -50.11 -19.86
N ASP C 25 -3.56 -48.93 -20.45
CA ASP C 25 -4.64 -47.96 -20.58
C ASP C 25 -4.82 -47.62 -22.06
N ASP C 26 -5.89 -46.88 -22.36
CA ASP C 26 -6.19 -46.47 -23.73
C ASP C 26 -5.88 -45.01 -24.00
N ALA C 27 -5.52 -44.25 -22.97
CA ALA C 27 -5.26 -42.83 -23.07
C ALA C 27 -4.34 -42.46 -21.91
N PRO C 28 -3.43 -41.51 -22.11
CA PRO C 28 -2.53 -41.14 -21.02
C PRO C 28 -3.27 -40.42 -19.91
N ARG C 29 -2.86 -40.69 -18.68
CA ARG C 29 -3.35 -39.92 -17.55
C ARG C 29 -2.80 -38.50 -17.56
N SER C 30 -1.56 -38.32 -18.00
CA SER C 30 -0.90 -37.03 -17.95
C SER C 30 -0.54 -36.58 -19.36
N VAL C 31 -1.21 -35.53 -19.82
CA VAL C 31 -0.88 -34.89 -21.08
C VAL C 31 -0.54 -33.46 -20.74
N PHE C 32 0.75 -33.17 -20.59
CA PHE C 32 1.13 -31.84 -20.14
C PHE C 32 2.41 -31.43 -20.83
N PRO C 33 2.59 -30.15 -21.14
CA PRO C 33 3.68 -29.77 -22.04
C PRO C 33 5.05 -29.79 -21.39
N SER C 34 6.07 -29.93 -22.22
CA SER C 34 7.46 -30.05 -21.77
C SER C 34 8.04 -28.65 -21.56
N ILE C 35 7.57 -27.99 -20.52
CA ILE C 35 7.89 -26.59 -20.29
C ILE C 35 8.50 -26.43 -18.91
N VAL C 36 9.67 -25.83 -18.84
CA VAL C 36 10.22 -25.34 -17.59
C VAL C 36 10.25 -23.82 -17.68
N GLY C 37 9.52 -23.17 -16.80
CA GLY C 37 9.43 -21.73 -16.77
C GLY C 37 10.06 -21.19 -15.49
N ARG C 38 10.79 -20.10 -15.62
CA ARG C 38 11.36 -19.46 -14.45
C ARG C 38 10.92 -18.02 -14.39
N PRO C 39 10.61 -17.51 -13.19
CA PRO C 39 10.06 -16.15 -13.10
C PRO C 39 11.09 -15.08 -13.41
N LYS C 40 10.75 -14.24 -14.38
CA LYS C 40 11.60 -13.12 -14.77
C LYS C 40 11.49 -11.96 -13.79
N ASN C 41 10.52 -12.00 -12.88
CA ASN C 41 10.25 -10.92 -11.95
C ASN C 41 10.37 -11.43 -10.53
N PRO C 42 10.90 -10.62 -9.62
CA PRO C 42 10.97 -11.05 -8.22
C PRO C 42 9.62 -10.92 -7.53
N GLY C 43 9.34 -11.89 -6.66
CA GLY C 43 8.09 -11.86 -5.92
C GLY C 43 8.10 -10.77 -4.86
N ILE C 44 6.92 -10.23 -4.59
CA ILE C 44 6.81 -9.10 -3.67
C ILE C 44 5.76 -9.34 -2.59
N MET C 45 4.87 -10.31 -2.78
CA MET C 45 3.85 -10.61 -1.78
C MET C 45 4.40 -11.66 -0.82
N VAL C 46 4.58 -11.27 0.43
CA VAL C 46 5.09 -12.18 1.45
C VAL C 46 3.96 -13.09 1.89
N GLY C 47 4.20 -14.39 1.87
CA GLY C 47 3.15 -15.35 2.14
C GLY C 47 2.76 -16.12 0.90
N MET C 48 3.75 -16.42 0.07
CA MET C 48 3.52 -17.11 -1.19
C MET C 48 4.56 -18.21 -1.33
N GLU C 49 4.41 -19.00 -2.39
CA GLU C 49 5.40 -20.00 -2.76
C GLU C 49 6.43 -19.39 -3.69
N GLU C 50 7.71 -19.64 -3.40
CA GLU C 50 8.75 -19.14 -4.29
C GLU C 50 8.81 -19.94 -5.57
N LYS C 51 9.19 -21.22 -5.47
CA LYS C 51 9.16 -22.22 -6.54
C LYS C 51 9.90 -21.74 -7.78
N ASP C 52 11.23 -21.70 -7.71
CA ASP C 52 12.05 -21.08 -8.75
C ASP C 52 11.88 -21.72 -10.13
N ALA C 53 11.45 -22.98 -10.18
CA ALA C 53 11.17 -23.63 -11.44
C ALA C 53 9.74 -24.12 -11.45
N PHE C 54 8.90 -23.49 -12.27
CA PHE C 54 7.54 -23.96 -12.52
C PHE C 54 7.58 -24.93 -13.68
N VAL C 55 7.10 -26.15 -13.45
CA VAL C 55 7.25 -27.23 -14.41
C VAL C 55 5.86 -27.69 -14.83
N GLY C 56 5.66 -27.85 -16.13
CA GLY C 56 4.47 -28.50 -16.60
C GLY C 56 3.31 -27.56 -16.86
N ASP C 57 2.11 -27.99 -16.48
CA ASP C 57 0.91 -27.23 -16.83
C ASP C 57 0.76 -25.99 -15.97
N GLU C 58 1.31 -26.01 -14.75
CA GLU C 58 1.30 -24.81 -13.91
C GLU C 58 2.14 -23.70 -14.53
N ALA C 59 3.22 -24.08 -15.22
CA ALA C 59 4.02 -23.10 -15.94
C ALA C 59 3.28 -22.50 -17.12
N GLN C 60 2.30 -23.21 -17.67
CA GLN C 60 1.53 -22.64 -18.75
C GLN C 60 0.34 -21.83 -18.25
N THR C 61 -0.22 -22.17 -17.09
CA THR C 61 -1.27 -21.33 -16.52
C THR C 61 -0.74 -20.04 -15.93
N LYS C 62 0.56 -19.93 -15.69
CA LYS C 62 1.15 -18.68 -15.21
C LYS C 62 2.08 -18.10 -16.27
N ARG C 63 1.69 -18.20 -17.54
CA ARG C 63 2.61 -17.93 -18.63
C ARG C 63 2.97 -16.45 -18.77
N GLY C 64 2.21 -15.54 -18.16
CA GLY C 64 2.47 -14.13 -18.37
C GLY C 64 3.63 -13.60 -17.56
N ILE C 65 4.07 -14.33 -16.56
CA ILE C 65 5.11 -13.88 -15.64
C ILE C 65 6.30 -14.83 -15.65
N LEU C 66 6.46 -15.62 -16.70
CA LEU C 66 7.49 -16.64 -16.74
C LEU C 66 8.25 -16.61 -18.05
N THR C 67 9.55 -16.85 -17.95
CA THR C 67 10.35 -17.24 -19.10
C THR C 67 10.16 -18.73 -19.31
N LEU C 68 9.40 -19.09 -20.35
CA LEU C 68 9.03 -20.51 -20.58
C LEU C 68 9.97 -21.13 -21.61
N LYS C 69 10.81 -22.07 -21.19
CA LYS C 69 11.82 -22.68 -22.11
C LYS C 69 11.57 -24.18 -22.23
N TYR C 70 11.48 -24.70 -23.46
CA TYR C 70 11.34 -26.16 -23.66
C TYR C 70 12.74 -26.76 -23.76
N PRO C 71 13.09 -27.84 -22.96
CA PRO C 71 14.39 -28.52 -22.96
C PRO C 71 14.61 -29.43 -24.16
N ILE C 72 13.65 -29.55 -25.07
CA ILE C 72 13.75 -30.45 -26.20
C ILE C 72 13.79 -29.63 -27.47
N GLU C 73 14.98 -29.49 -28.04
CA GLU C 73 15.16 -28.88 -29.35
C GLU C 73 15.42 -30.01 -30.34
N HIS C 74 14.41 -30.30 -31.16
CA HIS C 74 14.47 -31.31 -32.22
C HIS C 74 14.78 -32.69 -31.68
N GLY C 75 13.97 -33.13 -30.71
CA GLY C 75 14.09 -34.46 -30.15
C GLY C 75 15.33 -34.69 -29.33
N ILE C 76 16.05 -33.63 -28.96
CA ILE C 76 17.34 -33.73 -28.30
C ILE C 76 17.32 -32.84 -27.07
N VAL C 77 17.69 -33.42 -25.93
CA VAL C 77 17.69 -32.66 -24.70
C VAL C 77 18.85 -31.69 -24.72
N THR C 78 18.55 -30.39 -24.66
CA THR C 78 19.59 -29.39 -24.60
C THR C 78 19.91 -28.94 -23.18
N ASN C 79 19.08 -29.30 -22.20
CA ASN C 79 19.32 -28.91 -20.82
C ASN C 79 18.82 -30.04 -19.93
N TRP C 80 19.75 -30.76 -19.31
CA TRP C 80 19.38 -31.96 -18.59
C TRP C 80 18.78 -31.66 -17.22
N ASP C 81 19.04 -30.49 -16.66
CA ASP C 81 18.41 -30.13 -15.40
C ASP C 81 16.93 -29.88 -15.59
N ASP C 82 16.57 -29.24 -16.70
CA ASP C 82 15.16 -29.01 -17.01
C ASP C 82 14.44 -30.32 -17.30
N MET C 83 15.10 -31.24 -18.01
CA MET C 83 14.48 -32.51 -18.32
C MET C 83 14.36 -33.37 -17.07
N GLU C 84 15.31 -33.24 -16.15
CA GLU C 84 15.20 -33.95 -14.88
C GLU C 84 14.09 -33.38 -14.02
N LYS C 85 13.85 -32.07 -14.10
CA LYS C 85 12.71 -31.49 -13.41
C LYS C 85 11.39 -31.94 -14.02
N ILE C 86 11.35 -32.12 -15.34
CA ILE C 86 10.11 -32.57 -15.96
C ILE C 86 9.84 -34.03 -15.63
N TRP C 87 10.89 -34.85 -15.61
CA TRP C 87 10.69 -36.24 -15.18
C TRP C 87 10.33 -36.34 -13.71
N HIS C 88 10.89 -35.46 -12.88
CA HIS C 88 10.57 -35.48 -11.46
C HIS C 88 9.12 -35.08 -11.21
N HIS C 89 8.67 -34.03 -11.90
CA HIS C 89 7.27 -33.64 -11.84
C HIS C 89 6.35 -34.71 -12.40
N THR C 90 6.78 -35.39 -13.46
CA THR C 90 5.96 -36.41 -14.10
C THR C 90 5.75 -37.60 -13.19
N PHE C 91 6.84 -38.11 -12.62
CA PHE C 91 6.75 -39.27 -11.75
C PHE C 91 6.09 -38.93 -10.42
N TYR C 92 6.65 -37.97 -9.71
CA TYR C 92 6.17 -37.75 -8.35
C TYR C 92 4.94 -36.86 -8.28
N ASN C 93 4.87 -35.79 -9.05
CA ASN C 93 3.84 -34.80 -8.82
C ASN C 93 2.62 -34.97 -9.71
N GLU C 94 2.71 -35.72 -10.80
CA GLU C 94 1.59 -35.83 -11.72
C GLU C 94 1.05 -37.24 -11.83
N LEU C 95 1.89 -38.23 -12.12
CA LEU C 95 1.44 -39.61 -12.09
C LEU C 95 1.25 -40.14 -10.68
N ARG C 96 1.94 -39.54 -9.71
CA ARG C 96 1.88 -39.91 -8.29
C ARG C 96 2.26 -41.36 -8.05
N ALA C 97 3.18 -41.88 -8.85
CA ALA C 97 3.68 -43.24 -8.69
C ALA C 97 5.20 -43.18 -8.62
N ALA C 98 5.76 -43.93 -7.68
CA ALA C 98 7.19 -43.90 -7.49
C ALA C 98 7.90 -44.65 -8.61
N PRO C 99 9.10 -44.21 -9.00
CA PRO C 99 9.85 -44.94 -10.02
C PRO C 99 10.37 -46.28 -9.55
N GLU C 100 10.55 -46.48 -8.25
CA GLU C 100 10.99 -47.77 -7.75
C GLU C 100 9.91 -48.84 -7.85
N GLU C 101 8.65 -48.43 -7.95
CA GLU C 101 7.55 -49.37 -7.96
C GLU C 101 7.33 -50.01 -9.32
N HIS C 102 7.76 -49.36 -10.40
CA HIS C 102 7.38 -49.76 -11.74
C HIS C 102 8.58 -49.68 -12.67
N PRO C 103 8.57 -50.45 -13.75
CA PRO C 103 9.49 -50.19 -14.85
C PRO C 103 8.98 -49.04 -15.71
N VAL C 104 9.92 -48.25 -16.23
CA VAL C 104 9.57 -47.11 -17.06
C VAL C 104 9.91 -47.45 -18.51
N LEU C 105 9.10 -46.94 -19.43
CA LEU C 105 9.29 -47.16 -20.86
C LEU C 105 9.40 -45.81 -21.53
N LEU C 106 10.62 -45.30 -21.67
CA LEU C 106 10.82 -44.04 -22.33
C LEU C 106 10.77 -44.24 -23.83
N THR C 107 10.71 -43.15 -24.58
CA THR C 107 10.69 -43.27 -26.02
C THR C 107 11.59 -42.20 -26.63
N GLU C 108 11.91 -42.37 -27.91
CA GLU C 108 13.08 -41.69 -28.52
C GLU C 108 12.89 -41.56 -30.03
N ALA C 109 13.08 -40.34 -30.57
CA ALA C 109 12.98 -40.11 -32.02
C ALA C 109 14.18 -40.77 -32.71
N PRO C 110 14.01 -41.61 -33.80
CA PRO C 110 15.08 -42.20 -34.60
C PRO C 110 16.14 -41.20 -34.97
N LEU C 111 17.37 -41.71 -35.10
CA LEU C 111 18.58 -40.94 -35.37
C LEU C 111 18.81 -39.86 -34.33
N ASN C 112 18.41 -40.13 -33.11
CA ASN C 112 18.77 -39.33 -31.96
C ASN C 112 20.22 -39.64 -31.61
N PRO C 113 21.03 -38.64 -31.27
CA PRO C 113 22.41 -38.91 -30.86
C PRO C 113 22.50 -39.79 -29.63
N LYS C 114 23.64 -40.47 -29.51
CA LYS C 114 23.86 -41.46 -28.46
C LYS C 114 23.89 -40.86 -27.07
N GLY C 115 24.23 -39.57 -26.96
CA GLY C 115 24.29 -38.94 -25.66
C GLY C 115 22.94 -38.81 -24.97
N ASN C 116 21.87 -38.78 -25.76
CA ASN C 116 20.54 -38.77 -25.18
C ASN C 116 20.19 -40.12 -24.57
N ARG C 117 20.57 -41.22 -25.22
CA ARG C 117 20.33 -42.52 -24.61
C ARG C 117 21.20 -42.74 -23.39
N GLU C 118 22.50 -42.47 -23.51
CA GLU C 118 23.42 -42.76 -22.40
C GLU C 118 23.16 -41.86 -21.21
N ARG C 119 22.99 -40.57 -21.46
CA ARG C 119 22.67 -39.65 -20.38
C ARG C 119 21.27 -39.89 -19.84
N MET C 120 20.34 -40.34 -20.70
CA MET C 120 18.97 -40.59 -20.28
C MET C 120 18.87 -41.79 -19.34
N THR C 121 19.49 -42.90 -19.71
CA THR C 121 19.46 -44.07 -18.84
C THR C 121 20.36 -43.89 -17.62
N GLN C 122 21.40 -43.07 -17.75
CA GLN C 122 22.20 -42.71 -16.59
C GLN C 122 21.38 -41.92 -15.58
N ILE C 123 20.49 -41.05 -16.05
CA ILE C 123 19.58 -40.36 -15.16
C ILE C 123 18.59 -41.34 -14.55
N MET C 124 18.00 -42.20 -15.38
CA MET C 124 16.94 -43.06 -14.88
C MET C 124 17.45 -44.22 -14.03
N PHE C 125 18.75 -44.47 -13.96
CA PHE C 125 19.23 -45.42 -12.97
C PHE C 125 19.97 -44.78 -11.82
N GLU C 126 20.59 -43.61 -12.02
CA GLU C 126 21.29 -42.96 -10.93
C GLU C 126 20.40 -42.01 -10.15
N SER C 127 19.74 -41.07 -10.83
CA SER C 127 18.88 -40.11 -10.14
C SER C 127 17.60 -40.78 -9.66
N PHE C 128 16.79 -41.27 -10.59
CA PHE C 128 15.66 -42.11 -10.23
C PHE C 128 16.17 -43.54 -10.07
N ASN C 129 15.57 -44.28 -9.15
CA ASN C 129 15.97 -45.65 -8.92
C ASN C 129 14.97 -46.57 -9.60
N VAL C 130 15.06 -46.64 -10.92
CA VAL C 130 14.14 -47.45 -11.71
C VAL C 130 14.70 -48.88 -11.77
N PRO C 131 13.87 -49.90 -11.53
CA PRO C 131 14.40 -51.28 -11.64
C PRO C 131 14.76 -51.68 -13.05
N ALA C 132 13.93 -51.35 -14.04
CA ALA C 132 14.19 -51.79 -15.40
C ALA C 132 13.57 -50.80 -16.37
N MET C 133 14.21 -50.65 -17.53
CA MET C 133 13.79 -49.63 -18.47
C MET C 133 14.23 -49.95 -19.89
N TYR C 134 13.28 -49.94 -20.80
CA TYR C 134 13.55 -49.98 -22.23
C TYR C 134 13.22 -48.63 -22.82
N VAL C 135 14.08 -48.14 -23.70
CA VAL C 135 13.76 -46.97 -24.51
C VAL C 135 13.45 -47.45 -25.91
N ALA C 136 12.62 -46.69 -26.62
CA ALA C 136 12.06 -47.21 -27.85
C ALA C 136 11.89 -46.09 -28.86
N ILE C 137 11.55 -46.48 -30.09
CA ILE C 137 11.32 -45.56 -31.19
C ILE C 137 9.84 -45.19 -31.22
N GLN C 138 9.58 -43.89 -31.39
CA GLN C 138 8.20 -43.41 -31.40
C GLN C 138 7.40 -43.97 -32.57
N ALA C 139 8.06 -44.15 -33.71
CA ALA C 139 7.36 -44.57 -34.92
C ALA C 139 6.92 -46.02 -34.85
N VAL C 140 7.78 -46.91 -34.34
CA VAL C 140 7.42 -48.32 -34.28
C VAL C 140 6.32 -48.52 -33.24
N LEU C 141 6.26 -47.67 -32.22
CA LEU C 141 5.19 -47.73 -31.24
C LEU C 141 3.87 -47.25 -31.84
N SER C 142 3.93 -46.22 -32.68
CA SER C 142 2.73 -45.81 -33.40
C SER C 142 2.26 -46.88 -34.36
N LEU C 143 3.17 -47.70 -34.86
CA LEU C 143 2.72 -48.79 -35.71
C LEU C 143 2.21 -49.97 -34.91
N TYR C 144 2.63 -50.12 -33.63
CA TYR C 144 1.91 -51.04 -32.75
C TYR C 144 0.48 -50.59 -32.54
N SER C 145 0.29 -49.33 -32.20
CA SER C 145 -1.05 -48.85 -31.93
C SER C 145 -1.89 -48.72 -33.20
N SER C 146 -1.26 -48.75 -34.37
CA SER C 146 -2.00 -48.68 -35.61
C SER C 146 -2.79 -49.93 -35.91
N GLY C 147 -2.44 -51.05 -35.27
CA GLY C 147 -3.10 -52.31 -35.54
C GLY C 147 -2.53 -53.07 -36.71
N ARG C 148 -1.34 -52.71 -37.17
CA ARG C 148 -0.71 -53.34 -38.32
C ARG C 148 0.70 -53.75 -37.98
N THR C 149 1.34 -54.46 -38.91
CA THR C 149 2.77 -54.74 -38.83
C THR C 149 3.47 -54.41 -40.14
N THR C 150 2.81 -53.67 -41.02
CA THR C 150 3.41 -53.32 -42.31
C THR C 150 2.91 -51.95 -42.70
N GLY C 151 3.80 -50.98 -42.74
CA GLY C 151 3.40 -49.65 -43.16
C GLY C 151 4.51 -48.67 -42.94
N ILE C 152 4.25 -47.45 -43.35
CA ILE C 152 5.16 -46.33 -43.19
C ILE C 152 4.57 -45.40 -42.16
N VAL C 153 5.34 -45.12 -41.12
CA VAL C 153 4.95 -44.11 -40.15
C VAL C 153 5.65 -42.83 -40.50
N LEU C 154 4.90 -41.77 -40.74
CA LEU C 154 5.49 -40.44 -40.73
C LEU C 154 5.05 -39.78 -39.43
N ASP C 155 6.01 -39.56 -38.55
CA ASP C 155 5.77 -38.87 -37.30
C ASP C 155 6.03 -37.39 -37.51
N SER C 156 5.32 -36.56 -36.75
CA SER C 156 5.57 -35.12 -36.81
C SER C 156 5.12 -34.55 -35.47
N GLY C 157 6.07 -34.32 -34.59
CA GLY C 157 5.75 -33.74 -33.31
C GLY C 157 6.06 -32.27 -33.25
N ASP C 158 6.86 -31.87 -32.27
CA ASP C 158 7.39 -30.52 -32.21
C ASP C 158 8.88 -30.47 -32.42
N GLY C 159 9.53 -31.60 -32.58
CA GLY C 159 10.94 -31.54 -32.86
C GLY C 159 11.35 -32.26 -34.12
N VAL C 160 10.56 -33.27 -34.48
CA VAL C 160 10.97 -34.25 -35.47
C VAL C 160 9.90 -34.42 -36.53
N SER C 161 10.24 -35.13 -37.59
CA SER C 161 9.24 -35.66 -38.51
C SER C 161 9.83 -36.91 -39.12
N HIS C 162 9.51 -38.07 -38.55
CA HIS C 162 10.13 -39.31 -38.97
C HIS C 162 9.39 -39.89 -40.16
N THR C 163 10.08 -40.79 -40.85
CA THR C 163 9.43 -41.62 -41.84
C THR C 163 10.10 -42.98 -41.74
N VAL C 164 9.54 -43.85 -40.89
CA VAL C 164 10.09 -45.17 -40.65
C VAL C 164 9.23 -46.19 -41.37
N PRO C 165 9.75 -46.89 -42.37
CA PRO C 165 9.00 -47.98 -42.99
C PRO C 165 9.29 -49.30 -42.29
N ILE C 166 8.25 -50.11 -42.15
CA ILE C 166 8.37 -51.45 -41.59
C ILE C 166 7.60 -52.40 -42.49
N TYR C 167 8.27 -53.44 -42.98
CA TYR C 167 7.61 -54.48 -43.75
C TYR C 167 7.61 -55.77 -42.95
N GLU C 168 6.45 -56.11 -42.39
CA GLU C 168 6.20 -57.39 -41.72
C GLU C 168 7.15 -57.63 -40.56
N GLY C 169 7.27 -56.63 -39.69
CA GLY C 169 8.01 -56.82 -38.46
C GLY C 169 9.48 -56.56 -38.56
N TYR C 170 9.98 -56.17 -39.73
CA TYR C 170 11.40 -55.91 -39.93
C TYR C 170 11.60 -54.45 -40.23
N ALA C 171 12.41 -53.79 -39.41
CA ALA C 171 12.75 -52.40 -39.64
C ALA C 171 13.64 -52.28 -40.88
N LEU C 172 13.67 -51.08 -41.44
CA LEU C 172 14.51 -50.79 -42.60
C LEU C 172 15.40 -49.61 -42.22
N PRO C 173 16.52 -49.87 -41.52
CA PRO C 173 17.32 -48.76 -41.00
C PRO C 173 18.09 -47.98 -42.05
N HIS C 174 18.14 -48.45 -43.28
CA HIS C 174 18.69 -47.66 -44.37
C HIS C 174 17.64 -46.80 -45.04
N ALA C 175 16.41 -46.81 -44.54
CA ALA C 175 15.35 -46.00 -45.10
C ALA C 175 14.65 -45.12 -44.09
N ILE C 176 15.16 -45.02 -42.86
CA ILE C 176 14.61 -44.09 -41.90
C ILE C 176 15.10 -42.69 -42.26
N MET C 177 14.17 -41.84 -42.68
CA MET C 177 14.51 -40.46 -43.01
C MET C 177 13.78 -39.52 -42.07
N ARG C 178 14.55 -38.80 -41.26
CA ARG C 178 13.97 -37.83 -40.35
C ARG C 178 14.04 -36.46 -41.00
N LEU C 179 13.29 -35.54 -40.42
CA LEU C 179 13.11 -34.21 -40.97
C LEU C 179 12.85 -33.25 -39.83
N ASP C 180 13.55 -32.11 -39.83
CA ASP C 180 13.41 -31.13 -38.77
C ASP C 180 12.36 -30.07 -39.13
N LEU C 181 11.18 -30.54 -39.49
CA LEU C 181 10.02 -29.70 -39.70
C LEU C 181 8.91 -30.20 -38.79
N ALA C 182 8.41 -29.32 -37.95
CA ALA C 182 7.48 -29.77 -36.94
C ALA C 182 6.62 -28.62 -36.48
N GLY C 183 5.92 -28.79 -35.36
CA GLY C 183 5.01 -27.75 -34.89
C GLY C 183 5.70 -26.48 -34.45
N ARG C 184 6.94 -26.58 -33.99
CA ARG C 184 7.61 -25.37 -33.49
C ARG C 184 8.07 -24.48 -34.63
N ASP C 185 8.53 -25.07 -35.73
CA ASP C 185 8.86 -24.26 -36.90
C ASP C 185 7.61 -23.69 -37.55
N LEU C 186 6.48 -24.36 -37.40
CA LEU C 186 5.24 -23.79 -37.92
C LEU C 186 4.70 -22.69 -37.03
N THR C 187 4.97 -22.74 -35.72
CA THR C 187 4.62 -21.61 -34.88
C THR C 187 5.52 -20.42 -35.16
N GLU C 188 6.80 -20.67 -35.42
CA GLU C 188 7.70 -19.56 -35.71
C GLU C 188 7.37 -18.92 -37.05
N TYR C 189 7.09 -19.76 -38.05
CA TYR C 189 6.69 -19.24 -39.35
C TYR C 189 5.35 -18.54 -39.28
N LEU C 190 4.44 -19.04 -38.43
CA LEU C 190 3.17 -18.36 -38.23
C LEU C 190 3.37 -17.02 -37.57
N MET C 191 4.37 -16.89 -36.69
CA MET C 191 4.69 -15.58 -36.14
C MET C 191 5.22 -14.65 -37.22
N LYS C 192 5.99 -15.15 -38.18
CA LYS C 192 6.48 -14.25 -39.22
C LYS C 192 5.38 -13.78 -40.15
N ILE C 193 4.43 -14.65 -40.48
CA ILE C 193 3.39 -14.16 -41.37
C ILE C 193 2.39 -13.31 -40.59
N LEU C 194 2.28 -13.51 -39.29
CA LEU C 194 1.48 -12.57 -38.53
C LEU C 194 2.20 -11.24 -38.31
N HIS C 195 3.54 -11.22 -38.36
CA HIS C 195 4.21 -9.93 -38.52
C HIS C 195 3.84 -9.29 -39.84
N GLU C 196 3.57 -10.11 -40.86
CA GLU C 196 3.14 -9.54 -42.14
C GLU C 196 1.71 -8.99 -42.06
N ARG C 197 0.82 -9.63 -41.30
CA ARG C 197 -0.54 -9.10 -41.19
C ARG C 197 -0.66 -7.89 -40.29
N GLY C 198 0.20 -7.77 -39.29
CA GLY C 198 0.07 -6.67 -38.35
C GLY C 198 -0.05 -7.06 -36.90
N TYR C 199 0.47 -8.22 -36.53
CA TYR C 199 0.47 -8.63 -35.14
C TYR C 199 1.90 -9.01 -34.76
N GLY C 200 2.31 -8.60 -33.57
CA GLY C 200 3.67 -8.87 -33.20
C GLY C 200 3.77 -9.74 -31.97
N PHE C 201 4.18 -10.99 -32.18
CA PHE C 201 4.33 -11.95 -31.11
C PHE C 201 5.80 -12.28 -30.99
N SER C 202 6.40 -11.96 -29.85
CA SER C 202 7.84 -12.07 -29.70
C SER C 202 8.26 -12.93 -28.53
N THR C 203 7.52 -12.90 -27.43
CA THR C 203 7.94 -13.57 -26.21
C THR C 203 7.53 -15.04 -26.27
N SER C 204 7.65 -15.76 -25.15
CA SER C 204 7.34 -17.19 -25.17
C SER C 204 5.85 -17.44 -25.00
N ALA C 205 5.20 -16.70 -24.10
CA ALA C 205 3.76 -16.79 -23.94
C ALA C 205 3.04 -16.39 -25.22
N GLU C 206 3.59 -15.41 -25.93
CA GLU C 206 3.07 -15.05 -27.24
C GLU C 206 3.25 -16.19 -28.24
N LYS C 207 4.32 -16.96 -28.12
CA LYS C 207 4.46 -18.14 -28.97
C LYS C 207 3.42 -19.19 -28.64
N GLU C 208 3.01 -19.28 -27.38
CA GLU C 208 1.97 -20.24 -27.06
C GLU C 208 0.60 -19.78 -27.54
N ILE C 209 0.35 -18.48 -27.54
CA ILE C 209 -0.88 -17.96 -28.14
C ILE C 209 -0.88 -18.22 -29.65
N VAL C 210 0.29 -18.08 -30.28
CA VAL C 210 0.43 -18.45 -31.69
C VAL C 210 0.21 -19.93 -31.89
N ARG C 211 0.54 -20.76 -30.89
CA ARG C 211 0.25 -22.19 -31.01
C ARG C 211 -1.24 -22.45 -30.93
N ASP C 212 -1.97 -21.70 -30.10
CA ASP C 212 -3.42 -21.89 -30.06
C ASP C 212 -4.09 -21.42 -31.33
N ILE C 213 -3.56 -20.35 -31.95
CA ILE C 213 -4.07 -19.93 -33.26
C ILE C 213 -3.77 -20.99 -34.31
N LYS C 214 -2.59 -21.62 -34.21
CA LYS C 214 -2.20 -22.63 -35.18
C LYS C 214 -3.05 -23.87 -35.04
N GLU C 215 -3.47 -24.20 -33.82
CA GLU C 215 -4.37 -25.32 -33.64
C GLU C 215 -5.78 -25.02 -34.12
N LYS C 216 -6.32 -23.85 -33.80
CA LYS C 216 -7.73 -23.61 -34.08
C LYS C 216 -8.01 -23.11 -35.49
N LEU C 217 -7.01 -22.60 -36.20
CA LEU C 217 -7.28 -21.92 -37.47
C LEU C 217 -6.55 -22.47 -38.67
N CYS C 218 -5.39 -23.10 -38.51
CA CYS C 218 -4.63 -23.54 -39.67
C CYS C 218 -5.20 -24.83 -40.24
N TYR C 219 -5.22 -24.92 -41.57
CA TYR C 219 -5.65 -26.15 -42.22
C TYR C 219 -4.92 -26.26 -43.56
N ILE C 220 -4.67 -27.49 -43.99
CA ILE C 220 -3.90 -27.73 -45.20
C ILE C 220 -4.82 -27.63 -46.40
N ALA C 221 -4.44 -26.80 -47.35
CA ALA C 221 -5.20 -26.65 -48.58
C ALA C 221 -5.02 -27.87 -49.48
N LEU C 222 -5.97 -28.05 -50.40
CA LEU C 222 -5.87 -29.13 -51.37
C LEU C 222 -4.90 -28.77 -52.48
N ASN C 223 -5.09 -27.62 -53.10
CA ASN C 223 -4.12 -27.07 -54.04
C ASN C 223 -3.81 -25.66 -53.60
N PHE C 224 -2.53 -25.39 -53.35
CA PHE C 224 -2.15 -24.16 -52.67
C PHE C 224 -2.27 -22.94 -53.58
N ASP C 225 -1.92 -23.10 -54.86
CA ASP C 225 -2.01 -21.97 -55.78
C ASP C 225 -3.46 -21.59 -56.05
N GLU C 226 -4.34 -22.58 -56.12
CA GLU C 226 -5.76 -22.29 -56.32
C GLU C 226 -6.35 -21.59 -55.09
N GLU C 227 -5.90 -21.95 -53.90
CA GLU C 227 -6.38 -21.28 -52.71
C GLU C 227 -5.78 -19.89 -52.54
N MET C 228 -4.58 -19.66 -53.07
CA MET C 228 -4.05 -18.30 -53.11
C MET C 228 -4.86 -17.44 -54.06
N LYS C 229 -5.17 -17.96 -55.25
CA LYS C 229 -5.86 -17.16 -56.24
C LYS C 229 -7.33 -16.93 -55.86
N THR C 230 -7.98 -17.92 -55.26
CA THR C 230 -9.32 -17.68 -54.75
C THR C 230 -9.31 -16.87 -53.46
N SER C 231 -8.21 -16.88 -52.72
CA SER C 231 -8.10 -16.06 -51.52
C SER C 231 -7.54 -14.68 -51.81
N GLU C 232 -7.28 -14.36 -53.08
CA GLU C 232 -7.06 -12.96 -53.45
C GLU C 232 -8.32 -12.14 -53.26
N GLN C 233 -9.48 -12.75 -53.49
CA GLN C 233 -10.78 -12.15 -53.26
C GLN C 233 -11.25 -12.66 -51.90
N SER C 234 -11.02 -11.87 -50.86
CA SER C 234 -11.24 -12.31 -49.48
C SER C 234 -12.73 -12.41 -49.21
N SER C 235 -13.25 -13.65 -49.24
CA SER C 235 -14.67 -13.89 -49.05
C SER C 235 -14.95 -14.62 -47.75
N ASP C 236 -14.38 -15.81 -47.56
CA ASP C 236 -14.62 -16.61 -46.38
C ASP C 236 -13.32 -17.09 -45.74
N ILE C 237 -12.19 -16.77 -46.35
CA ILE C 237 -10.91 -17.25 -45.84
C ILE C 237 -10.45 -16.49 -44.61
N GLU C 238 -11.03 -15.31 -44.36
CA GLU C 238 -10.68 -14.53 -43.18
C GLU C 238 -11.51 -15.01 -42.00
N LYS C 239 -10.85 -15.26 -40.88
CA LYS C 239 -11.52 -15.67 -39.65
C LYS C 239 -11.10 -14.78 -38.51
N SER C 240 -11.75 -14.98 -37.38
CA SER C 240 -11.52 -14.21 -36.17
C SER C 240 -11.08 -15.12 -35.04
N TYR C 241 -10.44 -14.52 -34.05
CA TYR C 241 -9.97 -15.26 -32.89
C TYR C 241 -9.90 -14.29 -31.72
N GLU C 242 -10.19 -14.79 -30.52
CA GLU C 242 -10.17 -13.98 -29.33
C GLU C 242 -9.02 -14.39 -28.44
N LEU C 243 -8.27 -13.42 -27.97
CA LEU C 243 -7.06 -13.64 -27.21
C LEU C 243 -7.38 -13.73 -25.72
N PRO C 244 -6.40 -14.00 -24.86
CA PRO C 244 -6.55 -13.69 -23.44
C PRO C 244 -6.41 -12.21 -23.09
N ASP C 245 -6.40 -11.32 -24.09
CA ASP C 245 -6.53 -9.89 -23.89
C ASP C 245 -7.92 -9.39 -24.27
N GLY C 246 -8.63 -10.11 -25.10
CA GLY C 246 -9.97 -9.72 -25.51
C GLY C 246 -10.05 -9.07 -26.87
N ASN C 247 -8.95 -9.01 -27.59
CA ASN C 247 -8.91 -8.39 -28.91
C ASN C 247 -9.44 -9.36 -29.96
N ILE C 248 -9.24 -9.03 -31.24
CA ILE C 248 -9.72 -9.85 -32.34
C ILE C 248 -8.57 -10.03 -33.33
N ILE C 249 -8.26 -11.27 -33.66
CA ILE C 249 -7.32 -11.62 -34.70
C ILE C 249 -8.12 -11.95 -35.95
N THR C 250 -7.76 -11.35 -37.07
CA THR C 250 -8.38 -11.62 -38.35
C THR C 250 -7.35 -12.22 -39.28
N VAL C 251 -7.46 -13.51 -39.55
CA VAL C 251 -6.50 -14.21 -40.36
C VAL C 251 -7.04 -14.35 -41.79
N GLY C 252 -6.13 -14.22 -42.75
CA GLY C 252 -6.47 -14.29 -44.15
C GLY C 252 -5.88 -15.51 -44.82
N ASN C 253 -4.73 -15.33 -45.49
CA ASN C 253 -4.01 -16.44 -46.09
C ASN C 253 -3.43 -17.37 -45.05
N GLU C 254 -3.30 -16.92 -43.80
CA GLU C 254 -2.51 -17.60 -42.79
C GLU C 254 -3.25 -18.79 -42.19
N ARG C 255 -4.35 -19.19 -42.79
CA ARG C 255 -4.93 -20.46 -42.43
C ARG C 255 -4.36 -21.58 -43.28
N PHE C 256 -3.90 -21.29 -44.49
CA PHE C 256 -3.47 -22.36 -45.38
C PHE C 256 -2.03 -22.20 -45.85
N ARG C 257 -1.37 -21.13 -45.47
CA ARG C 257 0.06 -21.03 -45.68
C ARG C 257 0.83 -21.26 -44.39
N CYS C 258 0.17 -21.26 -43.26
CA CYS C 258 0.65 -21.74 -41.97
C CYS C 258 1.03 -23.22 -41.94
N PRO C 259 0.25 -24.17 -42.47
CA PRO C 259 0.78 -25.54 -42.52
C PRO C 259 1.38 -25.95 -43.86
N GLU C 260 1.42 -25.04 -44.84
CA GLU C 260 1.97 -25.35 -46.15
C GLU C 260 3.49 -25.49 -46.10
N ALA C 261 4.13 -24.97 -45.06
CA ALA C 261 5.57 -25.12 -44.90
C ALA C 261 5.97 -26.57 -44.64
N LEU C 262 5.04 -27.43 -44.22
CA LEU C 262 5.34 -28.85 -44.15
C LEU C 262 5.56 -29.47 -45.52
N PHE C 263 4.90 -28.94 -46.55
CA PHE C 263 4.97 -29.52 -47.88
C PHE C 263 5.88 -28.75 -48.80
N GLN C 264 6.12 -27.48 -48.52
CA GLN C 264 7.07 -26.67 -49.29
C GLN C 264 7.99 -26.01 -48.27
N PRO C 265 9.06 -26.68 -47.87
CA PRO C 265 9.92 -26.16 -46.80
C PRO C 265 10.76 -24.96 -47.20
N SER C 266 10.76 -24.59 -48.47
CA SER C 266 11.51 -23.41 -48.89
C SER C 266 10.86 -22.11 -48.44
N PHE C 267 9.63 -22.16 -47.93
CA PHE C 267 9.08 -21.01 -47.23
C PHE C 267 9.86 -20.72 -45.96
N LEU C 268 10.28 -21.77 -45.26
CA LEU C 268 11.13 -21.64 -44.09
C LEU C 268 12.60 -21.49 -44.43
N GLY C 269 12.96 -21.43 -45.70
CA GLY C 269 14.34 -21.26 -46.08
C GLY C 269 15.21 -22.47 -45.82
N LYS C 270 14.62 -23.64 -45.65
CA LYS C 270 15.37 -24.86 -45.46
C LYS C 270 15.57 -25.58 -46.79
N GLU C 271 16.75 -26.15 -46.96
CA GLU C 271 17.05 -26.95 -48.15
C GLU C 271 16.71 -28.41 -47.91
N ALA C 272 15.50 -28.65 -47.44
CA ALA C 272 15.02 -29.99 -47.19
C ALA C 272 13.88 -30.27 -48.17
N ALA C 273 13.24 -31.42 -48.00
CA ALA C 273 12.13 -31.80 -48.84
C ALA C 273 10.86 -31.86 -48.00
N GLY C 274 9.71 -31.79 -48.67
CA GLY C 274 8.44 -31.80 -47.96
C GLY C 274 8.10 -33.14 -47.35
N ILE C 275 6.98 -33.21 -46.62
CA ILE C 275 6.58 -34.47 -46.02
C ILE C 275 6.21 -35.50 -47.09
N HIS C 276 5.63 -35.04 -48.19
CA HIS C 276 5.31 -35.98 -49.27
C HIS C 276 6.56 -36.45 -50.01
N THR C 277 7.57 -35.60 -50.14
CA THR C 277 8.78 -36.03 -50.84
C THR C 277 9.78 -36.73 -49.93
N THR C 278 9.73 -36.52 -48.63
CA THR C 278 10.54 -37.37 -47.76
C THR C 278 9.86 -38.70 -47.50
N THR C 279 8.54 -38.73 -47.52
CA THR C 279 7.83 -40.00 -47.41
C THR C 279 8.04 -40.83 -48.66
N PHE C 280 7.72 -40.26 -49.83
CA PHE C 280 7.93 -40.96 -51.09
C PHE C 280 9.40 -41.24 -51.36
N ASN C 281 10.27 -40.34 -50.92
CA ASN C 281 11.70 -40.57 -51.01
C ASN C 281 12.13 -41.71 -50.09
N SER C 282 11.41 -41.90 -48.98
CA SER C 282 11.68 -43.08 -48.16
C SER C 282 11.07 -44.33 -48.73
N ILE C 283 10.06 -44.21 -49.59
CA ILE C 283 9.56 -45.39 -50.30
C ILE C 283 10.58 -45.85 -51.32
N LYS C 284 11.17 -44.90 -52.06
CA LYS C 284 12.13 -45.26 -53.08
C LYS C 284 13.46 -45.77 -52.53
N LYS C 285 13.74 -45.57 -51.25
CA LYS C 285 14.94 -46.14 -50.66
C LYS C 285 14.71 -47.56 -50.14
N CYS C 286 13.49 -48.06 -50.20
CA CYS C 286 13.21 -49.44 -49.85
C CYS C 286 13.40 -50.31 -51.09
N ASP C 287 13.29 -51.62 -50.90
CA ASP C 287 13.40 -52.52 -52.03
C ASP C 287 12.09 -52.55 -52.80
N VAL C 288 12.13 -53.07 -54.02
CA VAL C 288 11.09 -52.80 -55.00
C VAL C 288 9.96 -53.80 -54.93
N ASP C 289 9.99 -54.75 -54.00
CA ASP C 289 8.86 -55.65 -53.88
C ASP C 289 7.88 -55.19 -52.81
N ILE C 290 8.40 -54.61 -51.72
CA ILE C 290 7.56 -54.27 -50.58
C ILE C 290 6.81 -52.97 -50.75
N ARG C 291 7.05 -52.23 -51.83
CA ARG C 291 6.51 -50.89 -51.97
C ARG C 291 5.00 -50.89 -52.13
N LYS C 292 4.45 -51.95 -52.75
CA LYS C 292 3.00 -52.11 -52.83
C LYS C 292 2.39 -52.21 -51.43
N ASP C 293 3.10 -52.86 -50.52
CA ASP C 293 2.62 -52.93 -49.16
C ASP C 293 3.02 -51.71 -48.36
N LEU C 294 3.80 -50.80 -48.92
CA LEU C 294 4.13 -49.56 -48.24
C LEU C 294 3.42 -48.35 -48.83
N TYR C 295 3.09 -48.36 -50.11
CA TYR C 295 2.17 -47.35 -50.62
C TYR C 295 0.77 -47.53 -50.07
N GLY C 296 0.44 -48.72 -49.58
CA GLY C 296 -0.89 -48.99 -49.08
C GLY C 296 -1.14 -48.56 -47.64
N ASN C 297 -0.08 -48.38 -46.85
CA ASN C 297 -0.24 -48.00 -45.45
C ASN C 297 0.69 -46.84 -45.12
N ILE C 298 0.22 -45.62 -45.39
CA ILE C 298 0.92 -44.42 -44.93
C ILE C 298 0.26 -44.01 -43.62
N VAL C 299 0.83 -44.45 -42.51
CA VAL C 299 0.26 -44.22 -41.20
C VAL C 299 0.70 -42.86 -40.71
N LEU C 300 -0.25 -41.97 -40.48
CA LEU C 300 0.05 -40.69 -39.87
C LEU C 300 0.18 -40.84 -38.37
N SER C 301 0.83 -39.87 -37.75
CA SER C 301 0.99 -39.84 -36.31
C SER C 301 1.29 -38.42 -35.89
N GLY C 302 1.41 -38.20 -34.58
CA GLY C 302 1.85 -36.92 -34.06
C GLY C 302 0.83 -35.80 -34.17
N GLY C 303 1.04 -34.74 -33.40
CA GLY C 303 0.06 -33.68 -33.37
C GLY C 303 0.13 -32.72 -34.54
N THR C 304 1.16 -32.79 -35.35
CA THR C 304 1.27 -31.93 -36.52
C THR C 304 0.62 -32.57 -37.75
N THR C 305 -0.11 -33.65 -37.57
CA THR C 305 -0.93 -34.24 -38.62
C THR C 305 -2.40 -34.19 -38.25
N MET C 306 -2.76 -33.21 -37.42
CA MET C 306 -4.13 -33.01 -36.97
C MET C 306 -4.84 -31.92 -37.78
N TYR C 307 -4.30 -31.56 -38.92
CA TYR C 307 -4.87 -30.49 -39.73
C TYR C 307 -6.07 -31.04 -40.51
N GLU C 308 -6.68 -30.20 -41.33
CA GLU C 308 -7.77 -30.61 -42.17
C GLU C 308 -7.23 -30.99 -43.54
N GLY C 309 -7.63 -32.15 -44.03
CA GLY C 309 -7.27 -32.56 -45.38
C GLY C 309 -5.81 -32.92 -45.55
N ILE C 310 -5.12 -33.28 -44.48
CA ILE C 310 -3.75 -33.76 -44.65
C ILE C 310 -3.76 -35.14 -45.30
N GLY C 311 -4.82 -35.92 -45.09
CA GLY C 311 -4.94 -37.17 -45.83
C GLY C 311 -5.22 -36.93 -47.30
N GLU C 312 -6.03 -35.92 -47.59
CA GLU C 312 -6.38 -35.63 -48.98
C GLU C 312 -5.21 -35.03 -49.74
N ARG C 313 -4.55 -34.04 -49.14
CA ARG C 313 -3.38 -33.44 -49.77
C ARG C 313 -2.22 -34.41 -49.86
N LEU C 314 -2.05 -35.24 -48.84
CA LEU C 314 -0.95 -36.21 -48.86
C LEU C 314 -1.20 -37.30 -49.89
N THR C 315 -2.45 -37.75 -50.03
CA THR C 315 -2.76 -38.72 -51.07
C THR C 315 -2.64 -38.13 -52.47
N ARG C 316 -3.00 -36.86 -52.67
CA ARG C 316 -2.84 -36.34 -54.02
C ARG C 316 -1.40 -36.02 -54.35
N ASP C 317 -0.57 -35.69 -53.35
CA ASP C 317 0.83 -35.44 -53.62
C ASP C 317 1.59 -36.73 -53.88
N ILE C 318 1.39 -37.74 -53.03
CA ILE C 318 2.05 -39.01 -53.25
C ILE C 318 1.51 -39.67 -54.52
N THR C 319 0.19 -39.59 -54.74
CA THR C 319 -0.42 -40.14 -55.96
C THR C 319 0.10 -39.43 -57.21
N THR C 320 0.45 -38.14 -57.09
CA THR C 320 1.19 -37.50 -58.16
C THR C 320 2.59 -38.08 -58.30
N LEU C 321 3.27 -38.34 -57.18
CA LEU C 321 4.64 -38.83 -57.26
C LEU C 321 4.72 -40.32 -57.58
N ALA C 322 3.82 -41.12 -57.01
CA ALA C 322 3.89 -42.57 -57.16
C ALA C 322 3.50 -42.97 -58.58
N PRO C 323 3.82 -44.21 -58.98
CA PRO C 323 3.20 -44.77 -60.19
C PRO C 323 1.70 -44.88 -60.03
N SER C 324 0.97 -44.56 -61.10
CA SER C 324 -0.47 -44.37 -61.01
C SER C 324 -1.25 -45.68 -60.92
N THR C 325 -0.61 -46.83 -61.06
CA THR C 325 -1.33 -48.09 -60.97
C THR C 325 -1.57 -48.54 -59.55
N MET C 326 -0.91 -47.92 -58.58
CA MET C 326 -1.07 -48.28 -57.17
C MET C 326 -1.90 -47.25 -56.43
N LYS C 327 -2.81 -47.75 -55.61
CA LYS C 327 -3.61 -46.89 -54.76
C LYS C 327 -2.82 -46.49 -53.53
N ILE C 328 -2.93 -45.22 -53.16
CA ILE C 328 -2.28 -44.68 -51.98
C ILE C 328 -3.36 -44.56 -50.92
N LYS C 329 -3.18 -45.28 -49.82
CA LYS C 329 -4.20 -45.31 -48.76
C LYS C 329 -3.55 -44.83 -47.48
N VAL C 330 -3.71 -43.55 -47.16
CA VAL C 330 -3.23 -43.06 -45.88
C VAL C 330 -4.15 -43.55 -44.79
N VAL C 331 -3.57 -43.80 -43.62
CA VAL C 331 -4.35 -44.16 -42.43
C VAL C 331 -4.21 -43.01 -41.47
N ALA C 332 -5.28 -42.24 -41.30
CA ALA C 332 -5.33 -41.10 -40.39
C ALA C 332 -6.34 -41.43 -39.31
N PRO C 333 -5.95 -42.14 -38.26
CA PRO C 333 -6.89 -42.49 -37.22
C PRO C 333 -7.16 -41.28 -36.33
N PRO C 334 -8.32 -41.23 -35.70
CA PRO C 334 -8.48 -40.33 -34.56
C PRO C 334 -7.62 -40.80 -33.41
N GLU C 335 -7.36 -39.89 -32.48
CA GLU C 335 -6.35 -40.02 -31.42
C GLU C 335 -4.98 -40.35 -31.99
N ARG C 336 -4.62 -39.73 -33.11
CA ARG C 336 -3.29 -39.94 -33.67
C ARG C 336 -2.23 -39.12 -32.93
N LYS C 337 -2.66 -38.19 -32.08
CA LYS C 337 -1.74 -37.53 -31.16
C LYS C 337 -1.14 -38.51 -30.16
N TYR C 338 -1.89 -39.54 -29.79
CA TYR C 338 -1.51 -40.43 -28.71
C TYR C 338 -1.06 -41.78 -29.22
N SER C 339 -0.92 -41.93 -30.55
CA SER C 339 -0.63 -43.22 -31.14
C SER C 339 0.74 -43.73 -30.75
N VAL C 340 1.65 -42.83 -30.39
CA VAL C 340 2.88 -43.25 -29.74
C VAL C 340 2.56 -43.93 -28.41
N TRP C 341 1.91 -43.19 -27.50
CA TRP C 341 1.74 -43.63 -26.12
C TRP C 341 0.89 -44.89 -26.05
N ILE C 342 -0.18 -44.95 -26.84
CA ILE C 342 -1.05 -46.11 -26.86
C ILE C 342 -0.26 -47.34 -27.27
N GLY C 343 0.62 -47.18 -28.25
CA GLY C 343 1.50 -48.28 -28.64
C GLY C 343 2.46 -48.62 -27.52
N GLY C 344 2.89 -47.61 -26.77
CA GLY C 344 3.72 -47.84 -25.61
C GLY C 344 3.01 -48.62 -24.54
N SER C 345 1.68 -48.53 -24.49
CA SER C 345 0.94 -49.42 -23.63
C SER C 345 0.97 -50.83 -24.18
N ILE C 346 0.65 -51.00 -25.47
CA ILE C 346 0.47 -52.30 -26.07
C ILE C 346 1.79 -53.06 -26.13
N LEU C 347 2.89 -52.33 -26.35
CA LEU C 347 4.21 -52.95 -26.27
C LEU C 347 4.55 -53.37 -24.86
N SER C 348 4.22 -52.55 -23.86
CA SER C 348 4.65 -52.89 -22.51
C SER C 348 3.71 -53.88 -21.85
N SER C 349 2.55 -54.12 -22.44
CA SER C 349 1.60 -55.10 -21.93
C SER C 349 1.72 -56.44 -22.63
N LEU C 350 2.91 -56.80 -23.08
CA LEU C 350 3.15 -58.11 -23.68
C LEU C 350 3.98 -58.98 -22.75
N SER C 351 4.02 -60.27 -23.06
CA SER C 351 4.79 -61.23 -22.29
C SER C 351 6.15 -61.49 -22.89
N THR C 352 6.29 -61.41 -24.20
CA THR C 352 7.61 -61.55 -24.82
C THR C 352 8.47 -60.32 -24.56
N PHE C 353 7.85 -59.13 -24.58
CA PHE C 353 8.57 -57.87 -24.37
C PHE C 353 9.19 -57.77 -22.99
N GLN C 354 8.66 -58.47 -22.02
CA GLN C 354 9.26 -58.48 -20.69
C GLN C 354 10.54 -59.27 -20.63
N GLN C 355 10.97 -59.92 -21.71
CA GLN C 355 12.32 -60.46 -21.80
C GLN C 355 13.32 -59.43 -22.34
N MET C 356 12.90 -58.18 -22.54
CA MET C 356 13.72 -57.20 -23.24
C MET C 356 14.00 -55.94 -22.43
N TRP C 357 13.70 -55.93 -21.13
CA TRP C 357 14.03 -54.77 -20.33
C TRP C 357 15.53 -54.69 -20.08
N ILE C 358 15.98 -53.55 -19.60
CA ILE C 358 17.36 -53.36 -19.16
C ILE C 358 17.34 -53.23 -17.66
N THR C 359 17.72 -54.30 -16.97
CA THR C 359 17.58 -54.36 -15.51
C THR C 359 18.60 -53.46 -14.83
N LYS C 360 18.42 -53.29 -13.52
CA LYS C 360 19.29 -52.43 -12.73
C LYS C 360 20.70 -52.99 -12.64
N GLU C 361 20.82 -54.29 -12.38
CA GLU C 361 22.13 -54.92 -12.28
C GLU C 361 22.86 -54.97 -13.61
N GLU C 362 22.13 -54.95 -14.73
CA GLU C 362 22.80 -54.98 -16.01
C GLU C 362 23.38 -53.62 -16.37
N TYR C 363 22.69 -52.55 -15.96
CA TYR C 363 23.30 -51.23 -16.02
C TYR C 363 24.47 -51.13 -15.05
N ASP C 364 24.35 -51.78 -13.88
CA ASP C 364 25.46 -51.78 -12.93
C ASP C 364 26.66 -52.57 -13.43
N GLU C 365 26.47 -53.48 -14.37
CA GLU C 365 27.59 -54.16 -15.02
C GLU C 365 28.16 -53.35 -16.18
N SER C 366 27.34 -53.08 -17.20
CA SER C 366 27.87 -52.56 -18.45
C SER C 366 27.92 -51.04 -18.52
N GLY C 367 27.21 -50.35 -17.65
CA GLY C 367 27.06 -48.93 -17.79
C GLY C 367 26.01 -48.62 -18.84
N PRO C 368 26.02 -47.40 -19.38
CA PRO C 368 24.98 -47.01 -20.34
C PRO C 368 25.12 -47.68 -21.70
N SER C 369 26.29 -48.24 -22.03
CA SER C 369 26.53 -48.80 -23.35
C SER C 369 25.65 -50.00 -23.66
N ILE C 370 25.09 -50.65 -22.63
CA ILE C 370 24.16 -51.76 -22.82
C ILE C 370 22.89 -51.30 -23.53
N VAL C 371 22.55 -50.01 -23.45
CA VAL C 371 21.38 -49.50 -24.15
C VAL C 371 21.62 -49.49 -25.66
N HIS C 372 22.89 -49.42 -26.05
CA HIS C 372 23.20 -49.57 -27.47
C HIS C 372 23.30 -51.03 -27.90
N ARG C 373 23.00 -51.97 -27.01
CA ARG C 373 22.94 -53.37 -27.37
C ARG C 373 21.53 -53.92 -27.32
N LYS C 374 20.58 -53.15 -26.81
CA LYS C 374 19.19 -53.55 -26.71
C LYS C 374 18.29 -52.47 -27.27
N CYS C 375 18.59 -52.02 -28.49
CA CYS C 375 17.77 -51.04 -29.17
C CYS C 375 17.69 -51.31 -30.66
N VAL D 6 -15.38 55.37 -35.06
CA VAL D 6 -14.41 54.56 -35.77
C VAL D 6 -13.37 54.03 -34.80
N GLN D 7 -12.65 54.94 -34.15
CA GLN D 7 -11.60 54.58 -33.22
C GLN D 7 -12.19 54.07 -31.92
N ALA D 8 -11.56 53.05 -31.35
CA ALA D 8 -12.02 52.48 -30.10
C ALA D 8 -11.69 53.41 -28.93
N LEU D 9 -12.21 53.05 -27.76
CA LEU D 9 -12.12 53.90 -26.59
C LEU D 9 -11.56 53.08 -25.44
N VAL D 10 -10.30 53.29 -25.10
CA VAL D 10 -9.57 52.42 -24.21
C VAL D 10 -9.68 52.96 -22.80
N VAL D 11 -10.34 52.19 -21.92
CA VAL D 11 -10.59 52.60 -20.54
C VAL D 11 -9.93 51.60 -19.61
N ASP D 12 -8.97 52.07 -18.83
CA ASP D 12 -8.36 51.29 -17.77
C ASP D 12 -9.11 51.59 -16.48
N ASN D 13 -9.87 50.61 -15.99
CA ASN D 13 -10.51 50.68 -14.69
C ASN D 13 -9.51 50.24 -13.65
N GLY D 14 -8.58 51.13 -13.36
CA GLY D 14 -7.61 50.86 -12.32
C GLY D 14 -8.24 50.87 -10.93
N SER D 15 -7.52 50.30 -9.97
CA SER D 15 -8.03 50.28 -8.62
C SER D 15 -7.90 51.63 -7.95
N GLY D 16 -6.97 52.47 -8.39
CA GLY D 16 -6.77 53.76 -7.79
C GLY D 16 -6.66 54.88 -8.79
N ASN D 17 -6.61 54.55 -10.07
CA ASN D 17 -6.56 55.54 -11.14
C ASN D 17 -7.28 54.99 -12.36
N VAL D 18 -8.43 55.55 -12.69
CA VAL D 18 -8.99 55.34 -14.02
C VAL D 18 -8.11 56.08 -15.02
N LYS D 19 -7.61 55.34 -16.00
CA LYS D 19 -6.76 55.89 -17.04
C LYS D 19 -7.43 55.57 -18.36
N ALA D 20 -8.14 56.54 -18.93
CA ALA D 20 -8.89 56.31 -20.15
C ALA D 20 -8.51 57.32 -21.20
N GLY D 21 -8.66 56.91 -22.45
CA GLY D 21 -8.39 57.78 -23.57
C GLY D 21 -8.74 57.09 -24.86
N VAL D 22 -8.80 57.86 -25.91
CA VAL D 22 -9.15 57.36 -27.23
C VAL D 22 -7.97 56.59 -27.76
N ALA D 23 -8.25 55.51 -28.51
CA ALA D 23 -7.22 54.63 -29.04
C ALA D 23 -6.32 55.36 -30.03
N GLY D 24 -5.18 54.74 -30.32
CA GLY D 24 -4.23 55.34 -31.23
C GLY D 24 -3.47 56.50 -30.64
N ASP D 25 -3.25 56.50 -29.33
CA ASP D 25 -2.47 57.53 -28.67
C ASP D 25 -1.31 56.87 -27.91
N ASP D 26 -0.39 57.69 -27.42
CA ASP D 26 0.76 57.22 -26.66
C ASP D 26 0.63 57.44 -25.17
N ALA D 27 -0.40 58.15 -24.73
CA ALA D 27 -0.62 58.50 -23.33
C ALA D 27 -2.10 58.76 -23.15
N PRO D 28 -2.67 58.42 -22.00
CA PRO D 28 -4.09 58.65 -21.80
C PRO D 28 -4.41 60.13 -21.68
N ARG D 29 -5.55 60.51 -22.24
CA ARG D 29 -6.06 61.86 -22.03
C ARG D 29 -6.52 62.07 -20.61
N SER D 30 -7.09 61.04 -19.99
CA SER D 30 -7.69 61.16 -18.67
C SER D 30 -6.96 60.24 -17.71
N VAL D 31 -6.24 60.82 -16.76
CA VAL D 31 -5.62 60.08 -15.68
C VAL D 31 -6.20 60.65 -14.40
N PHE D 32 -7.24 60.01 -13.86
CA PHE D 32 -7.90 60.58 -12.71
C PHE D 32 -8.34 59.46 -11.79
N PRO D 33 -8.33 59.67 -10.47
CA PRO D 33 -8.48 58.54 -9.56
C PRO D 33 -9.91 58.04 -9.46
N SER D 34 -10.03 56.77 -9.06
CA SER D 34 -11.31 56.08 -8.96
C SER D 34 -11.96 56.40 -7.62
N ILE D 35 -12.40 57.63 -7.48
CA ILE D 35 -12.89 58.13 -6.20
C ILE D 35 -14.30 58.65 -6.37
N VAL D 36 -15.22 58.16 -5.55
CA VAL D 36 -16.52 58.77 -5.38
C VAL D 36 -16.58 59.33 -3.96
N GLY D 37 -16.74 60.63 -3.85
CA GLY D 37 -16.80 61.30 -2.56
C GLY D 37 -18.18 61.89 -2.35
N ARG D 38 -18.67 61.77 -1.13
CA ARG D 38 -19.95 62.38 -0.80
C ARG D 38 -19.77 63.31 0.39
N PRO D 39 -20.43 64.47 0.39
CA PRO D 39 -20.20 65.44 1.45
C PRO D 39 -20.78 65.00 2.78
N LYS D 40 -19.90 64.97 3.78
CA LYS D 40 -20.30 64.63 5.14
C LYS D 40 -20.99 65.79 5.83
N ASN D 41 -20.96 66.98 5.26
CA ASN D 41 -21.49 68.19 5.86
C ASN D 41 -22.55 68.78 4.95
N PRO D 42 -23.63 69.33 5.52
CA PRO D 42 -24.64 69.98 4.69
C PRO D 42 -24.18 71.35 4.23
N GLY D 43 -24.54 71.69 3.00
CA GLY D 43 -24.19 72.99 2.46
C GLY D 43 -25.02 74.09 3.11
N ILE D 44 -24.42 75.28 3.22
CA ILE D 44 -25.07 76.38 3.90
C ILE D 44 -25.07 77.65 3.07
N MET D 45 -24.25 77.74 2.03
CA MET D 45 -24.22 78.91 1.17
C MET D 45 -25.22 78.71 0.03
N VAL D 46 -26.26 79.53 0.02
CA VAL D 46 -27.29 79.45 -1.03
C VAL D 46 -26.74 80.10 -2.29
N GLY D 47 -26.81 79.39 -3.40
CA GLY D 47 -26.20 79.88 -4.63
C GLY D 47 -25.00 79.05 -5.01
N MET D 48 -25.07 77.74 -4.75
CA MET D 48 -23.98 76.83 -5.03
C MET D 48 -24.54 75.59 -5.71
N GLU D 49 -23.62 74.71 -6.12
CA GLU D 49 -23.99 73.42 -6.66
C GLU D 49 -24.11 72.40 -5.54
N GLU D 50 -25.20 71.62 -5.55
CA GLU D 50 -25.33 70.59 -4.54
C GLU D 50 -24.40 69.42 -4.83
N LYS D 51 -24.66 68.69 -5.93
CA LYS D 51 -23.82 67.64 -6.49
C LYS D 51 -23.48 66.57 -5.45
N ASP D 52 -24.48 65.75 -5.10
CA ASP D 52 -24.36 64.81 -3.98
C ASP D 52 -23.22 63.81 -4.16
N ALA D 53 -22.80 63.54 -5.38
CA ALA D 53 -21.66 62.67 -5.63
C ALA D 53 -20.61 63.41 -6.43
N PHE D 54 -19.49 63.73 -5.80
CA PHE D 54 -18.34 64.28 -6.48
C PHE D 54 -17.47 63.13 -6.97
N VAL D 55 -17.21 63.10 -8.27
CA VAL D 55 -16.57 61.96 -8.91
C VAL D 55 -15.27 62.43 -9.52
N GLY D 56 -14.20 61.69 -9.29
CA GLY D 56 -12.97 61.92 -10.02
C GLY D 56 -12.04 62.92 -9.37
N ASP D 57 -11.44 63.79 -10.18
CA ASP D 57 -10.40 64.67 -9.68
C ASP D 57 -10.98 65.83 -8.87
N GLU D 58 -12.22 66.21 -9.15
CA GLU D 58 -12.90 67.22 -8.36
C GLU D 58 -13.12 66.74 -6.93
N ALA D 59 -13.36 65.43 -6.78
CA ALA D 59 -13.49 64.86 -5.45
C ALA D 59 -12.18 64.86 -4.69
N GLN D 60 -11.05 64.88 -5.39
CA GLN D 60 -9.77 64.95 -4.71
C GLN D 60 -9.34 66.39 -4.44
N THR D 61 -9.75 67.35 -5.27
CA THR D 61 -9.47 68.74 -4.96
C THR D 61 -10.35 69.30 -3.85
N LYS D 62 -11.44 68.62 -3.50
CA LYS D 62 -12.27 69.03 -2.39
C LYS D 62 -12.21 68.00 -1.28
N ARG D 63 -11.04 67.43 -1.03
CA ARG D 63 -10.93 66.25 -0.20
C ARG D 63 -11.18 66.52 1.28
N GLY D 64 -11.14 67.78 1.72
CA GLY D 64 -11.26 68.06 3.13
C GLY D 64 -12.69 68.01 3.64
N ILE D 65 -13.66 68.04 2.75
CA ILE D 65 -15.07 68.10 3.11
C ILE D 65 -15.85 66.91 2.56
N LEU D 66 -15.15 65.83 2.22
CA LEU D 66 -15.78 64.70 1.57
C LEU D 66 -15.39 63.39 2.22
N THR D 67 -16.37 62.48 2.29
CA THR D 67 -16.08 61.07 2.52
C THR D 67 -15.70 60.46 1.19
N LEU D 68 -14.41 60.17 1.01
CA LEU D 68 -13.89 59.70 -0.30
C LEU D 68 -13.78 58.17 -0.28
N LYS D 69 -14.61 57.48 -1.07
CA LYS D 69 -14.62 56.00 -1.06
C LYS D 69 -14.26 55.47 -2.46
N TYR D 70 -13.30 54.55 -2.53
CA TYR D 70 -12.95 53.91 -3.82
C TYR D 70 -13.83 52.67 -4.00
N PRO D 71 -14.57 52.50 -5.14
CA PRO D 71 -15.44 51.35 -5.45
C PRO D 71 -14.69 50.09 -5.82
N ILE D 72 -13.36 50.11 -5.87
CA ILE D 72 -12.57 48.97 -6.29
C ILE D 72 -11.75 48.48 -5.11
N GLU D 73 -12.19 47.39 -4.48
CA GLU D 73 -11.42 46.71 -3.45
C GLU D 73 -10.83 45.46 -4.09
N HIS D 74 -9.52 45.50 -4.33
CA HIS D 74 -8.75 44.39 -4.88
C HIS D 74 -9.26 43.95 -6.25
N GLY D 75 -9.34 44.91 -7.17
CA GLY D 75 -9.74 44.63 -8.53
C GLY D 75 -11.18 44.23 -8.71
N ILE D 76 -12.01 44.40 -7.68
CA ILE D 76 -13.39 43.92 -7.67
C ILE D 76 -14.29 45.07 -7.28
N VAL D 77 -15.32 45.29 -8.09
CA VAL D 77 -16.25 46.38 -7.81
C VAL D 77 -17.12 45.98 -6.63
N THR D 78 -17.03 46.76 -5.55
CA THR D 78 -17.88 46.50 -4.39
C THR D 78 -19.13 47.36 -4.38
N ASN D 79 -19.22 48.38 -5.23
CA ASN D 79 -20.39 49.24 -5.28
C ASN D 79 -20.59 49.66 -6.72
N TRP D 80 -21.64 49.13 -7.36
CA TRP D 80 -21.82 49.34 -8.79
C TRP D 80 -22.38 50.71 -9.13
N ASP D 81 -23.05 51.37 -8.17
CA ASP D 81 -23.51 52.72 -8.43
C ASP D 81 -22.35 53.69 -8.50
N ASP D 82 -21.35 53.50 -7.63
CA ASP D 82 -20.16 54.34 -7.68
C ASP D 82 -19.37 54.10 -8.95
N MET D 83 -19.27 52.84 -9.38
CA MET D 83 -18.52 52.54 -10.60
C MET D 83 -19.27 53.04 -11.83
N GLU D 84 -20.60 53.03 -11.77
CA GLU D 84 -21.37 53.60 -12.87
C GLU D 84 -21.24 55.12 -12.91
N LYS D 85 -21.10 55.77 -11.74
CA LYS D 85 -20.82 57.20 -11.74
C LYS D 85 -19.45 57.51 -12.28
N ILE D 86 -18.47 56.65 -12.01
CA ILE D 86 -17.13 56.90 -12.53
C ILE D 86 -17.07 56.68 -14.03
N TRP D 87 -17.76 55.66 -14.53
CA TRP D 87 -17.84 55.49 -15.98
C TRP D 87 -18.62 56.60 -16.65
N HIS D 88 -19.66 57.11 -15.99
CA HIS D 88 -20.44 58.20 -16.56
C HIS D 88 -19.63 59.48 -16.63
N HIS D 89 -18.90 59.79 -15.56
CA HIS D 89 -17.97 60.91 -15.58
C HIS D 89 -16.86 60.74 -16.60
N THR D 90 -16.36 59.51 -16.75
CA THR D 90 -15.26 59.24 -17.67
C THR D 90 -15.69 59.46 -19.11
N PHE D 91 -16.83 58.88 -19.49
CA PHE D 91 -17.30 59.00 -20.87
C PHE D 91 -17.80 60.41 -21.16
N TYR D 92 -18.77 60.88 -20.38
CA TYR D 92 -19.41 62.13 -20.75
C TYR D 92 -18.65 63.36 -20.28
N ASN D 93 -18.13 63.37 -19.06
CA ASN D 93 -17.62 64.60 -18.50
C ASN D 93 -16.13 64.79 -18.66
N GLU D 94 -15.38 63.74 -18.95
CA GLU D 94 -13.92 63.87 -19.02
C GLU D 94 -13.37 63.59 -20.41
N LEU D 95 -13.69 62.43 -21.00
CA LEU D 95 -13.31 62.19 -22.39
C LEU D 95 -14.14 62.98 -23.38
N ARG D 96 -15.35 63.36 -22.99
CA ARG D 96 -16.29 64.14 -23.80
C ARG D 96 -16.63 63.44 -25.12
N ALA D 97 -16.67 62.11 -25.09
CA ALA D 97 -17.05 61.32 -26.24
C ALA D 97 -18.16 60.38 -25.85
N ALA D 98 -19.18 60.29 -26.70
CA ALA D 98 -20.33 59.46 -26.38
C ALA D 98 -19.98 57.98 -26.51
N PRO D 99 -20.57 57.13 -25.68
CA PRO D 99 -20.33 55.68 -25.82
C PRO D 99 -20.93 55.08 -27.06
N GLU D 100 -21.98 55.69 -27.63
CA GLU D 100 -22.55 55.18 -28.87
C GLU D 100 -21.66 55.41 -30.07
N GLU D 101 -20.72 56.35 -29.98
CA GLU D 101 -19.88 56.68 -31.11
C GLU D 101 -18.72 55.72 -31.28
N HIS D 102 -18.31 55.03 -30.23
CA HIS D 102 -17.06 54.28 -30.24
C HIS D 102 -17.24 52.94 -29.57
N PRO D 103 -16.42 51.96 -29.91
CA PRO D 103 -16.30 50.77 -29.07
C PRO D 103 -15.42 51.05 -27.87
N VAL D 104 -15.76 50.42 -26.75
CA VAL D 104 -15.00 50.60 -25.52
C VAL D 104 -14.19 49.34 -25.27
N LEU D 105 -13.01 49.51 -24.70
CA LEU D 105 -12.11 48.40 -24.38
C LEU D 105 -11.80 48.48 -22.89
N LEU D 106 -12.60 47.78 -22.08
CA LEU D 106 -12.36 47.75 -20.66
C LEU D 106 -11.24 46.77 -20.36
N THR D 107 -10.74 46.79 -19.13
CA THR D 107 -9.70 45.85 -18.76
C THR D 107 -9.98 45.32 -17.37
N GLU D 108 -9.25 44.27 -17.00
CA GLU D 108 -9.68 43.40 -15.92
C GLU D 108 -8.47 42.70 -15.35
N ALA D 109 -8.48 42.54 -14.09
CA ALA D 109 -7.52 41.73 -13.36
C ALA D 109 -7.70 40.26 -13.70
N PRO D 110 -6.62 39.48 -13.84
CA PRO D 110 -6.77 38.03 -13.85
C PRO D 110 -7.32 37.50 -12.55
N LEU D 111 -8.06 36.39 -12.67
CA LEU D 111 -8.77 35.72 -11.57
C LEU D 111 -9.74 36.68 -10.88
N ASN D 112 -10.30 37.58 -11.62
CA ASN D 112 -11.42 38.39 -11.20
C ASN D 112 -12.67 37.52 -11.23
N PRO D 113 -13.55 37.60 -10.22
CA PRO D 113 -14.79 36.83 -10.27
C PRO D 113 -15.67 37.17 -11.46
N LYS D 114 -16.51 36.20 -11.84
CA LYS D 114 -17.34 36.30 -13.02
C LYS D 114 -18.39 37.40 -12.93
N GLY D 115 -18.79 37.78 -11.71
CA GLY D 115 -19.80 38.80 -11.55
C GLY D 115 -19.34 40.17 -11.99
N ASN D 116 -18.03 40.41 -11.97
CA ASN D 116 -17.51 41.66 -12.49
C ASN D 116 -17.61 41.72 -14.01
N ARG D 117 -17.34 40.62 -14.70
CA ARG D 117 -17.52 40.61 -16.15
C ARG D 117 -18.98 40.70 -16.54
N GLU D 118 -19.83 39.87 -15.93
CA GLU D 118 -21.23 39.83 -16.33
C GLU D 118 -21.95 41.12 -15.97
N ARG D 119 -21.74 41.61 -14.76
CA ARG D 119 -22.35 42.87 -14.36
C ARG D 119 -21.73 44.04 -15.11
N MET D 120 -20.44 43.94 -15.46
CA MET D 120 -19.76 45.01 -16.18
C MET D 120 -20.27 45.17 -17.59
N THR D 121 -20.37 44.07 -18.34
CA THR D 121 -20.89 44.16 -19.69
C THR D 121 -22.40 44.38 -19.70
N GLN D 122 -23.09 43.95 -18.65
CA GLN D 122 -24.49 44.28 -18.52
C GLN D 122 -24.69 45.79 -18.35
N ILE D 123 -23.80 46.44 -17.60
CA ILE D 123 -23.82 47.89 -17.50
C ILE D 123 -23.50 48.53 -18.86
N MET D 124 -22.44 48.05 -19.50
CA MET D 124 -22.00 48.72 -20.73
C MET D 124 -22.87 48.42 -21.93
N PHE D 125 -23.81 47.49 -21.85
CA PHE D 125 -24.80 47.41 -22.93
C PHE D 125 -26.18 47.89 -22.54
N GLU D 126 -26.55 47.83 -21.26
CA GLU D 126 -27.86 48.31 -20.86
C GLU D 126 -27.84 49.78 -20.47
N SER D 127 -26.96 50.18 -19.56
CA SER D 127 -26.91 51.59 -19.14
C SER D 127 -26.31 52.46 -20.22
N PHE D 128 -25.05 52.22 -20.56
CA PHE D 128 -24.46 52.85 -21.72
C PHE D 128 -24.82 52.02 -22.94
N ASN D 129 -25.00 52.69 -24.08
CA ASN D 129 -25.36 51.99 -25.31
C ASN D 129 -24.12 51.87 -26.16
N VAL D 130 -23.24 50.96 -25.76
CA VAL D 130 -21.98 50.75 -26.47
C VAL D 130 -22.24 49.76 -27.60
N PRO D 131 -21.75 50.02 -28.82
CA PRO D 131 -21.97 49.05 -29.90
C PRO D 131 -21.19 47.76 -29.71
N ALA D 132 -19.94 47.84 -29.29
CA ALA D 132 -19.12 46.64 -29.17
C ALA D 132 -18.06 46.84 -28.11
N MET D 133 -17.70 45.77 -27.43
CA MET D 133 -16.80 45.88 -26.30
C MET D 133 -16.08 44.58 -26.00
N TYR D 134 -14.77 44.64 -25.91
CA TYR D 134 -13.95 43.55 -25.42
C TYR D 134 -13.39 43.96 -24.07
N VAL D 135 -13.39 43.04 -23.12
CA VAL D 135 -12.68 43.23 -21.87
C VAL D 135 -11.43 42.37 -21.91
N ALA D 136 -10.40 42.79 -21.20
CA ALA D 136 -9.10 42.19 -21.40
C ALA D 136 -8.34 42.12 -20.09
N ILE D 137 -7.21 41.43 -20.12
CA ILE D 137 -6.33 41.28 -18.98
C ILE D 137 -5.29 42.39 -19.00
N GLN D 138 -5.06 43.00 -17.83
CA GLN D 138 -4.12 44.11 -17.73
C GLN D 138 -2.70 43.68 -18.04
N ALA D 139 -2.34 42.45 -17.67
CA ALA D 139 -0.97 42.00 -17.82
C ALA D 139 -0.60 41.74 -19.28
N VAL D 140 -1.52 41.13 -20.04
CA VAL D 140 -1.22 40.83 -21.43
C VAL D 140 -1.16 42.12 -22.24
N LEU D 141 -1.90 43.14 -21.81
CA LEU D 141 -1.83 44.44 -22.46
C LEU D 141 -0.52 45.14 -22.16
N SER D 142 -0.04 45.01 -20.92
CA SER D 142 1.29 45.53 -20.61
C SER D 142 2.38 44.79 -21.38
N LEU D 143 2.14 43.54 -21.74
CA LEU D 143 3.14 42.87 -22.56
C LEU D 143 3.00 43.23 -24.03
N TYR D 144 1.82 43.68 -24.47
CA TYR D 144 1.75 44.32 -25.79
C TYR D 144 2.58 45.59 -25.81
N SER D 145 2.39 46.46 -24.82
CA SER D 145 3.12 47.72 -24.81
C SER D 145 4.59 47.52 -24.48
N SER D 146 4.97 46.37 -23.96
CA SER D 146 6.37 46.12 -23.66
C SER D 146 7.23 45.95 -24.91
N GLY D 147 6.60 45.66 -26.05
CA GLY D 147 7.34 45.40 -27.26
C GLY D 147 7.82 43.99 -27.43
N ARG D 148 7.27 43.05 -26.66
CA ARG D 148 7.70 41.66 -26.69
C ARG D 148 6.48 40.77 -26.82
N THR D 149 6.74 39.47 -27.00
CA THR D 149 5.70 38.45 -26.92
C THR D 149 6.11 37.31 -26.01
N THR D 150 7.15 37.50 -25.20
CA THR D 150 7.62 36.45 -24.32
C THR D 150 8.17 37.10 -23.06
N GLY D 151 7.50 36.88 -21.94
CA GLY D 151 7.99 37.43 -20.70
C GLY D 151 6.98 37.23 -19.60
N ILE D 152 7.39 37.65 -18.41
CA ILE D 152 6.56 37.59 -17.23
C ILE D 152 6.18 39.01 -16.87
N VAL D 153 4.88 39.26 -16.77
CA VAL D 153 4.41 40.54 -16.27
C VAL D 153 4.07 40.38 -14.80
N LEU D 154 4.70 41.17 -13.95
CA LEU D 154 4.20 41.33 -12.60
C LEU D 154 3.54 42.70 -12.53
N ASP D 155 2.22 42.70 -12.39
CA ASP D 155 1.46 43.92 -12.25
C ASP D 155 1.32 44.22 -10.76
N SER D 156 1.24 45.50 -10.44
CA SER D 156 1.01 45.90 -9.06
C SER D 156 0.35 47.27 -9.08
N GLY D 157 -0.97 47.27 -8.93
CA GLY D 157 -1.68 48.52 -8.92
C GLY D 157 -2.05 48.95 -7.51
N ASP D 158 -3.33 49.19 -7.28
CA ASP D 158 -3.83 49.43 -5.94
C ASP D 158 -4.75 48.33 -5.45
N GLY D 159 -5.00 47.33 -6.26
CA GLY D 159 -5.80 46.25 -5.76
C GLY D 159 -5.15 44.89 -5.91
N VAL D 160 -4.27 44.78 -6.88
CA VAL D 160 -3.79 43.49 -7.35
C VAL D 160 -2.28 43.47 -7.43
N SER D 161 -1.72 42.29 -7.63
CA SER D 161 -0.33 42.17 -8.05
C SER D 161 -0.23 40.88 -8.85
N HIS D 162 -0.33 40.98 -10.16
CA HIS D 162 -0.38 39.80 -11.00
C HIS D 162 1.01 39.31 -11.32
N THR D 163 1.08 38.06 -11.72
CA THR D 163 2.28 37.52 -12.32
C THR D 163 1.83 36.59 -13.43
N VAL D 164 1.69 37.12 -14.63
CA VAL D 164 1.22 36.36 -15.78
C VAL D 164 2.40 36.07 -16.69
N PRO D 165 2.79 34.82 -16.86
CA PRO D 165 3.82 34.49 -17.83
C PRO D 165 3.21 34.18 -19.19
N ILE D 166 3.90 34.64 -20.24
CA ILE D 166 3.51 34.35 -21.60
C ILE D 166 4.74 33.90 -22.37
N TYR D 167 4.69 32.74 -22.98
CA TYR D 167 5.77 32.27 -23.84
C TYR D 167 5.29 32.23 -25.27
N GLU D 168 5.73 33.22 -26.06
CA GLU D 168 5.52 33.28 -27.51
C GLU D 168 4.04 33.27 -27.88
N GLY D 169 3.28 34.14 -27.23
CA GLY D 169 1.90 34.34 -27.62
C GLY D 169 0.92 33.39 -26.98
N TYR D 170 1.38 32.50 -26.11
CA TYR D 170 0.49 31.53 -25.47
C TYR D 170 0.47 31.81 -23.98
N ALA D 171 -0.72 32.05 -23.44
CA ALA D 171 -0.88 32.25 -22.03
C ALA D 171 -0.64 30.94 -21.29
N LEU D 172 -0.35 31.07 -19.99
CA LEU D 172 -0.13 29.91 -19.14
C LEU D 172 -1.10 30.02 -17.98
N PRO D 173 -2.37 29.61 -18.16
CA PRO D 173 -3.39 29.86 -17.13
C PRO D 173 -3.23 29.01 -15.88
N HIS D 174 -2.36 28.01 -15.88
CA HIS D 174 -2.03 27.29 -14.67
C HIS D 174 -0.87 27.94 -13.93
N ALA D 175 -0.36 29.06 -14.41
CA ALA D 175 0.74 29.74 -13.75
C ALA D 175 0.45 31.21 -13.44
N ILE D 176 -0.78 31.67 -13.65
CA ILE D 176 -1.15 33.02 -13.25
C ILE D 176 -1.32 33.06 -11.74
N MET D 177 -0.43 33.75 -11.05
CA MET D 177 -0.53 33.89 -9.61
C MET D 177 -0.74 35.34 -9.25
N ARG D 178 -1.90 35.63 -8.68
CA ARG D 178 -2.21 36.98 -8.23
C ARG D 178 -1.88 37.10 -6.76
N LEU D 179 -1.84 38.33 -6.29
CA LEU D 179 -1.41 38.66 -4.95
C LEU D 179 -2.10 39.94 -4.52
N ASP D 180 -2.65 39.94 -3.31
CA ASP D 180 -3.38 41.10 -2.81
C ASP D 180 -2.45 42.00 -1.99
N LEU D 181 -1.33 42.37 -2.59
CA LEU D 181 -0.42 43.36 -2.06
C LEU D 181 -0.26 44.46 -3.08
N ALA D 182 -0.56 45.68 -2.68
CA ALA D 182 -0.60 46.74 -3.66
C ALA D 182 -0.39 48.07 -2.98
N GLY D 183 -0.69 49.16 -3.68
CA GLY D 183 -0.45 50.49 -3.13
C GLY D 183 -1.32 50.83 -1.94
N ARG D 184 -2.52 50.25 -1.87
CA ARG D 184 -3.42 50.60 -0.78
C ARG D 184 -2.99 49.95 0.52
N ASP D 185 -2.51 48.72 0.47
CA ASP D 185 -1.96 48.11 1.68
C ASP D 185 -0.67 48.77 2.11
N LEU D 186 0.08 49.34 1.16
CA LEU D 186 1.27 50.07 1.55
C LEU D 186 0.95 51.44 2.12
N THR D 187 -0.16 52.07 1.69
CA THR D 187 -0.59 53.28 2.36
C THR D 187 -1.10 52.99 3.76
N GLU D 188 -1.81 51.88 3.95
CA GLU D 188 -2.30 51.55 5.27
C GLU D 188 -1.16 51.20 6.22
N TYR D 189 -0.20 50.42 5.71
CA TYR D 189 0.98 50.09 6.52
C TYR D 189 1.82 51.32 6.79
N LEU D 190 1.89 52.24 5.83
CA LEU D 190 2.59 53.49 6.07
C LEU D 190 1.90 54.33 7.12
N MET D 191 0.56 54.25 7.18
CA MET D 191 -0.14 54.91 8.27
C MET D 191 0.19 54.29 9.61
N LYS D 192 0.36 52.96 9.67
CA LYS D 192 0.68 52.35 10.96
C LYS D 192 2.09 52.72 11.42
N ILE D 193 3.06 52.77 10.51
CA ILE D 193 4.39 53.12 10.98
C ILE D 193 4.48 54.61 11.25
N LEU D 194 3.64 55.42 10.61
CA LEU D 194 3.60 56.81 11.01
C LEU D 194 2.86 57.01 12.32
N HIS D 195 1.96 56.10 12.70
CA HIS D 195 1.51 56.08 14.09
C HIS D 195 2.66 55.76 15.02
N GLU D 196 3.63 54.97 14.55
CA GLU D 196 4.80 54.70 15.38
C GLU D 196 5.71 55.92 15.50
N ARG D 197 5.83 56.73 14.44
CA ARG D 197 6.69 57.92 14.55
C ARG D 197 6.05 59.06 15.32
N GLY D 198 4.73 59.17 15.32
CA GLY D 198 4.09 60.29 15.97
C GLY D 198 3.16 61.11 15.10
N TYR D 199 2.62 60.51 14.05
CA TYR D 199 1.66 61.20 13.21
C TYR D 199 0.41 60.34 13.10
N GLY D 200 -0.74 60.97 13.19
CA GLY D 200 -1.95 60.19 13.15
C GLY D 200 -2.83 60.52 11.97
N PHE D 201 -2.89 59.61 11.01
CA PHE D 201 -3.70 59.79 9.81
C PHE D 201 -4.80 58.74 9.84
N SER D 202 -6.03 59.18 9.91
CA SER D 202 -7.15 58.27 10.11
C SER D 202 -8.22 58.37 9.05
N THR D 203 -8.48 59.56 8.53
CA THR D 203 -9.60 59.76 7.62
C THR D 203 -9.17 59.40 6.20
N SER D 204 -9.99 59.72 5.20
CA SER D 204 -9.67 59.32 3.84
C SER D 204 -8.72 60.32 3.17
N ALA D 205 -8.96 61.62 3.39
CA ALA D 205 -8.05 62.64 2.89
C ALA D 205 -6.67 62.49 3.50
N GLU D 206 -6.61 62.08 4.76
CA GLU D 206 -5.34 61.77 5.39
C GLU D 206 -4.69 60.56 4.74
N LYS D 207 -5.47 59.58 4.27
CA LYS D 207 -4.89 58.48 3.51
C LYS D 207 -4.32 58.95 2.19
N GLU D 208 -4.92 59.98 1.58
CA GLU D 208 -4.35 60.48 0.34
C GLU D 208 -3.09 61.27 0.58
N ILE D 209 -2.99 61.98 1.71
CA ILE D 209 -1.73 62.63 2.07
C ILE D 209 -0.66 61.59 2.33
N VAL D 210 -1.04 60.48 2.96
CA VAL D 210 -0.11 59.35 3.13
C VAL D 210 0.28 58.76 1.78
N ARG D 211 -0.61 58.82 0.80
CA ARG D 211 -0.22 58.37 -0.54
C ARG D 211 0.78 59.30 -1.19
N ASP D 212 0.66 60.61 -0.96
CA ASP D 212 1.67 61.52 -1.52
C ASP D 212 3.01 61.37 -0.82
N ILE D 213 3.01 61.07 0.48
CA ILE D 213 4.25 60.77 1.17
C ILE D 213 4.86 59.48 0.64
N LYS D 214 4.00 58.50 0.33
CA LYS D 214 4.49 57.22 -0.17
C LYS D 214 5.06 57.36 -1.57
N GLU D 215 4.52 58.27 -2.36
CA GLU D 215 5.10 58.52 -3.67
C GLU D 215 6.41 59.28 -3.60
N LYS D 216 6.48 60.31 -2.77
CA LYS D 216 7.65 61.19 -2.81
C LYS D 216 8.81 60.70 -1.96
N LEU D 217 8.59 59.80 -1.00
CA LEU D 217 9.63 59.47 -0.03
C LEU D 217 10.00 58.01 0.06
N CYS D 218 9.12 57.08 -0.28
CA CYS D 218 9.43 55.67 -0.11
C CYS D 218 10.32 55.16 -1.24
N TYR D 219 11.28 54.30 -0.89
CA TYR D 219 12.13 53.68 -1.89
C TYR D 219 12.57 52.32 -1.37
N ILE D 220 12.77 51.38 -2.28
CA ILE D 220 13.12 50.01 -1.90
C ILE D 220 14.61 49.93 -1.65
N ALA D 221 14.96 49.42 -0.47
CA ALA D 221 16.36 49.22 -0.12
C ALA D 221 16.96 48.04 -0.89
N LEU D 222 18.28 48.04 -0.98
CA LEU D 222 18.97 46.92 -1.61
C LEU D 222 19.06 45.72 -0.68
N ASN D 223 19.54 45.94 0.53
CA ASN D 223 19.49 44.94 1.58
C ASN D 223 18.87 45.58 2.80
N PHE D 224 17.77 45.00 3.28
CA PHE D 224 16.95 45.68 4.27
C PHE D 224 17.59 45.68 5.65
N ASP D 225 18.26 44.59 6.02
CA ASP D 225 18.91 44.54 7.32
C ASP D 225 20.09 45.49 7.41
N GLU D 226 20.83 45.64 6.31
CA GLU D 226 21.94 46.58 6.28
C GLU D 226 21.44 48.01 6.37
N GLU D 227 20.29 48.30 5.75
CA GLU D 227 19.75 49.64 5.85
C GLU D 227 19.13 49.92 7.20
N MET D 228 18.63 48.88 7.89
CA MET D 228 18.20 49.07 9.26
C MET D 228 19.39 49.37 10.16
N LYS D 229 20.48 48.61 10.01
CA LYS D 229 21.62 48.79 10.90
C LYS D 229 22.36 50.10 10.61
N THR D 230 22.46 50.51 9.35
CA THR D 230 23.01 51.81 9.05
C THR D 230 22.05 52.94 9.38
N SER D 231 20.75 52.67 9.39
CA SER D 231 19.77 53.67 9.77
C SER D 231 19.49 53.69 11.26
N GLU D 232 20.19 52.86 12.04
CA GLU D 232 20.21 53.05 13.49
C GLU D 232 20.91 54.35 13.85
N GLN D 233 21.93 54.72 13.08
CA GLN D 233 22.63 55.99 13.23
C GLN D 233 22.03 56.93 12.19
N SER D 234 21.08 57.74 12.63
CA SER D 234 20.29 58.57 11.72
C SER D 234 21.16 59.69 11.15
N SER D 235 21.62 59.52 9.92
CA SER D 235 22.49 60.48 9.27
C SER D 235 21.82 61.18 8.10
N ASP D 236 21.37 60.43 7.11
CA ASP D 236 20.75 61.00 5.92
C ASP D 236 19.42 60.34 5.61
N ILE D 237 19.03 59.33 6.37
CA ILE D 237 17.80 58.59 6.09
C ILE D 237 16.56 59.37 6.50
N GLU D 238 16.71 60.38 7.33
CA GLU D 238 15.58 61.22 7.73
C GLU D 238 15.36 62.30 6.70
N LYS D 239 14.10 62.46 6.27
CA LYS D 239 13.75 63.50 5.33
C LYS D 239 12.58 64.30 5.86
N SER D 240 12.25 65.36 5.13
CA SER D 240 11.18 66.27 5.50
C SER D 240 10.13 66.30 4.39
N TYR D 241 8.94 66.74 4.77
CA TYR D 241 7.83 66.84 3.83
C TYR D 241 6.89 67.92 4.34
N GLU D 242 6.28 68.66 3.41
CA GLU D 242 5.36 69.72 3.76
C GLU D 242 3.95 69.34 3.38
N LEU D 243 3.03 69.53 4.29
CA LEU D 243 1.67 69.10 4.14
C LEU D 243 0.84 70.20 3.49
N PRO D 244 -0.44 69.98 3.19
CA PRO D 244 -1.37 71.10 2.98
C PRO D 244 -1.80 71.82 4.24
N ASP D 245 -1.18 71.55 5.38
CA ASP D 245 -1.32 72.36 6.58
C ASP D 245 -0.11 73.26 6.82
N GLY D 246 1.04 72.91 6.25
CA GLY D 246 2.23 73.71 6.42
C GLY D 246 3.21 73.18 7.43
N ASN D 247 2.95 72.02 8.01
CA ASN D 247 3.81 71.43 9.02
C ASN D 247 4.99 70.73 8.35
N ILE D 248 5.74 69.95 9.12
CA ILE D 248 6.90 69.24 8.63
C ILE D 248 6.82 67.79 9.08
N ILE D 249 6.91 66.87 8.13
CA ILE D 249 7.02 65.45 8.41
C ILE D 249 8.48 65.06 8.31
N THR D 250 8.98 64.37 9.34
CA THR D 250 10.35 63.88 9.35
C THR D 250 10.32 62.37 9.38
N VAL D 251 10.67 61.75 8.26
CA VAL D 251 10.62 60.31 8.13
C VAL D 251 12.02 59.73 8.35
N GLY D 252 12.06 58.59 9.02
CA GLY D 252 13.29 57.90 9.33
C GLY D 252 13.43 56.59 8.60
N ASN D 253 13.09 55.49 9.27
CA ASN D 253 13.08 54.18 8.64
C ASN D 253 11.99 54.06 7.58
N GLU D 254 10.99 54.93 7.62
CA GLU D 254 9.76 54.75 6.86
C GLU D 254 9.93 55.14 5.40
N ARG D 255 11.16 55.33 4.95
CA ARG D 255 11.40 55.40 3.53
C ARG D 255 11.67 54.04 2.94
N PHE D 256 12.19 53.10 3.72
CA PHE D 256 12.59 51.83 3.15
C PHE D 256 11.90 50.64 3.81
N ARG D 257 11.09 50.88 4.83
CA ARG D 257 10.23 49.84 5.34
C ARG D 257 8.79 50.02 4.89
N CYS D 258 8.46 51.17 4.36
CA CYS D 258 7.24 51.45 3.61
C CYS D 258 7.05 50.62 2.35
N PRO D 259 8.03 50.41 1.46
CA PRO D 259 7.79 49.46 0.36
C PRO D 259 8.33 48.07 0.60
N GLU D 260 8.95 47.80 1.75
CA GLU D 260 9.51 46.50 2.04
C GLU D 260 8.42 45.46 2.28
N ALA D 261 7.20 45.89 2.57
CA ALA D 261 6.09 44.97 2.73
C ALA D 261 5.70 44.27 1.44
N LEU D 262 6.13 44.79 0.28
CA LEU D 262 5.96 44.05 -0.97
C LEU D 262 6.80 42.80 -1.02
N PHE D 263 7.97 42.81 -0.37
CA PHE D 263 8.90 41.70 -0.43
C PHE D 263 8.87 40.84 0.81
N GLN D 264 8.41 41.38 1.94
CA GLN D 264 8.23 40.59 3.16
C GLN D 264 6.84 40.88 3.66
N PRO D 265 5.83 40.15 3.17
CA PRO D 265 4.44 40.46 3.51
C PRO D 265 4.05 40.14 4.94
N SER D 266 4.92 39.50 5.71
CA SER D 266 4.62 39.23 7.11
C SER D 266 4.68 40.48 7.98
N PHE D 267 5.19 41.59 7.46
CA PHE D 267 4.99 42.87 8.13
C PHE D 267 3.52 43.25 8.16
N LEU D 268 2.81 42.97 7.08
CA LEU D 268 1.37 43.19 7.02
C LEU D 268 0.56 42.07 7.64
N GLY D 269 1.22 41.06 8.20
CA GLY D 269 0.50 39.97 8.83
C GLY D 269 -0.22 39.06 7.86
N LYS D 270 0.16 39.08 6.59
CA LYS D 270 -0.43 38.20 5.60
C LYS D 270 0.42 36.94 5.44
N GLU D 271 -0.25 35.81 5.28
CA GLU D 271 0.43 34.54 5.02
C GLU D 271 0.60 34.32 3.53
N ALA D 272 1.14 35.32 2.85
CA ALA D 272 1.39 35.25 1.44
C ALA D 272 2.90 35.28 1.21
N ALA D 273 3.31 35.35 -0.04
CA ALA D 273 4.70 35.40 -0.40
C ALA D 273 5.00 36.75 -1.03
N GLY D 274 6.27 37.13 -1.05
CA GLY D 274 6.67 38.41 -1.59
C GLY D 274 6.56 38.46 -3.11
N ILE D 275 6.84 39.63 -3.70
CA ILE D 275 6.79 39.76 -5.15
C ILE D 275 7.86 38.91 -5.80
N HIS D 276 9.02 38.80 -5.18
CA HIS D 276 10.07 37.96 -5.75
C HIS D 276 9.76 36.48 -5.62
N THR D 277 9.07 36.07 -4.54
CA THR D 277 8.75 34.65 -4.40
C THR D 277 7.46 34.26 -5.09
N THR D 278 6.55 35.20 -5.35
CA THR D 278 5.42 34.84 -6.20
C THR D 278 5.81 34.91 -7.67
N THR D 279 6.75 35.77 -8.03
CA THR D 279 7.25 35.79 -9.39
C THR D 279 8.05 34.53 -9.69
N PHE D 280 9.06 34.25 -8.87
CA PHE D 280 9.86 33.04 -9.03
C PHE D 280 9.03 31.78 -8.82
N ASN D 281 8.05 31.84 -7.92
CA ASN D 281 7.13 30.74 -7.76
C ASN D 281 6.25 30.56 -8.99
N SER D 282 5.97 31.64 -9.71
CA SER D 282 5.28 31.50 -10.98
C SER D 282 6.21 31.02 -12.09
N ILE D 283 7.51 31.21 -11.94
CA ILE D 283 8.44 30.62 -12.91
C ILE D 283 8.48 29.12 -12.72
N LYS D 284 8.53 28.67 -11.47
CA LYS D 284 8.60 27.23 -11.22
C LYS D 284 7.30 26.48 -11.54
N LYS D 285 6.19 27.18 -11.71
CA LYS D 285 4.97 26.51 -12.12
C LYS D 285 4.85 26.40 -13.64
N CYS D 286 5.78 26.97 -14.38
CA CYS D 286 5.83 26.81 -15.83
C CYS D 286 6.62 25.56 -16.16
N ASP D 287 6.65 25.21 -17.44
CA ASP D 287 7.43 24.06 -17.86
C ASP D 287 8.91 24.45 -17.95
N VAL D 288 9.78 23.43 -18.01
CA VAL D 288 11.20 23.64 -17.70
C VAL D 288 12.00 24.03 -18.92
N ASP D 289 11.38 24.19 -20.08
CA ASP D 289 12.15 24.66 -21.22
C ASP D 289 12.04 26.16 -21.40
N ILE D 290 10.88 26.73 -21.10
CA ILE D 290 10.63 28.14 -21.39
C ILE D 290 11.19 29.07 -20.34
N ARG D 291 11.73 28.53 -19.24
CA ARG D 291 12.13 29.36 -18.12
C ARG D 291 13.31 30.26 -18.44
N LYS D 292 14.20 29.81 -19.33
CA LYS D 292 15.29 30.66 -19.81
C LYS D 292 14.73 31.89 -20.52
N ASP D 293 13.62 31.72 -21.24
CA ASP D 293 13.00 32.86 -21.88
C ASP D 293 12.08 33.61 -20.94
N LEU D 294 11.87 33.10 -19.72
CA LEU D 294 11.07 33.82 -18.73
C LEU D 294 11.91 34.41 -17.62
N TYR D 295 13.05 33.83 -17.28
CA TYR D 295 13.99 34.54 -16.43
C TYR D 295 14.59 35.75 -17.12
N GLY D 296 14.57 35.79 -18.45
CA GLY D 296 15.16 36.87 -19.20
C GLY D 296 14.29 38.10 -19.34
N ASN D 297 12.97 37.97 -19.18
CA ASN D 297 12.06 39.11 -19.34
C ASN D 297 11.11 39.17 -18.16
N ILE D 298 11.54 39.81 -17.08
CA ILE D 298 10.65 40.13 -15.97
C ILE D 298 10.15 41.55 -16.19
N VAL D 299 9.00 41.68 -16.82
CA VAL D 299 8.45 42.98 -17.19
C VAL D 299 7.70 43.54 -16.00
N LEU D 300 8.15 44.68 -15.51
CA LEU D 300 7.43 45.38 -14.47
C LEU D 300 6.28 46.17 -15.08
N SER D 301 5.32 46.52 -14.23
CA SER D 301 4.18 47.32 -14.66
C SER D 301 3.57 47.97 -13.41
N GLY D 302 2.56 48.79 -13.63
CA GLY D 302 1.80 49.35 -12.53
C GLY D 302 2.51 50.41 -11.72
N GLY D 303 1.75 51.20 -10.97
CA GLY D 303 2.34 52.30 -10.26
C GLY D 303 3.05 51.93 -8.98
N THR D 304 2.92 50.70 -8.52
CA THR D 304 3.61 50.25 -7.32
C THR D 304 4.98 49.66 -7.65
N THR D 305 5.44 49.81 -8.88
CA THR D 305 6.80 49.46 -9.27
C THR D 305 7.57 50.70 -9.70
N MET D 306 7.16 51.85 -9.19
CA MET D 306 7.80 53.12 -9.50
C MET D 306 8.79 53.55 -8.42
N TYR D 307 9.20 52.62 -7.57
CA TYR D 307 10.11 52.93 -6.48
C TYR D 307 11.54 53.02 -7.01
N GLU D 308 12.49 53.27 -6.13
CA GLU D 308 13.89 53.30 -6.50
C GLU D 308 14.50 51.94 -6.24
N GLY D 309 15.19 51.41 -7.25
CA GLY D 309 15.92 50.18 -7.08
C GLY D 309 15.06 48.95 -6.98
N ILE D 310 13.83 49.00 -7.50
CA ILE D 310 13.02 47.80 -7.53
C ILE D 310 13.58 46.82 -8.57
N GLY D 311 14.22 47.33 -9.63
CA GLY D 311 14.92 46.45 -10.54
C GLY D 311 16.14 45.82 -9.90
N GLU D 312 16.85 46.59 -9.09
CA GLU D 312 18.06 46.08 -8.45
C GLU D 312 17.74 45.07 -7.36
N ARG D 313 16.78 45.41 -6.49
CA ARG D 313 16.36 44.48 -5.44
C ARG D 313 15.68 43.26 -6.01
N LEU D 314 14.89 43.43 -7.06
CA LEU D 314 14.19 42.30 -7.66
C LEU D 314 15.17 41.36 -8.37
N THR D 315 16.18 41.94 -9.05
CA THR D 315 17.20 41.09 -9.65
C THR D 315 18.07 40.39 -8.63
N ARG D 316 18.39 41.03 -7.49
CA ARG D 316 19.20 40.29 -6.54
C ARG D 316 18.39 39.26 -5.77
N ASP D 317 17.09 39.46 -5.61
CA ASP D 317 16.27 38.46 -4.93
C ASP D 317 16.01 37.26 -5.82
N ILE D 318 15.61 37.51 -7.08
CA ILE D 318 15.40 36.41 -8.00
C ILE D 318 16.72 35.71 -8.32
N THR D 319 17.79 36.48 -8.49
CA THR D 319 19.11 35.91 -8.74
C THR D 319 19.58 35.08 -7.55
N THR D 320 19.17 35.45 -6.34
CA THR D 320 19.38 34.55 -5.21
C THR D 320 18.52 33.29 -5.33
N LEU D 321 17.28 33.43 -5.79
CA LEU D 321 16.40 32.26 -5.85
C LEU D 321 16.66 31.40 -7.08
N ALA D 322 16.94 32.02 -8.22
CA ALA D 322 17.11 31.29 -9.47
C ALA D 322 18.41 30.50 -9.47
N PRO D 323 18.56 29.53 -10.37
CA PRO D 323 19.87 28.97 -10.63
C PRO D 323 20.82 30.02 -11.17
N SER D 324 22.06 29.97 -10.71
CA SER D 324 23.01 31.06 -10.93
C SER D 324 23.58 31.10 -12.34
N THR D 325 23.30 30.11 -13.18
CA THR D 325 23.84 30.13 -14.53
C THR D 325 23.01 30.99 -15.47
N MET D 326 21.83 31.41 -15.07
CA MET D 326 20.98 32.24 -15.90
C MET D 326 20.97 33.68 -15.42
N LYS D 327 21.05 34.59 -16.37
CA LYS D 327 20.95 36.01 -16.08
C LYS D 327 19.50 36.42 -15.93
N ILE D 328 19.24 37.24 -14.92
CA ILE D 328 17.91 37.76 -14.65
C ILE D 328 17.90 39.19 -15.17
N LYS D 329 17.05 39.46 -16.15
CA LYS D 329 17.02 40.77 -16.78
C LYS D 329 15.61 41.35 -16.61
N VAL D 330 15.42 42.17 -15.60
CA VAL D 330 14.14 42.86 -15.45
C VAL D 330 14.04 43.95 -16.49
N VAL D 331 12.83 44.19 -16.97
CA VAL D 331 12.57 45.29 -17.87
C VAL D 331 11.70 46.28 -17.11
N ALA D 332 12.29 47.41 -16.74
CA ALA D 332 11.60 48.47 -16.02
C ALA D 332 11.57 49.69 -16.93
N PRO D 333 10.59 49.78 -17.82
CA PRO D 333 10.54 50.92 -18.72
C PRO D 333 10.02 52.15 -17.99
N PRO D 334 10.38 53.33 -18.44
CA PRO D 334 9.63 54.53 -18.05
C PRO D 334 8.24 54.47 -18.64
N GLU D 335 7.34 55.26 -18.05
CA GLU D 335 5.90 55.18 -18.28
C GLU D 335 5.36 53.77 -18.04
N ARG D 336 5.84 53.09 -17.02
CA ARG D 336 5.32 51.78 -16.68
C ARG D 336 4.01 51.87 -15.92
N LYS D 337 3.64 53.07 -15.46
CA LYS D 337 2.30 53.30 -14.95
C LYS D 337 1.24 53.12 -16.01
N TYR D 338 1.57 53.42 -17.26
CA TYR D 338 0.59 53.48 -18.34
C TYR D 338 0.73 52.30 -19.28
N SER D 339 1.58 51.32 -18.94
CA SER D 339 1.88 50.23 -19.85
C SER D 339 0.68 49.34 -20.10
N VAL D 340 -0.29 49.34 -19.17
CA VAL D 340 -1.58 48.75 -19.47
C VAL D 340 -2.24 49.51 -20.60
N TRP D 341 -2.48 50.82 -20.39
CA TRP D 341 -3.31 51.61 -21.30
C TRP D 341 -2.69 51.71 -22.68
N ILE D 342 -1.37 51.90 -22.74
CA ILE D 342 -0.66 51.99 -24.01
C ILE D 342 -0.85 50.70 -24.79
N GLY D 343 -0.78 49.56 -24.09
CA GLY D 343 -1.06 48.30 -24.75
C GLY D 343 -2.50 48.21 -25.20
N GLY D 344 -3.40 48.80 -24.41
CA GLY D 344 -4.79 48.88 -24.80
C GLY D 344 -4.99 49.71 -26.04
N SER D 345 -4.10 50.65 -26.30
CA SER D 345 -4.13 51.32 -27.60
C SER D 345 -3.67 50.37 -28.69
N ILE D 346 -2.52 49.72 -28.48
CA ILE D 346 -1.89 48.92 -29.53
C ILE D 346 -2.72 47.70 -29.85
N LEU D 347 -3.38 47.13 -28.85
CA LEU D 347 -4.32 46.05 -29.10
C LEU D 347 -5.53 46.53 -29.87
N SER D 348 -6.07 47.70 -29.55
CA SER D 348 -7.30 48.12 -30.20
C SER D 348 -7.04 48.75 -31.55
N SER D 349 -5.79 49.06 -31.86
CA SER D 349 -5.43 49.60 -33.16
C SER D 349 -4.93 48.53 -34.11
N LEU D 350 -5.42 47.31 -34.00
CA LEU D 350 -5.08 46.25 -34.92
C LEU D 350 -6.26 45.92 -35.83
N SER D 351 -5.98 45.16 -36.87
CA SER D 351 -7.00 44.73 -37.81
C SER D 351 -7.52 43.35 -37.52
N THR D 352 -6.68 42.46 -36.97
CA THR D 352 -7.17 41.16 -36.56
C THR D 352 -8.04 41.25 -35.32
N PHE D 353 -7.67 42.13 -34.38
CA PHE D 353 -8.40 42.29 -33.13
C PHE D 353 -9.83 42.78 -33.34
N GLN D 354 -10.10 43.46 -34.43
CA GLN D 354 -11.45 43.88 -34.72
C GLN D 354 -12.36 42.74 -35.14
N GLN D 355 -11.85 41.52 -35.27
CA GLN D 355 -12.69 40.34 -35.39
C GLN D 355 -13.08 39.77 -34.04
N MET D 356 -12.74 40.43 -32.94
CA MET D 356 -12.87 39.85 -31.60
C MET D 356 -13.72 40.68 -30.66
N TRP D 357 -14.44 41.68 -31.15
CA TRP D 357 -15.31 42.45 -30.28
C TRP D 357 -16.55 41.64 -29.93
N ILE D 358 -17.28 42.11 -28.93
CA ILE D 358 -18.57 41.54 -28.56
C ILE D 358 -19.64 42.55 -28.95
N THR D 359 -20.33 42.28 -30.06
CA THR D 359 -21.25 43.25 -30.63
C THR D 359 -22.51 43.37 -29.79
N LYS D 360 -23.32 44.37 -30.12
CA LYS D 360 -24.55 44.64 -29.37
C LYS D 360 -25.56 43.53 -29.55
N GLU D 361 -25.75 43.07 -30.79
CA GLU D 361 -26.70 42.01 -31.07
C GLU D 361 -26.26 40.67 -30.50
N GLU D 362 -24.97 40.46 -30.29
CA GLU D 362 -24.52 39.20 -29.73
C GLU D 362 -24.77 39.16 -28.22
N TYR D 363 -24.64 40.31 -27.55
CA TYR D 363 -25.12 40.41 -26.18
C TYR D 363 -26.63 40.28 -26.13
N ASP D 364 -27.33 40.81 -27.13
CA ASP D 364 -28.78 40.67 -27.17
C ASP D 364 -29.22 39.23 -27.42
N GLU D 365 -28.36 38.40 -27.99
CA GLU D 365 -28.63 36.98 -28.11
C GLU D 365 -28.27 36.20 -26.85
N SER D 366 -27.00 36.22 -26.47
CA SER D 366 -26.52 35.30 -25.45
C SER D 366 -26.60 35.85 -24.03
N GLY D 367 -26.76 37.15 -23.87
CA GLY D 367 -26.65 37.75 -22.56
C GLY D 367 -25.20 37.92 -22.20
N PRO D 368 -24.91 38.08 -20.91
CA PRO D 368 -23.51 38.33 -20.49
C PRO D 368 -22.61 37.12 -20.61
N SER D 369 -23.16 35.91 -20.71
CA SER D 369 -22.35 34.68 -20.73
C SER D 369 -21.43 34.60 -21.94
N ILE D 370 -21.73 35.35 -23.01
CA ILE D 370 -20.87 35.39 -24.18
C ILE D 370 -19.50 35.98 -23.86
N VAL D 371 -19.40 36.77 -22.78
CA VAL D 371 -18.12 37.34 -22.39
C VAL D 371 -17.23 36.24 -21.82
N HIS D 372 -17.83 35.17 -21.30
CA HIS D 372 -17.04 34.03 -20.89
C HIS D 372 -16.71 33.10 -22.04
N ARG D 373 -17.07 33.46 -23.27
CA ARG D 373 -16.68 32.71 -24.44
C ARG D 373 -15.69 33.45 -25.32
N LYS D 374 -15.43 34.72 -25.03
CA LYS D 374 -14.49 35.54 -25.77
C LYS D 374 -13.54 36.23 -24.81
N CYS D 375 -12.92 35.46 -23.93
CA CYS D 375 -11.92 36.00 -23.02
C CYS D 375 -10.80 35.00 -22.79
N VAL E 6 14.45 15.10 -62.36
CA VAL E 6 15.44 14.14 -62.82
C VAL E 6 15.96 13.31 -61.65
N GLN E 7 16.58 13.99 -60.69
CA GLN E 7 17.15 13.33 -59.53
C GLN E 7 16.06 12.89 -58.57
N ALA E 8 16.26 11.72 -57.98
CA ALA E 8 15.30 11.18 -57.03
C ALA E 8 15.36 11.93 -55.71
N LEU E 9 14.43 11.62 -54.83
CA LEU E 9 14.27 12.35 -53.58
C LEU E 9 14.23 11.34 -52.45
N VAL E 10 15.32 11.24 -51.69
CA VAL E 10 15.51 10.16 -50.74
C VAL E 10 15.03 10.62 -49.38
N VAL E 11 13.97 9.97 -48.88
CA VAL E 11 13.35 10.33 -47.61
C VAL E 11 13.45 9.14 -46.66
N ASP E 12 14.16 9.33 -45.56
CA ASP E 12 14.19 8.35 -44.48
C ASP E 12 13.13 8.73 -43.46
N ASN E 13 12.07 7.92 -43.40
CA ASN E 13 11.04 8.05 -42.37
C ASN E 13 11.53 7.33 -41.13
N GLY E 14 12.46 7.96 -40.43
CA GLY E 14 12.93 7.39 -39.19
C GLY E 14 11.89 7.47 -38.10
N SER E 15 12.11 6.67 -37.06
CA SER E 15 11.17 6.68 -35.95
C SER E 15 11.32 7.91 -35.08
N GLY E 16 12.49 8.53 -35.08
CA GLY E 16 12.73 9.71 -34.27
C GLY E 16 13.39 10.84 -35.01
N ASN E 17 13.80 10.60 -36.25
CA ASN E 17 14.40 11.62 -37.10
C ASN E 17 14.05 11.33 -38.54
N VAL E 18 13.22 12.17 -39.14
CA VAL E 18 13.12 12.19 -40.60
C VAL E 18 14.42 12.76 -41.15
N LYS E 19 15.07 11.98 -42.02
CA LYS E 19 16.33 12.40 -42.64
C LYS E 19 16.09 12.34 -44.14
N ALA E 20 15.83 13.47 -44.76
CA ALA E 20 15.50 13.50 -46.17
C ALA E 20 16.41 14.48 -46.90
N GLY E 21 16.62 14.20 -48.17
CA GLY E 21 17.43 15.06 -49.01
C GLY E 21 17.40 14.54 -50.44
N VAL E 22 17.85 15.38 -51.32
CA VAL E 22 17.89 15.07 -52.75
C VAL E 22 19.01 14.08 -52.97
N ALA E 23 18.80 13.16 -53.92
CA ALA E 23 19.76 12.09 -54.21
C ALA E 23 21.07 12.66 -54.74
N GLY E 24 22.08 11.82 -54.74
CA GLY E 24 23.39 12.23 -55.21
C GLY E 24 24.12 13.15 -54.25
N ASP E 25 23.87 13.01 -52.96
CA ASP E 25 24.57 13.78 -51.94
C ASP E 25 25.24 12.82 -50.96
N ASP E 26 26.07 13.38 -50.08
CA ASP E 26 26.78 12.60 -49.07
C ASP E 26 26.19 12.75 -47.68
N ALA E 27 25.23 13.65 -47.50
CA ALA E 27 24.63 13.93 -46.21
C ALA E 27 23.24 14.52 -46.48
N PRO E 28 22.27 14.25 -45.62
CA PRO E 28 20.93 14.79 -45.85
C PRO E 28 20.89 16.30 -45.65
N ARG E 29 20.10 16.96 -46.48
CA ARG E 29 19.83 18.37 -46.26
C ARG E 29 18.96 18.58 -45.03
N SER E 30 18.02 17.68 -44.79
CA SER E 30 17.04 17.84 -43.72
C SER E 30 17.20 16.71 -42.72
N VAL E 31 17.66 17.06 -41.52
CA VAL E 31 17.71 16.11 -40.41
C VAL E 31 16.85 16.72 -39.32
N PHE E 32 15.60 16.30 -39.23
CA PHE E 32 14.70 16.93 -38.29
C PHE E 32 13.76 15.89 -37.73
N PRO E 33 13.37 15.99 -36.46
CA PRO E 33 12.69 14.87 -35.81
C PRO E 33 11.24 14.71 -36.24
N SER E 34 10.74 13.47 -36.08
CA SER E 34 9.40 13.09 -36.50
C SER E 34 8.41 13.47 -35.40
N ILE E 35 8.19 14.76 -35.23
CA ILE E 35 7.40 15.26 -34.13
C ILE E 35 6.26 16.11 -34.67
N VAL E 36 5.05 15.78 -34.26
CA VAL E 36 3.90 16.67 -34.42
C VAL E 36 3.47 17.12 -33.04
N GLY E 37 3.55 18.42 -32.79
CA GLY E 37 3.19 18.99 -31.52
C GLY E 37 1.97 19.87 -31.67
N ARG E 38 1.06 19.78 -30.70
CA ARG E 38 -0.10 20.65 -30.72
C ARG E 38 -0.17 21.43 -29.42
N PRO E 39 -0.54 22.71 -29.47
CA PRO E 39 -0.52 23.54 -28.26
C PRO E 39 -1.58 23.15 -27.26
N LYS E 40 -1.12 22.85 -26.05
CA LYS E 40 -2.02 22.53 -24.95
C LYS E 40 -2.67 23.76 -24.35
N ASN E 41 -2.21 24.94 -24.72
CA ASN E 41 -2.68 26.19 -24.15
C ASN E 41 -3.21 27.08 -25.26
N PRO E 42 -4.29 27.81 -24.99
CA PRO E 42 -4.81 28.74 -26.01
C PRO E 42 -3.97 30.00 -26.09
N GLY E 43 -3.81 30.50 -27.32
CA GLY E 43 -3.05 31.72 -27.52
C GLY E 43 -3.81 32.92 -27.03
N ILE E 44 -3.07 33.93 -26.57
CA ILE E 44 -3.69 35.11 -25.98
C ILE E 44 -3.16 36.40 -26.58
N MET E 45 -2.03 36.36 -27.28
CA MET E 45 -1.49 37.55 -27.91
C MET E 45 -2.05 37.66 -29.33
N VAL E 46 -2.85 38.69 -29.56
CA VAL E 46 -3.44 38.93 -30.86
C VAL E 46 -2.39 39.52 -31.78
N GLY E 47 -2.21 38.92 -32.95
CA GLY E 47 -1.13 39.34 -33.83
C GLY E 47 -0.06 38.28 -33.93
N MET E 48 -0.47 37.01 -33.89
CA MET E 48 0.45 35.89 -33.93
C MET E 48 -0.07 34.86 -34.93
N GLU E 49 0.73 33.83 -35.14
CA GLU E 49 0.33 32.69 -35.96
C GLU E 49 -0.36 31.66 -35.08
N GLU E 50 -1.50 31.16 -35.54
CA GLU E 50 -2.17 30.11 -34.78
C GLU E 50 -1.45 28.79 -34.93
N LYS E 51 -1.46 28.22 -36.14
CA LYS E 51 -0.68 27.04 -36.54
C LYS E 51 -0.95 25.85 -35.62
N ASP E 52 -2.14 25.25 -35.72
CA ASP E 52 -2.59 24.24 -34.77
C ASP E 52 -1.68 23.02 -34.71
N ALA E 53 -0.93 22.74 -35.76
CA ALA E 53 0.03 21.65 -35.75
C ALA E 53 1.42 22.19 -36.07
N PHE E 54 2.29 22.19 -35.06
CA PHE E 54 3.69 22.51 -35.27
C PHE E 54 4.43 21.23 -35.61
N VAL E 55 5.10 21.22 -36.75
CA VAL E 55 5.69 20.01 -37.30
C VAL E 55 7.20 20.21 -37.39
N GLY E 56 7.96 19.22 -36.93
CA GLY E 56 9.37 19.23 -37.20
C GLY E 56 10.21 19.94 -36.15
N ASP E 57 11.20 20.69 -36.60
CA ASP E 57 12.16 21.28 -35.66
C ASP E 57 11.57 22.47 -34.93
N GLU E 58 10.61 23.15 -35.54
CA GLU E 58 9.90 24.23 -34.87
C GLU E 58 9.12 23.71 -33.68
N ALA E 59 8.58 22.50 -33.79
CA ALA E 59 7.91 21.88 -32.66
C ALA E 59 8.85 21.53 -31.54
N GLN E 60 10.13 21.33 -31.83
CA GLN E 60 11.10 21.07 -30.77
C GLN E 60 11.67 22.34 -30.18
N THR E 61 11.76 23.42 -30.96
CA THR E 61 12.19 24.70 -30.38
C THR E 61 11.11 25.35 -29.54
N LYS E 62 9.86 24.93 -29.67
CA LYS E 62 8.79 25.45 -28.82
C LYS E 62 8.27 24.35 -27.91
N ARG E 63 9.15 23.51 -27.39
CA ARG E 63 8.73 22.28 -26.73
C ARG E 63 8.05 22.51 -25.39
N GLY E 64 8.19 23.69 -24.79
CA GLY E 64 7.63 23.89 -23.46
C GLY E 64 6.14 24.14 -23.45
N ILE E 65 5.56 24.45 -24.59
CA ILE E 65 4.15 24.82 -24.69
C ILE E 65 3.40 23.88 -25.63
N LEU E 66 3.94 22.69 -25.87
CA LEU E 66 3.37 21.78 -26.85
C LEU E 66 3.24 20.37 -26.30
N THR E 67 2.15 19.72 -26.66
CA THR E 67 2.05 18.27 -26.56
C THR E 67 2.75 17.67 -27.77
N LEU E 68 3.93 17.11 -27.56
CA LEU E 68 4.77 16.62 -28.69
C LEU E 68 4.57 15.11 -28.84
N LYS E 69 3.94 14.69 -29.96
CA LYS E 69 3.64 13.25 -30.16
C LYS E 69 4.34 12.74 -31.43
N TYR E 70 5.07 11.63 -31.32
CA TYR E 70 5.71 11.02 -32.51
C TYR E 70 4.72 10.03 -33.13
N PRO E 71 4.40 10.11 -34.47
CA PRO E 71 3.48 9.22 -35.18
C PRO E 71 4.05 7.84 -35.47
N ILE E 72 5.29 7.56 -35.09
CA ILE E 72 5.94 6.30 -35.40
C ILE E 72 6.20 5.55 -34.09
N GLU E 73 5.37 4.56 -33.81
CA GLU E 73 5.59 3.66 -32.69
C GLU E 73 6.10 2.35 -33.27
N HIS E 74 7.40 2.10 -33.08
CA HIS E 74 8.08 0.88 -33.50
C HIS E 74 7.99 0.67 -35.01
N GLY E 75 8.42 1.68 -35.76
CA GLY E 75 8.47 1.58 -37.21
C GLY E 75 7.13 1.54 -37.89
N ILE E 76 6.05 1.84 -37.17
CA ILE E 76 4.69 1.68 -37.66
C ILE E 76 3.95 2.98 -37.43
N VAL E 77 3.32 3.50 -38.48
CA VAL E 77 2.57 4.74 -38.37
C VAL E 77 1.30 4.48 -37.59
N THR E 78 1.16 5.13 -36.44
CA THR E 78 -0.06 5.01 -35.66
C THR E 78 -1.04 6.13 -35.92
N ASN E 79 -0.64 7.19 -36.62
CA ASN E 79 -1.54 8.30 -36.91
C ASN E 79 -1.15 8.86 -38.27
N TRP E 80 -1.99 8.62 -39.27
CA TRP E 80 -1.63 8.96 -40.64
C TRP E 80 -1.76 10.45 -40.93
N ASP E 81 -2.57 11.17 -40.16
CA ASP E 81 -2.66 12.61 -40.37
C ASP E 81 -1.37 13.29 -39.93
N ASP E 82 -0.78 12.82 -38.83
CA ASP E 82 0.49 13.36 -38.37
C ASP E 82 1.61 13.03 -39.34
N MET E 83 1.60 11.82 -39.89
CA MET E 83 2.65 11.44 -40.83
C MET E 83 2.48 12.17 -42.15
N GLU E 84 1.24 12.47 -42.53
CA GLU E 84 1.01 13.28 -43.72
C GLU E 84 1.44 14.72 -43.50
N LYS E 85 1.30 15.23 -42.28
CA LYS E 85 1.83 16.56 -41.98
C LYS E 85 3.34 16.58 -42.00
N ILE E 86 3.98 15.49 -41.56
CA ILE E 86 5.45 15.47 -41.57
C ILE E 86 5.96 15.35 -43.00
N TRP E 87 5.30 14.55 -43.84
CA TRP E 87 5.68 14.50 -45.24
C TRP E 87 5.42 15.80 -45.97
N HIS E 88 4.34 16.50 -45.60
CA HIS E 88 4.03 17.77 -46.24
C HIS E 88 5.04 18.82 -45.87
N HIS E 89 5.42 18.89 -44.59
CA HIS E 89 6.49 19.77 -44.15
C HIS E 89 7.83 19.41 -44.77
N THR E 90 8.09 18.12 -44.93
CA THR E 90 9.37 17.66 -45.48
C THR E 90 9.51 18.06 -46.93
N PHE E 91 8.48 17.79 -47.73
CA PHE E 91 8.54 18.11 -49.15
C PHE E 91 8.46 19.61 -49.38
N TYR E 92 7.40 20.25 -48.90
CA TYR E 92 7.18 21.63 -49.28
C TYR E 92 7.96 22.61 -48.43
N ASN E 93 8.02 22.41 -47.11
CA ASN E 93 8.52 23.47 -46.25
C ASN E 93 10.00 23.32 -45.89
N GLU E 94 10.58 22.13 -46.08
CA GLU E 94 11.96 21.93 -45.66
C GLU E 94 12.89 21.63 -46.83
N LEU E 95 12.57 20.62 -47.65
CA LEU E 95 13.36 20.38 -48.85
C LEU E 95 13.08 21.41 -49.94
N ARG E 96 11.90 22.04 -49.91
CA ARG E 96 11.48 23.07 -50.86
C ARG E 96 11.48 22.55 -52.30
N ALA E 97 11.17 21.27 -52.47
CA ALA E 97 11.07 20.67 -53.79
C ALA E 97 9.72 19.99 -53.91
N ALA E 98 9.06 20.19 -55.04
CA ALA E 98 7.74 19.63 -55.23
C ALA E 98 7.82 18.12 -55.44
N PRO E 99 6.82 17.37 -54.98
CA PRO E 99 6.81 15.93 -55.23
C PRO E 99 6.57 15.56 -56.67
N GLU E 100 5.92 16.43 -57.45
CA GLU E 100 5.71 16.15 -58.87
C GLU E 100 6.98 16.24 -59.68
N GLU E 101 8.00 16.94 -59.16
CA GLU E 101 9.23 17.14 -59.91
C GLU E 101 10.17 15.95 -59.83
N HIS E 102 10.05 15.12 -58.81
CA HIS E 102 11.06 14.11 -58.53
C HIS E 102 10.39 12.80 -58.15
N PRO E 103 11.08 11.68 -58.34
CA PRO E 103 10.67 10.45 -57.68
C PRO E 103 11.12 10.42 -56.25
N VAL E 104 10.30 9.82 -55.38
CA VAL E 104 10.62 9.74 -53.97
C VAL E 104 11.02 8.31 -53.64
N LEU E 105 11.96 8.16 -52.71
CA LEU E 105 12.46 6.86 -52.28
C LEU E 105 12.24 6.76 -50.78
N LEU E 106 11.10 6.21 -50.38
CA LEU E 106 10.82 6.04 -48.96
C LEU E 106 11.56 4.80 -48.47
N THR E 107 11.60 4.63 -47.16
CA THR E 107 12.25 3.45 -46.61
C THR E 107 11.41 2.90 -45.46
N GLU E 108 11.70 1.65 -45.08
CA GLU E 108 10.73 0.84 -44.31
C GLU E 108 11.46 -0.20 -43.47
N ALA E 109 11.15 -0.26 -42.17
CA ALA E 109 11.77 -1.28 -41.29
C ALA E 109 11.28 -2.67 -41.71
N PRO E 110 12.16 -3.69 -41.83
CA PRO E 110 11.73 -5.07 -42.13
C PRO E 110 10.65 -5.60 -41.19
N LEU E 111 9.82 -6.53 -41.70
CA LEU E 111 8.67 -7.08 -40.99
C LEU E 111 7.71 -5.97 -40.52
N ASN E 112 7.63 -4.91 -41.28
CA ASN E 112 6.62 -3.90 -41.12
C ASN E 112 5.31 -4.46 -41.67
N PRO E 113 4.18 -4.24 -41.00
CA PRO E 113 2.90 -4.71 -41.54
C PRO E 113 2.56 -4.09 -42.89
N LYS E 114 1.74 -4.81 -43.65
CA LYS E 114 1.41 -4.44 -45.01
C LYS E 114 0.62 -3.14 -45.11
N GLY E 115 -0.10 -2.77 -44.04
CA GLY E 115 -0.88 -1.55 -44.06
C GLY E 115 -0.04 -0.30 -44.15
N ASN E 116 1.21 -0.37 -43.67
CA ASN E 116 2.11 0.76 -43.82
C ASN E 116 2.55 0.95 -45.26
N ARG E 117 2.81 -0.14 -45.98
CA ARG E 117 3.15 -0.01 -47.39
C ARG E 117 1.95 0.44 -48.22
N GLU E 118 0.80 -0.20 -48.03
CA GLU E 118 -0.36 0.10 -48.85
C GLU E 118 -0.89 1.50 -48.57
N ARG E 119 -1.02 1.84 -47.30
CA ARG E 119 -1.47 3.18 -46.94
C ARG E 119 -0.41 4.23 -47.27
N MET E 120 0.87 3.85 -47.21
CA MET E 120 1.95 4.78 -47.51
C MET E 120 1.99 5.15 -48.99
N THR E 121 1.95 4.16 -49.87
CA THR E 121 1.95 4.45 -51.29
C THR E 121 0.61 5.02 -51.75
N GLN E 122 -0.47 4.69 -51.05
CA GLN E 122 -1.74 5.33 -51.32
C GLN E 122 -1.69 6.82 -51.01
N ILE E 123 -0.98 7.19 -49.94
CA ILE E 123 -0.77 8.61 -49.66
C ILE E 123 0.11 9.23 -50.73
N MET E 124 1.22 8.58 -51.06
CA MET E 124 2.17 9.20 -51.96
C MET E 124 1.73 9.21 -53.42
N PHE E 125 0.64 8.51 -53.78
CA PHE E 125 0.10 8.73 -55.11
C PHE E 125 -1.21 9.49 -55.12
N GLU E 126 -1.99 9.43 -54.06
CA GLU E 126 -3.24 10.17 -54.02
C GLU E 126 -3.08 11.57 -53.45
N SER E 127 -2.50 11.70 -52.25
CA SER E 127 -2.33 13.01 -51.65
C SER E 127 -1.22 13.79 -52.34
N PHE E 128 -0.01 13.30 -52.30
CA PHE E 128 1.06 13.85 -53.11
C PHE E 128 0.98 13.21 -54.49
N ASN E 129 1.33 13.98 -55.51
CA ASN E 129 1.28 13.46 -56.87
C ASN E 129 2.71 13.11 -57.30
N VAL E 130 3.20 12.01 -56.77
CA VAL E 130 4.55 11.56 -57.06
C VAL E 130 4.51 10.74 -58.35
N PRO E 131 5.42 10.96 -59.30
CA PRO E 131 5.41 10.14 -60.51
C PRO E 131 5.81 8.69 -60.28
N ALA E 132 6.83 8.45 -59.47
CA ALA E 132 7.31 7.09 -59.26
C ALA E 132 7.95 6.97 -57.90
N MET E 133 7.85 5.79 -57.30
CA MET E 133 8.31 5.62 -55.93
C MET E 133 8.61 4.17 -55.61
N TYR E 134 9.80 3.93 -55.09
CA TYR E 134 10.17 2.65 -54.53
C TYR E 134 10.31 2.83 -53.03
N VAL E 135 9.79 1.86 -52.27
CA VAL E 135 10.06 1.81 -50.83
C VAL E 135 11.06 0.68 -50.60
N ALA E 136 11.85 0.81 -49.55
CA ALA E 136 12.99 -0.06 -49.40
C ALA E 136 13.23 -0.39 -47.95
N ILE E 137 14.14 -1.32 -47.71
CA ILE E 137 14.54 -1.75 -46.38
C ILE E 137 15.71 -0.91 -45.91
N GLN E 138 15.63 -0.45 -44.65
CA GLN E 138 16.68 0.40 -44.11
C GLN E 138 18.02 -0.32 -44.00
N ALA E 139 17.98 -1.62 -43.71
CA ALA E 139 19.20 -2.36 -43.48
C ALA E 139 19.98 -2.60 -44.77
N VAL E 140 19.28 -2.94 -45.85
CA VAL E 140 19.98 -3.20 -47.11
C VAL E 140 20.56 -1.91 -47.66
N LEU E 141 19.93 -0.77 -47.35
CA LEU E 141 20.47 0.52 -47.76
C LEU E 141 21.71 0.87 -46.96
N SER E 142 21.70 0.54 -45.66
CA SER E 142 22.91 0.73 -44.88
C SER E 142 24.04 -0.19 -45.35
N LEU E 143 23.70 -1.33 -45.94
CA LEU E 143 24.77 -2.16 -46.48
C LEU E 143 25.21 -1.68 -47.87
N TYR E 144 24.36 -0.93 -48.59
CA TYR E 144 24.88 -0.21 -49.75
C TYR E 144 25.89 0.84 -49.33
N SER E 145 25.55 1.65 -48.34
CA SER E 145 26.46 2.71 -47.92
C SER E 145 27.67 2.17 -47.17
N SER E 146 27.62 0.92 -46.72
CA SER E 146 28.76 0.33 -46.03
C SER E 146 29.92 0.05 -46.95
N GLY E 147 29.69 -0.01 -48.26
CA GLY E 147 30.74 -0.34 -49.19
C GLY E 147 30.95 -1.82 -49.39
N ARG E 148 30.01 -2.65 -48.98
CA ARG E 148 30.14 -4.09 -49.07
C ARG E 148 28.88 -4.68 -49.70
N THR E 149 28.94 -5.98 -49.98
CA THR E 149 27.76 -6.74 -50.38
C THR E 149 27.60 -8.00 -49.55
N THR E 150 28.31 -8.11 -48.44
CA THR E 150 28.23 -9.31 -47.60
C THR E 150 28.44 -8.89 -46.17
N GLY E 151 27.40 -9.01 -45.36
CA GLY E 151 27.53 -8.67 -43.96
C GLY E 151 26.19 -8.71 -43.28
N ILE E 152 26.23 -8.48 -41.98
CA ILE E 152 25.05 -8.42 -41.14
C ILE E 152 24.85 -6.98 -40.73
N VAL E 153 23.68 -6.44 -41.01
CA VAL E 153 23.32 -5.13 -40.52
C VAL E 153 22.48 -5.30 -39.28
N LEU E 154 22.92 -4.74 -38.16
CA LEU E 154 22.03 -4.56 -37.04
C LEU E 154 21.67 -3.08 -37.00
N ASP E 155 20.42 -2.79 -37.28
CA ASP E 155 19.89 -1.44 -37.21
C ASP E 155 19.32 -1.22 -35.82
N SER E 156 19.38 0.03 -35.36
CA SER E 156 18.77 0.37 -34.08
C SER E 156 18.44 1.86 -34.14
N GLY E 157 17.18 2.16 -34.41
CA GLY E 157 16.76 3.54 -34.44
C GLY E 157 16.03 3.94 -33.19
N ASP E 158 14.82 4.46 -33.34
CA ASP E 158 13.95 4.71 -32.21
C ASP E 158 12.72 3.83 -32.19
N GLY E 159 12.56 2.97 -33.19
CA GLY E 159 11.46 2.06 -33.13
C GLY E 159 11.84 0.61 -33.23
N VAL E 160 12.96 0.36 -33.89
CA VAL E 160 13.31 -0.97 -34.36
C VAL E 160 14.72 -1.33 -33.95
N SER E 161 15.08 -2.60 -34.13
CA SER E 161 16.48 -3.00 -34.10
C SER E 161 16.59 -4.23 -35.00
N HIS E 162 16.96 -4.02 -36.25
CA HIS E 162 16.98 -5.10 -37.21
C HIS E 162 18.27 -5.87 -37.14
N THR E 163 18.23 -7.08 -37.67
CA THR E 163 19.44 -7.83 -37.92
C THR E 163 19.22 -8.56 -39.23
N VAL E 164 19.60 -7.92 -40.33
CA VAL E 164 19.41 -8.47 -41.66
C VAL E 164 20.76 -8.97 -42.17
N PRO E 165 20.92 -10.27 -42.39
CA PRO E 165 22.15 -10.76 -43.02
C PRO E 165 21.99 -10.82 -44.53
N ILE E 166 23.07 -10.48 -45.23
CA ILE E 166 23.12 -10.58 -46.68
C ILE E 166 24.43 -11.23 -47.06
N TYR E 167 24.36 -12.32 -47.82
CA TYR E 167 25.56 -12.96 -48.33
C TYR E 167 25.60 -12.79 -49.84
N GLU E 168 26.47 -11.88 -50.30
CA GLU E 168 26.79 -11.67 -51.71
C GLU E 168 25.54 -11.32 -52.53
N GLY E 169 24.80 -10.34 -52.05
CA GLY E 169 23.70 -9.81 -52.83
C GLY E 169 22.39 -10.53 -52.67
N TYR E 170 22.34 -11.57 -51.84
CA TYR E 170 21.13 -12.35 -51.65
C TYR E 170 20.65 -12.16 -50.22
N ALA E 171 19.42 -11.70 -50.07
CA ALA E 171 18.82 -11.57 -48.76
C ALA E 171 18.53 -12.94 -48.18
N LEU E 172 18.39 -12.97 -46.86
CA LEU E 172 18.05 -14.20 -46.15
C LEU E 172 16.79 -13.94 -45.36
N PRO E 173 15.61 -14.05 -45.98
CA PRO E 173 14.37 -13.64 -45.31
C PRO E 173 13.93 -14.58 -44.22
N HIS E 174 14.54 -15.76 -44.08
CA HIS E 174 14.28 -16.61 -42.93
C HIS E 174 15.21 -16.30 -41.78
N ALA E 175 16.07 -15.29 -41.91
CA ALA E 175 16.99 -14.93 -40.85
C ALA E 175 16.90 -13.47 -40.44
N ILE E 176 15.93 -12.72 -40.96
CA ILE E 176 15.73 -11.34 -40.52
C ILE E 176 15.05 -11.38 -39.16
N MET E 177 15.78 -10.95 -38.12
CA MET E 177 15.22 -10.89 -36.79
C MET E 177 15.17 -9.45 -36.32
N ARG E 178 13.97 -8.95 -36.10
CA ARG E 178 13.80 -7.60 -35.60
C ARG E 178 13.62 -7.66 -34.10
N LEU E 179 13.74 -6.51 -33.47
CA LEU E 179 13.74 -6.38 -32.03
C LEU E 179 13.20 -5.00 -31.66
N ASP E 180 12.28 -4.96 -30.71
CA ASP E 180 11.68 -3.69 -30.31
C ASP E 180 12.42 -3.09 -29.12
N LEU E 181 13.72 -2.95 -29.28
CA LEU E 181 14.57 -2.23 -28.34
C LEU E 181 15.28 -1.14 -29.09
N ALA E 182 15.11 0.09 -28.64
CA ALA E 182 15.62 1.20 -29.43
C ALA E 182 15.83 2.41 -28.53
N GLY E 183 16.01 3.57 -29.14
CA GLY E 183 16.30 4.76 -28.36
C GLY E 183 15.15 5.21 -27.47
N ARG E 184 13.91 4.93 -27.87
CA ARG E 184 12.78 5.41 -27.08
C ARG E 184 12.61 4.59 -25.81
N ASP E 185 12.84 3.28 -25.88
CA ASP E 185 12.80 2.48 -24.67
C ASP E 185 13.98 2.79 -23.76
N LEU E 186 15.09 3.25 -24.32
CA LEU E 186 16.20 3.66 -23.48
C LEU E 186 15.98 5.02 -22.85
N THR E 187 15.22 5.90 -23.52
CA THR E 187 14.84 7.14 -22.86
C THR E 187 13.83 6.89 -21.75
N GLU E 188 12.90 5.96 -21.96
CA GLU E 188 11.93 5.66 -20.91
C GLU E 188 12.59 4.99 -19.72
N TYR E 189 13.49 4.04 -19.98
CA TYR E 189 14.23 3.40 -18.92
C TYR E 189 15.15 4.37 -18.21
N LEU E 190 15.72 5.32 -18.96
CA LEU E 190 16.53 6.35 -18.34
C LEU E 190 15.69 7.26 -17.45
N MET E 191 14.43 7.49 -17.83
CA MET E 191 13.54 8.22 -16.94
C MET E 191 13.26 7.45 -15.67
N LYS E 192 13.14 6.12 -15.75
CA LYS E 192 12.88 5.36 -14.52
C LYS E 192 14.08 5.37 -13.59
N ILE E 193 15.29 5.26 -14.13
CA ILE E 193 16.42 5.25 -13.21
C ILE E 193 16.71 6.67 -12.72
N LEU E 194 16.32 7.69 -13.48
CA LEU E 194 16.42 9.02 -12.91
C LEU E 194 15.32 9.30 -11.90
N HIS E 195 14.19 8.60 -11.96
CA HIS E 195 13.30 8.58 -10.80
C HIS E 195 13.97 7.95 -9.61
N GLU E 196 14.87 6.99 -9.85
CA GLU E 196 15.62 6.40 -8.74
C GLU E 196 16.64 7.36 -8.16
N ARG E 197 17.27 8.19 -9.00
CA ARG E 197 18.25 9.14 -8.46
C ARG E 197 17.62 10.34 -7.78
N GLY E 198 16.43 10.75 -8.20
CA GLY E 198 15.84 11.95 -7.62
C GLY E 198 15.44 13.01 -8.62
N TYR E 199 15.18 12.63 -9.86
CA TYR E 199 14.74 13.58 -10.85
C TYR E 199 13.45 13.05 -11.48
N GLY E 200 12.49 13.92 -11.68
CA GLY E 200 11.23 13.43 -12.21
C GLY E 200 10.89 14.04 -13.55
N PHE E 201 10.98 13.24 -14.59
CA PHE E 201 10.70 13.67 -15.95
C PHE E 201 9.46 12.90 -16.43
N SER E 202 8.39 13.63 -16.69
CA SER E 202 7.12 12.97 -16.98
C SER E 202 6.52 13.39 -18.31
N THR E 203 6.69 14.64 -18.71
CA THR E 203 6.03 15.16 -19.89
C THR E 203 6.83 14.80 -21.14
N SER E 204 6.48 15.36 -22.30
CA SER E 204 7.16 15.00 -23.52
C SER E 204 8.45 15.80 -23.71
N ALA E 205 8.41 17.10 -23.39
CA ALA E 205 9.62 17.91 -23.43
C ALA E 205 10.65 17.41 -22.43
N GLU E 206 10.19 16.91 -21.29
CA GLU E 206 11.08 16.27 -20.34
C GLU E 206 11.67 14.99 -20.91
N LYS E 207 10.92 14.26 -21.75
CA LYS E 207 11.50 13.10 -22.42
C LYS E 207 12.56 13.52 -23.42
N GLU E 208 12.43 14.69 -24.02
CA GLU E 208 13.47 15.13 -24.94
C GLU E 208 14.71 15.60 -24.20
N ILE E 209 14.55 16.18 -23.02
CA ILE E 209 15.70 16.50 -22.19
C ILE E 209 16.41 15.22 -21.74
N VAL E 210 15.63 14.19 -21.42
CA VAL E 210 16.20 12.87 -21.13
C VAL E 210 16.90 12.30 -22.35
N ARG E 211 16.44 12.63 -23.56
CA ARG E 211 17.16 12.19 -24.74
C ARG E 211 18.48 12.90 -24.90
N ASP E 212 18.55 14.19 -24.54
CA ASP E 212 19.84 14.88 -24.61
C ASP E 212 20.81 14.36 -23.56
N ILE E 213 20.31 14.00 -22.37
CA ILE E 213 21.15 13.37 -21.37
C ILE E 213 21.64 12.02 -21.86
N LYS E 214 20.77 11.28 -22.56
CA LYS E 214 21.13 9.96 -23.05
C LYS E 214 22.16 10.06 -24.16
N GLU E 215 22.12 11.12 -24.95
CA GLU E 215 23.15 11.31 -25.96
C GLU E 215 24.47 11.75 -25.36
N LYS E 216 24.47 12.68 -24.42
CA LYS E 216 25.72 13.25 -23.96
C LYS E 216 26.40 12.47 -22.85
N LEU E 217 25.70 11.58 -22.16
CA LEU E 217 26.25 10.96 -20.96
C LEU E 217 26.28 9.44 -20.97
N CYS E 218 25.40 8.76 -21.70
CA CYS E 218 25.35 7.31 -21.64
C CYS E 218 26.46 6.69 -22.49
N TYR E 219 27.06 5.62 -21.97
CA TYR E 219 28.06 4.88 -22.73
C TYR E 219 28.02 3.43 -22.28
N ILE E 220 28.34 2.53 -23.21
CA ILE E 220 28.26 1.10 -22.94
C ILE E 220 29.52 0.65 -22.23
N ALA E 221 29.35 -0.01 -21.09
CA ALA E 221 30.48 -0.54 -20.35
C ALA E 221 31.05 -1.77 -21.04
N LEU E 222 32.30 -2.09 -20.70
CA LEU E 222 32.93 -3.28 -21.23
C LEU E 222 32.45 -4.53 -20.50
N ASN E 223 32.53 -4.51 -19.18
CA ASN E 223 31.93 -5.54 -18.35
C ASN E 223 31.07 -4.85 -17.33
N PHE E 224 29.78 -5.20 -17.30
CA PHE E 224 28.82 -4.42 -16.54
C PHE E 224 28.94 -4.65 -15.05
N ASP E 225 29.21 -5.89 -14.64
CA ASP E 225 29.35 -6.18 -13.21
C ASP E 225 30.60 -5.53 -12.62
N GLU E 226 31.68 -5.49 -13.40
CA GLU E 226 32.89 -4.83 -12.94
C GLU E 226 32.68 -3.33 -12.81
N GLU E 227 31.90 -2.74 -13.72
CA GLU E 227 31.63 -1.31 -13.61
C GLU E 227 30.64 -1.00 -12.50
N MET E 228 29.75 -1.94 -12.17
CA MET E 228 28.92 -1.75 -10.99
C MET E 228 29.77 -1.80 -9.72
N LYS E 229 30.67 -2.77 -9.62
CA LYS E 229 31.46 -2.92 -8.40
C LYS E 229 32.49 -1.80 -8.24
N THR E 230 33.08 -1.34 -9.35
CA THR E 230 33.95 -0.18 -9.26
C THR E 230 33.18 1.12 -9.10
N SER E 231 31.93 1.15 -9.54
CA SER E 231 31.09 2.32 -9.36
C SER E 231 30.33 2.30 -8.04
N GLU E 232 30.53 1.29 -7.21
CA GLU E 232 30.10 1.37 -5.82
C GLU E 232 30.87 2.45 -5.08
N GLN E 233 32.14 2.62 -5.41
CA GLN E 233 32.97 3.68 -4.87
C GLN E 233 32.97 4.79 -5.91
N SER E 234 32.10 5.79 -5.69
CA SER E 234 31.86 6.83 -6.67
C SER E 234 33.06 7.75 -6.77
N SER E 235 33.87 7.56 -7.80
CA SER E 235 35.08 8.34 -7.99
C SER E 235 35.00 9.25 -9.21
N ASP E 236 34.78 8.69 -10.39
CA ASP E 236 34.73 9.47 -11.61
C ASP E 236 33.49 9.15 -12.44
N ILE E 237 32.66 8.21 -11.98
CA ILE E 237 31.49 7.79 -12.74
C ILE E 237 30.37 8.81 -12.65
N GLU E 238 30.41 9.71 -11.68
CA GLU E 238 29.40 10.75 -11.54
C GLU E 238 29.75 11.93 -12.43
N LYS E 239 28.79 12.40 -13.21
CA LYS E 239 28.99 13.55 -14.07
C LYS E 239 27.88 14.56 -13.82
N SER E 240 28.04 15.72 -14.46
CA SER E 240 27.11 16.83 -14.33
C SER E 240 26.52 17.17 -15.69
N TYR E 241 25.39 17.85 -15.67
CA TYR E 241 24.71 18.27 -16.88
C TYR E 241 23.88 19.50 -16.55
N GLU E 242 23.79 20.40 -17.51
CA GLU E 242 23.03 21.63 -17.32
C GLU E 242 21.79 21.61 -18.19
N LEU E 243 20.67 21.96 -17.60
CA LEU E 243 19.38 21.86 -18.24
C LEU E 243 19.06 23.17 -18.96
N PRO E 244 17.94 23.25 -19.68
CA PRO E 244 17.38 24.57 -20.02
C PRO E 244 16.68 25.30 -18.87
N ASP E 245 16.82 24.82 -17.64
CA ASP E 245 16.43 25.55 -16.45
C ASP E 245 17.64 26.12 -15.72
N GLY E 246 18.82 25.57 -15.93
CA GLY E 246 20.02 26.05 -15.28
C GLY E 246 20.46 25.24 -14.09
N ASN E 247 19.80 24.14 -13.80
CA ASN E 247 20.14 23.30 -12.66
C ASN E 247 21.32 22.39 -13.00
N ILE E 248 21.58 21.41 -12.15
CA ILE E 248 22.69 20.48 -12.34
C ILE E 248 22.17 19.06 -12.16
N ILE E 249 22.40 18.22 -13.14
CA ILE E 249 22.13 16.79 -13.06
C ILE E 249 23.43 16.08 -12.73
N THR E 250 23.41 15.23 -11.70
CA THR E 250 24.56 14.44 -11.31
C THR E 250 24.23 12.97 -11.52
N VAL E 251 24.82 12.37 -12.55
CA VAL E 251 24.53 10.99 -12.87
C VAL E 251 25.63 10.09 -12.32
N GLY E 252 25.21 8.92 -11.83
CA GLY E 252 26.10 7.95 -11.24
C GLY E 252 26.23 6.69 -12.07
N ASN E 253 25.48 5.66 -11.70
CA ASN E 253 25.43 4.44 -12.49
C ASN E 253 24.76 4.63 -13.85
N GLU E 254 23.99 5.72 -14.00
CA GLU E 254 23.10 5.87 -15.13
C GLU E 254 23.83 6.31 -16.40
N ARG E 255 25.15 6.25 -16.39
CA ARG E 255 25.86 6.36 -17.64
C ARG E 255 26.06 5.01 -18.30
N PHE E 256 26.08 3.92 -17.53
CA PHE E 256 26.40 2.63 -18.12
C PHE E 256 25.32 1.60 -17.88
N ARG E 257 24.26 1.95 -17.15
CA ARG E 257 23.09 1.10 -17.09
C ARG E 257 21.96 1.64 -17.95
N CYS E 258 22.06 2.88 -18.39
CA CYS E 258 21.24 3.48 -19.44
C CYS E 258 21.34 2.79 -20.81
N PRO E 259 22.51 2.43 -21.35
CA PRO E 259 22.48 1.64 -22.59
C PRO E 259 22.62 0.13 -22.40
N GLU E 260 22.74 -0.33 -21.15
CA GLU E 260 22.90 -1.76 -20.89
C GLU E 260 21.62 -2.53 -21.16
N ALA E 261 20.48 -1.85 -21.21
CA ALA E 261 19.23 -2.50 -21.55
C ALA E 261 19.18 -3.00 -22.98
N LEU E 262 20.07 -2.51 -23.86
CA LEU E 262 20.20 -3.10 -25.19
C LEU E 262 20.75 -4.51 -25.14
N PHE E 263 21.59 -4.81 -24.15
CA PHE E 263 22.26 -6.10 -24.07
C PHE E 263 21.63 -7.01 -23.04
N GLN E 264 20.93 -6.46 -22.06
CA GLN E 264 20.20 -7.26 -21.08
C GLN E 264 18.80 -6.69 -21.01
N PRO E 265 17.90 -7.14 -21.90
CA PRO E 265 16.57 -6.55 -21.98
C PRO E 265 15.66 -6.86 -20.82
N SER E 266 16.07 -7.73 -19.90
CA SER E 266 15.26 -8.03 -18.73
C SER E 266 15.26 -6.88 -17.72
N PHE E 267 16.12 -5.88 -17.88
CA PHE E 267 15.96 -4.64 -17.13
C PHE E 267 14.67 -3.94 -17.52
N LEU E 268 14.33 -3.97 -18.80
CA LEU E 268 13.07 -3.42 -19.29
C LEU E 268 11.91 -4.36 -19.12
N GLY E 269 12.11 -5.53 -18.53
CA GLY E 269 11.03 -6.47 -18.33
C GLY E 269 10.52 -7.12 -19.58
N LYS E 270 11.31 -7.11 -20.66
CA LYS E 270 10.93 -7.76 -21.89
C LYS E 270 11.53 -9.16 -21.95
N GLU E 271 10.75 -10.09 -22.48
CA GLU E 271 11.21 -11.46 -22.68
C GLU E 271 11.84 -11.61 -24.06
N ALA E 272 12.76 -10.73 -24.38
CA ALA E 272 13.46 -10.76 -25.63
C ALA E 272 14.93 -11.06 -25.36
N ALA E 273 15.75 -11.01 -26.40
CA ALA E 273 17.16 -11.25 -26.27
C ALA E 273 17.92 -9.97 -26.59
N GLY E 274 19.16 -9.90 -26.13
CA GLY E 274 19.97 -8.70 -26.35
C GLY E 274 20.39 -8.52 -27.79
N ILE E 275 21.08 -7.42 -28.09
CA ILE E 275 21.55 -7.18 -29.44
C ILE E 275 22.61 -8.21 -29.84
N HIS E 276 23.43 -8.63 -28.89
CA HIS E 276 24.43 -9.65 -29.22
C HIS E 276 23.80 -11.02 -29.40
N THR E 277 22.73 -11.34 -28.67
CA THR E 277 22.11 -12.64 -28.84
C THR E 277 21.08 -12.68 -29.95
N THR E 278 20.51 -11.54 -30.35
CA THR E 278 19.71 -11.57 -31.57
C THR E 278 20.57 -11.50 -32.81
N THR E 279 21.73 -10.85 -32.71
CA THR E 279 22.67 -10.86 -33.83
C THR E 279 23.25 -12.24 -34.03
N PHE E 280 23.84 -12.80 -32.98
CA PHE E 280 24.39 -14.16 -33.04
C PHE E 280 23.31 -15.20 -33.29
N ASN E 281 22.12 -14.97 -32.76
CA ASN E 281 21.00 -15.85 -33.05
C ASN E 281 20.58 -15.73 -34.51
N SER E 282 20.79 -14.57 -35.12
CA SER E 282 20.56 -14.46 -36.56
C SER E 282 21.69 -15.05 -37.36
N ILE E 283 22.88 -15.19 -36.78
CA ILE E 283 23.94 -15.91 -37.47
C ILE E 283 23.64 -17.39 -37.50
N LYS E 284 23.15 -17.93 -36.38
CA LYS E 284 22.85 -19.35 -36.32
C LYS E 284 21.63 -19.75 -37.14
N LYS E 285 20.80 -18.81 -37.55
CA LYS E 285 19.70 -19.16 -38.43
C LYS E 285 20.08 -19.13 -39.90
N CYS E 286 21.30 -18.75 -40.22
CA CYS E 286 21.80 -18.81 -41.58
C CYS E 286 22.41 -20.19 -41.82
N ASP E 287 22.80 -20.45 -43.05
CA ASP E 287 23.44 -21.72 -43.36
C ASP E 287 24.91 -21.67 -42.93
N VAL E 288 25.52 -22.85 -42.83
CA VAL E 288 26.76 -22.99 -42.07
C VAL E 288 28.00 -22.74 -42.90
N ASP E 289 27.85 -22.35 -44.16
CA ASP E 289 29.04 -21.99 -44.92
C ASP E 289 29.30 -20.51 -44.90
N ILE E 290 28.24 -19.70 -44.93
CA ILE E 290 28.38 -18.25 -45.07
C ILE E 290 28.73 -17.55 -43.78
N ARG E 291 28.74 -18.27 -42.66
CA ARG E 291 28.87 -17.63 -41.36
C ARG E 291 30.24 -17.01 -41.16
N LYS E 292 31.29 -17.59 -41.77
CA LYS E 292 32.61 -16.99 -41.75
C LYS E 292 32.58 -15.62 -42.42
N ASP E 293 31.79 -15.48 -43.47
CA ASP E 293 31.65 -14.19 -44.11
C ASP E 293 30.62 -13.31 -43.42
N LEU E 294 29.92 -13.84 -42.41
CA LEU E 294 28.99 -13.03 -41.64
C LEU E 294 29.49 -12.71 -40.24
N TYR E 295 30.31 -13.56 -39.65
CA TYR E 295 31.03 -13.15 -38.45
C TYR E 295 32.05 -12.07 -38.74
N GLY E 296 32.48 -11.94 -39.98
CA GLY E 296 33.49 -10.97 -40.34
C GLY E 296 32.98 -9.57 -40.58
N ASN E 297 31.69 -9.41 -40.87
CA ASN E 297 31.13 -8.09 -41.15
C ASN E 297 29.86 -7.87 -40.34
N ILE E 298 30.01 -7.42 -39.11
CA ILE E 298 28.88 -6.99 -38.30
C ILE E 298 28.78 -5.49 -38.46
N VAL E 299 27.96 -5.04 -39.41
CA VAL E 299 27.83 -3.63 -39.74
C VAL E 299 26.85 -2.99 -38.79
N LEU E 300 27.32 -2.01 -38.03
CA LEU E 300 26.43 -1.25 -37.19
C LEU E 300 25.73 -0.17 -38.01
N SER E 301 24.63 0.33 -37.48
CA SER E 301 23.88 1.40 -38.12
C SER E 301 23.03 2.08 -37.06
N GLY E 302 22.33 3.13 -37.47
CA GLY E 302 21.36 3.77 -36.60
C GLY E 302 21.95 4.59 -35.47
N GLY E 303 21.14 5.47 -34.90
CA GLY E 303 21.66 6.36 -33.88
C GLY E 303 21.81 5.75 -32.51
N THR E 304 21.28 4.55 -32.30
CA THR E 304 21.42 3.88 -31.02
C THR E 304 22.68 3.01 -30.97
N THR E 305 23.55 3.14 -31.95
CA THR E 305 24.87 2.51 -31.93
C THR E 305 25.96 3.56 -31.93
N MET E 306 25.64 4.74 -31.40
CA MET E 306 26.58 5.85 -31.31
C MET E 306 27.20 5.95 -29.93
N TYR E 307 27.11 4.90 -29.14
CA TYR E 307 27.63 4.93 -27.78
C TYR E 307 29.14 4.72 -27.80
N GLU E 308 29.76 4.68 -26.64
CA GLU E 308 31.18 4.41 -26.53
C GLU E 308 31.40 2.93 -26.29
N GLY E 309 32.27 2.33 -27.09
CA GLY E 309 32.64 0.95 -26.87
C GLY E 309 31.57 -0.05 -27.23
N ILE E 310 30.63 0.32 -28.09
CA ILE E 310 29.67 -0.67 -28.56
C ILE E 310 30.33 -1.66 -29.49
N GLY E 311 31.39 -1.25 -30.20
CA GLY E 311 32.17 -2.20 -30.97
C GLY E 311 32.95 -3.14 -30.05
N GLU E 312 33.48 -2.61 -28.95
CA GLU E 312 34.28 -3.43 -28.05
C GLU E 312 33.40 -4.41 -27.28
N ARG E 313 32.30 -3.92 -26.72
CA ARG E 313 31.38 -4.79 -25.99
C ARG E 313 30.70 -5.78 -26.92
N LEU E 314 30.37 -5.36 -28.13
CA LEU E 314 29.72 -6.26 -29.07
C LEU E 314 30.67 -7.34 -29.56
N THR E 315 31.94 -6.98 -29.78
CA THR E 315 32.93 -7.99 -30.16
C THR E 315 33.23 -8.94 -29.01
N ARG E 316 33.26 -8.47 -27.76
CA ARG E 316 33.54 -9.44 -26.71
C ARG E 316 32.33 -10.31 -26.40
N ASP E 317 31.12 -9.81 -26.62
CA ASP E 317 29.95 -10.64 -26.38
C ASP E 317 29.77 -11.69 -27.48
N ILE E 318 29.89 -11.27 -28.75
CA ILE E 318 29.80 -12.23 -29.84
C ILE E 318 30.97 -13.19 -29.82
N THR E 319 32.18 -12.67 -29.52
CA THR E 319 33.36 -13.52 -29.42
C THR E 319 33.23 -14.52 -28.27
N THR E 320 32.50 -14.15 -27.21
CA THR E 320 32.13 -15.14 -26.21
C THR E 320 31.15 -16.15 -26.79
N LEU E 321 30.18 -15.71 -27.58
CA LEU E 321 29.17 -16.64 -28.09
C LEU E 321 29.66 -17.45 -29.28
N ALA E 322 30.44 -16.83 -30.17
CA ALA E 322 30.87 -17.50 -31.39
C ALA E 322 31.92 -18.56 -31.09
N PRO E 323 32.16 -19.48 -32.02
CA PRO E 323 33.36 -20.31 -31.92
C PRO E 323 34.62 -19.47 -31.98
N SER E 324 35.59 -19.83 -31.15
CA SER E 324 36.75 -18.99 -30.91
C SER E 324 37.76 -18.98 -32.04
N THR E 325 37.60 -19.82 -33.05
CA THR E 325 38.57 -19.83 -34.15
C THR E 325 38.29 -18.75 -35.18
N MET E 326 37.15 -18.09 -35.11
CA MET E 326 36.81 -17.03 -36.05
C MET E 326 36.92 -15.66 -35.40
N LYS E 327 37.50 -14.73 -36.14
CA LYS E 327 37.59 -13.35 -35.69
C LYS E 327 36.27 -12.64 -35.96
N ILE E 328 35.84 -11.85 -34.98
CA ILE E 328 34.64 -11.05 -35.09
C ILE E 328 35.08 -9.62 -35.36
N LYS E 329 34.69 -9.10 -36.51
CA LYS E 329 35.13 -7.77 -36.94
C LYS E 329 33.89 -6.91 -37.15
N VAL E 330 33.53 -6.12 -36.13
CA VAL E 330 32.44 -5.18 -36.31
C VAL E 330 32.92 -4.02 -37.17
N VAL E 331 32.02 -3.48 -37.96
CA VAL E 331 32.30 -2.29 -38.74
C VAL E 331 31.43 -1.18 -38.17
N ALA E 332 32.07 -0.25 -37.47
CA ALA E 332 31.40 0.90 -36.87
C ALA E 332 31.92 2.14 -37.56
N PRO E 333 31.34 2.53 -38.70
CA PRO E 333 31.82 3.71 -39.39
C PRO E 333 31.34 4.95 -38.70
N PRO E 334 32.05 6.06 -38.84
CA PRO E 334 31.46 7.37 -38.54
C PRO E 334 30.37 7.67 -39.56
N GLU E 335 29.49 8.60 -39.17
CA GLU E 335 28.23 8.88 -39.86
C GLU E 335 27.38 7.62 -40.01
N ARG E 336 27.34 6.77 -38.99
CA ARG E 336 26.49 5.60 -39.03
C ARG E 336 25.05 5.94 -38.71
N LYS E 337 24.78 7.16 -38.24
CA LYS E 337 23.42 7.65 -38.15
C LYS E 337 22.78 7.80 -39.52
N TYR E 338 23.56 8.10 -40.54
CA TYR E 338 23.04 8.45 -41.85
C TYR E 338 23.27 7.34 -42.86
N SER E 339 23.74 6.18 -42.40
CA SER E 339 24.12 5.10 -43.31
C SER E 339 22.92 4.54 -44.05
N VAL E 340 21.72 4.69 -43.49
CA VAL E 340 20.52 4.43 -44.27
C VAL E 340 20.44 5.41 -45.43
N TRP E 341 20.40 6.71 -45.13
CA TRP E 341 20.11 7.73 -46.13
C TRP E 341 21.18 7.78 -47.22
N ILE E 342 22.45 7.67 -46.82
CA ILE E 342 23.54 7.67 -47.78
C ILE E 342 23.39 6.52 -48.75
N GLY E 343 22.99 5.36 -48.23
CA GLY E 343 22.72 4.24 -49.12
C GLY E 343 21.53 4.51 -50.00
N GLY E 344 20.55 5.24 -49.47
CA GLY E 344 19.42 5.66 -50.27
C GLY E 344 19.81 6.59 -51.39
N SER E 345 20.91 7.33 -51.21
CA SER E 345 21.45 8.06 -52.34
C SER E 345 22.07 7.12 -53.36
N ILE E 346 22.93 6.21 -52.88
CA ILE E 346 23.71 5.36 -53.77
C ILE E 346 22.82 4.38 -54.51
N LEU E 347 21.76 3.91 -53.87
CA LEU E 347 20.77 3.10 -54.55
C LEU E 347 20.01 3.90 -55.60
N SER E 348 19.63 5.14 -55.29
CA SER E 348 18.81 5.87 -56.24
C SER E 348 19.63 6.51 -57.33
N SER E 349 20.95 6.54 -57.19
CA SER E 349 21.83 7.08 -58.21
C SER E 349 22.41 5.99 -59.09
N LEU E 350 21.69 4.91 -59.31
CA LEU E 350 22.11 3.85 -60.22
C LEU E 350 21.26 3.87 -61.48
N SER E 351 21.73 3.14 -62.49
CA SER E 351 21.03 3.03 -63.75
C SER E 351 20.18 1.78 -63.85
N THR E 352 20.59 0.70 -63.19
CA THR E 352 19.75 -0.49 -63.15
C THR E 352 18.55 -0.28 -62.24
N PHE E 353 18.73 0.42 -61.12
CA PHE E 353 17.67 0.67 -60.16
C PHE E 353 16.52 1.47 -60.74
N GLN E 354 16.78 2.28 -61.75
CA GLN E 354 15.72 3.02 -62.41
C GLN E 354 14.81 2.15 -63.25
N GLN E 355 15.08 0.86 -63.38
CA GLN E 355 14.12 -0.08 -63.93
C GLN E 355 13.19 -0.65 -62.86
N MET E 356 13.26 -0.16 -61.63
CA MET E 356 12.56 -0.78 -60.51
C MET E 356 11.62 0.17 -59.77
N TRP E 357 11.32 1.34 -60.31
CA TRP E 357 10.37 2.22 -59.67
C TRP E 357 8.95 1.69 -59.85
N ILE E 358 8.04 2.25 -59.09
CA ILE E 358 6.61 1.97 -59.24
C ILE E 358 5.96 3.22 -59.80
N THR E 359 5.66 3.20 -61.09
CA THR E 359 5.20 4.39 -61.78
C THR E 359 3.77 4.74 -61.37
N LYS E 360 3.32 5.92 -61.81
CA LYS E 360 2.00 6.41 -61.46
C LYS E 360 0.91 5.59 -62.11
N GLU E 361 1.09 5.26 -63.40
CA GLU E 361 0.10 4.47 -64.12
C GLU E 361 0.04 3.03 -63.62
N GLU E 362 1.12 2.53 -63.04
CA GLU E 362 1.09 1.16 -62.55
C GLU E 362 0.33 1.07 -61.23
N TYR E 363 0.45 2.11 -60.40
CA TYR E 363 -0.45 2.23 -59.25
C TYR E 363 -1.88 2.45 -59.70
N ASP E 364 -2.08 3.19 -60.79
CA ASP E 364 -3.43 3.38 -61.31
C ASP E 364 -4.02 2.11 -61.88
N GLU E 365 -3.20 1.14 -62.27
CA GLU E 365 -3.69 -0.17 -62.67
C GLU E 365 -3.94 -1.08 -61.47
N SER E 366 -2.89 -1.39 -60.70
CA SER E 366 -2.97 -2.46 -59.72
C SER E 366 -3.43 -2.00 -58.35
N GLY E 367 -3.38 -0.71 -58.07
CA GLY E 367 -3.61 -0.25 -56.73
C GLY E 367 -2.36 -0.44 -55.90
N PRO E 368 -2.51 -0.44 -54.57
CA PRO E 368 -1.32 -0.55 -53.70
C PRO E 368 -0.68 -1.92 -53.69
N SER E 369 -1.39 -2.97 -54.14
CA SER E 369 -0.88 -4.33 -54.07
C SER E 369 0.36 -4.55 -54.91
N ILE E 370 0.61 -3.69 -55.91
CA ILE E 370 1.81 -3.76 -56.73
C ILE E 370 3.06 -3.52 -55.90
N VAL E 371 2.94 -2.85 -54.75
CA VAL E 371 4.09 -2.63 -53.89
C VAL E 371 4.50 -3.94 -53.23
N HIS E 372 3.57 -4.87 -53.09
CA HIS E 372 3.93 -6.18 -52.61
C HIS E 372 4.44 -7.09 -53.72
N ARG E 373 4.61 -6.57 -54.92
CA ARG E 373 5.21 -7.31 -56.02
C ARG E 373 6.57 -6.77 -56.41
N LYS E 374 6.96 -5.61 -55.88
CA LYS E 374 8.24 -4.98 -56.16
C LYS E 374 8.92 -4.59 -54.86
N CYS E 375 9.03 -5.55 -53.95
CA CYS E 375 9.74 -5.32 -52.70
C CYS E 375 10.50 -6.56 -52.26
N ALA F 2 -11.55 -57.08 10.96
CA ALA F 2 -10.26 -57.74 11.09
C ALA F 2 -9.12 -56.78 10.80
N VAL F 3 -7.91 -57.31 10.76
CA VAL F 3 -6.73 -56.52 10.42
C VAL F 3 -6.74 -56.25 8.91
N THR F 4 -6.38 -55.03 8.53
CA THR F 4 -6.42 -54.58 7.15
C THR F 4 -5.01 -54.45 6.60
N ASN F 5 -4.93 -54.26 5.27
CA ASN F 5 -3.65 -54.17 4.59
C ASN F 5 -2.93 -52.86 4.88
N GLU F 6 -3.65 -51.82 5.30
CA GLU F 6 -2.95 -50.64 5.82
C GLU F 6 -2.38 -50.92 7.20
N GLU F 7 -3.00 -51.84 7.96
CA GLU F 7 -2.45 -52.20 9.25
C GLU F 7 -1.34 -53.21 9.12
N ILE F 8 -1.45 -54.14 8.17
CA ILE F 8 -0.37 -55.09 7.92
C ILE F 8 0.82 -54.39 7.30
N LYS F 9 0.57 -53.46 6.37
CA LYS F 9 1.64 -52.71 5.75
C LYS F 9 2.28 -51.73 6.73
N THR F 10 1.45 -51.02 7.52
CA THR F 10 1.96 -50.06 8.50
C THR F 10 2.76 -50.76 9.59
N ALA F 11 2.22 -51.85 10.13
CA ALA F 11 2.91 -52.61 11.15
C ALA F 11 4.16 -53.27 10.58
N SER F 12 4.14 -53.64 9.31
CA SER F 12 5.34 -54.13 8.66
C SER F 12 6.41 -53.06 8.55
N LYS F 13 5.99 -51.81 8.36
CA LYS F 13 6.93 -50.69 8.36
C LYS F 13 7.44 -50.36 9.76
N ILE F 14 6.66 -50.66 10.80
CA ILE F 14 7.10 -50.43 12.17
C ILE F 14 8.28 -51.35 12.53
N VAL F 15 8.31 -52.55 11.94
CA VAL F 15 9.29 -53.56 12.31
C VAL F 15 10.70 -53.13 11.93
N ARG F 16 11.54 -52.97 12.93
CA ARG F 16 12.92 -52.52 12.77
C ARG F 16 13.86 -53.64 13.19
N ARG F 17 15.14 -53.45 12.90
CA ARG F 17 16.18 -54.36 13.31
C ARG F 17 17.29 -53.53 13.96
N VAL F 18 17.72 -53.96 15.16
CA VAL F 18 18.80 -53.22 15.88
C VAL F 18 19.93 -54.19 16.23
N SEP F 19 19.73 -54.99 17.29
CA SEP F 19 20.75 -55.98 17.77
CB SEP F 19 20.35 -56.50 19.12
OG SEP F 19 19.09 -57.18 19.01
C SEP F 19 20.90 -57.11 16.74
O SEP F 19 19.89 -57.52 16.16
P SEP F 19 18.45 -57.88 20.32
O1P SEP F 19 18.24 -56.77 21.31
O2P SEP F 19 17.15 -58.52 19.86
O3P SEP F 19 19.48 -58.90 20.78
N ASN F 20 22.13 -57.62 16.58
CA ASN F 20 22.41 -58.74 15.65
C ASN F 20 21.95 -60.05 16.29
N VAL F 21 21.73 -61.10 15.49
CA VAL F 21 21.25 -62.35 16.05
C VAL F 21 22.42 -63.17 16.59
N GLU F 22 22.24 -63.73 17.77
CA GLU F 22 23.27 -64.53 18.43
C GLU F 22 23.01 -66.01 18.15
N ALA F 23 24.00 -66.70 17.60
CA ALA F 23 23.82 -68.08 17.22
C ALA F 23 24.83 -69.00 17.91
N PHE F 24 25.98 -68.46 18.29
CA PHE F 24 27.13 -69.26 18.66
C PHE F 24 27.29 -69.37 20.17
N ASP F 25 27.92 -70.47 20.57
CA ASP F 25 28.37 -70.67 21.94
C ASP F 25 29.76 -70.06 22.13
N LYS F 26 30.72 -70.48 21.32
CA LYS F 26 32.10 -70.06 21.45
C LYS F 26 32.59 -69.56 20.09
N SER F 27 33.91 -69.37 19.98
CA SER F 27 34.50 -68.90 18.73
C SER F 27 34.43 -69.96 17.62
N GLY F 28 34.30 -71.23 17.99
CA GLY F 28 34.06 -72.26 16.99
C GLY F 28 32.66 -72.13 16.42
N SER F 29 32.50 -72.64 15.19
CA SER F 29 31.21 -72.56 14.49
C SER F 29 30.28 -73.65 15.01
N VAL F 30 29.75 -73.40 16.20
CA VAL F 30 28.85 -74.33 16.89
C VAL F 30 27.61 -73.56 17.32
N PHE F 31 26.46 -74.24 17.29
CA PHE F 31 25.19 -73.69 17.70
C PHE F 31 24.71 -74.37 18.97
N LYS F 32 23.73 -73.75 19.63
CA LYS F 32 23.19 -74.28 20.88
C LYS F 32 21.73 -74.70 20.75
N GLY F 33 21.17 -74.69 19.56
CA GLY F 33 19.74 -74.87 19.41
C GLY F 33 19.01 -73.63 19.84
N TYR F 34 19.45 -72.48 19.34
CA TYR F 34 18.92 -71.19 19.77
C TYR F 34 17.63 -70.88 19.04
N GLN F 35 16.60 -70.52 19.80
CA GLN F 35 15.32 -70.13 19.24
C GLN F 35 15.38 -68.67 18.80
N ILE F 36 14.93 -68.39 17.58
CA ILE F 36 15.01 -67.06 16.99
C ILE F 36 13.61 -66.57 16.65
N TRP F 37 13.57 -65.41 16.02
CA TRP F 37 12.36 -64.86 15.45
C TRP F 37 12.59 -64.56 13.98
N THR F 38 11.56 -64.79 13.17
CA THR F 38 11.64 -64.43 11.76
C THR F 38 10.28 -63.93 11.29
N ASP F 39 10.31 -63.10 10.26
CA ASP F 39 9.11 -62.61 9.61
C ASP F 39 8.79 -63.38 8.34
N ILE F 40 9.68 -64.27 7.91
CA ILE F 40 9.48 -65.05 6.69
C ILE F 40 9.01 -66.43 7.13
N SER F 41 7.71 -66.66 7.02
CA SER F 41 7.10 -67.95 7.30
C SER F 41 5.78 -67.99 6.56
N PRO F 42 5.40 -69.14 5.98
CA PRO F 42 4.07 -69.25 5.38
C PRO F 42 2.93 -69.21 6.38
N THR F 43 3.21 -69.34 7.68
CA THR F 43 2.19 -69.04 8.68
C THR F 43 1.81 -67.57 8.67
N ILE F 44 2.82 -66.70 8.64
CA ILE F 44 2.58 -65.26 8.54
C ILE F 44 1.94 -64.91 7.20
N GLU F 45 2.35 -65.61 6.14
CA GLU F 45 1.74 -65.43 4.83
C GLU F 45 0.33 -66.02 4.76
N ASN F 46 -0.06 -66.85 5.72
CA ASN F 46 -1.41 -67.39 5.77
C ASN F 46 -2.25 -66.83 6.91
N ASP F 47 -1.67 -66.57 8.07
CA ASP F 47 -2.39 -65.95 9.16
C ASP F 47 -1.95 -64.50 9.26
N PRO F 48 -2.85 -63.53 9.04
CA PRO F 48 -2.49 -62.13 9.28
C PRO F 48 -2.50 -61.72 10.74
N ASN F 49 -2.90 -62.61 11.65
CA ASN F 49 -2.85 -62.33 13.07
C ASN F 49 -1.45 -62.43 13.65
N ILE F 50 -0.47 -62.88 12.86
CA ILE F 50 0.88 -63.08 13.34
C ILE F 50 1.87 -62.42 12.39
N MET F 51 2.92 -61.82 12.97
CA MET F 51 4.00 -61.21 12.23
C MET F 51 5.36 -61.77 12.57
N PHE F 52 5.49 -62.57 13.62
CA PHE F 52 6.77 -63.09 14.05
C PHE F 52 6.63 -64.54 14.45
N VAL F 53 7.56 -65.35 13.96
CA VAL F 53 7.57 -66.78 14.22
C VAL F 53 8.87 -67.13 14.94
N LYS F 54 8.74 -67.67 16.14
CA LYS F 54 9.90 -68.20 16.84
C LYS F 54 10.28 -69.52 16.21
N CYS F 55 11.52 -69.61 15.75
CA CYS F 55 12.04 -70.83 15.17
C CYS F 55 13.18 -71.32 16.06
N VAL F 56 13.87 -72.35 15.60
CA VAL F 56 15.08 -72.82 16.27
C VAL F 56 16.16 -73.01 15.22
N VAL F 57 17.36 -72.54 15.52
CA VAL F 57 18.45 -72.55 14.55
C VAL F 57 18.95 -73.98 14.38
N GLN F 58 18.98 -74.46 13.14
CA GLN F 58 19.42 -75.81 12.87
C GLN F 58 20.94 -75.92 12.90
N GLN F 59 21.41 -77.08 13.32
CA GLN F 59 22.84 -77.32 13.48
C GLN F 59 23.55 -77.33 12.14
N GLY F 60 24.77 -76.81 12.11
CA GLY F 60 25.57 -76.82 10.91
C GLY F 60 25.14 -75.84 9.84
N SER F 61 24.40 -74.80 10.22
CA SER F 61 24.04 -73.77 9.26
C SER F 61 25.20 -72.80 9.07
N LYS F 62 25.07 -71.96 8.05
CA LYS F 62 26.10 -70.99 7.74
C LYS F 62 26.04 -69.81 8.70
N LYS F 63 27.07 -68.96 8.61
CA LYS F 63 27.05 -67.67 9.31
C LYS F 63 26.24 -66.63 8.55
N GLU F 64 26.25 -66.69 7.22
CA GLU F 64 25.55 -65.75 6.38
C GLU F 64 24.11 -66.16 6.10
N LYS F 65 23.69 -67.34 6.53
CA LYS F 65 22.37 -67.84 6.20
C LYS F 65 21.96 -68.86 7.25
N LEU F 66 20.89 -68.55 7.98
CA LEU F 66 20.51 -69.34 9.14
C LEU F 66 19.42 -70.35 8.78
N THR F 67 19.75 -71.63 8.91
CA THR F 67 18.78 -72.69 8.68
C THR F 67 17.95 -72.87 9.94
N VAL F 68 16.63 -72.73 9.81
CA VAL F 68 15.73 -72.75 10.95
C VAL F 68 14.59 -73.74 10.73
N VAL F 69 14.00 -74.18 11.85
CA VAL F 69 12.79 -74.98 11.85
C VAL F 69 11.72 -74.23 12.61
N GLN F 70 10.57 -74.01 11.96
CA GLN F 70 9.43 -73.35 12.57
C GLN F 70 8.89 -74.19 13.72
N ILE F 71 8.95 -73.64 14.94
CA ILE F 71 8.46 -74.34 16.11
C ILE F 71 7.36 -73.59 16.83
N ASP F 72 7.30 -72.27 16.75
CA ASP F 72 6.30 -71.47 17.45
C ASP F 72 5.80 -70.45 16.44
N PRO F 73 4.66 -70.71 15.77
CA PRO F 73 3.69 -71.82 15.85
C PRO F 73 4.22 -73.16 15.33
N PRO F 74 3.66 -74.27 15.80
CA PRO F 74 4.13 -75.57 15.31
C PRO F 74 3.70 -75.86 13.87
N GLY F 75 4.47 -75.33 12.91
CA GLY F 75 4.32 -75.72 11.53
C GLY F 75 5.02 -77.04 11.27
N THR F 76 5.37 -77.26 10.01
CA THR F 76 6.10 -78.47 9.69
C THR F 76 7.55 -78.36 10.15
N GLY F 77 8.19 -79.52 10.32
CA GLY F 77 9.58 -79.56 10.71
C GLY F 77 10.53 -79.51 9.53
N THR F 78 10.29 -78.56 8.63
CA THR F 78 11.10 -78.42 7.43
C THR F 78 12.11 -77.30 7.64
N PRO F 79 13.40 -77.61 7.60
CA PRO F 79 14.41 -76.56 7.79
C PRO F 79 14.50 -75.68 6.55
N TYR F 80 14.15 -74.40 6.72
CA TYR F 80 14.28 -73.45 5.63
C TYR F 80 15.23 -72.34 6.07
N ASP F 81 15.82 -71.67 5.08
CA ASP F 81 16.93 -70.76 5.30
C ASP F 81 16.44 -69.32 5.37
N ILE F 82 17.10 -68.50 6.20
CA ILE F 82 16.74 -67.10 6.34
C ILE F 82 17.98 -66.20 6.37
N ASP F 83 17.76 -64.96 5.95
CA ASP F 83 18.70 -63.87 6.16
C ASP F 83 18.82 -63.59 7.66
N PRO F 84 20.04 -63.51 8.20
CA PRO F 84 20.18 -63.18 9.64
C PRO F 84 19.71 -61.79 10.04
N HIS F 86 16.80 -60.81 9.00
CA HIS F 86 15.45 -61.26 9.29
C HIS F 86 15.40 -62.24 10.46
N ALA F 87 16.52 -62.44 11.14
CA ALA F 87 16.57 -63.25 12.35
C ALA F 87 16.73 -62.33 13.54
N TRP F 88 15.77 -62.38 14.45
CA TRP F 88 15.84 -61.59 15.67
C TRP F 88 16.16 -62.49 16.85
N ASN F 89 16.88 -61.92 17.82
CA ASN F 89 17.18 -62.59 19.07
C ASN F 89 15.90 -62.92 19.82
N CYS F 90 15.99 -63.91 20.70
CA CYS F 90 14.88 -64.25 21.57
C CYS F 90 15.37 -64.46 23.00
N ASN F 91 14.47 -64.21 23.95
CA ASN F 91 14.68 -64.62 25.33
C ASN F 91 13.81 -65.86 25.53
N SER F 92 14.39 -67.03 25.25
CA SER F 92 13.62 -68.26 25.30
C SER F 92 13.57 -68.87 26.70
N GLN F 93 14.56 -68.57 27.53
CA GLN F 93 14.74 -69.22 28.82
C GLN F 93 13.95 -68.54 29.93
N VAL F 94 13.01 -67.66 29.57
CA VAL F 94 12.35 -66.80 30.53
C VAL F 94 10.85 -67.02 30.46
N ASP F 95 10.25 -67.38 31.60
CA ASP F 95 8.81 -67.40 31.74
C ASP F 95 8.30 -65.96 31.83
N PRO F 96 7.37 -65.54 30.98
CA PRO F 96 6.82 -64.19 31.10
C PRO F 96 5.98 -63.96 32.34
N MET F 97 5.52 -65.02 33.01
CA MET F 97 4.77 -64.89 34.24
C MET F 97 5.67 -64.77 35.46
N SER F 98 7.00 -64.79 35.28
CA SER F 98 7.93 -64.71 36.38
C SER F 98 8.15 -63.29 36.88
N PHE F 99 8.08 -62.30 35.99
CA PHE F 99 8.17 -60.89 36.37
C PHE F 99 7.14 -60.12 35.55
N GLY F 100 7.24 -58.80 35.57
CA GLY F 100 6.32 -57.99 34.80
C GLY F 100 6.92 -56.73 34.21
N ASP F 101 8.24 -56.67 34.10
CA ASP F 101 8.94 -55.48 33.64
C ASP F 101 9.73 -55.85 32.38
N ILE F 102 9.34 -55.27 31.24
CA ILE F 102 9.98 -55.60 29.96
C ILE F 102 11.45 -55.17 29.92
N GLY F 103 11.84 -54.20 30.76
CA GLY F 103 13.25 -53.88 30.94
C GLY F 103 14.08 -55.00 31.54
N LEU F 104 13.43 -56.00 32.16
CA LEU F 104 14.14 -57.18 32.63
C LEU F 104 14.34 -58.23 31.54
N LEU F 105 13.70 -58.08 30.38
CA LEU F 105 14.04 -58.92 29.25
C LEU F 105 15.43 -58.58 28.74
N ASN F 106 16.19 -59.61 28.38
CA ASN F 106 17.53 -59.40 27.85
C ASN F 106 17.46 -58.71 26.50
N HIS F 107 16.59 -59.18 25.62
CA HIS F 107 16.44 -58.63 24.28
C HIS F 107 15.15 -57.86 24.20
N THR F 108 15.26 -56.59 23.82
CA THR F 108 14.10 -55.73 23.74
C THR F 108 13.95 -55.33 22.28
N ASN F 109 13.94 -56.32 21.39
CA ASN F 109 13.48 -56.14 20.03
C ASN F 109 11.95 -56.09 20.02
N ILE F 110 11.35 -56.09 18.85
CA ILE F 110 9.89 -56.12 18.76
C ILE F 110 9.28 -57.49 19.09
N PRO F 111 9.75 -58.65 18.57
CA PRO F 111 9.01 -59.90 18.87
C PRO F 111 9.19 -60.44 20.28
N CYS F 112 10.24 -60.08 21.02
CA CYS F 112 10.27 -60.47 22.42
C CYS F 112 9.22 -59.73 23.22
N VAL F 113 8.93 -58.50 22.84
CA VAL F 113 7.87 -57.75 23.50
C VAL F 113 6.51 -58.29 23.07
N LEU F 114 6.38 -58.68 21.81
CA LEU F 114 5.13 -59.27 21.35
C LEU F 114 4.89 -60.66 21.93
N ASP F 115 5.96 -61.38 22.27
CA ASP F 115 5.80 -62.69 22.88
C ASP F 115 5.63 -62.59 24.39
N PHE F 116 6.24 -61.58 25.00
CA PHE F 116 6.06 -61.34 26.43
C PHE F 116 4.64 -60.89 26.71
N LEU F 117 4.19 -59.87 25.99
CA LEU F 117 2.82 -59.40 26.15
C LEU F 117 1.82 -60.39 25.58
N LYS F 118 2.23 -61.17 24.58
CA LYS F 118 1.36 -62.21 24.05
C LYS F 118 1.14 -63.31 25.07
N HIS F 119 2.21 -63.76 25.70
CA HIS F 119 2.11 -64.83 26.65
C HIS F 119 1.38 -64.39 27.90
N ARG F 120 1.66 -63.18 28.38
CA ARG F 120 0.97 -62.70 29.57
C ARG F 120 -0.49 -62.41 29.30
N TYR F 121 -0.82 -61.89 28.12
CA TYR F 121 -2.24 -61.69 27.81
C TYR F 121 -2.97 -63.01 27.62
N LEU F 122 -2.33 -63.99 27.01
CA LEU F 122 -2.98 -65.28 26.83
C LEU F 122 -3.01 -66.11 28.11
N LYS F 123 -2.23 -65.75 29.14
CA LYS F 123 -2.40 -66.31 30.47
C LYS F 123 -3.31 -65.44 31.34
N ASN F 124 -4.08 -64.54 30.72
CA ASN F 124 -5.03 -63.64 31.38
C ASN F 124 -4.35 -62.76 32.43
N GLN F 125 -3.10 -62.40 32.17
CA GLN F 125 -2.37 -61.41 32.97
C GLN F 125 -2.19 -60.20 32.07
N ILE F 126 -3.13 -59.27 32.15
CA ILE F 126 -3.28 -58.22 31.15
C ILE F 126 -2.38 -57.03 31.45
N TYR F 127 -1.63 -57.04 32.54
CA TYR F 127 -0.87 -55.87 32.93
C TYR F 127 0.62 -56.18 32.90
N THR F 128 1.41 -55.13 32.72
CA THR F 128 2.86 -55.27 32.59
C THR F 128 3.51 -53.94 32.92
N THR F 129 4.37 -53.90 33.94
CA THR F 129 4.98 -52.62 34.38
C THR F 129 6.18 -52.28 33.48
N ALA F 130 6.03 -51.33 32.55
CA ALA F 130 7.19 -50.88 31.73
C ALA F 130 8.24 -50.22 32.63
N VAL F 131 7.80 -49.45 33.63
CA VAL F 131 8.71 -48.79 34.62
C VAL F 131 9.38 -47.54 34.05
N PRO F 132 8.90 -46.32 34.50
CA PRO F 132 7.69 -46.18 35.33
C PRO F 132 6.36 -46.23 34.59
N LEU F 133 6.27 -46.97 33.48
CA LEU F 133 4.98 -47.16 32.83
C LEU F 133 4.24 -48.35 33.41
N ILE F 134 2.96 -48.43 33.10
CA ILE F 134 2.18 -49.65 33.25
C ILE F 134 1.47 -49.87 31.91
N VAL F 135 1.19 -51.13 31.62
CA VAL F 135 0.65 -51.55 30.33
C VAL F 135 -0.59 -52.36 30.60
N ALA F 136 -1.73 -51.87 30.13
CA ALA F 136 -2.99 -52.55 30.23
C ALA F 136 -3.38 -53.05 28.85
N ILE F 137 -3.87 -54.29 28.78
CA ILE F 137 -4.43 -54.83 27.56
C ILE F 137 -5.87 -55.23 27.89
N ASN F 138 -6.79 -54.94 26.97
CA ASN F 138 -8.19 -55.23 27.23
C ASN F 138 -8.45 -56.72 27.16
N PRO F 139 -8.96 -57.35 28.23
CA PRO F 139 -9.37 -58.76 28.13
C PRO F 139 -10.75 -58.95 27.52
N TYR F 140 -11.48 -57.85 27.31
CA TYR F 140 -12.88 -57.85 26.85
C TYR F 140 -13.81 -58.64 27.76
N LYS F 141 -13.48 -58.68 29.04
CA LYS F 141 -14.24 -59.40 30.06
C LYS F 141 -13.74 -58.94 31.42
N ASP F 142 -14.26 -59.55 32.47
CA ASP F 142 -13.73 -59.37 33.80
C ASP F 142 -12.79 -60.52 34.13
N LEU F 143 -11.61 -60.18 34.62
CA LEU F 143 -10.69 -61.17 35.15
C LEU F 143 -10.88 -61.40 36.64
N GLY F 144 -11.83 -60.70 37.26
CA GLY F 144 -12.11 -60.89 38.66
C GLY F 144 -11.18 -60.20 39.62
N ASN F 145 -10.01 -59.75 39.17
CA ASN F 145 -9.04 -59.11 40.04
C ASN F 145 -9.33 -57.63 40.28
N THR F 146 -10.56 -57.19 40.03
CA THR F 146 -10.96 -55.80 40.17
C THR F 146 -12.02 -55.61 41.24
N THR F 147 -12.41 -56.68 41.94
CA THR F 147 -13.41 -56.57 43.00
C THR F 147 -12.79 -55.93 44.24
N ASN F 148 -13.64 -55.68 45.24
CA ASN F 148 -13.22 -54.93 46.42
C ASN F 148 -12.22 -55.71 47.27
N GLU F 149 -12.24 -57.04 47.18
CA GLU F 149 -11.24 -57.82 47.89
C GLU F 149 -9.85 -57.64 47.30
N TRP F 150 -9.77 -57.52 45.97
CA TRP F 150 -8.47 -57.27 45.35
C TRP F 150 -8.05 -55.82 45.56
N ILE F 151 -9.02 -54.93 45.77
CA ILE F 151 -8.71 -53.57 46.19
C ILE F 151 -8.06 -53.58 47.58
N ARG F 152 -8.60 -54.40 48.48
CA ARG F 152 -8.01 -54.52 49.81
C ARG F 152 -6.66 -55.23 49.77
N ARG F 153 -6.47 -56.15 48.84
CA ARG F 153 -5.21 -56.88 48.75
C ARG F 153 -4.11 -56.00 48.17
N TYR F 154 -4.36 -55.36 47.04
CA TYR F 154 -3.33 -54.51 46.48
C TYR F 154 -3.27 -53.13 47.13
N ARG F 155 -4.16 -52.85 48.09
CA ARG F 155 -4.14 -51.60 48.83
C ARG F 155 -3.51 -51.74 50.21
N ASP F 156 -3.73 -52.88 50.87
CA ASP F 156 -3.50 -52.96 52.30
C ASP F 156 -2.21 -53.68 52.69
N THR F 157 -1.50 -54.28 51.75
CA THR F 157 -0.23 -54.91 52.08
C THR F 157 0.81 -53.86 52.42
N ALA F 158 1.69 -54.18 53.37
CA ALA F 158 2.75 -53.25 53.74
C ALA F 158 3.83 -53.19 52.67
N ASP F 159 4.02 -54.28 51.94
CA ASP F 159 4.95 -54.29 50.81
C ASP F 159 4.13 -54.30 49.53
N HIS F 160 4.50 -53.42 48.60
CA HIS F 160 3.75 -53.30 47.35
C HIS F 160 4.56 -53.70 46.13
N THR F 161 5.88 -53.87 46.25
CA THR F 161 6.68 -54.25 45.10
C THR F 161 6.71 -55.77 44.89
N LYS F 162 6.17 -56.53 45.83
CA LYS F 162 5.92 -57.95 45.64
C LYS F 162 4.60 -58.20 44.93
N LEU F 163 3.84 -57.17 44.70
CA LEU F 163 2.61 -57.29 43.97
C LEU F 163 2.90 -57.33 42.46
N PRO F 164 2.13 -58.11 41.70
CA PRO F 164 2.25 -58.10 40.25
C PRO F 164 1.80 -56.78 39.65
N PRO F 165 2.13 -56.49 38.39
CA PRO F 165 1.68 -55.24 37.76
C PRO F 165 0.17 -55.13 37.69
N HIS F 166 -0.35 -53.97 38.07
CA HIS F 166 -1.77 -53.68 38.07
C HIS F 166 -1.98 -52.18 37.94
N VAL F 167 -3.23 -51.81 37.66
CA VAL F 167 -3.70 -50.45 37.87
C VAL F 167 -3.60 -50.06 39.34
N PHE F 168 -4.01 -50.97 40.23
CA PHE F 168 -4.09 -50.70 41.65
C PHE F 168 -2.72 -50.49 42.28
N THR F 169 -1.67 -51.04 41.68
CA THR F 169 -0.32 -50.87 42.20
C THR F 169 0.22 -49.48 41.88
N CYS F 170 0.07 -49.03 40.63
CA CYS F 170 0.55 -47.71 40.25
C CYS F 170 -0.29 -46.61 40.87
N ALA F 171 -1.62 -46.82 40.93
CA ALA F 171 -2.50 -45.89 41.63
C ALA F 171 -2.22 -45.88 43.12
N ARG F 172 -1.80 -47.03 43.67
CA ARG F 172 -1.35 -47.07 45.05
C ARG F 172 -0.09 -46.24 45.25
N GLU F 173 0.86 -46.33 44.30
CA GLU F 173 2.05 -45.49 44.36
C GLU F 173 1.69 -44.01 44.27
N ALA F 174 0.65 -43.68 43.50
CA ALA F 174 0.24 -42.30 43.36
C ALA F 174 -0.39 -41.77 44.65
N LEU F 175 -1.31 -42.52 45.26
CA LEU F 175 -1.91 -42.06 46.51
C LEU F 175 -0.91 -42.05 47.66
N SER F 176 0.02 -43.02 47.66
CA SER F 176 1.08 -43.03 48.65
C SER F 176 1.99 -41.83 48.50
N ASN F 177 2.25 -41.42 47.26
CA ASN F 177 2.99 -40.19 47.04
C ASN F 177 2.15 -38.96 47.30
N LEU F 178 0.82 -39.10 47.34
CA LEU F 178 -0.05 -37.98 47.68
C LEU F 178 -0.02 -37.70 49.17
N HIS F 179 -0.38 -38.71 49.98
CA HIS F 179 -0.43 -38.50 51.41
C HIS F 179 0.94 -38.59 52.06
N GLY F 180 1.95 -39.04 51.33
CA GLY F 180 3.31 -38.97 51.85
C GLY F 180 3.82 -37.55 51.81
N VAL F 181 3.96 -36.99 50.62
CA VAL F 181 4.46 -35.63 50.42
C VAL F 181 3.36 -34.84 49.72
N ASN F 182 3.14 -33.60 50.16
CA ASN F 182 2.08 -32.80 49.58
C ASN F 182 2.44 -32.33 48.17
N LYS F 183 2.42 -33.25 47.21
CA LYS F 183 2.61 -32.98 45.79
C LYS F 183 1.50 -33.67 45.02
N SER F 184 0.90 -32.95 44.08
CA SER F 184 -0.19 -33.53 43.30
C SER F 184 0.35 -34.59 42.35
N GLN F 185 -0.32 -35.73 42.30
CA GLN F 185 -0.01 -36.78 41.36
C GLN F 185 -1.09 -36.79 40.29
N THR F 186 -0.71 -37.14 39.06
CA THR F 186 -1.62 -37.15 37.93
C THR F 186 -1.42 -38.43 37.16
N ILE F 187 -2.47 -39.23 37.05
CA ILE F 187 -2.43 -40.48 36.31
C ILE F 187 -2.95 -40.23 34.91
N ILE F 188 -2.13 -40.54 33.91
CA ILE F 188 -2.42 -40.28 32.51
C ILE F 188 -2.74 -41.61 31.85
N VAL F 189 -4.01 -41.84 31.60
CA VAL F 189 -4.50 -43.01 30.89
C VAL F 189 -4.48 -42.69 29.41
N SER F 190 -3.57 -43.33 28.66
CA SER F 190 -3.43 -43.08 27.24
C SER F 190 -3.74 -44.35 26.46
N GLY F 191 -4.36 -44.16 25.30
CA GLY F 191 -4.60 -45.30 24.43
C GLY F 191 -5.65 -44.96 23.38
N GLU F 192 -5.97 -45.98 22.59
CA GLU F 192 -7.12 -45.86 21.71
C GLU F 192 -8.40 -45.93 22.53
N SER F 193 -9.44 -45.27 22.02
CA SER F 193 -10.66 -45.09 22.80
C SER F 193 -11.46 -46.38 22.96
N GLY F 194 -11.19 -47.40 22.15
CA GLY F 194 -11.78 -48.70 22.35
C GLY F 194 -10.94 -49.65 23.16
N ALA F 195 -9.77 -49.22 23.64
CA ALA F 195 -8.84 -50.08 24.35
C ALA F 195 -9.08 -50.13 25.84
N GLY F 196 -10.31 -49.84 26.28
CA GLY F 196 -10.65 -49.99 27.67
C GLY F 196 -10.08 -48.93 28.58
N LYS F 197 -9.91 -47.71 28.09
CA LYS F 197 -9.50 -46.62 28.95
C LYS F 197 -10.58 -46.21 29.93
N THR F 198 -11.84 -46.36 29.56
CA THR F 198 -12.93 -46.10 30.50
C THR F 198 -13.01 -47.18 31.57
N GLU F 199 -12.68 -48.42 31.19
CA GLU F 199 -12.71 -49.51 32.16
C GLU F 199 -11.60 -49.35 33.20
N ALA F 200 -10.37 -49.11 32.74
CA ALA F 200 -9.27 -48.84 33.67
C ALA F 200 -9.49 -47.55 34.44
N THR F 201 -10.16 -46.58 33.82
CA THR F 201 -10.58 -45.37 34.51
C THR F 201 -11.51 -45.70 35.67
N LYS F 202 -12.48 -46.59 35.45
CA LYS F 202 -13.38 -46.99 36.52
C LYS F 202 -12.66 -47.81 37.58
N GLN F 203 -11.59 -48.51 37.20
CA GLN F 203 -10.75 -49.18 38.20
C GLN F 203 -10.04 -48.16 39.09
N ILE F 204 -9.58 -47.05 38.50
CA ILE F 204 -9.00 -45.98 39.29
C ILE F 204 -10.07 -45.30 40.13
N MET F 205 -11.31 -45.24 39.62
CA MET F 205 -12.38 -44.61 40.37
C MET F 205 -12.81 -45.44 41.57
N ARG F 206 -12.79 -46.76 41.44
CA ARG F 206 -13.12 -47.57 42.61
C ARG F 206 -11.94 -47.70 43.57
N TYR F 207 -10.70 -47.64 43.07
CA TYR F 207 -9.57 -47.64 43.99
C TYR F 207 -9.45 -46.33 44.75
N PHE F 208 -9.66 -45.20 44.08
CA PHE F 208 -9.71 -43.93 44.79
C PHE F 208 -10.93 -43.83 45.68
N ALA F 209 -12.04 -44.44 45.25
CA ALA F 209 -13.26 -44.43 46.03
C ALA F 209 -13.09 -45.23 47.32
N SER F 210 -12.49 -46.40 47.21
CA SER F 210 -12.34 -47.27 48.37
C SER F 210 -11.17 -46.81 49.22
N SER F 211 -11.36 -46.84 50.53
CA SER F 211 -10.33 -46.48 51.49
C SER F 211 -10.39 -47.43 52.68
N LYS F 212 -9.73 -47.06 53.77
CA LYS F 212 -9.76 -47.91 54.94
C LYS F 212 -10.97 -47.62 55.82
N SER F 213 -11.35 -46.35 55.96
CA SER F 213 -12.57 -45.99 56.67
C SER F 213 -13.67 -45.52 55.70
N GLY F 214 -13.33 -44.58 54.83
CA GLY F 214 -14.27 -44.09 53.83
C GLY F 214 -14.30 -44.96 52.58
N ASN F 215 -14.96 -46.12 52.70
CA ASN F 215 -14.93 -47.11 51.63
C ASN F 215 -15.83 -46.70 50.46
N MET F 216 -17.04 -46.25 50.73
CA MET F 216 -17.94 -45.73 49.71
C MET F 216 -18.62 -44.46 50.23
N ASP F 217 -17.81 -43.59 50.83
CA ASP F 217 -18.32 -42.34 51.38
C ASP F 217 -18.10 -41.21 50.37
N LEU F 218 -18.79 -41.36 49.23
CA LEU F 218 -18.67 -40.40 48.14
C LEU F 218 -19.89 -40.52 47.24
N ARG F 219 -20.19 -39.41 46.57
CA ARG F 219 -21.15 -39.38 45.47
C ARG F 219 -20.47 -38.93 44.18
N ILE F 220 -19.15 -38.84 44.18
CA ILE F 220 -18.43 -38.23 43.07
C ILE F 220 -18.37 -39.17 41.89
N GLN F 221 -18.04 -40.45 42.15
CA GLN F 221 -18.08 -41.46 41.11
C GLN F 221 -19.51 -41.70 40.62
N THR F 222 -20.48 -41.55 41.51
CA THR F 222 -21.89 -41.62 41.13
C THR F 222 -22.26 -40.49 40.19
N ALA F 223 -21.76 -39.28 40.48
CA ALA F 223 -22.13 -38.11 39.69
C ALA F 223 -21.47 -38.12 38.32
N ILE F 224 -20.15 -38.33 38.29
CA ILE F 224 -19.42 -38.30 37.02
C ILE F 224 -19.75 -39.54 36.19
N MET F 225 -19.75 -40.71 36.82
CA MET F 225 -20.04 -41.94 36.10
C MET F 225 -21.50 -42.04 35.68
N ALA F 226 -22.40 -41.40 36.43
CA ALA F 226 -23.77 -41.27 35.97
C ALA F 226 -23.88 -40.29 34.82
N ALA F 227 -23.06 -39.24 34.81
CA ALA F 227 -23.02 -38.29 33.72
C ALA F 227 -21.95 -38.63 32.70
N ASN F 228 -21.58 -39.89 32.59
CA ASN F 228 -20.66 -40.31 31.54
C ASN F 228 -21.23 -40.16 30.12
N PRO F 229 -22.47 -40.54 29.80
CA PRO F 229 -22.92 -40.36 28.41
C PRO F 229 -23.30 -38.94 28.03
N VAL F 230 -23.03 -37.94 28.87
CA VAL F 230 -23.11 -36.57 28.40
C VAL F 230 -21.80 -36.16 27.73
N LEU F 231 -20.67 -36.43 28.39
CA LEU F 231 -19.37 -36.22 27.78
C LEU F 231 -19.16 -37.18 26.61
N GLU F 232 -19.71 -38.39 26.72
CA GLU F 232 -19.71 -39.29 25.58
C GLU F 232 -20.75 -38.89 24.54
N ALA F 233 -21.83 -38.24 24.96
CA ALA F 233 -22.87 -37.81 24.03
C ALA F 233 -22.38 -36.70 23.13
N PHE F 234 -21.99 -35.57 23.71
CA PHE F 234 -21.39 -34.49 22.94
C PHE F 234 -20.02 -34.85 22.41
N GLY F 235 -19.28 -35.70 23.10
CA GLY F 235 -17.85 -35.73 22.92
C GLY F 235 -17.29 -36.82 22.04
N ASN F 236 -18.05 -37.89 21.83
CA ASN F 236 -17.53 -38.98 21.01
C ASN F 236 -18.05 -38.93 19.59
N ALA F 237 -17.15 -39.24 18.67
CA ALA F 237 -17.42 -39.27 17.25
C ALA F 237 -16.81 -40.53 16.68
N LYS F 238 -17.43 -41.06 15.64
CA LYS F 238 -16.85 -42.19 14.94
C LYS F 238 -15.73 -41.72 14.02
N THR F 239 -14.56 -42.32 14.17
CA THR F 239 -13.50 -42.25 13.18
C THR F 239 -13.39 -43.62 12.51
N ILE F 240 -12.37 -43.79 11.66
CA ILE F 240 -12.15 -45.09 11.02
C ILE F 240 -11.55 -46.11 11.96
N ARG F 241 -11.31 -45.75 13.22
CA ARG F 241 -10.73 -46.65 14.20
C ARG F 241 -11.71 -47.06 15.28
N ASN F 242 -12.82 -46.35 15.46
CA ASN F 242 -13.68 -46.60 16.60
C ASN F 242 -15.06 -46.06 16.28
N ASN F 243 -16.10 -46.82 16.64
CA ASN F 243 -17.44 -46.26 16.68
C ASN F 243 -17.61 -45.29 17.83
N ASN F 244 -16.67 -45.28 18.79
CA ASN F 244 -16.81 -44.55 20.03
C ASN F 244 -15.50 -43.84 20.37
N SER F 245 -14.95 -43.12 19.41
CA SER F 245 -13.63 -42.53 19.60
C SER F 245 -13.68 -41.27 20.46
N SER F 246 -12.60 -41.03 21.18
CA SER F 246 -12.47 -39.90 22.10
C SER F 246 -11.55 -38.86 21.46
N ARG F 247 -12.15 -37.78 20.97
CA ARG F 247 -11.46 -36.77 20.18
C ARG F 247 -11.03 -35.56 21.02
N PHE F 248 -10.78 -35.77 22.30
CA PHE F 248 -10.40 -34.72 23.25
C PHE F 248 -9.81 -35.40 24.47
N GLY F 249 -9.61 -34.63 25.53
CA GLY F 249 -9.14 -35.23 26.77
C GLY F 249 -9.99 -34.91 27.97
N ARG F 250 -10.64 -35.91 28.56
CA ARG F 250 -11.24 -35.72 29.87
C ARG F 250 -10.13 -35.65 30.91
N PHE F 251 -10.27 -34.71 31.85
CA PHE F 251 -9.24 -34.52 32.85
C PHE F 251 -9.89 -34.18 34.18
N MET F 252 -9.80 -35.10 35.13
CA MET F 252 -10.58 -35.07 36.36
C MET F 252 -9.66 -34.89 37.55
N GLN F 253 -9.84 -33.78 38.25
CA GLN F 253 -9.01 -33.43 39.40
C GLN F 253 -9.77 -33.81 40.65
N LEU F 254 -9.30 -34.84 41.35
CA LEU F 254 -10.00 -35.42 42.49
C LEU F 254 -9.23 -35.18 43.78
N VAL F 255 -9.92 -34.66 44.78
CA VAL F 255 -9.33 -34.39 46.08
C VAL F 255 -9.64 -35.56 46.99
N ILE F 256 -8.59 -36.18 47.53
CA ILE F 256 -8.69 -37.44 48.25
C ILE F 256 -8.60 -37.15 49.75
N SER F 257 -9.53 -37.71 50.53
CA SER F 257 -9.41 -37.68 51.97
C SER F 257 -8.30 -38.60 52.44
N HIS F 258 -7.67 -38.25 53.56
CA HIS F 258 -6.77 -39.21 54.19
C HIS F 258 -7.57 -40.29 54.90
N GLU F 259 -8.61 -39.90 55.62
CA GLU F 259 -9.52 -40.79 56.33
C GLU F 259 -10.45 -41.54 55.40
N GLY F 260 -10.61 -41.07 54.16
CA GLY F 260 -11.54 -41.68 53.23
C GLY F 260 -11.07 -41.62 51.79
N GLY F 261 -12.00 -41.42 50.87
CA GLY F 261 -11.65 -41.42 49.47
C GLY F 261 -11.89 -40.08 48.82
N ILE F 262 -12.57 -40.09 47.69
CA ILE F 262 -12.90 -38.88 46.97
C ILE F 262 -13.99 -38.14 47.72
N ARG F 263 -13.86 -36.83 47.86
CA ARG F 263 -14.95 -36.05 48.42
C ARG F 263 -15.22 -34.87 47.50
N TYR F 264 -14.18 -34.41 46.81
CA TYR F 264 -14.22 -33.26 45.94
C TYR F 264 -13.62 -33.66 44.60
N GLY F 265 -14.00 -32.96 43.55
CA GLY F 265 -13.42 -33.25 42.25
C GLY F 265 -13.95 -32.30 41.19
N SER F 266 -13.38 -32.42 40.00
CA SER F 266 -13.90 -31.68 38.86
C SER F 266 -13.55 -32.43 37.59
N VAL F 267 -14.37 -32.23 36.57
CA VAL F 267 -14.05 -32.62 35.22
C VAL F 267 -13.73 -31.35 34.45
N VAL F 268 -12.62 -31.34 33.72
CA VAL F 268 -12.38 -30.33 32.69
C VAL F 268 -11.94 -31.07 31.45
N ALA F 269 -12.62 -30.83 30.34
CA ALA F 269 -12.16 -31.35 29.06
C ALA F 269 -11.11 -30.42 28.48
N PHE F 270 -10.25 -30.98 27.66
CA PHE F 270 -9.19 -30.22 27.02
C PHE F 270 -9.09 -30.64 25.57
N LEU F 271 -8.75 -29.66 24.72
CA LEU F 271 -8.44 -29.87 23.31
C LEU F 271 -9.61 -30.49 22.56
N LEU F 272 -10.82 -30.00 22.84
CA LEU F 272 -11.99 -30.45 22.09
C LEU F 272 -11.89 -29.96 20.66
N GLU F 273 -11.87 -30.89 19.71
CA GLU F 273 -11.76 -30.54 18.30
C GLU F 273 -13.03 -29.87 17.83
N LYS F 274 -12.85 -28.75 17.15
CA LYS F 274 -13.97 -27.95 16.68
C LYS F 274 -14.28 -28.18 15.20
N SER F 275 -13.28 -28.47 14.37
CA SER F 275 -13.46 -28.57 12.93
C SER F 275 -14.30 -29.77 12.52
N ARG F 276 -14.50 -30.71 13.44
CA ARG F 276 -15.34 -31.87 13.20
C ARG F 276 -16.80 -31.49 12.98
N ILE F 277 -17.23 -30.38 13.59
CA ILE F 277 -18.61 -29.91 13.48
C ILE F 277 -18.94 -29.52 12.05
N ILE F 278 -17.97 -28.91 11.35
CA ILE F 278 -18.23 -28.32 10.04
C ILE F 278 -18.13 -29.39 8.96
N THR F 279 -16.97 -30.01 8.82
CA THR F 279 -16.79 -31.08 7.87
C THR F 279 -16.31 -32.33 8.59
N GLN F 280 -16.51 -33.47 7.95
CA GLN F 280 -16.05 -34.76 8.44
C GLN F 280 -15.42 -35.49 7.26
N ASP F 281 -14.92 -36.69 7.50
CA ASP F 281 -14.45 -37.53 6.42
C ASP F 281 -15.60 -38.41 5.93
N ASP F 282 -15.30 -39.38 5.07
CA ASP F 282 -16.32 -40.25 4.52
C ASP F 282 -16.86 -41.20 5.58
N ASN F 283 -16.01 -42.05 6.14
CA ASN F 283 -16.40 -43.02 7.14
C ASN F 283 -16.30 -42.46 8.55
N GLU F 284 -16.41 -41.15 8.70
CA GLU F 284 -16.39 -40.52 10.01
C GLU F 284 -17.71 -39.81 10.26
N ARG F 285 -18.27 -40.04 11.44
CA ARG F 285 -19.44 -39.32 11.88
C ARG F 285 -19.03 -37.93 12.36
N SER F 286 -20.03 -37.11 12.67
CA SER F 286 -19.81 -35.94 13.51
C SER F 286 -19.81 -36.38 14.96
N TYR F 287 -19.82 -35.42 15.87
CA TYR F 287 -20.12 -35.72 17.26
C TYR F 287 -21.54 -36.28 17.35
N HIS F 288 -21.68 -37.39 18.08
CA HIS F 288 -22.84 -38.27 17.98
C HIS F 288 -24.15 -37.61 18.36
N ILE F 289 -24.11 -36.57 19.21
CA ILE F 289 -25.30 -35.95 19.75
C ILE F 289 -26.15 -35.30 18.66
N PHE F 290 -25.55 -35.00 17.52
CA PHE F 290 -26.31 -34.51 16.38
C PHE F 290 -27.19 -35.62 15.80
N TYR F 291 -26.60 -36.78 15.53
CA TYR F 291 -27.35 -37.88 14.92
C TYR F 291 -28.35 -38.49 15.91
N GLN F 292 -27.88 -38.84 17.11
CA GLN F 292 -28.78 -39.41 18.11
C GLN F 292 -29.75 -38.38 18.65
N PHE F 293 -29.47 -37.09 18.44
CA PHE F 293 -30.51 -36.12 18.69
C PHE F 293 -31.54 -36.09 17.56
N LEU F 294 -31.10 -36.29 16.31
CA LEU F 294 -32.04 -36.31 15.20
C LEU F 294 -32.86 -37.60 15.13
N LYS F 295 -32.47 -38.63 15.87
CA LYS F 295 -33.22 -39.87 15.90
C LYS F 295 -33.81 -40.19 17.27
N GLY F 296 -33.38 -39.52 18.32
CA GLY F 296 -33.86 -39.83 19.65
C GLY F 296 -34.96 -38.92 20.14
N ALA F 297 -35.22 -37.83 19.41
CA ALA F 297 -36.21 -36.88 19.87
C ALA F 297 -37.62 -37.38 19.56
N ASN F 298 -38.59 -36.85 20.30
CA ASN F 298 -39.99 -37.18 20.07
C ASN F 298 -40.59 -36.17 19.09
N SER F 299 -41.88 -36.32 18.78
CA SER F 299 -42.52 -35.43 17.83
C SER F 299 -42.77 -34.04 18.39
N THR F 300 -42.75 -33.89 19.72
CA THR F 300 -42.86 -32.55 20.30
C THR F 300 -41.53 -31.80 20.15
N MET F 301 -40.41 -32.50 20.37
CA MET F 301 -39.09 -31.89 20.22
C MET F 301 -38.74 -31.67 18.76
N LYS F 302 -39.08 -32.62 17.88
CA LYS F 302 -38.86 -32.43 16.46
C LYS F 302 -39.83 -31.43 15.86
N SER F 303 -41.08 -31.40 16.33
CA SER F 303 -42.04 -30.43 15.85
C SER F 303 -41.71 -29.02 16.32
N LYS F 304 -41.23 -28.89 17.56
CA LYS F 304 -40.85 -27.59 18.07
C LYS F 304 -39.56 -27.09 17.43
N PHE F 305 -38.58 -27.96 17.23
CA PHE F 305 -37.30 -27.53 16.70
C PHE F 305 -37.25 -27.51 15.19
N GLY F 306 -38.27 -28.06 14.53
CA GLY F 306 -38.30 -28.10 13.07
C GLY F 306 -37.24 -29.01 12.47
N LEU F 307 -36.94 -30.13 13.13
CA LEU F 307 -35.85 -31.00 12.75
C LEU F 307 -36.16 -31.73 11.45
N LYS F 308 -35.10 -32.25 10.83
CA LYS F 308 -35.22 -32.90 9.54
C LYS F 308 -34.59 -34.29 9.58
N GLY F 309 -34.48 -34.93 8.42
CA GLY F 309 -33.78 -36.19 8.36
C GLY F 309 -32.30 -36.03 8.55
N VAL F 310 -31.62 -37.13 8.92
CA VAL F 310 -30.21 -37.08 9.26
C VAL F 310 -29.30 -36.86 8.06
N THR F 311 -29.83 -36.92 6.85
CA THR F 311 -29.06 -36.62 5.65
C THR F 311 -29.25 -35.20 5.16
N GLU F 312 -30.16 -34.45 5.78
CA GLU F 312 -30.49 -33.10 5.36
C GLU F 312 -29.82 -32.04 6.21
N TYR F 313 -28.57 -32.25 6.60
CA TYR F 313 -27.79 -31.27 7.35
C TYR F 313 -26.36 -31.27 6.83
N LYS F 314 -25.92 -30.11 6.34
CA LYS F 314 -24.64 -30.02 5.66
C LYS F 314 -23.45 -30.02 6.62
N LEU F 315 -23.68 -29.75 7.90
CA LEU F 315 -22.64 -29.99 8.89
C LEU F 315 -22.39 -31.48 9.10
N LEU F 316 -23.34 -32.32 8.73
CA LEU F 316 -23.30 -33.74 9.02
C LEU F 316 -22.90 -34.51 7.77
N ASN F 317 -22.07 -35.52 7.95
CA ASN F 317 -21.69 -36.42 6.88
C ASN F 317 -22.93 -37.20 6.44
N PRO F 318 -23.42 -37.03 5.21
CA PRO F 318 -24.68 -37.68 4.83
C PRO F 318 -24.56 -39.18 4.58
N ASN F 319 -23.35 -39.72 4.52
CA ASN F 319 -23.15 -41.11 4.16
C ASN F 319 -22.59 -41.97 5.29
N SER F 320 -22.48 -41.44 6.50
CA SER F 320 -22.00 -42.22 7.63
C SER F 320 -22.93 -42.09 8.83
N THR F 321 -24.19 -41.74 8.59
CA THR F 321 -25.14 -41.58 9.68
C THR F 321 -25.51 -42.92 10.31
N GLU F 322 -25.57 -43.98 9.51
CA GLU F 322 -26.01 -45.28 9.99
C GLU F 322 -24.82 -46.12 10.43
N VAL F 323 -24.77 -46.46 11.71
CA VAL F 323 -23.72 -47.27 12.31
C VAL F 323 -24.38 -48.39 13.11
N SER F 324 -23.97 -49.63 12.85
CA SER F 324 -24.60 -50.77 13.50
C SER F 324 -24.25 -50.85 14.99
N GLY F 325 -23.07 -50.37 15.38
CA GLY F 325 -22.64 -50.50 16.76
C GLY F 325 -23.26 -49.49 17.71
N VAL F 326 -23.82 -48.42 17.18
CA VAL F 326 -24.39 -47.34 17.99
C VAL F 326 -25.89 -47.28 17.72
N ASP F 327 -26.68 -47.24 18.81
CA ASP F 327 -28.13 -47.27 18.69
C ASP F 327 -28.66 -45.98 18.08
N ASP F 328 -28.19 -44.84 18.57
CA ASP F 328 -28.61 -43.48 18.19
C ASP F 328 -30.09 -43.20 18.44
N VAL F 329 -30.82 -44.06 19.17
CA VAL F 329 -32.20 -43.76 19.51
C VAL F 329 -32.36 -43.83 21.02
N LYS F 330 -32.14 -45.01 21.60
CA LYS F 330 -32.31 -45.19 23.03
C LYS F 330 -31.09 -44.72 23.82
N ASP F 331 -29.97 -44.48 23.14
CA ASP F 331 -28.85 -43.81 23.79
C ASP F 331 -29.23 -42.40 24.21
N PHE F 332 -30.10 -41.76 23.43
CA PHE F 332 -30.53 -40.39 23.72
C PHE F 332 -31.37 -40.32 25.00
N GLU F 333 -32.05 -41.40 25.36
CA GLU F 333 -32.71 -41.42 26.65
C GLU F 333 -31.72 -41.47 27.80
N GLU F 334 -30.58 -42.14 27.58
CA GLU F 334 -29.50 -42.09 28.55
C GLU F 334 -28.84 -40.72 28.55
N VAL F 335 -28.94 -39.98 27.44
CA VAL F 335 -28.47 -38.60 27.45
C VAL F 335 -29.40 -37.72 28.28
N ILE F 336 -30.71 -37.92 28.16
CA ILE F 336 -31.68 -37.09 28.88
C ILE F 336 -31.61 -37.40 30.38
N GLU F 337 -31.65 -38.67 30.74
CA GLU F 337 -31.52 -39.05 32.14
C GLU F 337 -30.13 -38.75 32.68
N SER F 338 -29.11 -38.81 31.82
CA SER F 338 -27.76 -38.48 32.24
C SER F 338 -27.58 -36.98 32.46
N LEU F 339 -28.40 -36.15 31.81
CA LEU F 339 -28.49 -34.75 32.17
C LEU F 339 -29.32 -34.55 33.42
N LYS F 340 -30.29 -35.42 33.66
CA LYS F 340 -31.06 -35.33 34.89
C LYS F 340 -30.28 -35.83 36.10
N ASN F 341 -29.18 -36.56 35.87
CA ASN F 341 -28.33 -36.98 36.97
C ASN F 341 -27.49 -35.85 37.54
N MET F 342 -27.20 -34.82 36.75
CA MET F 342 -26.62 -33.60 37.29
C MET F 342 -27.71 -32.57 37.60
N GLU F 343 -28.97 -32.99 37.56
CA GLU F 343 -30.16 -32.25 38.00
C GLU F 343 -30.35 -30.96 37.20
N LEU F 344 -30.54 -31.12 35.90
CA LEU F 344 -30.91 -30.02 35.04
C LEU F 344 -32.39 -30.17 34.68
N SER F 345 -33.12 -29.06 34.69
CA SER F 345 -34.55 -29.11 34.43
C SER F 345 -34.81 -29.39 32.96
N GLU F 346 -35.98 -29.97 32.68
CA GLU F 346 -36.34 -30.32 31.31
C GLU F 346 -36.57 -29.09 30.43
N SER F 347 -36.89 -27.95 31.03
CA SER F 347 -36.88 -26.71 30.27
C SER F 347 -35.47 -26.33 29.86
N ASP F 348 -34.52 -26.44 30.80
CA ASP F 348 -33.13 -26.12 30.48
C ASP F 348 -32.52 -27.11 29.51
N ILE F 349 -32.84 -28.41 29.67
CA ILE F 349 -32.43 -29.44 28.70
C ILE F 349 -33.03 -29.15 27.33
N GLU F 350 -34.29 -28.69 27.32
CA GLU F 350 -34.94 -28.28 26.09
C GLU F 350 -34.25 -27.07 25.45
N VAL F 351 -33.66 -26.21 26.27
CA VAL F 351 -32.88 -25.09 25.73
C VAL F 351 -31.55 -25.59 25.18
N ILE F 352 -30.94 -26.58 25.85
CA ILE F 352 -29.68 -27.18 25.40
C ILE F 352 -29.84 -27.77 24.01
N PHE F 353 -30.85 -28.61 23.85
CA PHE F 353 -31.05 -29.18 22.53
C PHE F 353 -31.72 -28.21 21.57
N SER F 354 -32.24 -27.09 22.07
CA SER F 354 -32.59 -26.00 21.16
C SER F 354 -31.35 -25.32 20.60
N ILE F 355 -30.29 -25.22 21.40
CA ILE F 355 -29.02 -24.72 20.92
C ILE F 355 -28.42 -25.67 19.90
N VAL F 356 -28.53 -26.98 20.17
CA VAL F 356 -28.01 -27.99 19.25
C VAL F 356 -28.77 -27.97 17.93
N ALA F 357 -30.11 -27.92 18.01
CA ALA F 357 -30.91 -27.80 16.80
C ALA F 357 -30.71 -26.48 16.10
N GLY F 358 -30.32 -25.43 16.83
CA GLY F 358 -29.99 -24.18 16.20
C GLY F 358 -28.65 -24.22 15.48
N ILE F 359 -27.70 -25.00 15.99
CA ILE F 359 -26.42 -25.16 15.31
C ILE F 359 -26.61 -25.97 14.03
N LEU F 360 -27.31 -27.09 14.12
CA LEU F 360 -27.58 -27.89 12.93
C LEU F 360 -28.48 -27.16 11.94
N THR F 361 -29.36 -26.29 12.41
CA THR F 361 -30.15 -25.48 11.51
C THR F 361 -29.31 -24.40 10.85
N LEU F 362 -28.39 -23.80 11.62
CA LEU F 362 -27.53 -22.73 11.12
C LEU F 362 -26.55 -23.22 10.08
N GLY F 363 -26.11 -24.47 10.18
CA GLY F 363 -25.21 -25.01 9.19
C GLY F 363 -25.80 -25.23 7.81
N ASN F 364 -27.11 -25.16 7.66
CA ASN F 364 -27.74 -25.26 6.36
C ASN F 364 -27.89 -23.92 5.65
N VAL F 365 -27.59 -22.82 6.32
CA VAL F 365 -27.81 -21.49 5.76
C VAL F 365 -26.78 -21.23 4.66
N ARG F 366 -27.25 -21.03 3.45
CA ARG F 366 -26.34 -20.79 2.34
C ARG F 366 -26.07 -19.30 2.19
N LEU F 367 -24.91 -19.02 1.61
CA LEU F 367 -24.47 -17.67 1.29
C LEU F 367 -24.39 -17.54 -0.22
N ILE F 368 -24.42 -16.30 -0.70
CA ILE F 368 -24.22 -16.00 -2.11
C ILE F 368 -23.31 -14.80 -2.21
N GLU F 369 -22.70 -14.66 -3.39
CA GLU F 369 -21.91 -13.49 -3.74
C GLU F 369 -22.79 -12.52 -4.51
N LYS F 370 -22.87 -11.28 -4.03
CA LYS F 370 -23.56 -10.22 -4.73
C LYS F 370 -22.53 -9.40 -5.48
N GLN F 371 -22.59 -9.44 -6.82
CA GLN F 371 -21.66 -8.70 -7.64
C GLN F 371 -22.00 -7.22 -7.76
N GLU F 372 -23.05 -6.76 -7.09
CA GLU F 372 -23.45 -5.36 -7.11
C GLU F 372 -23.36 -4.81 -5.68
N ALA F 373 -22.21 -4.27 -5.35
CA ALA F 373 -21.98 -3.55 -4.10
C ALA F 373 -20.90 -2.52 -4.37
N GLY F 374 -20.34 -1.95 -3.30
CA GLY F 374 -19.09 -1.20 -3.47
C GLY F 374 -17.92 -2.12 -3.76
N LEU F 375 -17.99 -3.34 -3.25
CA LEU F 375 -16.92 -4.33 -3.42
C LEU F 375 -17.03 -5.01 -4.79
N SER F 376 -16.25 -6.08 -4.96
CA SER F 376 -16.40 -6.99 -6.07
C SER F 376 -17.57 -7.95 -5.85
N ASP F 377 -17.45 -8.78 -4.82
CA ASP F 377 -18.55 -9.61 -4.35
C ASP F 377 -18.93 -9.20 -2.94
N ALA F 378 -20.16 -9.54 -2.56
CA ALA F 378 -20.64 -9.24 -1.23
C ALA F 378 -21.21 -10.52 -0.64
N ALA F 379 -20.92 -10.75 0.62
CA ALA F 379 -21.56 -11.85 1.32
C ALA F 379 -23.02 -11.53 1.54
N ALA F 380 -23.90 -12.43 1.10
CA ALA F 380 -25.32 -12.27 1.37
C ALA F 380 -25.91 -13.60 1.79
N ILE F 381 -26.97 -13.54 2.57
CA ILE F 381 -27.67 -14.74 3.00
C ILE F 381 -28.74 -15.06 1.97
N MET F 382 -28.85 -16.33 1.62
CA MET F 382 -29.78 -16.82 0.61
C MET F 382 -31.23 -16.55 1.06
N ASP F 383 -32.12 -16.44 0.07
CA ASP F 383 -33.48 -15.96 0.32
C ASP F 383 -34.31 -16.96 1.10
N GLU F 384 -34.38 -18.20 0.63
CA GLU F 384 -35.24 -19.17 1.31
C GLU F 384 -34.58 -19.73 2.56
N ASP F 385 -33.31 -19.43 2.80
CA ASP F 385 -32.67 -19.75 4.06
C ASP F 385 -32.86 -18.64 5.10
N MET F 386 -33.78 -17.71 4.86
CA MET F 386 -34.02 -16.64 5.82
C MET F 386 -34.90 -17.13 6.96
N GLY F 387 -35.91 -17.94 6.65
CA GLY F 387 -36.65 -18.59 7.71
C GLY F 387 -35.82 -19.61 8.45
N VAL F 388 -34.85 -20.22 7.75
CA VAL F 388 -33.87 -21.08 8.37
C VAL F 388 -32.98 -20.28 9.32
N PHE F 389 -32.63 -19.05 8.95
CA PHE F 389 -31.73 -18.25 9.77
C PHE F 389 -32.46 -17.68 10.98
N ASN F 390 -33.67 -17.16 10.77
CA ASN F 390 -34.46 -16.63 11.87
C ASN F 390 -34.86 -17.74 12.82
N LYS F 391 -35.12 -18.93 12.29
CA LYS F 391 -35.32 -20.11 13.12
C LYS F 391 -34.04 -20.46 13.88
N ALA F 392 -32.89 -20.24 13.24
CA ALA F 392 -31.62 -20.63 13.86
C ALA F 392 -31.25 -19.72 15.03
N CYS F 393 -31.42 -18.41 14.86
CA CYS F 393 -31.19 -17.50 15.98
C CYS F 393 -32.30 -17.58 17.01
N GLU F 394 -33.51 -17.92 16.60
CA GLU F 394 -34.61 -18.13 17.52
C GLU F 394 -34.34 -19.32 18.43
N LEU F 395 -33.86 -20.42 17.87
CA LEU F 395 -33.51 -21.60 18.66
C LEU F 395 -32.27 -21.36 19.51
N MET F 396 -31.41 -20.41 19.13
CA MET F 396 -30.27 -20.05 19.95
C MET F 396 -30.54 -18.81 20.79
N TYR F 397 -31.76 -18.28 20.74
CA TYR F 397 -32.24 -17.16 21.55
C TYR F 397 -31.41 -15.89 21.31
N LEU F 398 -31.27 -15.55 20.03
CA LEU F 398 -30.48 -14.41 19.61
C LEU F 398 -31.32 -13.55 18.66
N ASP F 399 -31.09 -12.24 18.70
CA ASP F 399 -31.74 -11.34 17.77
C ASP F 399 -31.17 -11.57 16.38
N PRO F 400 -31.96 -12.10 15.43
CA PRO F 400 -31.37 -12.49 14.13
C PRO F 400 -30.92 -11.34 13.27
N GLU F 401 -31.47 -10.14 13.47
CA GLU F 401 -31.00 -8.98 12.74
C GLU F 401 -29.60 -8.58 13.19
N LEU F 402 -29.31 -8.72 14.48
CA LEU F 402 -27.98 -8.38 14.95
C LEU F 402 -26.97 -9.48 14.65
N ILE F 403 -27.41 -10.74 14.58
CA ILE F 403 -26.50 -11.81 14.17
C ILE F 403 -26.16 -11.67 12.70
N LYS F 404 -27.16 -11.37 11.87
CA LYS F 404 -26.95 -11.07 10.46
C LYS F 404 -26.07 -9.83 10.29
N ARG F 405 -26.22 -8.85 11.18
CA ARG F 405 -25.32 -7.70 11.22
C ARG F 405 -23.90 -8.14 11.48
N GLU F 406 -23.69 -9.07 12.41
CA GLU F 406 -22.34 -9.52 12.69
C GLU F 406 -21.77 -10.44 11.63
N ILE F 407 -22.62 -11.10 10.84
CA ILE F 407 -22.13 -11.97 9.79
C ILE F 407 -21.80 -11.17 8.54
N LEU F 408 -22.67 -10.24 8.16
CA LEU F 408 -22.52 -9.61 6.87
C LEU F 408 -21.80 -8.27 6.90
N ILE F 409 -21.69 -7.62 8.06
CA ILE F 409 -21.15 -6.26 8.15
C ILE F 409 -20.06 -6.22 9.20
N LYS F 410 -18.89 -5.72 8.82
CA LYS F 410 -17.89 -5.31 9.79
C LYS F 410 -17.94 -3.80 9.96
N VAL F 411 -17.61 -3.35 11.16
CA VAL F 411 -17.61 -1.94 11.51
C VAL F 411 -16.33 -1.68 12.29
N THR F 412 -15.54 -0.69 11.88
CA THR F 412 -14.43 -0.27 12.75
C THR F 412 -14.40 1.25 12.86
N VAL F 413 -13.62 1.73 13.84
CA VAL F 413 -13.47 3.14 14.12
C VAL F 413 -12.01 3.52 13.98
N ALA F 414 -11.73 4.47 13.08
CA ALA F 414 -10.38 4.84 12.72
C ALA F 414 -10.20 6.35 12.91
N GLY F 415 -9.72 6.73 14.09
CA GLY F 415 -9.60 8.15 14.41
C GLY F 415 -10.95 8.83 14.53
N GLY F 416 -11.96 8.11 15.00
CA GLY F 416 -13.30 8.65 15.06
C GLY F 416 -14.06 8.53 13.77
N ASP F 417 -14.14 7.33 13.19
CA ASP F 417 -14.84 7.13 11.92
C ASP F 417 -15.36 5.70 11.89
N LYS F 418 -16.60 5.50 12.32
CA LYS F 418 -17.23 4.20 12.21
C LYS F 418 -17.58 3.95 10.76
N ILE F 419 -16.82 3.10 10.09
CA ILE F 419 -17.12 2.73 8.72
C ILE F 419 -17.47 1.24 8.68
N GLU F 420 -18.51 0.93 7.92
CA GLU F 420 -19.02 -0.42 7.75
C GLU F 420 -18.48 -1.03 6.46
N GLY F 421 -17.50 -1.92 6.59
CA GLY F 421 -17.07 -2.75 5.50
C GLY F 421 -17.99 -3.95 5.35
N ARG F 422 -18.03 -4.49 4.14
CA ARG F 422 -18.84 -5.64 3.82
C ARG F 422 -17.92 -6.85 3.68
N TRP F 423 -18.37 -8.00 4.18
CA TRP F 423 -17.49 -9.16 4.16
C TRP F 423 -17.51 -9.85 2.79
N ASN F 424 -16.55 -10.74 2.60
CA ASN F 424 -16.55 -11.63 1.46
C ASN F 424 -17.37 -12.87 1.80
N LYS F 425 -17.66 -13.70 0.79
CA LYS F 425 -18.47 -14.88 1.01
C LYS F 425 -17.72 -15.93 1.84
N ASN F 426 -16.46 -16.18 1.50
CA ASN F 426 -15.70 -17.19 2.21
C ASN F 426 -15.41 -16.78 3.64
N ASP F 427 -15.17 -15.48 3.87
CA ASP F 427 -14.93 -15.02 5.23
C ASP F 427 -16.21 -15.03 6.06
N ALA F 428 -17.36 -14.78 5.43
CA ALA F 428 -18.61 -14.91 6.17
C ALA F 428 -18.95 -16.37 6.43
N GLU F 429 -18.50 -17.28 5.55
CA GLU F 429 -18.59 -18.70 5.85
C GLU F 429 -17.72 -19.07 7.03
N VAL F 430 -16.58 -18.39 7.17
CA VAL F 430 -15.76 -18.56 8.37
C VAL F 430 -16.46 -17.94 9.59
N LEU F 431 -17.29 -16.92 9.39
CA LEU F 431 -18.02 -16.36 10.53
C LEU F 431 -19.15 -17.28 10.98
N LYS F 432 -19.87 -17.88 10.03
CA LYS F 432 -20.95 -18.79 10.38
C LYS F 432 -20.41 -20.08 10.98
N SER F 433 -19.34 -20.62 10.37
CA SER F 433 -18.74 -21.85 10.87
C SER F 433 -18.11 -21.63 12.23
N SER F 434 -17.42 -20.49 12.40
CA SER F 434 -16.84 -20.13 13.69
C SER F 434 -17.92 -19.91 14.74
N LEU F 435 -19.09 -19.42 14.31
CA LEU F 435 -20.20 -19.27 15.23
C LEU F 435 -20.72 -20.62 15.69
N CYS F 436 -20.89 -21.57 14.76
CA CYS F 436 -21.37 -22.90 15.14
C CYS F 436 -20.39 -23.61 16.05
N LYS F 437 -19.09 -23.52 15.74
CA LYS F 437 -18.09 -24.21 16.55
C LYS F 437 -17.94 -23.59 17.93
N ALA F 438 -18.04 -22.26 18.01
CA ALA F 438 -17.92 -21.61 19.32
C ALA F 438 -19.14 -21.87 20.18
N MET F 439 -20.35 -21.85 19.60
CA MET F 439 -21.56 -22.18 20.34
C MET F 439 -21.53 -23.63 20.83
N TYR F 440 -21.02 -24.54 20.01
CA TYR F 440 -20.95 -25.94 20.41
C TYR F 440 -19.99 -26.15 21.57
N GLU F 441 -18.76 -25.60 21.46
CA GLU F 441 -17.77 -25.86 22.50
C GLU F 441 -18.15 -25.17 23.80
N LYS F 442 -18.72 -23.97 23.73
CA LYS F 442 -19.09 -23.33 24.98
C LYS F 442 -20.36 -23.90 25.59
N LEU F 443 -21.22 -24.51 24.76
CA LEU F 443 -22.28 -25.37 25.28
C LEU F 443 -21.70 -26.54 26.06
N PHE F 444 -20.69 -27.19 25.48
CA PHE F 444 -20.05 -28.35 26.08
C PHE F 444 -19.41 -28.00 27.42
N LEU F 445 -18.61 -26.94 27.44
CA LEU F 445 -17.97 -26.50 28.68
C LEU F 445 -18.96 -25.94 29.68
N TRP F 446 -20.10 -25.44 29.21
CA TRP F 446 -21.16 -24.99 30.11
C TRP F 446 -21.75 -26.16 30.89
N ILE F 447 -22.09 -27.25 30.19
CA ILE F 447 -22.63 -28.42 30.88
C ILE F 447 -21.56 -29.12 31.71
N ILE F 448 -20.29 -29.03 31.31
CA ILE F 448 -19.21 -29.46 32.20
C ILE F 448 -19.17 -28.62 33.47
N ARG F 449 -19.46 -27.32 33.36
CA ARG F 449 -19.54 -26.50 34.56
C ARG F 449 -20.74 -26.84 35.44
N HIS F 450 -21.79 -27.43 34.86
CA HIS F 450 -22.87 -27.92 35.72
C HIS F 450 -22.54 -29.25 36.36
N LEU F 451 -21.80 -30.12 35.67
CA LEU F 451 -21.34 -31.35 36.31
C LEU F 451 -20.35 -31.06 37.43
N ASN F 452 -19.50 -30.05 37.25
CA ASN F 452 -18.60 -29.68 38.33
C ASN F 452 -19.29 -28.82 39.38
N SER F 453 -20.46 -28.25 39.07
CA SER F 453 -21.17 -27.44 40.07
C SER F 453 -21.68 -28.27 41.23
N ARG F 454 -21.85 -29.58 41.06
CA ARG F 454 -22.22 -30.48 42.14
C ARG F 454 -21.03 -30.83 43.03
N ILE F 455 -19.88 -31.07 42.43
CA ILE F 455 -18.83 -31.90 43.03
C ILE F 455 -17.57 -31.12 43.36
N GLU F 456 -17.58 -29.80 43.19
CA GLU F 456 -16.33 -29.05 43.23
C GLU F 456 -15.82 -28.84 44.65
N PRO F 457 -14.50 -28.65 44.81
CA PRO F 457 -14.00 -27.94 45.98
C PRO F 457 -14.24 -26.46 45.80
N GLU F 458 -15.02 -25.87 46.71
CA GLU F 458 -15.47 -24.50 46.52
C GLU F 458 -14.38 -23.48 46.80
N GLY F 459 -13.28 -23.88 47.44
CA GLY F 459 -12.14 -22.98 47.59
C GLY F 459 -11.13 -23.07 46.47
N GLY F 460 -11.28 -24.03 45.56
CA GLY F 460 -10.32 -24.24 44.51
C GLY F 460 -9.42 -25.44 44.78
N PHE F 461 -8.51 -25.69 43.84
CA PHE F 461 -7.61 -26.83 43.93
C PHE F 461 -6.26 -26.36 44.46
N LYS F 462 -5.97 -26.65 45.73
CA LYS F 462 -4.65 -26.34 46.27
C LYS F 462 -3.65 -27.39 45.83
N THR F 463 -3.88 -28.64 46.24
CA THR F 463 -3.30 -29.81 45.62
C THR F 463 -4.43 -30.79 45.33
N PHE F 464 -4.22 -31.65 44.35
CA PHE F 464 -5.29 -32.52 43.89
C PHE F 464 -4.70 -33.86 43.43
N MET F 465 -5.55 -34.64 42.77
CA MET F 465 -5.19 -35.94 42.22
C MET F 465 -5.77 -36.02 40.81
N GLY F 466 -4.96 -35.71 39.82
CA GLY F 466 -5.44 -35.58 38.46
C GLY F 466 -5.51 -36.90 37.71
N MET F 467 -6.37 -36.94 36.70
CA MET F 467 -6.51 -38.08 35.79
C MET F 467 -6.78 -37.58 34.38
N LEU F 468 -6.00 -38.05 33.42
CA LEU F 468 -6.15 -37.62 32.04
C LEU F 468 -6.45 -38.79 31.14
N ASP F 469 -7.70 -38.88 30.68
CA ASP F 469 -8.02 -39.70 29.52
C ASP F 469 -7.42 -39.01 28.29
N ILE F 470 -6.62 -39.75 27.50
CA ILE F 470 -5.93 -39.16 26.36
C ILE F 470 -5.62 -40.24 25.34
N PHE F 471 -5.48 -39.82 24.09
CA PHE F 471 -5.32 -40.68 22.92
C PHE F 471 -3.86 -41.14 22.78
N GLY F 472 -3.53 -41.68 21.62
CA GLY F 472 -2.17 -42.01 21.27
C GLY F 472 -1.87 -41.54 19.86
N PHE F 473 -0.69 -41.87 19.36
CA PHE F 473 -0.24 -41.43 18.04
C PHE F 473 -1.12 -42.00 16.94
N GLU F 474 -1.71 -41.12 16.14
CA GLU F 474 -2.39 -41.52 14.92
C GLU F 474 -1.31 -41.77 13.87
N VAL F 475 -0.85 -43.01 13.80
CA VAL F 475 0.28 -43.37 12.94
C VAL F 475 -0.11 -43.38 11.46
N PHE F 476 -1.39 -43.60 11.16
CA PHE F 476 -1.83 -44.00 9.83
C PHE F 476 -1.72 -42.86 8.82
N LYS F 477 -2.05 -43.16 7.57
CA LYS F 477 -1.54 -42.38 6.45
C LYS F 477 -2.31 -41.08 6.26
N ASN F 478 -3.62 -41.16 6.02
CA ASN F 478 -4.39 -39.98 5.66
C ASN F 478 -4.62 -39.10 6.89
N ASN F 479 -3.60 -38.34 7.26
CA ASN F 479 -3.66 -37.46 8.40
C ASN F 479 -3.93 -36.04 7.94
N SER F 480 -4.48 -35.24 8.84
CA SER F 480 -4.88 -33.89 8.54
C SER F 480 -4.55 -32.98 9.70
N LEU F 481 -5.19 -31.80 9.75
CA LEU F 481 -4.91 -30.84 10.80
C LEU F 481 -5.25 -31.38 12.18
N GLU F 482 -6.34 -32.15 12.29
CA GLU F 482 -6.71 -32.76 13.57
C GLU F 482 -5.68 -33.78 14.02
N GLN F 483 -5.18 -34.58 13.09
CA GLN F 483 -4.18 -35.57 13.42
C GLN F 483 -2.81 -34.95 13.60
N LEU F 484 -2.57 -33.78 12.99
CA LEU F 484 -1.40 -32.99 13.34
C LEU F 484 -1.48 -32.50 14.78
N PHE F 485 -2.64 -32.00 15.20
CA PHE F 485 -2.82 -31.57 16.59
C PHE F 485 -2.65 -32.74 17.56
N ILE F 486 -3.15 -33.91 17.17
CA ILE F 486 -2.95 -35.15 17.92
C ILE F 486 -1.47 -35.45 18.10
N ASN F 487 -0.70 -35.39 17.01
CA ASN F 487 0.71 -35.72 17.13
C ASN F 487 1.50 -34.64 17.87
N ILE F 488 1.04 -33.39 17.82
CA ILE F 488 1.65 -32.33 18.62
C ILE F 488 1.43 -32.57 20.10
N THR F 489 0.20 -32.91 20.49
CA THR F 489 -0.10 -33.22 21.88
C THR F 489 0.70 -34.42 22.36
N ASN F 490 0.85 -35.42 21.49
CA ASN F 490 1.66 -36.57 21.86
C ASN F 490 3.15 -36.22 21.90
N GLU F 491 3.59 -35.18 21.20
CA GLU F 491 4.97 -34.76 21.39
C GLU F 491 5.16 -34.01 22.68
N MET F 492 4.12 -33.30 23.13
CA MET F 492 4.18 -32.67 24.45
C MET F 492 4.22 -33.70 25.56
N LEU F 493 3.32 -34.69 25.50
CA LEU F 493 3.30 -35.77 26.49
C LEU F 493 4.57 -36.60 26.44
N GLN F 494 5.12 -36.76 25.24
CA GLN F 494 6.39 -37.46 25.10
C GLN F 494 7.53 -36.68 25.75
N LYS F 495 7.51 -35.36 25.60
CA LYS F 495 8.51 -34.53 26.26
C LYS F 495 8.36 -34.61 27.77
N ASN F 496 7.12 -34.73 28.25
CA ASN F 496 6.90 -34.95 29.67
C ASN F 496 7.43 -36.31 30.12
N PHE F 497 7.34 -37.31 29.24
CA PHE F 497 7.84 -38.65 29.56
C PHE F 497 9.36 -38.65 29.68
N VAL F 498 10.06 -37.97 28.78
CA VAL F 498 11.51 -37.92 28.87
C VAL F 498 11.94 -37.04 30.03
N ASP F 499 11.14 -36.02 30.36
CA ASP F 499 11.36 -35.23 31.57
C ASP F 499 11.33 -36.09 32.82
N ILE F 500 10.26 -36.85 33.00
CA ILE F 500 10.10 -37.53 34.27
C ILE F 500 10.99 -38.79 34.34
N VAL F 501 11.27 -39.43 33.21
CA VAL F 501 12.17 -40.58 33.24
C VAL F 501 13.60 -40.14 33.47
N PHE F 502 14.01 -39.03 32.85
CA PHE F 502 15.32 -38.48 33.13
C PHE F 502 15.41 -37.93 34.56
N GLU F 503 14.28 -37.51 35.13
CA GLU F 503 14.29 -36.98 36.49
C GLU F 503 14.43 -38.10 37.51
N ARG F 504 13.61 -39.16 37.37
CA ARG F 504 13.69 -40.29 38.31
C ARG F 504 15.02 -41.01 38.18
N GLU F 505 15.46 -41.28 36.96
CA GLU F 505 16.72 -41.99 36.80
C GLU F 505 17.91 -41.11 37.12
N SER F 506 17.79 -39.79 36.93
CA SER F 506 18.89 -38.89 37.28
C SER F 506 19.03 -38.75 38.78
N LYS F 507 17.89 -38.59 39.48
CA LYS F 507 17.92 -38.51 40.92
C LYS F 507 18.26 -39.85 41.57
N LEU F 508 17.96 -40.95 40.88
CA LEU F 508 18.30 -42.27 41.41
C LEU F 508 19.75 -42.62 41.12
N TYR F 509 20.34 -42.04 40.09
CA TYR F 509 21.80 -42.03 39.98
C TYR F 509 22.41 -41.17 41.06
N LYS F 510 21.75 -40.07 41.43
CA LYS F 510 22.27 -39.18 42.46
C LYS F 510 22.24 -39.85 43.83
N ASP F 511 21.20 -40.64 44.10
CA ASP F 511 21.04 -41.25 45.43
C ASP F 511 22.00 -42.39 45.65
N GLU F 512 22.56 -42.95 44.58
CA GLU F 512 23.48 -44.08 44.68
C GLU F 512 24.92 -43.69 44.34
N GLY F 513 25.20 -42.40 44.25
CA GLY F 513 26.56 -41.93 44.03
C GLY F 513 27.11 -42.16 42.64
N ILE F 514 26.27 -42.05 41.62
CA ILE F 514 26.68 -42.27 40.23
C ILE F 514 26.43 -40.99 39.46
N SER F 515 27.42 -40.58 38.66
CA SER F 515 27.32 -39.36 37.87
C SER F 515 26.24 -39.48 36.81
N THR F 516 25.31 -38.54 36.81
CA THR F 516 24.18 -38.52 35.90
C THR F 516 24.55 -37.98 34.51
N ALA F 517 25.81 -37.62 34.28
CA ALA F 517 26.23 -37.19 32.96
C ALA F 517 26.25 -38.34 31.96
N GLU F 518 26.39 -39.57 32.44
CA GLU F 518 26.31 -40.75 31.58
C GLU F 518 24.88 -41.07 31.18
N LEU F 519 23.90 -40.44 31.80
CA LEU F 519 22.53 -40.47 31.31
C LEU F 519 22.33 -39.28 30.38
N LYS F 520 21.66 -39.53 29.26
CA LYS F 520 21.50 -38.53 28.22
C LYS F 520 20.03 -38.22 27.98
N TYR F 521 19.73 -36.93 27.92
CA TYR F 521 18.40 -36.46 27.56
C TYR F 521 18.17 -36.65 26.07
N THR F 522 17.11 -37.39 25.73
CA THR F 522 16.70 -37.54 24.34
C THR F 522 15.84 -36.34 23.96
N SER F 523 16.39 -35.49 23.09
CA SER F 523 15.84 -34.16 22.87
C SER F 523 14.56 -34.22 22.05
N ASN F 524 13.46 -33.83 22.67
CA ASN F 524 12.24 -33.59 21.94
C ASN F 524 12.14 -32.13 21.50
N LYS F 525 13.20 -31.35 21.72
CA LYS F 525 13.18 -29.92 21.43
C LYS F 525 13.13 -29.62 19.94
N GLU F 526 13.69 -30.47 19.09
CA GLU F 526 13.65 -30.19 17.66
C GLU F 526 12.24 -30.31 17.11
N VAL F 527 11.51 -31.35 17.50
CA VAL F 527 10.16 -31.56 16.99
C VAL F 527 9.20 -30.53 17.57
N ILE F 528 9.38 -30.16 18.83
CA ILE F 528 8.57 -29.11 19.42
C ILE F 528 8.88 -27.75 18.80
N ASN F 529 10.14 -27.52 18.42
CA ASN F 529 10.46 -26.27 17.72
C ASN F 529 9.86 -26.24 16.33
N VAL F 530 9.89 -27.36 15.60
CA VAL F 530 9.36 -27.37 14.24
C VAL F 530 7.84 -27.33 14.25
N LEU F 531 7.20 -27.89 15.27
CA LEU F 531 5.75 -27.91 15.26
C LEU F 531 5.10 -26.77 16.03
N CYS F 532 5.83 -26.10 16.93
CA CYS F 532 5.14 -25.20 17.86
C CYS F 532 5.77 -23.83 18.05
N GLU F 533 7.06 -23.62 17.75
CA GLU F 533 7.75 -22.43 18.20
C GLU F 533 7.25 -21.19 17.45
N LYS F 534 6.76 -20.22 18.21
CA LYS F 534 6.04 -19.08 17.65
C LYS F 534 6.99 -18.20 16.84
N GLY F 535 6.84 -18.24 15.51
CA GLY F 535 7.71 -17.55 14.60
C GLY F 535 8.45 -18.45 13.64
N LYS F 536 8.64 -19.73 13.99
CA LYS F 536 9.37 -20.64 13.12
C LYS F 536 8.76 -22.04 13.09
N SER F 537 7.46 -22.16 13.27
CA SER F 537 6.85 -23.47 13.33
C SER F 537 6.03 -23.76 12.09
N VAL F 538 5.41 -24.93 12.09
CA VAL F 538 4.38 -25.24 11.11
C VAL F 538 3.09 -24.49 11.43
N LEU F 539 2.77 -24.33 12.71
CA LEU F 539 1.54 -23.66 13.09
C LEU F 539 1.62 -22.15 12.91
N SER F 540 2.82 -21.58 13.05
CA SER F 540 3.00 -20.16 12.77
C SER F 540 2.77 -19.86 11.29
N TYR F 541 3.20 -20.77 10.42
CA TYR F 541 3.01 -20.58 8.99
C TYR F 541 1.61 -20.96 8.55
N LEU F 542 0.92 -21.75 9.35
CA LEU F 542 -0.50 -21.95 9.09
C LEU F 542 -1.29 -20.71 9.48
N GLU F 543 -0.86 -20.02 10.55
CA GLU F 543 -1.38 -18.69 10.84
C GLU F 543 -1.10 -17.72 9.69
N ASP F 544 0.08 -17.84 9.06
CA ASP F 544 0.38 -17.04 7.89
C ASP F 544 -0.57 -17.34 6.74
N GLN F 545 -0.80 -18.63 6.43
CA GLN F 545 -1.68 -18.93 5.31
C GLN F 545 -3.15 -18.70 5.63
N CYS F 546 -3.50 -18.56 6.90
CA CYS F 546 -4.80 -17.98 7.22
C CYS F 546 -4.79 -16.47 7.00
N LEU F 547 -3.63 -15.83 7.12
CA LEU F 547 -3.58 -14.39 6.94
C LEU F 547 -3.02 -13.94 5.59
N ALA F 548 -2.25 -14.79 4.92
CA ALA F 548 -1.89 -14.50 3.53
C ALA F 548 -3.17 -14.56 2.71
N PRO F 549 -3.51 -13.50 1.98
CA PRO F 549 -4.88 -13.35 1.50
C PRO F 549 -5.27 -14.26 0.35
N GLY F 550 -4.33 -14.58 -0.53
CA GLY F 550 -4.60 -15.58 -1.55
C GLY F 550 -4.00 -16.91 -1.15
N GLY F 551 -4.17 -17.27 0.12
CA GLY F 551 -3.55 -18.47 0.63
C GLY F 551 -4.22 -19.74 0.13
N THR F 552 -3.39 -20.67 -0.32
CA THR F 552 -3.85 -21.99 -0.68
C THR F 552 -3.17 -22.99 0.24
N ASP F 553 -3.37 -24.28 0.00
CA ASP F 553 -2.67 -25.27 0.80
C ASP F 553 -1.34 -25.64 0.19
N GLU F 554 -1.19 -25.46 -1.12
CA GLU F 554 0.09 -25.71 -1.77
C GLU F 554 1.13 -24.71 -1.30
N LYS F 555 0.72 -23.45 -1.15
CA LYS F 555 1.58 -22.40 -0.63
C LYS F 555 2.01 -22.67 0.81
N PHE F 556 1.19 -23.39 1.58
CA PHE F 556 1.56 -23.69 2.94
C PHE F 556 2.66 -24.74 3.02
N VAL F 557 2.44 -25.87 2.35
CA VAL F 557 3.41 -26.96 2.35
C VAL F 557 4.71 -26.52 1.71
N SER F 558 4.62 -25.63 0.73
CA SER F 558 5.82 -25.16 0.09
C SER F 558 6.52 -24.07 0.90
N SER F 559 5.76 -23.26 1.63
CA SER F 559 6.40 -22.26 2.49
C SER F 559 7.13 -22.92 3.65
N CYS F 560 6.53 -23.96 4.23
CA CYS F 560 7.25 -24.76 5.21
C CYS F 560 8.38 -25.54 4.57
N ALA F 561 8.26 -25.87 3.29
CA ALA F 561 9.33 -26.57 2.60
C ALA F 561 10.52 -25.66 2.38
N THR F 562 10.28 -24.38 2.17
CA THR F 562 11.37 -23.47 1.86
C THR F 562 11.91 -22.74 3.08
N ASN F 563 11.22 -22.77 4.21
CA ASN F 563 11.73 -22.10 5.39
C ASN F 563 12.17 -23.03 6.51
N LEU F 564 11.59 -24.22 6.60
CA LEU F 564 11.97 -25.18 7.63
C LEU F 564 12.93 -26.24 7.11
N LYS F 565 13.66 -25.92 6.03
CA LYS F 565 14.63 -26.83 5.45
C LYS F 565 15.92 -26.93 6.27
N GLU F 566 16.12 -26.02 7.23
CA GLU F 566 17.32 -26.02 8.05
C GLU F 566 17.37 -27.21 8.99
N ASN F 567 16.22 -27.73 9.39
CA ASN F 567 16.14 -28.92 10.22
C ASN F 567 15.59 -30.07 9.39
N ASN F 568 16.03 -31.28 9.68
CA ASN F 568 15.51 -32.44 8.97
C ASN F 568 14.19 -32.94 9.52
N LYS F 569 13.73 -32.38 10.65
CA LYS F 569 12.48 -32.84 11.25
C LYS F 569 11.26 -32.47 10.42
N PHE F 570 11.37 -31.49 9.54
CA PHE F 570 10.41 -31.30 8.45
C PHE F 570 11.02 -31.89 7.19
N THR F 571 10.19 -32.54 6.38
CA THR F 571 10.65 -33.08 5.12
C THR F 571 9.48 -33.08 4.15
N PRO F 572 9.60 -32.48 2.97
CA PRO F 572 8.53 -32.56 1.98
C PRO F 572 8.47 -33.96 1.38
N ALA F 573 7.27 -34.46 1.23
CA ALA F 573 7.10 -35.82 0.71
C ALA F 573 7.38 -35.86 -0.78
N LYS F 574 7.71 -37.05 -1.27
CA LYS F 574 8.05 -37.19 -2.68
C LYS F 574 6.80 -37.15 -3.55
N VAL F 575 5.88 -38.09 -3.35
CA VAL F 575 4.65 -38.16 -4.12
C VAL F 575 3.72 -37.04 -3.66
N ALA F 576 3.32 -36.19 -4.62
CA ALA F 576 2.46 -35.02 -4.41
C ALA F 576 3.07 -34.07 -3.36
N SER F 577 4.20 -33.48 -3.78
CA SER F 577 5.08 -32.77 -2.86
C SER F 577 4.46 -31.50 -2.30
N ASN F 578 3.39 -31.01 -2.89
CA ASN F 578 2.64 -29.91 -2.30
C ASN F 578 1.41 -30.37 -1.52
N LYS F 579 0.97 -31.61 -1.69
CA LYS F 579 -0.17 -32.11 -0.96
C LYS F 579 0.20 -32.96 0.24
N ASN F 580 1.48 -33.26 0.43
CA ASN F 580 1.90 -34.18 1.48
C ASN F 580 3.20 -33.70 2.08
N PHE F 581 3.26 -33.63 3.40
CA PHE F 581 4.52 -33.33 4.06
C PHE F 581 4.71 -34.29 5.22
N ILE F 582 5.95 -34.73 5.37
CA ILE F 582 6.33 -35.77 6.32
C ILE F 582 7.11 -35.14 7.46
N ILE F 583 6.67 -35.39 8.69
CA ILE F 583 7.35 -34.90 9.89
C ILE F 583 8.10 -36.08 10.51
N GLN F 584 9.34 -35.84 10.90
CA GLN F 584 10.11 -36.80 11.68
C GLN F 584 9.75 -36.63 13.15
N HIS F 585 8.70 -37.32 13.57
CA HIS F 585 8.35 -37.37 14.98
C HIS F 585 9.32 -38.28 15.73
N THR F 586 9.17 -38.33 17.05
CA THR F 586 10.00 -39.22 17.86
C THR F 586 9.73 -40.69 17.57
N ILE F 587 8.50 -41.01 17.14
CA ILE F 587 8.19 -42.36 16.69
C ILE F 587 8.51 -42.56 15.22
N GLY F 588 8.97 -41.53 14.52
CA GLY F 588 9.40 -41.69 13.16
C GLY F 588 8.62 -40.85 12.16
N PRO F 589 8.71 -41.23 10.89
CA PRO F 589 8.08 -40.42 9.83
C PRO F 589 6.56 -40.60 9.84
N ILE F 590 5.84 -39.48 9.92
CA ILE F 590 4.40 -39.48 9.75
C ILE F 590 4.07 -38.54 8.60
N GLN F 591 3.25 -39.02 7.67
CA GLN F 591 2.86 -38.26 6.49
C GLN F 591 1.56 -37.52 6.75
N TYR F 592 1.47 -36.31 6.22
CA TYR F 592 0.28 -35.49 6.35
C TYR F 592 -0.20 -35.06 4.98
N CYS F 593 -1.47 -35.33 4.72
CA CYS F 593 -2.18 -34.77 3.58
C CYS F 593 -2.50 -33.32 3.87
N ALA F 594 -2.59 -32.52 2.81
CA ALA F 594 -2.70 -31.08 2.94
C ALA F 594 -4.04 -30.54 2.46
N GLU F 595 -4.94 -31.42 2.03
CA GLU F 595 -6.25 -30.99 1.54
C GLU F 595 -7.05 -30.39 2.69
N SER F 596 -7.58 -29.18 2.46
CA SER F 596 -8.48 -28.48 3.37
C SER F 596 -7.84 -28.18 4.71
N PHE F 597 -6.65 -27.60 4.68
CA PHE F 597 -6.14 -26.98 5.90
C PHE F 597 -6.90 -25.70 6.22
N LEU F 598 -7.01 -24.81 5.24
CA LEU F 598 -7.60 -23.50 5.50
C LEU F 598 -9.11 -23.56 5.70
N LEU F 599 -9.75 -24.65 5.29
CA LEU F 599 -11.12 -24.86 5.70
C LEU F 599 -11.21 -25.15 7.18
N LYS F 600 -10.19 -25.79 7.74
CA LYS F 600 -10.24 -26.23 9.12
C LYS F 600 -9.68 -25.23 10.11
N ASN F 601 -8.66 -24.46 9.74
CA ASN F 601 -8.05 -23.60 10.72
C ASN F 601 -8.80 -22.29 10.90
N LYS F 602 -9.42 -21.77 9.85
CA LYS F 602 -9.93 -20.40 9.85
C LYS F 602 -11.09 -20.27 10.82
N ASP F 603 -10.83 -19.59 11.93
CA ASP F 603 -11.81 -19.41 12.99
C ASP F 603 -11.78 -17.95 13.42
N VAL F 604 -12.84 -17.22 13.11
CA VAL F 604 -12.94 -15.80 13.44
C VAL F 604 -14.13 -15.65 14.38
N LEU F 605 -13.87 -15.61 15.68
CA LEU F 605 -14.90 -15.37 16.68
C LEU F 605 -14.72 -13.94 17.17
N ARG F 606 -15.37 -13.01 16.49
CA ARG F 606 -15.18 -11.60 16.76
C ARG F 606 -15.98 -11.19 17.98
N GLY F 607 -15.34 -10.41 18.86
CA GLY F 607 -15.97 -9.98 20.10
C GLY F 607 -17.21 -9.14 19.94
N ASP F 608 -17.35 -8.45 18.79
CA ASP F 608 -18.57 -7.73 18.45
C ASP F 608 -19.78 -8.66 18.36
N LEU F 609 -19.57 -9.89 17.91
CA LEU F 609 -20.59 -10.93 17.94
C LEU F 609 -20.76 -11.54 19.32
N VAL F 610 -19.66 -11.68 20.05
CA VAL F 610 -19.68 -12.27 21.38
C VAL F 610 -20.51 -11.41 22.33
N GLU F 611 -20.47 -10.09 22.17
CA GLU F 611 -21.31 -9.22 22.99
C GLU F 611 -22.78 -9.34 22.63
N VAL F 612 -23.09 -9.53 21.34
CA VAL F 612 -24.47 -9.72 20.92
C VAL F 612 -25.02 -11.01 21.50
N ILE F 613 -24.17 -12.04 21.60
CA ILE F 613 -24.64 -13.28 22.20
C ILE F 613 -24.70 -13.19 23.72
N LYS F 614 -23.84 -12.35 24.33
CA LYS F 614 -23.97 -12.07 25.75
C LYS F 614 -25.17 -11.21 26.08
N ASP F 615 -25.75 -10.52 25.10
CA ASP F 615 -26.95 -9.72 25.30
C ASP F 615 -28.21 -10.48 24.94
N SER F 616 -28.20 -11.80 25.09
CA SER F 616 -29.34 -12.65 24.82
C SER F 616 -30.36 -12.53 25.95
N PRO F 617 -31.65 -12.65 25.65
CA PRO F 617 -32.67 -12.63 26.70
C PRO F 617 -32.59 -13.82 27.65
N ASN F 618 -32.00 -14.90 27.22
CA ASN F 618 -31.79 -16.15 27.92
C ASN F 618 -30.55 -16.05 28.81
N PRO F 619 -30.67 -16.26 30.13
CA PRO F 619 -29.47 -16.26 30.97
C PRO F 619 -28.58 -17.48 30.76
N ILE F 620 -29.13 -18.55 30.18
CA ILE F 620 -28.34 -19.70 29.75
C ILE F 620 -27.31 -19.28 28.72
N VAL F 621 -27.74 -18.52 27.71
CA VAL F 621 -26.85 -18.09 26.65
C VAL F 621 -25.87 -17.06 27.19
N GLN F 622 -26.30 -16.29 28.20
CA GLN F 622 -25.39 -15.38 28.88
C GLN F 622 -24.33 -16.14 29.67
N GLN F 623 -24.67 -17.32 30.17
CA GLN F 623 -23.69 -18.17 30.83
C GLN F 623 -22.85 -18.97 29.85
N LEU F 624 -23.23 -19.03 28.58
CA LEU F 624 -22.40 -19.72 27.60
C LEU F 624 -21.09 -19.00 27.37
N PHE F 625 -21.13 -17.70 27.17
CA PHE F 625 -19.94 -16.91 26.90
C PHE F 625 -19.63 -16.09 28.14
N GLU F 626 -18.71 -16.58 28.96
CA GLU F 626 -18.30 -15.88 30.17
C GLU F 626 -16.82 -15.54 30.07
N GLY F 627 -16.46 -14.34 30.53
CA GLY F 627 -15.15 -13.79 30.26
C GLY F 627 -15.09 -13.36 28.81
N GLN F 628 -13.94 -13.51 28.17
CA GLN F 628 -13.74 -13.28 26.73
C GLN F 628 -14.13 -11.86 26.32
N VAL F 629 -13.34 -10.92 26.84
CA VAL F 629 -13.55 -9.48 26.64
C VAL F 629 -13.45 -9.12 25.17
N ILE F 630 -14.02 -7.98 24.80
CA ILE F 630 -13.98 -7.51 23.42
C ILE F 630 -12.56 -7.05 23.10
N GLU F 631 -12.15 -7.28 21.85
CA GLU F 631 -10.80 -6.94 21.40
C GLU F 631 -10.78 -5.77 20.44
N LYS F 632 -11.77 -5.70 19.53
CA LYS F 632 -12.01 -4.58 18.61
C LYS F 632 -10.90 -4.39 17.58
N GLY F 633 -9.94 -5.30 17.53
CA GLY F 633 -8.86 -5.23 16.56
C GLY F 633 -8.74 -6.57 15.87
N LYS F 634 -7.52 -6.97 15.53
CA LYS F 634 -7.35 -8.32 15.00
C LYS F 634 -7.34 -9.34 16.11
N ILE F 635 -8.28 -10.27 16.02
CA ILE F 635 -8.18 -11.56 16.67
C ILE F 635 -7.40 -12.55 15.80
N ALA F 636 -6.89 -12.08 14.66
CA ALA F 636 -6.20 -12.89 13.68
C ALA F 636 -4.89 -13.48 14.19
N LYS F 637 -4.34 -12.95 15.27
CA LYS F 637 -3.18 -13.58 15.89
C LYS F 637 -3.56 -14.70 16.85
N GLY F 638 -4.78 -14.69 17.38
CA GLY F 638 -5.12 -15.60 18.43
C GLY F 638 -6.39 -16.40 18.27
N SER F 639 -7.25 -16.05 17.32
CA SER F 639 -8.54 -16.74 17.21
C SER F 639 -8.46 -18.01 16.37
N LEU F 640 -7.31 -18.32 15.81
CA LEU F 640 -7.21 -19.52 14.98
C LEU F 640 -7.20 -20.76 15.85
N ILE F 641 -7.61 -21.88 15.23
CA ILE F 641 -7.64 -23.17 15.90
C ILE F 641 -6.22 -23.61 16.28
N GLY F 642 -5.22 -23.17 15.50
CA GLY F 642 -3.84 -23.37 15.92
C GLY F 642 -3.49 -22.58 17.18
N SER F 643 -3.95 -21.33 17.24
CA SER F 643 -3.61 -20.48 18.39
C SER F 643 -4.38 -20.90 19.63
N GLN F 644 -5.68 -21.16 19.50
CA GLN F 644 -6.46 -21.69 20.62
C GLN F 644 -5.96 -23.05 21.04
N PHE F 645 -5.47 -23.84 20.10
CA PHE F 645 -4.92 -25.14 20.43
C PHE F 645 -3.62 -25.00 21.21
N LEU F 646 -2.81 -23.99 20.88
CA LEU F 646 -1.60 -23.77 21.66
C LEU F 646 -1.88 -23.12 23.00
N ASN F 647 -3.02 -22.44 23.15
CA ASN F 647 -3.35 -21.91 24.47
C ASN F 647 -3.92 -22.98 25.39
N GLN F 648 -4.85 -23.79 24.88
CA GLN F 648 -5.38 -24.89 25.67
C GLN F 648 -4.31 -25.94 25.95
N LEU F 649 -3.46 -26.20 24.96
CA LEU F 649 -2.36 -27.14 25.17
C LEU F 649 -1.31 -26.56 26.11
N THR F 650 -1.11 -25.24 26.06
CA THR F 650 -0.22 -24.59 27.01
C THR F 650 -0.75 -24.72 28.43
N SER F 651 -2.05 -24.50 28.62
CA SER F 651 -2.62 -24.57 29.96
C SER F 651 -2.67 -26.00 30.48
N LEU F 652 -2.96 -26.96 29.59
CA LEU F 652 -2.99 -28.36 30.00
C LEU F 652 -1.60 -28.88 30.35
N MET F 653 -0.59 -28.52 29.55
CA MET F 653 0.77 -28.87 29.94
C MET F 653 1.24 -28.12 31.17
N ASN F 654 0.66 -26.95 31.46
CA ASN F 654 0.90 -26.31 32.74
C ASN F 654 0.25 -27.09 33.88
N LEU F 655 -0.88 -27.73 33.61
CA LEU F 655 -1.55 -28.48 34.67
C LEU F 655 -0.88 -29.83 34.91
N ILE F 656 -0.20 -30.39 33.90
CA ILE F 656 0.41 -31.70 34.12
C ILE F 656 1.87 -31.55 34.54
N ASN F 657 2.57 -30.54 34.01
CA ASN F 657 3.96 -30.33 34.40
C ASN F 657 4.09 -29.79 35.82
N SER F 658 3.05 -29.16 36.36
CA SER F 658 3.08 -28.71 37.74
C SER F 658 2.97 -29.86 38.72
N THR F 659 2.40 -30.98 38.30
CA THR F 659 2.14 -32.14 39.16
C THR F 659 3.19 -33.21 38.88
N GLU F 660 3.11 -34.30 39.64
CA GLU F 660 3.99 -35.44 39.41
C GLU F 660 3.18 -36.55 38.76
N PRO F 661 3.58 -37.05 37.58
CA PRO F 661 2.71 -37.97 36.84
C PRO F 661 2.99 -39.45 37.07
N HIS F 662 2.02 -40.27 36.69
CA HIS F 662 2.14 -41.72 36.61
C HIS F 662 1.30 -42.15 35.42
N PHE F 663 1.80 -43.13 34.67
CA PHE F 663 1.41 -43.35 33.28
C PHE F 663 0.73 -44.70 33.10
N ILE F 664 -0.33 -44.73 32.31
CA ILE F 664 -1.06 -45.95 31.96
C ILE F 664 -1.16 -46.07 30.45
N ARG F 665 -0.72 -47.21 29.94
CA ARG F 665 -0.81 -47.54 28.51
C ARG F 665 -1.89 -48.60 28.31
N CYS F 666 -2.96 -48.22 27.59
CA CYS F 666 -4.11 -49.13 27.32
C CYS F 666 -4.03 -49.66 25.89
N ILE F 667 -3.95 -50.98 25.72
CA ILE F 667 -3.87 -51.61 24.36
C ILE F 667 -5.02 -52.61 24.20
N LYS F 668 -5.74 -52.55 23.07
CA LYS F 668 -6.82 -53.54 22.80
C LYS F 668 -6.36 -54.53 21.73
N PRO F 669 -6.35 -55.88 22.01
CA PRO F 669 -5.73 -56.94 21.20
C PRO F 669 -6.34 -57.16 19.82
N ASN F 670 -7.66 -57.09 19.66
CA ASN F 670 -8.27 -57.37 18.36
C ASN F 670 -9.18 -56.21 17.95
N GLU F 671 -9.95 -56.44 16.89
CA GLU F 671 -11.02 -55.54 16.49
C GLU F 671 -12.39 -56.21 16.53
N ASN F 672 -12.45 -57.45 17.01
CA ASN F 672 -13.71 -58.20 17.06
C ASN F 672 -14.32 -58.19 18.45
N LYS F 673 -13.69 -57.51 19.41
CA LYS F 673 -14.13 -57.41 20.81
C LYS F 673 -14.31 -58.78 21.45
N LYS F 674 -13.29 -59.63 21.28
CA LYS F 674 -13.37 -60.99 21.77
C LYS F 674 -12.21 -61.29 22.71
N PRO F 675 -12.46 -62.02 23.80
CA PRO F 675 -11.39 -62.33 24.75
C PRO F 675 -10.40 -63.34 24.17
N LEU F 676 -9.13 -63.13 24.52
CA LEU F 676 -8.01 -64.03 24.20
C LEU F 676 -7.80 -64.20 22.70
N GLU F 677 -8.20 -63.21 21.92
CA GLU F 677 -7.92 -63.17 20.49
C GLU F 677 -6.75 -62.21 20.26
N TRP F 678 -5.66 -62.74 19.71
CA TRP F 678 -4.41 -62.02 19.63
C TRP F 678 -4.08 -61.72 18.18
N CYS F 679 -3.69 -60.48 17.90
CA CYS F 679 -3.39 -60.04 16.53
C CYS F 679 -2.21 -59.07 16.56
N GLU F 680 -1.01 -59.60 16.39
CA GLU F 680 0.27 -58.87 16.39
C GLU F 680 0.38 -57.60 15.53
N PRO F 681 -0.27 -57.46 14.36
CA PRO F 681 -0.21 -56.15 13.69
C PRO F 681 -0.87 -55.02 14.44
N LYS F 682 -2.14 -55.14 14.83
CA LYS F 682 -2.83 -54.03 15.47
C LYS F 682 -2.23 -53.73 16.84
N ILE F 683 -1.79 -54.77 17.54
CA ILE F 683 -1.11 -54.58 18.82
C ILE F 683 0.24 -53.90 18.61
N LEU F 684 0.94 -54.23 17.53
CA LEU F 684 2.23 -53.60 17.28
C LEU F 684 2.06 -52.14 16.91
N ILE F 685 1.00 -51.81 16.16
CA ILE F 685 0.65 -50.43 15.88
C ILE F 685 0.29 -49.70 17.16
N GLN F 686 -0.32 -50.38 18.13
CA GLN F 686 -0.57 -49.72 19.39
C GLN F 686 0.68 -49.59 20.25
N LEU F 687 1.69 -50.45 20.04
CA LEU F 687 2.98 -50.27 20.68
C LEU F 687 3.71 -49.05 20.15
N HIS F 688 3.75 -48.92 18.82
CA HIS F 688 4.36 -47.76 18.20
C HIS F 688 3.52 -46.52 18.36
N ALA F 689 2.23 -46.68 18.61
CA ALA F 689 1.24 -45.62 18.68
C ALA F 689 1.03 -45.10 20.07
N LEU F 690 1.50 -45.81 21.09
CA LEU F 690 1.64 -45.23 22.41
C LEU F 690 3.09 -44.95 22.73
N SER F 691 3.95 -45.08 21.70
CA SER F 691 5.42 -44.97 21.82
C SER F 691 5.98 -45.92 22.85
N ILE F 692 5.36 -47.10 22.98
CA ILE F 692 5.82 -48.10 23.94
C ILE F 692 7.17 -48.65 23.54
N LEU F 693 7.41 -48.81 22.23
CA LEU F 693 8.70 -49.27 21.75
C LEU F 693 9.80 -48.25 22.07
N GLU F 694 9.54 -46.97 21.82
CA GLU F 694 10.53 -45.94 22.12
C GLU F 694 10.65 -45.72 23.62
N ALA F 695 9.58 -45.98 24.38
CA ALA F 695 9.69 -46.00 25.83
C ALA F 695 10.53 -47.16 26.31
N LEU F 696 10.57 -48.25 25.56
CA LEU F 696 11.49 -49.33 25.87
C LEU F 696 12.91 -49.00 25.42
N VAL F 697 13.05 -48.15 24.40
CA VAL F 697 14.38 -47.68 24.02
C VAL F 697 14.93 -46.78 25.13
N LEU F 698 14.09 -45.90 25.67
CA LEU F 698 14.48 -45.13 26.84
C LEU F 698 14.65 -46.01 28.07
N ARG F 699 13.91 -47.12 28.15
CA ARG F 699 14.12 -48.07 29.24
C ARG F 699 15.46 -48.77 29.09
N GLN F 700 15.83 -49.13 27.86
CA GLN F 700 17.13 -49.73 27.60
C GLN F 700 18.22 -48.69 27.35
N LEU F 701 17.93 -47.43 27.64
CA LEU F 701 18.94 -46.38 27.58
C LEU F 701 19.71 -46.34 28.90
N GLY F 702 21.04 -46.35 28.81
CA GLY F 702 21.85 -46.24 30.01
C GLY F 702 21.90 -47.54 30.79
N TYR F 703 22.04 -47.41 32.11
CA TYR F 703 22.11 -48.58 33.00
C TYR F 703 20.70 -49.12 33.19
N SER F 704 20.25 -49.85 32.17
CA SER F 704 18.89 -50.38 32.14
C SER F 704 18.68 -51.46 33.19
N TYR F 705 19.46 -52.53 33.12
CA TYR F 705 19.29 -53.68 34.00
C TYR F 705 20.08 -53.44 35.28
N ARG F 706 19.42 -52.79 36.25
CA ARG F 706 19.90 -52.76 37.62
C ARG F 706 19.08 -53.78 38.40
N ARG F 707 19.70 -54.38 39.42
CA ARG F 707 18.97 -55.23 40.37
C ARG F 707 19.60 -55.06 41.73
N THR F 708 18.79 -55.16 42.78
CA THR F 708 19.28 -55.04 44.14
C THR F 708 20.26 -56.16 44.47
N PHE F 709 21.11 -55.91 45.47
CA PHE F 709 22.18 -56.85 45.82
C PHE F 709 21.62 -58.19 46.28
N GLU F 710 20.49 -58.17 46.98
CA GLU F 710 19.86 -59.40 47.41
C GLU F 710 19.21 -60.15 46.25
N GLU F 711 18.66 -59.42 45.27
CA GLU F 711 18.07 -60.06 44.10
C GLU F 711 19.10 -60.41 43.04
N PHE F 712 20.26 -59.75 43.04
CA PHE F 712 21.34 -60.19 42.17
C PHE F 712 22.01 -61.43 42.73
N LEU F 713 22.29 -61.43 44.04
CA LEU F 713 22.86 -62.60 44.70
C LEU F 713 21.88 -63.75 44.82
N TYR F 714 20.58 -63.50 44.68
CA TYR F 714 19.63 -64.59 44.59
C TYR F 714 19.41 -65.05 43.17
N GLN F 715 19.33 -64.12 42.22
CA GLN F 715 19.09 -64.45 40.83
C GLN F 715 20.31 -65.08 40.18
N TYR F 716 21.48 -64.43 40.34
CA TYR F 716 22.74 -64.94 39.81
C TYR F 716 23.57 -65.60 40.89
N LYS F 717 22.87 -66.30 41.79
CA LYS F 717 23.54 -67.15 42.78
C LYS F 717 24.37 -68.24 42.11
N PHE F 718 23.83 -68.86 41.07
CA PHE F 718 24.44 -70.04 40.49
C PHE F 718 25.59 -69.71 39.54
N VAL F 719 25.84 -68.44 39.26
CA VAL F 719 27.01 -68.07 38.49
C VAL F 719 28.27 -68.21 39.33
N ASP F 720 28.30 -67.54 40.49
CA ASP F 720 29.38 -67.68 41.47
C ASP F 720 28.70 -68.09 42.78
N ILE F 721 28.62 -69.39 43.01
CA ILE F 721 28.01 -69.91 44.24
C ILE F 721 28.95 -69.74 45.43
N ALA F 722 30.27 -69.60 45.19
CA ALA F 722 31.22 -69.44 46.28
C ALA F 722 31.21 -68.04 46.86
N ALA F 723 30.86 -67.03 46.07
CA ALA F 723 30.82 -65.67 46.58
C ALA F 723 29.53 -65.36 47.31
N ALA F 724 28.38 -65.70 46.70
CA ALA F 724 27.06 -65.38 47.25
C ALA F 724 26.76 -66.10 48.55
N GLU F 725 27.29 -67.31 48.73
CA GLU F 725 27.05 -68.08 49.94
C GLU F 725 28.09 -67.84 51.03
N ASP F 726 28.99 -66.87 50.83
CA ASP F 726 30.03 -66.62 51.81
C ASP F 726 29.48 -65.89 53.02
N SER F 727 28.82 -64.74 52.81
CA SER F 727 28.25 -63.85 53.80
C SER F 727 29.27 -63.28 54.78
N SER F 728 30.56 -63.35 54.46
CA SER F 728 31.61 -62.65 55.20
C SER F 728 32.22 -61.53 54.35
N VAL F 729 32.52 -61.83 53.08
CA VAL F 729 32.81 -60.76 52.14
C VAL F 729 31.52 -59.99 51.87
N GLU F 730 31.65 -58.68 51.64
CA GLU F 730 30.49 -57.82 51.49
C GLU F 730 29.75 -58.11 50.20
N ASN F 731 28.44 -57.84 50.22
CA ASN F 731 27.55 -58.20 49.11
C ASN F 731 27.89 -57.43 47.85
N GLN F 732 28.35 -56.19 48.00
CA GLN F 732 28.88 -55.41 46.87
C GLN F 732 30.05 -56.13 46.22
N ASN F 733 30.99 -56.60 47.05
CA ASN F 733 32.15 -57.34 46.55
C ASN F 733 31.75 -58.70 45.99
N LYS F 734 30.72 -59.33 46.57
CA LYS F 734 30.18 -60.56 46.02
C LYS F 734 29.67 -60.35 44.61
N CYS F 735 28.85 -59.31 44.43
CA CYS F 735 28.23 -59.04 43.14
C CYS F 735 29.26 -58.67 42.08
N VAL F 736 30.24 -57.84 42.43
CA VAL F 736 31.27 -57.53 41.44
C VAL F 736 32.25 -58.69 41.24
N ASN F 737 32.30 -59.66 42.16
CA ASN F 737 33.02 -60.89 41.86
C ASN F 737 32.24 -61.76 40.89
N ILE F 738 30.91 -61.73 40.95
CA ILE F 738 30.11 -62.40 39.93
C ILE F 738 30.29 -61.72 38.58
N LEU F 739 30.36 -60.39 38.56
CA LEU F 739 30.49 -59.65 37.31
C LEU F 739 31.87 -59.81 36.70
N LYS F 740 32.93 -59.72 37.50
CA LYS F 740 34.27 -59.99 37.00
C LYS F 740 34.47 -61.46 36.66
N LEU F 741 33.70 -62.37 37.28
CA LEU F 741 33.80 -63.78 36.92
C LEU F 741 33.28 -64.05 35.52
N SER F 742 32.15 -63.45 35.16
CA SER F 742 31.56 -63.65 33.84
C SER F 742 32.20 -62.79 32.76
N GLY F 743 33.29 -62.07 33.06
CA GLY F 743 34.01 -61.32 32.06
C GLY F 743 33.36 -60.00 31.69
N LEU F 744 33.11 -59.15 32.67
CA LEU F 744 32.50 -57.84 32.44
C LEU F 744 33.46 -56.74 32.85
N SER F 745 33.72 -55.80 31.94
CA SER F 745 34.53 -54.64 32.26
C SER F 745 33.75 -53.70 33.19
N GLU F 746 34.50 -52.84 33.88
CA GLU F 746 33.90 -51.95 34.86
C GLU F 746 33.14 -50.78 34.22
N SER F 747 33.23 -50.61 32.90
CA SER F 747 32.42 -49.60 32.22
C SER F 747 30.96 -49.99 32.13
N MET F 748 30.67 -51.30 32.14
CA MET F 748 29.29 -51.77 31.98
C MET F 748 28.52 -51.84 33.28
N TYR F 749 29.20 -51.87 34.43
CA TYR F 749 28.51 -51.93 35.70
C TYR F 749 29.01 -50.83 36.63
N LYS F 750 28.06 -50.23 37.34
CA LYS F 750 28.38 -49.30 38.41
C LYS F 750 27.90 -49.85 39.73
N ILE F 751 28.70 -49.58 40.77
CA ILE F 751 28.47 -50.12 42.10
C ILE F 751 27.62 -49.13 42.88
N GLY F 752 26.37 -49.50 43.12
CA GLY F 752 25.51 -48.72 43.98
C GLY F 752 25.71 -49.08 45.44
N LYS F 753 24.94 -48.42 46.29
CA LYS F 753 24.87 -48.78 47.70
C LYS F 753 23.64 -49.61 48.02
N SER F 754 22.71 -49.72 47.08
CA SER F 754 21.54 -50.59 47.25
C SER F 754 21.31 -51.51 46.06
N MET F 755 21.95 -51.28 44.92
CA MET F 755 21.70 -52.04 43.71
C MET F 755 23.00 -52.22 42.93
N VAL F 756 22.95 -53.17 42.00
CA VAL F 756 23.97 -53.42 40.99
C VAL F 756 23.50 -52.79 39.70
N PHE F 757 24.36 -51.96 39.09
CA PHE F 757 23.99 -51.15 37.94
C PHE F 757 24.57 -51.77 36.67
N LEU F 758 23.69 -52.23 35.79
CA LEU F 758 24.10 -52.93 34.59
C LEU F 758 23.48 -52.28 33.36
N LYS F 759 24.30 -52.12 32.32
CA LYS F 759 23.82 -51.76 31.00
C LYS F 759 23.21 -52.99 30.33
N GLN F 760 22.60 -52.79 29.16
CA GLN F 760 22.04 -53.91 28.42
C GLN F 760 23.15 -54.78 27.82
N GLU F 761 24.29 -54.16 27.50
CA GLU F 761 25.45 -54.95 27.07
C GLU F 761 26.00 -55.80 28.22
N GLY F 762 26.09 -55.22 29.42
CA GLY F 762 26.52 -56.00 30.57
C GLY F 762 25.50 -57.04 30.99
N ALA F 763 24.22 -56.76 30.75
CA ALA F 763 23.19 -57.74 31.04
C ALA F 763 23.21 -58.89 30.04
N LYS F 764 23.56 -58.64 28.78
CA LYS F 764 23.64 -59.72 27.81
C LYS F 764 24.94 -60.50 27.92
N ILE F 765 26.04 -59.85 28.29
CA ILE F 765 27.28 -60.58 28.52
C ILE F 765 27.18 -61.38 29.81
N LEU F 766 26.47 -60.84 30.81
CA LEU F 766 26.27 -61.55 32.07
C LEU F 766 25.43 -62.81 31.87
N THR F 767 24.38 -62.74 31.05
CA THR F 767 23.53 -63.89 30.78
C THR F 767 23.99 -64.50 29.46
N LYS F 768 24.93 -65.43 29.53
CA LYS F 768 25.46 -66.10 28.34
C LYS F 768 25.22 -67.60 28.40
PB ADP G . -2.02 9.45 1.94
O1B ADP G . -1.65 10.81 2.33
O2B ADP G . -1.29 8.90 0.80
O3B ADP G . -2.15 8.53 3.04
PA ADP G . -4.52 10.12 2.44
O1A ADP G . -3.80 10.48 3.66
O2A ADP G . -5.62 9.19 2.53
O3A ADP G . -3.48 9.60 1.43
O5' ADP G . -5.08 11.42 1.82
C5' ADP G . -6.44 11.56 1.79
C4' ADP G . -6.87 12.71 0.98
O4' ADP G . -8.06 12.38 0.35
C3' ADP G . -7.14 13.90 1.79
O3' ADP G . -6.15 14.83 1.60
C2' ADP G . -8.39 14.44 1.28
O2' ADP G . -8.10 15.58 0.55
C1' ADP G . -8.95 13.44 0.39
N9 ADP G . -10.17 13.00 0.98
C8 ADP G . -10.29 12.47 2.14
N7 ADP G . -11.54 12.18 2.40
C5 ADP G . -12.24 12.53 1.37
C6 ADP G . -13.62 12.51 0.99
N6 ADP G . -14.53 12.02 1.80
N1 ADP G . -13.94 12.98 -0.17
C2 ADP G . -13.04 13.46 -0.97
N3 ADP G . -11.77 13.52 -0.70
C4 ADP G . -11.32 13.08 0.43
MG MG H . -1.68 7.15 1.56
C35 9UE I . -19.99 34.79 -1.06
C34 9UE I . -17.96 39.80 -5.21
C33 9UE I . -18.59 39.67 -6.43
C32 9UE I . -19.24 38.50 -6.75
C31 9UE I . -19.23 37.45 -5.86
C30 9UE I . -18.56 37.57 -4.65
C29 9UE I . -17.95 38.76 -4.29
C28 9UE I . -10.05 39.47 -2.89
C27 9UE I . -9.95 38.03 -4.55
C26 9UE I . -9.55 37.21 -5.60
C25 9UE I . -10.53 36.55 -6.33
C24 9UE I . -11.87 36.69 -6.00
O2 9UE I . -15.15 40.36 -2.15
C1 9UE I . -17.34 35.57 1.73
O1 9UE I . -20.04 37.40 -2.12
C2 9UE I . -18.19 34.82 0.70
C3 9UE I . -19.15 35.64 -0.15
O3 9UE I . -11.55 37.16 -1.09
C4 9UE I . -18.95 37.49 -1.64
C5 9UE I . -18.12 38.74 -1.65
O4 9UE I . -10.97 34.98 2.74
C6 9UE I . -17.30 38.98 -2.95
C23 9UE I . -12.26 37.52 -4.97
C22 9UE I . -11.30 38.20 -4.23
C21 9UE I . -11.35 39.13 -3.15
C20 9UE I . -12.58 39.60 -2.45
C19 9UE I . -14.78 38.16 0.09
C18 9UE I . -10.68 37.52 1.53
C17 9UE I . -13.83 34.64 4.08
N3 9UE I . -9.20 38.82 -3.72
C16 9UE I . -16.37 32.63 2.22
C15 9UE I . -15.94 35.03 1.72
N2 9UE I . -12.52 35.85 1.34
C14 9UE I . -15.47 33.79 1.93
C13 9UE I . -14.01 33.45 1.83
C12 9UE I . -13.08 34.02 2.91
N1 9UE I . -13.58 38.03 -0.73
C11 9UE I . -12.11 35.03 2.31
C10 9UE I . -12.14 37.25 1.18
C9 9UE I . -12.39 37.53 -0.30
C8 9UE I . -13.64 38.53 -2.11
C7 9UE I . -14.99 39.16 -2.37
O5 9UE I . -19.88 38.42 -7.95
BR 9UE I . -9.40 40.68 -1.63
N 9UE I . -15.97 38.37 -2.81
O 9UE I . -18.33 36.51 -0.99
C 9UE I . -17.94 35.48 3.13
PB ADP J . -8.83 55.01 31.04
O1B ADP J . -8.44 56.40 31.18
O2B ADP J . -8.75 54.47 29.70
O3B ADP J . -8.26 54.14 32.06
PA ADP J . -10.89 55.69 32.65
O1A ADP J . -9.80 56.42 33.28
O2A ADP J . -11.65 54.73 33.42
O3A ADP J . -10.35 54.98 31.38
O5' ADP J . -11.91 56.72 32.12
C5' ADP J . -13.19 56.64 32.62
C4' ADP J . -14.09 57.58 31.94
O4' ADP J . -15.29 56.95 31.69
C3' ADP J . -14.41 58.76 32.74
O3' ADP J . -13.68 59.87 32.35
C2' ADP J . -15.82 59.04 32.47
O2' ADP J . -15.90 60.06 31.55
C1' ADP J . -16.34 57.81 31.87
N9 ADP J . -17.25 57.26 32.82
C8 ADP J . -16.92 56.72 33.95
N7 ADP J . -17.97 56.32 34.60
C5 ADP J . -19.00 56.59 33.87
C6 ADP J . -20.41 56.42 33.98
N6 ADP J . -20.95 55.86 35.02
N1 ADP J . -21.15 56.86 33.00
C2 ADP J . -20.61 57.42 31.96
N3 ADP J . -19.35 57.60 31.79
C4 ADP J . -18.51 57.21 32.71
MG MG K . -7.89 52.97 30.24
PB ADP L . 5.41 -34.94 -29.53
O1B ADP L . 5.79 -33.75 -28.77
O2B ADP L . 6.46 -35.54 -30.34
O3B ADP L . 4.64 -35.91 -28.76
PA ADP L . 3.05 -33.89 -30.04
O1A ADP L . 3.26 -33.42 -28.68
O2A ADP L . 2.00 -34.87 -30.30
O3A ADP L . 4.38 -34.44 -30.57
O5' ADP L . 2.80 -32.65 -30.92
C5' ADP L . 1.89 -31.71 -30.51
C4' ADP L . 1.97 -30.55 -31.41
O4' ADP L . 1.03 -30.70 -32.41
C3' ADP L . 1.68 -29.29 -30.73
O3' ADP L . 2.84 -28.56 -30.59
C2' ADP L . 0.74 -28.58 -31.59
O2' ADP L . 1.35 -27.47 -32.13
C1' ADP L . 0.39 -29.51 -32.66
N9 ADP L . -1.01 -29.72 -32.60
C8 ADP L . -1.64 -30.32 -31.63
N7 ADP L . -2.92 -30.35 -31.87
C5 ADP L . -3.12 -29.77 -33.00
C6 ADP L . -4.26 -29.47 -33.82
N6 ADP L . -5.47 -29.81 -33.46
N1 ADP L . -4.05 -28.83 -34.93
C2 ADP L . -2.86 -28.49 -35.30
N3 ADP L . -1.78 -28.73 -34.61
C4 ADP L . -1.86 -29.35 -33.47
MG MG M . 5.07 -37.03 -30.48
C35 9UE N . -5.28 -6.56 -34.33
C34 9UE N . -1.32 -1.68 -36.94
C33 9UE N . -1.55 -1.57 -38.30
C32 9UE N . -2.24 -2.57 -38.96
C31 9UE N . -2.67 -3.67 -38.26
C30 9UE N . -2.40 -3.80 -36.91
C29 9UE N . -1.75 -2.78 -36.23
C28 9UE N . 5.34 -3.74 -32.52
C27 9UE N . 5.73 -5.01 -34.28
C26 9UE N . 6.29 -5.80 -35.26
C25 9UE N . 5.50 -6.18 -36.33
C24 9UE N . 4.16 -5.82 -36.39
O2 9UE N . 0.46 -1.95 -33.15
C1 9UE N . -3.54 -6.56 -30.81
O1 9UE N . -4.60 -3.90 -34.96
C2 9UE N . -4.14 -7.03 -32.14
C3 9UE N . -4.64 -5.98 -33.09
O3 9UE N . 3.02 -5.87 -31.57
C4 9UE N . -3.71 -4.06 -34.17
C5 9UE N . -2.73 -3.01 -33.78
O4 9UE N . 2.03 -8.46 -28.10
C6 9UE N . -1.52 -2.81 -34.72
C23 9UE N . 3.60 -5.03 -35.41
C22 9UE N . 4.37 -4.61 -34.33
C21 9UE N . 4.15 -3.80 -33.18
C20 9UE N . 2.84 -3.16 -32.81
C19 9UE N . -0.22 -4.38 -31.25
C18 9UE N . 3.08 -5.92 -28.79
C17 9UE N . -1.12 -8.35 -27.70
N3 9UE N . 6.30 -4.46 -33.15
C16 9UE N . -3.24 -9.66 -30.49
C15 9UE N . -2.31 -7.37 -30.48
N2 9UE N . 1.15 -7.18 -29.75
C14 9UE N . -2.13 -8.68 -30.35
C13 9UE N . -0.77 -9.28 -30.06
C12 9UE N . -0.15 -9.01 -28.69
N1 9UE N . 1.14 -4.66 -31.70
C11 9UE N . 1.09 -8.16 -28.83
C10 9UE N . 1.77 -5.88 -29.59
C9 9UE N . 2.04 -5.41 -31.02
C8 9UE N . 1.58 -4.04 -32.95
C7 9UE N . 0.50 -3.13 -33.49
O5 9UE N . -2.48 -2.41 -40.28
BR 9UE N . 5.75 -2.80 -30.97
N 9UE N . -0.42 -3.67 -34.30
O 9UE N . -3.48 -5.21 -33.52
C 9UE N . -4.56 -6.66 -29.67
PB ADP O . -3.71 50.28 -11.33
O1B ADP O . -4.65 50.79 -10.34
O2B ADP O . -3.49 48.84 -11.30
O3B ADP O . -3.88 50.83 -12.67
PA ADP O . -2.23 52.41 -10.75
O1A ADP O . -3.54 52.96 -11.04
O2A ADP O . -1.08 52.88 -11.49
O3A ADP O . -2.34 50.87 -10.90
O5' ADP O . -1.91 52.64 -9.25
C5' ADP O . -0.82 53.44 -8.98
C4' ADP O . -0.44 53.37 -7.56
O4' ADP O . 0.95 53.29 -7.48
C3' ADP O . -0.83 54.56 -6.79
O3' ADP O . -1.94 54.32 -6.04
C2' ADP O . 0.30 54.82 -5.90
O2' ADP O . -0.01 54.31 -4.66
C1' ADP O . 1.42 54.07 -6.45
N9 ADP O . 2.33 55.04 -6.96
C8 ADP O . 2.12 55.86 -7.94
N7 ADP O . 3.16 56.62 -8.17
C5 ADP O . 4.06 56.28 -7.30
C6 ADP O . 5.39 56.70 -7.00
N6 ADP O . 5.98 57.65 -7.68
N1 ADP O . 6.01 56.09 -6.03
C2 ADP O . 5.43 55.15 -5.35
N3 ADP O . 4.23 54.72 -5.57
C4 ADP O . 3.52 55.24 -6.51
MG MG P . -3.47 48.78 -13.15
PB ADP Q . 15.91 6.30 -37.17
O1B ADP Q . 14.91 7.09 -36.48
O2B ADP Q . 15.60 4.90 -37.36
O3B ADP Q . 16.47 6.94 -38.35
PA ADP Q . 17.74 7.64 -35.80
O1A ADP Q . 16.95 8.67 -36.47
O2A ADP Q . 19.17 7.59 -36.03
O3A ADP Q . 17.12 6.27 -36.20
O5' ADP Q . 17.52 7.77 -34.27
C5' ADP Q . 18.60 8.20 -33.54
C4' ADP Q . 18.46 7.93 -32.10
O4' ADP Q . 19.71 7.60 -31.59
C3' ADP Q . 18.00 9.10 -31.34
O3' ADP Q . 16.74 8.88 -30.84
C2' ADP Q . 18.91 9.25 -30.22
O2' ADP Q . 18.25 8.98 -29.04
C1' ADP Q . 19.97 8.26 -30.41
N9 ADP Q . 21.17 8.98 -30.55
C8 ADP Q . 21.42 9.88 -31.47
N7 ADP Q . 22.61 10.37 -31.32
C5 ADP Q . 23.16 9.79 -30.30
C6 ADP Q . 24.41 9.85 -29.62
N6 ADP Q . 25.36 10.66 -30.02
N1 ADP Q . 24.59 9.08 -28.60
C2 ADP Q . 23.66 8.26 -28.19
N3 ADP Q . 22.51 8.16 -28.77
C4 ADP Q . 22.21 8.88 -29.80
MG MG R . 17.31 5.13 -38.66
C35 9UE S . 18.83 17.82 -8.78
C34 9UE S . 15.09 15.50 -3.59
C33 9UE S . 15.82 14.59 -2.86
C32 9UE S . 16.97 14.06 -3.39
C31 9UE S . 17.38 14.44 -4.65
C30 9UE S . 16.62 15.32 -5.39
C29 9UE S . 15.48 15.89 -4.86
C28 9UE S . 8.11 14.89 -7.97
C27 9UE S . 8.89 12.86 -8.33
C26 9UE S . 9.04 11.52 -8.62
C25 9UE S . 10.28 10.95 -8.42
C24 9UE S . 11.35 11.70 -7.97
O2 9UE S . 12.04 17.49 -5.70
C1 9UE S . 15.86 19.70 -10.53
O1 9UE S . 17.72 17.92 -6.20
C2 9UE S . 17.07 18.79 -10.29
C3 9UE S . 17.59 18.68 -8.88
O3 9UE S . 10.34 16.05 -10.09
C4 9UE S . 16.68 18.02 -6.77
C5 9UE S . 15.36 18.23 -6.10
O4 9UE S . 10.49 18.34 -13.89
C6 9UE S . 14.66 16.94 -5.58
C23 9UE S . 11.19 13.04 -7.65
C22 9UE S . 9.95 13.64 -7.84
C21 9UE S . 9.43 14.95 -7.63
C20 9UE S . 10.21 16.13 -7.12
C19 9UE S . 12.56 18.46 -8.66
C18 9UE S . 9.14 18.18 -11.40
C17 9UE S . 13.00 20.29 -13.74
N3 9UE S . 7.77 13.66 -8.40
C16 9UE S . 16.37 18.69 -13.46
C15 9UE S . 14.90 19.04 -11.49
N2 9UE S . 11.57 17.95 -11.95
C14 9UE S . 15.07 18.60 -12.73
C13 9UE S . 13.97 17.92 -13.51
C12 9UE S . 12.78 18.80 -13.94
N1 9UE S . 11.65 17.33 -8.82
C11 9UE S . 11.51 18.36 -13.23
C10 9UE S . 10.58 18.23 -10.91
C9 9UE S . 10.81 17.13 -9.87
C8 9UE S . 11.61 16.34 -7.73
C7 9UE S . 12.51 16.79 -6.59
O5 9UE S . 17.70 13.19 -2.63
BR 9UE S . 6.83 16.24 -7.87
N 9UE S . 13.78 16.42 -6.64
O 9UE S . 16.54 18.02 -8.10
C 9UE S . 16.29 21.07 -11.05
#